data_8HH1
#
_entry.id   8HH1
#
loop_
_entity.id
_entity.type
_entity.pdbx_description
1 polymer 'ATP synthase subunit alpha'
2 polymer 'ATP synthase subunit beta'
3 polymer 'ATP synthase gamma chain'
4 non-polymer "ADENOSINE-5'-TRIPHOSPHATE"
5 non-polymer 'MAGNESIUM ION'
6 non-polymer 'PHOSPHATE ION'
#
loop_
_entity_poly.entity_id
_entity_poly.type
_entity_poly.pdbx_seq_one_letter_code
_entity_poly.pdbx_strand_id
1 'polypeptide(L)'
;MSIRAEEISALIKQQIENYESQIQVSDVGTVIQVGDGIARAHGLDNVMSGELVEFANGVMGMALNLEENNVGIVILGPYT
GIKEGDEVRRTGRIMEVPVGEALIGRVVNPLGQPVDGLGPVETTETRPIESPAPGVMDRRSVHEPLQTGIKAIDALVPIG
RGQRELIIGDRQTGKTSVAIDTIINQKDQNMISIYVAIGQKESTVRTVVETLRKHGALDYTIVVTASASQPAPLLFLAPY
AGVAMGEYFMYKGKHVLVVYDDLSKQAAAYRELSLLLRRPPGREAYPGDIFYLHSRLLERAAKLSDAKGGGSLTALPFVE
TQAGDISAYIPTNVISITDGQIFLQSDLFFSGVRPAINAGLSVSRVGGAAQIKAMKKVAGTLRLDLAAYRELEAFAQFGS
DLDKATQAKLARGARTVEVLKQDLHQPIPVEKQVLIIYALTRGFLDDIPVEDVRRFEKEFYLFLDQNGQHLLEHIRTTKD
LPNEDDLNKAIEAFKKTFVVSQ
;
A,B,C
2 'polypeptide(L)'
;MHHHHHHHHHHMTRGRVIQVMGPVVDVKFENGHLPAIYNALKIQHKARNENEVDIDLTLEVALHLGDDTVRTIAMASTDG
LIRGMEVIDTGAPISVPVGEVTLGRVFNVLGEPIDLEGDIPADARRDPIHRPAPKFEELATEVEILETGIKVVDLLAPYI
KGGKIGLFGGAGVGKTVLIQELIHNIAQEHGGISVFAGVGERTREGNDLYHEMKDSGVISKTAMVFGQMNEPPGARMRVA
LTGLTMAEYFRDEQGQDVLLFIDNIFRFTQAGSEVSALLGRMPSAVGYQPTLATEMGQLQERITSTAKGSITSIQAIYVP
ADDYTDPAPATTFSHLDATTNLERKLAEMGIYPAVDPLASTSRALAPEIVGEEHYQVARKVQQTLQRYKELQDIIAILGM
DELSDEDKLVVHRARRIQFFLSQNFHVAEQFTGQPGSYVPVKETVRGFKEILEGKYDHLPEDAFRLVGRIEEVVEKAKAM
GVEV
;
D,E,F
3 'polypeptide(L)'
;ASLRDIKTRINATKKTSQITKAMEMVSTSKLNRAEQNAKSFVPYMEKIQEVVANVALGAGGASHPMLVSRPVKKTGYLVI
TSDRGLAGAYNSNVLRLVYQTIQKRHASPDEYAIIVIGRVGLSFFRKRNMPVILDITRLPDQPSFADIKEIARKTVGLFA
DGTFDELYMYYNHYVSAIQQEVTERKLLPLTDLAENKQRTVYEFEPSQEEILDVLLPQYAESLIYGALLDAKASEHAARM
TAMKNATDNANELIRTLTLSYNRARQAAITQEITEIVAGANALQ
;
G
#
loop_
_chem_comp.id
_chem_comp.type
_chem_comp.name
_chem_comp.formula
ATP non-polymer ADENOSINE-5'-TRIPHOSPHATE 'C10 H16 N5 O13 P3'
MG non-polymer 'MAGNESIUM ION' 'Mg 2'
PO4 non-polymer 'PHOSPHATE ION' 'O4 P -3'
#
# COMPACT_ATOMS: atom_id res chain seq x y z
N GLN A 24 6.34 -6.26 57.96
CA GLN A 24 5.09 -5.72 58.45
C GLN A 24 4.96 -4.23 58.07
N VAL A 25 6.11 -3.57 57.92
CA VAL A 25 6.09 -2.16 57.52
C VAL A 25 5.78 -2.05 56.03
N SER A 26 5.19 -0.92 55.65
CA SER A 26 4.74 -0.70 54.29
C SER A 26 5.74 0.07 53.43
N ASP A 27 6.93 0.37 53.96
CA ASP A 27 7.95 1.08 53.21
C ASP A 27 9.02 0.15 52.66
N VAL A 28 8.70 -1.14 52.48
CA VAL A 28 9.66 -2.13 52.05
C VAL A 28 8.92 -3.22 51.29
N GLY A 29 9.64 -3.90 50.38
CA GLY A 29 9.04 -4.96 49.60
C GLY A 29 10.07 -5.96 49.15
N THR A 30 9.58 -7.02 48.50
CA THR A 30 10.41 -8.09 47.99
C THR A 30 10.14 -8.28 46.50
N VAL A 31 11.20 -8.55 45.75
CA VAL A 31 11.08 -8.67 44.29
C VAL A 31 10.53 -10.05 43.93
N ILE A 32 9.60 -10.08 42.98
CA ILE A 32 9.00 -11.32 42.52
C ILE A 32 9.58 -11.74 41.17
N GLN A 33 9.65 -10.82 40.21
CA GLN A 33 10.10 -11.15 38.86
C GLN A 33 11.19 -10.18 38.43
N VAL A 34 12.17 -10.71 37.70
CA VAL A 34 13.27 -9.92 37.15
C VAL A 34 13.48 -10.33 35.70
N GLY A 35 13.67 -9.36 34.83
CA GLY A 35 13.96 -9.66 33.44
C GLY A 35 13.79 -8.49 32.48
N ASP A 36 14.66 -8.41 31.48
CA ASP A 36 14.63 -7.41 30.42
C ASP A 36 14.72 -5.98 30.95
N GLY A 37 15.23 -5.78 32.16
CA GLY A 37 15.39 -4.44 32.69
C GLY A 37 14.25 -3.93 33.54
N ILE A 38 13.26 -4.77 33.87
CA ILE A 38 12.15 -4.38 34.71
C ILE A 38 12.01 -5.40 35.83
N ALA A 39 11.38 -4.96 36.93
CA ALA A 39 11.15 -5.81 38.08
C ALA A 39 9.76 -5.58 38.62
N ARG A 40 9.16 -6.63 39.16
CA ARG A 40 7.86 -6.55 39.83
C ARG A 40 8.04 -6.99 41.28
N ALA A 41 7.60 -6.15 42.20
CA ALA A 41 7.83 -6.36 43.62
C ALA A 41 6.51 -6.37 44.39
N HIS A 42 6.41 -7.27 45.36
CA HIS A 42 5.30 -7.28 46.29
C HIS A 42 5.56 -6.29 47.42
N GLY A 43 4.49 -5.70 47.93
CA GLY A 43 4.62 -4.70 48.98
C GLY A 43 4.60 -3.29 48.44
N LEU A 44 5.38 -2.39 49.06
CA LEU A 44 5.44 -0.98 48.68
C LEU A 44 4.04 -0.37 48.69
N ASP A 45 3.37 -0.47 49.85
CA ASP A 45 1.99 -0.01 49.95
C ASP A 45 1.87 1.50 49.76
N ASN A 46 2.80 2.27 50.31
CA ASN A 46 2.71 3.72 50.31
C ASN A 46 3.57 4.39 49.25
N VAL A 47 4.06 3.63 48.26
CA VAL A 47 4.91 4.21 47.24
C VAL A 47 4.07 5.10 46.32
N MET A 48 4.67 6.21 45.87
CA MET A 48 4.00 7.11 44.95
C MET A 48 4.28 6.71 43.50
N SER A 49 3.47 7.24 42.60
CA SER A 49 3.69 7.00 41.18
C SER A 49 4.87 7.83 40.70
N GLY A 50 5.85 7.16 40.10
CA GLY A 50 7.06 7.83 39.67
C GLY A 50 8.11 8.04 40.73
N GLU A 51 7.96 7.41 41.89
CA GLU A 51 8.92 7.57 42.97
C GLU A 51 10.17 6.74 42.69
N LEU A 52 11.28 7.14 43.33
CA LEU A 52 12.51 6.37 43.23
C LEU A 52 12.54 5.28 44.30
N VAL A 53 13.09 4.13 43.94
CA VAL A 53 13.25 3.02 44.87
C VAL A 53 14.68 2.49 44.75
N GLU A 54 15.16 1.89 45.83
CA GLU A 54 16.53 1.39 45.92
C GLU A 54 16.51 -0.10 46.18
N PHE A 55 17.25 -0.86 45.38
CA PHE A 55 17.35 -2.29 45.57
C PHE A 55 18.41 -2.62 46.63
N ALA A 56 18.46 -3.90 47.00
CA ALA A 56 19.36 -4.33 48.06
C ALA A 56 20.82 -4.15 47.68
N ASN A 57 21.17 -4.40 46.42
CA ASN A 57 22.57 -4.32 45.98
C ASN A 57 23.03 -2.89 45.71
N GLY A 58 22.13 -1.90 45.77
CA GLY A 58 22.51 -0.52 45.62
C GLY A 58 22.03 0.17 44.37
N VAL A 59 21.46 -0.54 43.42
CA VAL A 59 20.98 0.08 42.19
C VAL A 59 19.62 0.74 42.45
N MET A 60 19.27 1.69 41.60
CA MET A 60 18.06 2.48 41.75
C MET A 60 17.02 2.08 40.72
N GLY A 61 15.76 2.44 41.00
CA GLY A 61 14.67 2.16 40.10
C GLY A 61 13.57 3.19 40.26
N MET A 62 12.66 3.20 39.29
CA MET A 62 11.53 4.11 39.27
C MET A 62 10.25 3.32 39.16
N ALA A 63 9.29 3.62 40.03
CA ALA A 63 8.03 2.89 40.09
C ALA A 63 7.04 3.54 39.13
N LEU A 64 6.73 2.85 38.03
CA LEU A 64 5.81 3.35 37.02
C LEU A 64 4.42 2.72 37.11
N ASN A 65 4.33 1.41 37.24
CA ASN A 65 3.05 0.71 37.32
C ASN A 65 2.74 0.38 38.77
N LEU A 66 1.57 0.82 39.24
CA LEU A 66 1.08 0.51 40.58
C LEU A 66 -0.16 -0.36 40.41
N GLU A 67 0.04 -1.67 40.29
CA GLU A 67 -1.08 -2.59 40.20
C GLU A 67 -1.69 -2.84 41.57
N GLU A 68 -2.71 -3.69 41.59
CA GLU A 68 -3.44 -3.94 42.83
C GLU A 68 -2.56 -4.65 43.86
N ASN A 69 -1.72 -5.59 43.42
CA ASN A 69 -0.92 -6.37 44.33
C ASN A 69 0.58 -6.34 44.06
N ASN A 70 1.03 -5.58 43.06
CA ASN A 70 2.45 -5.52 42.74
C ASN A 70 2.78 -4.17 42.13
N VAL A 71 4.06 -3.85 42.14
CA VAL A 71 4.57 -2.58 41.60
C VAL A 71 5.53 -2.90 40.47
N GLY A 72 5.32 -2.28 39.31
CA GLY A 72 6.24 -2.42 38.20
C GLY A 72 7.33 -1.38 38.26
N ILE A 73 8.58 -1.82 38.28
CA ILE A 73 9.73 -0.94 38.49
C ILE A 73 10.66 -1.06 37.29
N VAL A 74 11.04 0.08 36.73
CA VAL A 74 12.07 0.13 35.70
C VAL A 74 13.40 0.40 36.38
N ILE A 75 14.43 -0.36 35.99
CA ILE A 75 15.71 -0.36 36.67
C ILE A 75 16.66 0.59 35.95
N LEU A 76 17.30 1.48 36.71
CA LEU A 76 18.17 2.51 36.17
C LEU A 76 19.63 2.09 36.14
N GLY A 77 19.91 0.80 36.04
CA GLY A 77 21.28 0.31 36.03
C GLY A 77 21.36 -1.15 35.66
N PRO A 78 22.49 -1.79 35.97
CA PRO A 78 22.66 -3.21 35.65
C PRO A 78 21.74 -4.06 36.51
N TYR A 79 20.87 -4.82 35.86
CA TYR A 79 19.90 -5.66 36.54
C TYR A 79 20.36 -7.10 36.72
N THR A 80 21.59 -7.42 36.30
CA THR A 80 22.05 -8.80 36.41
C THR A 80 22.35 -9.18 37.87
N GLY A 81 22.52 -8.19 38.74
CA GLY A 81 22.77 -8.46 40.14
C GLY A 81 21.53 -8.62 40.99
N ILE A 82 20.35 -8.41 40.42
CA ILE A 82 19.09 -8.47 41.15
C ILE A 82 18.50 -9.86 40.99
N LYS A 83 18.09 -10.47 42.10
CA LYS A 83 17.50 -11.80 42.11
C LYS A 83 16.11 -11.74 42.73
N GLU A 84 15.28 -12.74 42.38
CA GLU A 84 13.96 -12.84 42.96
C GLU A 84 14.04 -13.05 44.46
N GLY A 85 13.24 -12.29 45.21
CA GLY A 85 13.16 -12.43 46.65
C GLY A 85 13.99 -11.45 47.44
N ASP A 86 14.83 -10.64 46.78
CA ASP A 86 15.65 -9.69 47.52
C ASP A 86 14.85 -8.42 47.82
N GLU A 87 15.42 -7.58 48.68
CA GLU A 87 14.70 -6.47 49.27
C GLU A 87 14.79 -5.21 48.41
N VAL A 88 13.72 -4.43 48.42
CA VAL A 88 13.66 -3.12 47.76
C VAL A 88 12.99 -2.15 48.73
N ARG A 89 13.49 -0.91 48.76
CA ARG A 89 13.11 0.05 49.79
C ARG A 89 12.63 1.36 49.18
N ARG A 90 11.81 2.07 49.94
CA ARG A 90 11.33 3.38 49.54
C ARG A 90 12.46 4.41 49.64
N THR A 91 12.31 5.50 48.87
CA THR A 91 13.14 6.67 49.04
C THR A 91 12.36 7.92 49.42
N GLY A 92 11.07 7.99 49.07
CA GLY A 92 10.22 9.08 49.50
C GLY A 92 10.32 10.34 48.69
N ARG A 93 11.04 10.34 47.58
CA ARG A 93 11.23 11.55 46.78
C ARG A 93 11.07 11.24 45.31
N ILE A 94 10.66 12.26 44.56
CA ILE A 94 10.55 12.13 43.11
C ILE A 94 11.93 12.28 42.47
N MET A 95 12.05 11.72 41.27
CA MET A 95 13.31 11.81 40.53
C MET A 95 13.67 13.28 40.26
N GLU A 96 14.94 13.61 40.48
CA GLU A 96 15.41 14.97 40.31
C GLU A 96 16.90 14.96 40.00
N VAL A 97 17.39 16.06 39.46
CA VAL A 97 18.79 16.15 39.03
C VAL A 97 19.40 17.45 39.53
N PRO A 98 20.73 17.45 39.72
CA PRO A 98 21.41 18.67 40.14
C PRO A 98 21.36 19.73 39.06
N VAL A 99 21.30 21.00 39.49
CA VAL A 99 21.28 22.15 38.59
C VAL A 99 22.18 23.23 39.17
N GLY A 100 22.90 23.91 38.29
CA GLY A 100 23.75 25.01 38.72
C GLY A 100 24.74 25.38 37.63
N GLU A 101 25.51 26.43 37.90
CA GLU A 101 26.53 26.87 36.96
C GLU A 101 27.71 25.91 36.91
N ALA A 102 27.84 25.02 37.90
CA ALA A 102 28.95 24.08 37.91
C ALA A 102 28.86 23.05 36.80
N LEU A 103 27.70 22.91 36.16
CA LEU A 103 27.55 21.94 35.08
C LEU A 103 28.09 22.47 33.76
N ILE A 104 28.46 23.76 33.69
CA ILE A 104 28.96 24.33 32.45
C ILE A 104 30.32 23.72 32.12
N GLY A 105 30.48 23.26 30.89
CA GLY A 105 31.71 22.63 30.46
C GLY A 105 31.83 21.16 30.79
N ARG A 106 30.77 20.54 31.27
CA ARG A 106 30.79 19.16 31.72
C ARG A 106 29.93 18.29 30.80
N VAL A 107 30.33 17.03 30.67
CA VAL A 107 29.52 16.00 30.02
C VAL A 107 29.03 15.06 31.11
N VAL A 108 27.73 14.77 31.09
CA VAL A 108 27.07 14.19 32.25
C VAL A 108 25.96 13.24 31.79
N ASN A 109 25.70 12.23 32.61
CA ASN A 109 24.60 11.31 32.37
C ASN A 109 23.29 11.93 32.84
N PRO A 110 22.15 11.36 32.45
CA PRO A 110 20.86 11.95 32.85
C PRO A 110 20.65 12.01 34.35
N LEU A 111 21.37 11.21 35.14
CA LEU A 111 21.23 11.23 36.59
C LEU A 111 22.05 12.31 37.27
N GLY A 112 22.84 13.07 36.50
CA GLY A 112 23.65 14.12 37.09
C GLY A 112 25.03 13.70 37.53
N GLN A 113 25.54 12.57 37.05
CA GLN A 113 26.86 12.10 37.42
C GLN A 113 27.83 12.28 36.26
N PRO A 114 29.00 12.85 36.49
CA PRO A 114 29.94 13.10 35.38
C PRO A 114 30.47 11.80 34.80
N VAL A 115 30.79 11.85 33.51
CA VAL A 115 31.31 10.70 32.78
C VAL A 115 32.68 10.95 32.16
N ASP A 116 33.20 12.17 32.25
CA ASP A 116 34.52 12.47 31.71
C ASP A 116 35.63 12.39 32.74
N GLY A 117 35.33 11.99 33.97
CA GLY A 117 36.29 12.09 35.05
C GLY A 117 36.37 13.51 35.55
N LEU A 118 37.59 14.03 35.66
CA LEU A 118 37.81 15.45 35.96
C LEU A 118 37.28 15.85 37.33
N GLY A 119 36.86 14.87 38.12
CA GLY A 119 36.41 15.14 39.47
C GLY A 119 34.90 15.30 39.57
N PRO A 120 34.43 15.60 40.78
CA PRO A 120 32.98 15.78 40.97
C PRO A 120 32.48 17.06 40.32
N VAL A 121 31.17 17.27 40.42
CA VAL A 121 30.52 18.44 39.82
C VAL A 121 30.35 19.58 40.82
N GLU A 122 30.21 19.28 42.11
CA GLU A 122 30.11 20.30 43.16
C GLU A 122 28.92 21.23 42.94
N THR A 123 27.74 20.63 42.79
CA THR A 123 26.50 21.37 42.57
C THR A 123 25.71 21.39 43.88
N THR A 124 25.21 22.56 44.26
CA THR A 124 24.55 22.76 45.54
C THR A 124 23.04 22.90 45.44
N GLU A 125 22.44 22.62 44.28
CA GLU A 125 21.01 22.82 44.11
C GLU A 125 20.46 21.73 43.19
N THR A 126 19.17 21.43 43.36
CA THR A 126 18.50 20.40 42.57
C THR A 126 17.18 20.93 42.04
N ARG A 127 16.61 20.19 41.08
CA ARG A 127 15.35 20.56 40.45
C ARG A 127 14.65 19.30 39.97
N PRO A 128 13.34 19.17 40.22
CA PRO A 128 12.62 17.97 39.81
C PRO A 128 12.57 17.82 38.30
N ILE A 129 12.56 16.56 37.85
CA ILE A 129 12.47 16.24 36.43
C ILE A 129 11.14 16.67 35.84
N GLU A 130 10.03 16.39 36.52
CA GLU A 130 8.71 16.74 36.02
C GLU A 130 8.23 18.02 36.71
N SER A 131 8.06 19.07 35.92
CA SER A 131 7.64 20.37 36.45
C SER A 131 6.58 20.94 35.52
N PRO A 132 5.65 21.73 36.05
CA PRO A 132 4.63 22.33 35.18
C PRO A 132 5.26 23.34 34.22
N ALA A 133 4.71 23.40 33.02
CA ALA A 133 5.16 24.38 32.04
C ALA A 133 4.62 25.76 32.40
N PRO A 134 5.26 26.82 31.92
CA PRO A 134 4.73 28.18 32.15
C PRO A 134 3.34 28.32 31.57
N GLY A 135 2.48 29.05 32.27
CA GLY A 135 1.11 29.22 31.87
C GLY A 135 0.95 30.21 30.73
N VAL A 136 -0.29 30.39 30.30
CA VAL A 136 -0.60 31.31 29.21
C VAL A 136 -0.25 32.74 29.61
N MET A 137 -0.60 33.13 30.82
CA MET A 137 -0.37 34.50 31.27
C MET A 137 1.07 34.75 31.69
N ASP A 138 1.91 33.72 31.73
CA ASP A 138 3.30 33.88 32.11
C ASP A 138 4.22 34.20 30.94
N ARG A 139 3.71 34.15 29.72
CA ARG A 139 4.55 34.19 28.54
C ARG A 139 4.53 35.56 27.86
N ARG A 140 5.43 35.72 26.90
CA ARG A 140 5.56 36.93 26.10
C ARG A 140 5.79 36.52 24.65
N SER A 141 5.39 37.40 23.74
CA SER A 141 5.56 37.12 22.31
C SER A 141 7.03 37.03 21.95
N VAL A 142 7.36 36.12 21.05
CA VAL A 142 8.75 35.92 20.63
C VAL A 142 9.17 37.09 19.75
N HIS A 143 10.20 37.81 20.18
CA HIS A 143 10.65 38.99 19.43
C HIS A 143 12.15 39.13 19.34
N GLU A 144 12.94 38.18 19.84
CA GLU A 144 14.39 38.28 19.77
C GLU A 144 14.95 37.22 18.84
N PRO A 145 15.81 37.59 17.90
CA PRO A 145 16.34 36.60 16.95
C PRO A 145 17.33 35.66 17.60
N LEU A 146 17.37 34.43 17.10
CA LEU A 146 18.39 33.44 17.45
C LEU A 146 19.27 33.24 16.23
N GLN A 147 20.45 33.84 16.24
CA GLN A 147 21.32 33.81 15.08
C GLN A 147 22.08 32.49 15.04
N THR A 148 21.74 31.64 14.07
CA THR A 148 22.40 30.35 13.94
C THR A 148 23.67 30.41 13.10
N GLY A 149 23.90 31.52 12.41
CA GLY A 149 25.06 31.64 11.55
C GLY A 149 24.91 30.98 10.20
N ILE A 150 23.75 30.40 9.90
CA ILE A 150 23.47 29.78 8.61
C ILE A 150 22.64 30.76 7.80
N LYS A 151 23.10 31.04 6.58
CA LYS A 151 22.41 32.03 5.74
C LYS A 151 20.98 31.60 5.45
N ALA A 152 20.79 30.35 5.03
CA ALA A 152 19.46 29.87 4.67
C ALA A 152 18.50 29.92 5.86
N ILE A 153 18.95 29.48 7.03
CA ILE A 153 18.09 29.48 8.21
C ILE A 153 17.77 30.90 8.65
N ASP A 154 18.78 31.77 8.66
CA ASP A 154 18.57 33.13 9.13
C ASP A 154 17.71 33.94 8.16
N ALA A 155 17.73 33.59 6.88
CA ALA A 155 17.00 34.39 5.90
C ALA A 155 15.60 33.84 5.62
N LEU A 156 15.43 32.52 5.54
CA LEU A 156 14.19 31.94 5.05
C LEU A 156 13.36 31.25 6.12
N VAL A 157 13.98 30.72 7.17
CA VAL A 157 13.24 30.10 8.26
C VAL A 157 13.76 30.64 9.60
N PRO A 158 13.42 31.87 9.94
CA PRO A 158 13.97 32.49 11.16
C PRO A 158 13.57 31.72 12.42
N ILE A 159 14.48 31.72 13.38
CA ILE A 159 14.25 31.12 14.70
C ILE A 159 14.40 32.20 15.75
N GLY A 160 13.40 32.31 16.63
CA GLY A 160 13.41 33.29 17.68
C GLY A 160 13.67 32.66 19.05
N ARG A 161 14.03 33.51 20.00
CA ARG A 161 14.30 33.04 21.36
C ARG A 161 12.98 32.69 22.04
N GLY A 162 12.87 31.45 22.50
CA GLY A 162 11.63 30.91 23.02
C GLY A 162 10.87 30.03 22.04
N GLN A 163 11.22 30.08 20.76
CA GLN A 163 10.60 29.21 19.77
C GLN A 163 11.18 27.80 19.85
N ARG A 164 10.35 26.82 19.51
CA ARG A 164 10.81 25.45 19.32
C ARG A 164 10.67 25.10 17.84
N GLU A 165 11.79 24.75 17.21
CA GLU A 165 11.84 24.51 15.77
C GLU A 165 12.31 23.08 15.55
N LEU A 166 11.56 22.33 14.75
CA LEU A 166 11.91 20.95 14.44
C LEU A 166 12.91 20.90 13.30
N ILE A 167 13.94 20.07 13.46
CA ILE A 167 14.90 19.77 12.41
C ILE A 167 14.71 18.31 12.03
N ILE A 168 14.26 18.07 10.81
CA ILE A 168 13.79 16.76 10.39
C ILE A 168 14.44 16.39 9.06
N GLY A 169 14.87 15.14 8.95
CA GLY A 169 15.51 14.67 7.73
C GLY A 169 15.97 13.25 7.89
N ASP A 170 16.51 12.72 6.79
CA ASP A 170 17.01 11.35 6.77
C ASP A 170 18.39 11.27 7.41
N ARG A 171 18.97 10.08 7.38
CA ARG A 171 20.29 9.87 7.96
C ARG A 171 21.37 10.46 7.05
N GLN A 172 22.45 10.93 7.69
CA GLN A 172 23.61 11.47 6.98
C GLN A 172 23.22 12.62 6.05
N THR A 173 22.55 13.62 6.61
CA THR A 173 22.09 14.76 5.82
C THR A 173 22.60 16.10 6.35
N GLY A 174 23.00 16.16 7.62
CA GLY A 174 23.59 17.36 8.18
C GLY A 174 22.88 17.97 9.37
N LYS A 175 21.97 17.25 10.01
CA LYS A 175 21.27 17.80 11.17
C LYS A 175 22.24 18.08 12.31
N THR A 176 23.14 17.14 12.59
CA THR A 176 24.12 17.33 13.63
C THR A 176 25.06 18.49 13.30
N SER A 177 25.42 18.63 12.02
CA SER A 177 26.27 19.74 11.62
C SER A 177 25.57 21.07 11.83
N VAL A 178 24.27 21.14 11.51
CA VAL A 178 23.50 22.36 11.74
C VAL A 178 23.46 22.69 13.22
N ALA A 179 23.21 21.68 14.06
CA ALA A 179 23.16 21.91 15.50
C ALA A 179 24.50 22.40 16.03
N ILE A 180 25.60 21.80 15.58
CA ILE A 180 26.92 22.19 16.07
C ILE A 180 27.26 23.60 15.62
N ASP A 181 26.93 23.95 14.37
CA ASP A 181 27.16 25.31 13.89
C ASP A 181 26.36 26.32 14.70
N THR A 182 25.09 26.00 14.99
CA THR A 182 24.27 26.89 15.80
C THR A 182 24.84 27.08 17.19
N ILE A 183 25.31 25.99 17.81
CA ILE A 183 25.90 26.10 19.14
C ILE A 183 27.18 26.93 19.10
N ILE A 184 28.00 26.74 18.07
CA ILE A 184 29.26 27.48 17.95
C ILE A 184 28.99 28.96 17.76
N ASN A 185 27.97 29.32 16.98
CA ASN A 185 27.70 30.72 16.68
C ASN A 185 27.30 31.52 17.91
N GLN A 186 26.92 30.86 19.01
CA GLN A 186 26.47 31.56 20.22
C GLN A 186 27.62 32.06 21.08
N LYS A 187 28.84 32.13 20.55
CA LYS A 187 29.99 32.48 21.37
C LYS A 187 29.89 33.91 21.90
N ASP A 188 29.61 34.87 21.02
CA ASP A 188 29.59 36.28 21.38
C ASP A 188 28.21 36.76 21.81
N GLN A 189 27.32 35.84 22.19
CA GLN A 189 25.97 36.18 22.61
C GLN A 189 25.70 35.54 23.96
N ASN A 190 24.91 36.24 24.79
CA ASN A 190 24.61 35.78 26.14
C ASN A 190 23.57 34.64 26.09
N MET A 191 24.03 33.50 25.59
CA MET A 191 23.19 32.32 25.43
C MET A 191 23.92 31.11 25.99
N ILE A 192 23.20 30.28 26.75
CA ILE A 192 23.73 29.04 27.30
C ILE A 192 23.17 27.88 26.51
N SER A 193 24.05 26.98 26.07
CA SER A 193 23.68 25.87 25.20
C SER A 193 23.75 24.57 25.96
N ILE A 194 22.78 23.69 25.69
CA ILE A 194 22.73 22.35 26.26
C ILE A 194 22.55 21.37 25.12
N TYR A 195 23.43 20.38 25.03
CA TYR A 195 23.39 19.37 23.99
C TYR A 195 23.02 18.02 24.62
N VAL A 196 21.94 17.42 24.15
CA VAL A 196 21.46 16.15 24.67
C VAL A 196 21.64 15.10 23.57
N ALA A 197 22.47 14.10 23.85
CA ALA A 197 22.71 13.00 22.92
C ALA A 197 21.98 11.77 23.44
N ILE A 198 21.11 11.21 22.60
CA ILE A 198 20.25 10.10 22.97
C ILE A 198 20.51 8.94 22.02
N GLY A 199 20.92 7.80 22.56
CA GLY A 199 21.09 6.59 21.78
C GLY A 199 22.25 6.58 20.82
N GLN A 200 23.22 7.48 21.00
CA GLN A 200 24.35 7.56 20.08
C GLN A 200 25.52 6.75 20.60
N LYS A 201 26.55 6.65 19.76
CA LYS A 201 27.81 6.04 20.18
C LYS A 201 28.59 7.00 21.07
N GLU A 202 29.17 6.47 22.13
CA GLU A 202 30.01 7.30 22.99
C GLU A 202 31.22 7.82 22.24
N SER A 203 31.69 7.09 21.22
CA SER A 203 32.74 7.61 20.36
C SER A 203 32.29 8.85 19.59
N THR A 204 31.07 8.83 19.05
CA THR A 204 30.56 10.00 18.35
C THR A 204 30.36 11.17 19.30
N VAL A 205 29.89 10.89 20.51
CA VAL A 205 29.75 11.96 21.51
C VAL A 205 31.11 12.54 21.86
N ARG A 206 32.12 11.68 22.01
CA ARG A 206 33.48 12.15 22.28
C ARG A 206 34.00 13.03 21.16
N THR A 207 33.75 12.64 19.90
CA THR A 207 34.17 13.46 18.77
C THR A 207 33.45 14.81 18.76
N VAL A 208 32.15 14.81 19.05
CA VAL A 208 31.40 16.06 19.10
C VAL A 208 31.94 16.97 20.18
N VAL A 209 32.21 16.40 21.37
CA VAL A 209 32.75 17.19 22.47
C VAL A 209 34.13 17.74 22.11
N GLU A 210 34.95 16.95 21.41
CA GLU A 210 36.26 17.41 21.00
C GLU A 210 36.16 18.57 20.00
N THR A 211 35.24 18.49 19.04
CA THR A 211 35.05 19.60 18.11
C THR A 211 34.57 20.85 18.84
N LEU A 212 33.63 20.69 19.78
CA LEU A 212 33.15 21.83 20.54
C LEU A 212 34.27 22.45 21.37
N ARG A 213 35.13 21.63 21.98
CA ARG A 213 36.26 22.15 22.74
C ARG A 213 37.23 22.88 21.83
N LYS A 214 37.48 22.34 20.64
CA LYS A 214 38.39 22.99 19.70
C LYS A 214 37.86 24.36 19.27
N HIS A 215 36.55 24.46 19.05
CA HIS A 215 35.95 25.73 18.65
C HIS A 215 35.59 26.62 19.84
N GLY A 216 35.78 26.15 21.07
CA GLY A 216 35.62 26.99 22.23
C GLY A 216 34.23 27.03 22.82
N ALA A 217 33.38 26.06 22.52
CA ALA A 217 31.99 26.10 22.97
C ALA A 217 31.81 25.60 24.40
N LEU A 218 32.79 24.90 24.96
CA LEU A 218 32.65 24.37 26.32
C LEU A 218 32.63 25.44 27.39
N ASP A 219 32.95 26.69 27.07
CA ASP A 219 32.85 27.76 28.06
C ASP A 219 31.41 28.04 28.44
N TYR A 220 30.44 27.64 27.62
CA TYR A 220 29.03 27.90 27.91
C TYR A 220 28.11 26.74 27.55
N THR A 221 28.63 25.52 27.39
CA THR A 221 27.84 24.39 26.90
C THR A 221 27.81 23.27 27.92
N ILE A 222 26.67 22.59 28.00
CA ILE A 222 26.49 21.40 28.83
C ILE A 222 26.10 20.25 27.91
N VAL A 223 26.69 19.07 28.14
CA VAL A 223 26.43 17.89 27.32
C VAL A 223 25.80 16.82 28.20
N VAL A 224 24.68 16.28 27.75
CA VAL A 224 23.98 15.19 28.44
C VAL A 224 23.94 14.00 27.49
N THR A 225 24.38 12.83 27.97
CA THR A 225 24.54 11.65 27.12
C THR A 225 23.78 10.47 27.70
N ALA A 226 23.07 9.75 26.83
CA ALA A 226 22.45 8.47 27.14
C ALA A 226 22.76 7.56 25.96
N SER A 227 23.88 6.85 26.04
CA SER A 227 24.36 6.06 24.91
C SER A 227 23.50 4.82 24.69
N ALA A 228 23.83 4.07 23.65
CA ALA A 228 23.04 2.90 23.29
C ALA A 228 23.19 1.75 24.28
N SER A 229 24.29 1.70 25.02
CA SER A 229 24.49 0.64 26.00
C SER A 229 23.83 0.93 27.33
N GLN A 230 23.27 2.13 27.52
CA GLN A 230 22.60 2.47 28.75
C GLN A 230 21.21 1.85 28.81
N PRO A 231 20.66 1.68 30.02
CA PRO A 231 19.29 1.17 30.13
C PRO A 231 18.28 2.10 29.47
N ALA A 232 17.20 1.51 28.99
CA ALA A 232 16.16 2.28 28.31
C ALA A 232 15.60 3.44 29.13
N PRO A 233 15.36 3.32 30.44
CA PRO A 233 14.85 4.49 31.19
C PRO A 233 15.78 5.69 31.16
N LEU A 234 17.10 5.49 31.06
CA LEU A 234 17.99 6.65 30.98
C LEU A 234 17.82 7.40 29.67
N LEU A 235 17.70 6.67 28.55
CA LEU A 235 17.39 7.31 27.28
C LEU A 235 16.03 8.00 27.34
N PHE A 236 15.08 7.39 28.07
CA PHE A 236 13.76 7.99 28.23
C PHE A 236 13.84 9.29 29.02
N LEU A 237 14.72 9.36 30.02
CA LEU A 237 14.74 10.50 30.94
C LEU A 237 15.71 11.61 30.53
N ALA A 238 16.64 11.34 29.61
CA ALA A 238 17.67 12.33 29.28
C ALA A 238 17.12 13.68 28.82
N PRO A 239 16.19 13.77 27.87
CA PRO A 239 15.71 15.10 27.45
C PRO A 239 15.05 15.88 28.58
N TYR A 240 14.35 15.20 29.50
CA TYR A 240 13.77 15.91 30.63
C TYR A 240 14.83 16.46 31.57
N ALA A 241 15.93 15.73 31.77
CA ALA A 241 17.04 16.26 32.57
C ALA A 241 17.63 17.50 31.90
N GLY A 242 17.80 17.44 30.57
CA GLY A 242 18.26 18.63 29.86
C GLY A 242 17.31 19.80 30.01
N VAL A 243 16.00 19.52 29.95
CA VAL A 243 15.00 20.58 30.10
C VAL A 243 15.09 21.21 31.49
N ALA A 244 15.27 20.38 32.52
CA ALA A 244 15.38 20.91 33.88
C ALA A 244 16.63 21.78 34.04
N MET A 245 17.76 21.31 33.50
CA MET A 245 18.97 22.11 33.56
C MET A 245 18.81 23.44 32.84
N GLY A 246 18.11 23.45 31.70
CA GLY A 246 17.83 24.70 31.03
C GLY A 246 16.87 25.59 31.81
N GLU A 247 15.85 24.99 32.42
CA GLU A 247 14.85 25.75 33.16
C GLU A 247 15.46 26.46 34.36
N TYR A 248 16.49 25.86 34.97
CA TYR A 248 17.18 26.55 36.06
C TYR A 248 17.67 27.92 35.62
N PHE A 249 18.44 27.96 34.53
CA PHE A 249 18.94 29.24 34.01
C PHE A 249 17.81 30.12 33.52
N MET A 250 16.79 29.53 32.89
CA MET A 250 15.68 30.32 32.37
C MET A 250 14.96 31.08 33.47
N TYR A 251 14.65 30.39 34.57
CA TYR A 251 14.02 31.05 35.71
C TYR A 251 14.98 31.90 36.51
N LYS A 252 16.28 31.73 36.33
CA LYS A 252 17.23 32.71 36.86
C LYS A 252 17.25 33.99 36.05
N GLY A 253 16.67 34.00 34.85
CA GLY A 253 16.62 35.20 34.03
C GLY A 253 17.49 35.20 32.80
N LYS A 254 18.03 34.05 32.39
CA LYS A 254 18.93 33.97 31.26
C LYS A 254 18.26 33.25 30.09
N HIS A 255 19.00 33.13 29.00
CA HIS A 255 18.50 32.52 27.77
C HIS A 255 19.25 31.22 27.52
N VAL A 256 18.51 30.16 27.19
CA VAL A 256 19.05 28.81 27.07
C VAL A 256 18.64 28.24 25.71
N LEU A 257 19.56 27.49 25.11
CA LEU A 257 19.30 26.74 23.88
C LEU A 257 19.49 25.25 24.17
N VAL A 258 18.46 24.46 23.91
CA VAL A 258 18.47 23.03 24.19
C VAL A 258 18.27 22.28 22.90
N VAL A 259 19.12 21.28 22.65
CA VAL A 259 19.08 20.47 21.43
C VAL A 259 18.88 19.02 21.81
N TYR A 260 17.93 18.36 21.13
CA TYR A 260 17.67 16.94 21.31
C TYR A 260 18.08 16.26 20.01
N ASP A 261 19.13 15.44 20.05
CA ASP A 261 19.70 14.92 18.82
C ASP A 261 18.85 13.87 18.14
N ASP A 262 18.02 13.14 18.88
CA ASP A 262 17.01 12.22 18.34
C ASP A 262 15.90 12.04 19.36
N LEU A 263 14.69 12.48 19.00
CA LEU A 263 13.52 12.13 19.80
C LEU A 263 12.96 10.76 19.42
N SER A 264 13.29 10.26 18.23
CA SER A 264 12.81 8.95 17.82
C SER A 264 13.38 7.84 18.68
N LYS A 265 14.66 7.92 19.05
CA LYS A 265 15.24 6.92 19.93
C LYS A 265 14.64 6.96 21.33
N GLN A 266 14.36 8.17 21.84
CA GLN A 266 13.69 8.28 23.13
C GLN A 266 12.29 7.68 23.08
N ALA A 267 11.56 7.93 21.98
CA ALA A 267 10.24 7.32 21.81
C ALA A 267 10.33 5.81 21.73
N ALA A 268 11.36 5.29 21.03
CA ALA A 268 11.54 3.84 20.95
C ALA A 268 11.83 3.24 22.31
N ALA A 269 12.65 3.91 23.12
CA ALA A 269 12.92 3.43 24.47
C ALA A 269 11.66 3.42 25.32
N TYR A 270 10.85 4.48 25.22
CA TYR A 270 9.59 4.49 25.96
C TYR A 270 8.64 3.39 25.49
N ARG A 271 8.62 3.12 24.18
CA ARG A 271 7.82 2.02 23.64
C ARG A 271 8.28 0.69 24.21
N GLU A 272 9.61 0.49 24.28
CA GLU A 272 10.15 -0.73 24.85
C GLU A 272 9.72 -0.90 26.30
N LEU A 273 9.82 0.17 27.09
CA LEU A 273 9.40 0.10 28.49
C LEU A 273 7.91 -0.20 28.61
N SER A 274 7.08 0.45 27.79
CA SER A 274 5.65 0.21 27.87
C SER A 274 5.28 -1.21 27.47
N LEU A 275 5.95 -1.75 26.45
CA LEU A 275 5.66 -3.13 26.05
C LEU A 275 6.15 -4.12 27.09
N LEU A 276 7.26 -3.82 27.78
CA LEU A 276 7.72 -4.69 28.84
C LEU A 276 6.79 -4.63 30.05
N LEU A 277 6.17 -3.48 30.29
CA LEU A 277 5.21 -3.35 31.38
C LEU A 277 3.82 -3.85 31.01
N ARG A 278 3.64 -4.35 29.79
CA ARG A 278 2.37 -4.94 29.34
C ARG A 278 1.24 -3.91 29.32
N ARG A 279 1.52 -2.76 28.74
CA ARG A 279 0.48 -1.77 28.51
C ARG A 279 -0.10 -1.92 27.11
N PRO A 280 -1.36 -1.54 26.89
CA PRO A 280 -1.99 -1.75 25.58
C PRO A 280 -1.30 -0.95 24.50
N PRO A 281 -0.87 -1.61 23.43
CA PRO A 281 -0.18 -0.89 22.35
C PRO A 281 -1.15 -0.20 21.41
N GLY A 282 -0.67 0.90 20.81
CA GLY A 282 -1.41 1.63 19.82
C GLY A 282 -0.88 1.41 18.42
N ARG A 283 -1.06 2.41 17.58
CA ARG A 283 -0.55 2.35 16.21
C ARG A 283 0.95 2.20 16.21
N GLU A 284 1.45 1.25 15.42
CA GLU A 284 2.87 0.98 15.26
C GLU A 284 3.52 0.59 16.59
N ALA A 285 2.73 -0.01 17.49
CA ALA A 285 3.14 -0.54 18.80
C ALA A 285 3.44 0.53 19.83
N TYR A 286 3.34 1.81 19.48
CA TYR A 286 3.60 2.86 20.44
C TYR A 286 2.46 2.97 21.45
N PRO A 287 2.76 3.37 22.68
CA PRO A 287 1.71 3.52 23.68
C PRO A 287 0.79 4.71 23.38
N GLY A 288 -0.32 4.77 24.11
CA GLY A 288 -1.31 5.79 23.88
C GLY A 288 -0.89 7.18 24.29
N ASP A 289 0.10 7.30 25.18
CA ASP A 289 0.54 8.59 25.68
C ASP A 289 1.87 9.04 25.08
N ILE A 290 2.25 8.49 23.92
CA ILE A 290 3.49 8.91 23.29
C ILE A 290 3.41 10.35 22.82
N PHE A 291 2.25 10.79 22.35
CA PHE A 291 2.08 12.20 22.00
C PHE A 291 2.14 13.09 23.24
N TYR A 292 1.53 12.64 24.33
CA TYR A 292 1.54 13.38 25.59
C TYR A 292 2.96 13.54 26.12
N LEU A 293 3.79 12.50 25.96
CA LEU A 293 5.18 12.58 26.41
C LEU A 293 5.92 13.71 25.70
N HIS A 294 5.86 13.75 24.37
CA HIS A 294 6.57 14.78 23.62
C HIS A 294 5.96 16.16 23.82
N SER A 295 4.63 16.25 23.98
CA SER A 295 4.02 17.54 24.27
C SER A 295 4.47 18.08 25.63
N ARG A 296 4.54 17.21 26.64
CA ARG A 296 5.09 17.60 27.93
C ARG A 296 6.53 18.09 27.78
N LEU A 297 7.35 17.36 27.02
CA LEU A 297 8.75 17.73 26.86
C LEU A 297 8.89 19.08 26.18
N LEU A 298 8.19 19.28 25.06
CA LEU A 298 8.41 20.47 24.24
C LEU A 298 7.60 21.67 24.71
N GLU A 299 6.65 21.48 25.62
CA GLU A 299 5.87 22.62 26.07
C GLU A 299 6.58 23.45 27.13
N ARG A 300 7.72 22.98 27.65
CA ARG A 300 8.44 23.71 28.67
C ARG A 300 9.41 24.74 28.11
N ALA A 301 9.54 24.83 26.79
CA ALA A 301 10.29 25.92 26.17
C ALA A 301 9.37 27.11 25.98
N ALA A 302 9.79 28.28 26.47
CA ALA A 302 8.92 29.43 26.49
C ALA A 302 9.73 30.71 26.55
N LYS A 303 9.06 31.82 26.24
CA LYS A 303 9.60 33.16 26.41
C LYS A 303 8.81 33.84 27.52
N LEU A 304 9.47 34.13 28.63
CA LEU A 304 8.79 34.60 29.83
C LEU A 304 8.52 36.09 29.77
N SER A 305 7.42 36.48 30.39
CA SER A 305 7.04 37.89 30.45
C SER A 305 7.96 38.65 31.39
N ASP A 306 7.98 39.98 31.23
CA ASP A 306 8.86 40.81 32.05
C ASP A 306 8.47 40.77 33.52
N ALA A 307 7.23 40.38 33.83
CA ALA A 307 6.80 40.29 35.22
C ALA A 307 7.60 39.26 36.01
N LYS A 308 8.12 38.23 35.36
CA LYS A 308 8.91 37.20 36.00
C LYS A 308 10.22 36.99 35.26
N GLY A 309 10.91 38.07 34.92
CA GLY A 309 12.18 37.99 34.24
C GLY A 309 12.06 37.70 32.76
N GLY A 310 12.95 38.27 31.97
CA GLY A 310 12.89 38.11 30.53
C GLY A 310 13.56 36.87 29.99
N GLY A 311 13.89 35.91 30.85
CA GLY A 311 14.56 34.71 30.39
C GLY A 311 13.70 33.90 29.43
N SER A 312 14.38 33.07 28.64
CA SER A 312 13.70 32.26 27.63
C SER A 312 14.47 30.97 27.42
N LEU A 313 13.77 29.97 26.89
CA LEU A 313 14.36 28.69 26.53
C LEU A 313 13.86 28.30 25.15
N THR A 314 14.77 28.04 24.23
CA THR A 314 14.44 27.60 22.89
C THR A 314 14.91 26.17 22.68
N ALA A 315 14.13 25.40 21.93
CA ALA A 315 14.38 23.97 21.74
C ALA A 315 14.53 23.66 20.26
N LEU A 316 15.41 22.72 19.93
CA LEU A 316 15.63 22.26 18.56
C LEU A 316 15.56 20.74 18.55
N PRO A 317 14.35 20.17 18.63
CA PRO A 317 14.24 18.71 18.58
C PRO A 317 14.60 18.17 17.20
N PHE A 318 15.10 16.93 17.17
CA PHE A 318 15.46 16.26 15.94
C PHE A 318 14.55 15.06 15.73
N VAL A 319 14.17 14.82 14.48
CA VAL A 319 13.42 13.64 14.09
C VAL A 319 14.05 13.05 12.84
N GLU A 320 14.30 11.74 12.85
CA GLU A 320 14.89 11.05 11.71
C GLU A 320 13.78 10.33 10.95
N THR A 321 13.60 10.70 9.69
CA THR A 321 12.60 10.07 8.84
C THR A 321 13.19 8.87 8.11
N GLN A 322 12.31 8.01 7.63
CA GLN A 322 12.69 6.82 6.88
C GLN A 322 12.24 6.99 5.44
N ALA A 323 13.21 7.07 4.53
CA ALA A 323 12.95 7.23 3.10
C ALA A 323 12.10 8.47 2.83
N GLY A 324 12.32 9.51 3.62
CA GLY A 324 11.59 10.76 3.44
C GLY A 324 10.13 10.72 3.81
N ASP A 325 9.70 9.73 4.59
CA ASP A 325 8.30 9.59 4.97
C ASP A 325 8.03 10.47 6.18
N ILE A 326 7.40 11.63 5.95
CA ILE A 326 7.03 12.52 7.05
C ILE A 326 5.62 12.26 7.56
N SER A 327 4.96 11.21 7.07
CA SER A 327 3.61 10.87 7.50
C SER A 327 3.61 9.79 8.59
N ALA A 328 4.77 9.41 9.10
CA ALA A 328 4.82 8.42 10.17
C ALA A 328 4.32 9.02 11.49
N TYR A 329 4.09 8.13 12.46
CA TYR A 329 3.44 8.52 13.71
C TYR A 329 4.23 9.60 14.43
N ILE A 330 5.48 9.31 14.79
CA ILE A 330 6.30 10.27 15.52
C ILE A 330 6.56 11.53 14.70
N PRO A 331 6.93 11.46 13.41
CA PRO A 331 7.09 12.71 12.64
C PRO A 331 5.84 13.57 12.63
N THR A 332 4.66 12.98 12.43
CA THR A 332 3.44 13.78 12.46
C THR A 332 3.20 14.39 13.83
N ASN A 333 3.43 13.63 14.91
CA ASN A 333 3.25 14.16 16.24
C ASN A 333 4.15 15.37 16.48
N VAL A 334 5.44 15.24 16.17
CA VAL A 334 6.36 16.33 16.44
C VAL A 334 6.08 17.53 15.52
N ILE A 335 5.69 17.28 14.27
CA ILE A 335 5.33 18.38 13.38
C ILE A 335 4.14 19.14 13.93
N SER A 336 3.13 18.42 14.43
CA SER A 336 1.99 19.09 15.03
C SER A 336 2.39 19.88 16.26
N ILE A 337 3.27 19.32 17.09
CA ILE A 337 3.63 19.99 18.35
C ILE A 337 4.47 21.25 18.10
N THR A 338 5.45 21.18 17.21
CA THR A 338 6.45 22.25 17.09
C THR A 338 5.89 23.47 16.37
N ASP A 339 6.65 24.56 16.44
CA ASP A 339 6.28 25.82 15.82
C ASP A 339 6.81 25.97 14.39
N GLY A 340 7.57 25.01 13.90
CA GLY A 340 8.13 25.10 12.56
C GLY A 340 9.02 23.92 12.24
N GLN A 341 9.31 23.72 10.96
CA GLN A 341 10.08 22.57 10.52
C GLN A 341 11.12 23.01 9.52
N ILE A 342 12.33 22.44 9.64
CA ILE A 342 13.39 22.61 8.66
C ILE A 342 13.64 21.25 8.03
N PHE A 343 13.32 21.12 6.75
CA PHE A 343 13.44 19.87 6.02
C PHE A 343 14.77 19.81 5.29
N LEU A 344 15.48 18.70 5.45
CA LEU A 344 16.75 18.47 4.79
C LEU A 344 16.61 17.27 3.85
N GLN A 345 17.09 17.42 2.62
CA GLN A 345 16.86 16.44 1.57
C GLN A 345 18.18 15.84 1.10
N SER A 346 18.17 14.52 0.89
CA SER A 346 19.37 13.82 0.46
C SER A 346 19.72 14.12 -0.99
N ASP A 347 18.73 14.25 -1.87
CA ASP A 347 19.03 14.63 -3.25
C ASP A 347 19.62 16.04 -3.31
N LEU A 348 19.11 16.96 -2.49
CA LEU A 348 19.70 18.28 -2.39
C LEU A 348 21.13 18.20 -1.86
N PHE A 349 21.35 17.32 -0.88
CA PHE A 349 22.70 17.15 -0.33
C PHE A 349 23.67 16.67 -1.41
N PHE A 350 23.24 15.70 -2.21
CA PHE A 350 24.13 15.13 -3.23
C PHE A 350 24.21 15.98 -4.49
N SER A 351 23.30 16.94 -4.66
CA SER A 351 23.36 17.83 -5.82
C SER A 351 24.38 18.94 -5.66
N GLY A 352 25.02 19.06 -4.50
CA GLY A 352 25.95 20.14 -4.24
C GLY A 352 25.49 21.16 -3.23
N VAL A 353 24.22 21.13 -2.83
CA VAL A 353 23.71 22.04 -1.81
C VAL A 353 23.99 21.42 -0.45
N ARG A 354 25.16 21.72 0.11
CA ARG A 354 25.63 21.10 1.33
C ARG A 354 24.72 21.37 2.52
N PRO A 355 24.25 22.61 2.74
CA PRO A 355 23.24 22.81 3.80
C PRO A 355 21.98 21.99 3.58
N ALA A 356 21.60 21.72 2.34
CA ALA A 356 20.52 20.82 1.97
C ALA A 356 19.17 21.22 2.54
N ILE A 357 18.97 22.49 2.85
CA ILE A 357 17.69 22.93 3.40
C ILE A 357 16.72 23.15 2.25
N ASN A 358 15.56 22.49 2.32
CA ASN A 358 14.50 22.65 1.31
C ASN A 358 13.65 23.83 1.72
N ALA A 359 13.94 25.00 1.12
CA ALA A 359 13.21 26.22 1.47
C ALA A 359 11.74 26.15 1.10
N GLY A 360 11.37 25.33 0.11
CA GLY A 360 9.98 25.22 -0.25
C GLY A 360 9.12 24.60 0.83
N LEU A 361 9.62 23.55 1.48
CA LEU A 361 8.85 22.85 2.49
C LEU A 361 9.11 23.39 3.89
N SER A 362 10.29 23.93 4.15
CA SER A 362 10.61 24.47 5.47
C SER A 362 9.73 25.68 5.76
N VAL A 363 9.21 25.73 6.99
CA VAL A 363 8.26 26.76 7.39
C VAL A 363 8.62 27.24 8.80
N SER A 364 8.47 28.54 9.02
CA SER A 364 8.65 29.15 10.34
C SER A 364 7.40 29.96 10.66
N ARG A 365 6.70 29.62 11.75
CA ARG A 365 5.40 30.27 12.07
C ARG A 365 5.57 31.52 12.91
N VAL A 366 6.78 31.85 13.35
CA VAL A 366 7.05 33.11 14.10
C VAL A 366 7.82 34.10 13.22
N GLY A 367 8.07 33.80 11.96
CA GLY A 367 9.02 34.55 11.11
C GLY A 367 8.81 36.03 10.96
N GLY A 368 9.90 36.78 11.01
CA GLY A 368 9.84 38.24 10.82
C GLY A 368 9.74 38.91 12.16
N ALA A 369 9.25 38.20 13.16
CA ALA A 369 9.23 38.74 14.53
C ALA A 369 10.56 38.30 15.06
N ALA A 370 11.16 37.34 14.36
CA ALA A 370 12.45 36.85 14.82
C ALA A 370 13.60 37.32 13.94
N GLN A 371 13.47 38.46 13.29
CA GLN A 371 14.49 38.99 12.40
C GLN A 371 14.71 40.47 12.68
N ILE A 372 15.91 40.94 12.34
CA ILE A 372 16.18 42.37 12.40
C ILE A 372 15.68 43.05 11.14
N LYS A 373 15.55 44.38 11.22
CA LYS A 373 14.99 45.14 10.10
C LYS A 373 15.84 44.99 8.84
N ALA A 374 17.17 45.00 8.98
CA ALA A 374 18.04 44.86 7.83
C ALA A 374 17.80 43.54 7.12
N MET A 375 17.62 42.46 7.88
CA MET A 375 17.35 41.15 7.27
C MET A 375 15.95 41.10 6.66
N LYS A 376 14.97 41.73 7.32
CA LYS A 376 13.61 41.72 6.80
C LYS A 376 13.50 42.50 5.49
N LYS A 377 14.35 43.50 5.31
CA LYS A 377 14.28 44.31 4.10
C LYS A 377 14.89 43.64 2.87
N VAL A 378 15.46 42.44 3.01
CA VAL A 378 16.05 41.73 1.88
C VAL A 378 15.48 40.32 1.78
N ALA A 379 14.96 39.80 2.89
CA ALA A 379 14.45 38.43 2.91
C ALA A 379 13.22 38.29 2.02
N GLY A 380 12.38 39.33 1.94
CA GLY A 380 11.21 39.25 1.09
C GLY A 380 11.57 39.07 -0.38
N THR A 381 12.52 39.85 -0.86
CA THR A 381 12.97 39.70 -2.25
C THR A 381 13.66 38.36 -2.46
N LEU A 382 14.48 37.94 -1.49
CA LEU A 382 15.18 36.66 -1.63
C LEU A 382 14.19 35.50 -1.74
N ARG A 383 13.14 35.52 -0.92
CA ARG A 383 12.15 34.44 -0.95
C ARG A 383 11.44 34.38 -2.29
N LEU A 384 11.04 35.54 -2.84
CA LEU A 384 10.37 35.56 -4.13
C LEU A 384 11.28 35.07 -5.24
N ASP A 385 12.56 35.48 -5.20
CA ASP A 385 13.50 35.00 -6.22
C ASP A 385 13.66 33.49 -6.15
N LEU A 386 13.82 32.94 -4.94
CA LEU A 386 13.99 31.50 -4.81
C LEU A 386 12.74 30.75 -5.26
N ALA A 387 11.56 31.26 -4.91
CA ALA A 387 10.33 30.60 -5.34
C ALA A 387 10.18 30.64 -6.86
N ALA A 388 10.47 31.79 -7.47
CA ALA A 388 10.30 31.92 -8.91
C ALA A 388 11.38 31.14 -9.66
N TYR A 389 12.43 30.73 -8.96
CA TYR A 389 13.36 29.77 -9.56
C TYR A 389 12.85 28.34 -9.40
N ARG A 390 12.45 27.97 -8.18
CA ARG A 390 12.07 26.58 -7.90
C ARG A 390 10.86 26.17 -8.72
N GLU A 391 9.79 26.95 -8.70
CA GLU A 391 8.84 26.87 -9.78
C GLU A 391 9.44 27.58 -10.98
N LEU A 392 9.06 27.17 -12.18
CA LEU A 392 9.63 27.60 -13.46
C LEU A 392 10.99 26.94 -13.68
N GLU A 393 11.53 26.22 -12.70
CA GLU A 393 12.56 25.24 -13.00
C GLU A 393 12.04 24.20 -13.99
N ALA A 394 12.98 23.47 -14.60
CA ALA A 394 12.80 22.48 -15.67
C ALA A 394 12.63 23.17 -17.02
N PHE A 395 12.60 24.50 -17.06
CA PHE A 395 12.71 25.24 -18.30
C PHE A 395 14.17 25.57 -18.63
N ALA A 396 15.11 25.17 -17.76
CA ALA A 396 16.51 25.54 -17.95
C ALA A 396 17.08 24.90 -19.21
N GLN A 397 16.78 23.64 -19.45
CA GLN A 397 17.26 22.95 -20.65
C GLN A 397 16.72 23.59 -21.91
N PHE A 398 15.43 23.96 -21.89
CA PHE A 398 14.86 24.68 -23.03
C PHE A 398 15.12 26.17 -22.92
N GLY A 399 15.54 26.62 -21.73
CA GLY A 399 15.99 28.00 -21.59
C GLY A 399 17.39 28.20 -22.12
N SER A 400 18.12 27.11 -22.32
CA SER A 400 19.39 27.19 -23.03
C SER A 400 19.19 27.80 -24.41
N ASP A 401 18.13 27.39 -25.10
CA ASP A 401 17.62 28.17 -26.22
C ASP A 401 16.92 29.41 -25.67
N LEU A 402 17.60 30.54 -25.73
CA LEU A 402 17.18 31.77 -25.05
C LEU A 402 15.79 32.18 -25.54
N ASP A 403 14.85 32.23 -24.60
CA ASP A 403 13.44 32.50 -24.89
C ASP A 403 12.87 33.39 -23.80
N LYS A 404 12.09 34.40 -24.20
CA LYS A 404 11.13 35.14 -23.37
C LYS A 404 11.83 36.08 -22.38
N ALA A 405 13.15 36.02 -22.24
CA ALA A 405 13.95 36.70 -21.22
C ALA A 405 13.66 36.12 -19.84
N THR A 406 13.02 34.96 -19.75
CA THR A 406 12.92 34.22 -18.49
C THR A 406 14.31 33.82 -18.00
N GLN A 407 15.29 33.81 -18.90
CA GLN A 407 16.66 33.50 -18.52
C GLN A 407 17.17 34.45 -17.45
N ALA A 408 16.60 35.65 -17.36
CA ALA A 408 16.93 36.55 -16.25
C ALA A 408 16.54 35.93 -14.91
N LYS A 409 15.30 35.45 -14.81
CA LYS A 409 14.86 34.78 -13.59
C LYS A 409 15.69 33.53 -13.33
N LEU A 410 16.00 32.77 -14.38
CA LEU A 410 16.78 31.55 -14.20
C LEU A 410 18.18 31.87 -13.65
N ALA A 411 18.84 32.89 -14.20
CA ALA A 411 20.16 33.26 -13.74
C ALA A 411 20.12 33.80 -12.31
N ARG A 412 19.11 34.60 -11.99
CA ARG A 412 18.98 35.10 -10.63
C ARG A 412 18.79 33.95 -9.64
N GLY A 413 17.95 32.98 -10.00
CA GLY A 413 17.75 31.84 -9.12
C GLY A 413 19.00 31.00 -8.96
N ALA A 414 19.74 30.78 -10.05
CA ALA A 414 20.98 30.02 -9.96
C ALA A 414 21.99 30.73 -9.06
N ARG A 415 22.13 32.04 -9.20
CA ARG A 415 23.04 32.78 -8.34
C ARG A 415 22.57 32.78 -6.89
N THR A 416 21.26 32.84 -6.65
CA THR A 416 20.76 32.73 -5.28
C THR A 416 21.11 31.39 -4.67
N VAL A 417 20.93 30.31 -5.43
CA VAL A 417 21.26 28.98 -4.94
C VAL A 417 22.75 28.88 -4.65
N GLU A 418 23.59 29.47 -5.51
CA GLU A 418 25.03 29.47 -5.25
C GLU A 418 25.37 30.27 -4.00
N VAL A 419 24.65 31.37 -3.74
CA VAL A 419 24.90 32.18 -2.55
C VAL A 419 24.52 31.42 -1.29
N LEU A 420 23.42 30.68 -1.32
CA LEU A 420 22.94 30.02 -0.10
C LEU A 420 23.82 28.87 0.35
N LYS A 421 24.79 28.43 -0.45
CA LYS A 421 25.68 27.36 -0.05
C LYS A 421 26.63 27.84 1.04
N GLN A 422 27.03 26.92 1.92
CA GLN A 422 27.89 27.25 3.04
C GLN A 422 28.73 26.03 3.40
N ASP A 423 29.86 26.28 4.07
CA ASP A 423 30.79 25.22 4.45
C ASP A 423 30.54 24.81 5.90
N LEU A 424 31.40 23.93 6.43
CA LEU A 424 31.24 23.37 7.76
C LEU A 424 31.93 24.25 8.80
N HIS A 425 31.25 24.48 9.93
CA HIS A 425 31.82 25.15 11.09
C HIS A 425 32.36 26.53 10.75
N GLN A 426 31.67 27.24 9.86
CA GLN A 426 32.03 28.61 9.47
C GLN A 426 30.77 29.48 9.50
N PRO A 427 30.25 29.79 10.69
CA PRO A 427 29.09 30.67 10.77
C PRO A 427 29.42 32.08 10.31
N ILE A 428 28.41 32.74 9.74
CA ILE A 428 28.59 34.08 9.18
C ILE A 428 27.91 35.09 10.09
N PRO A 429 28.55 36.22 10.39
CA PRO A 429 27.87 37.27 11.15
C PRO A 429 26.65 37.79 10.42
N VAL A 430 25.65 38.22 11.20
CA VAL A 430 24.37 38.61 10.63
C VAL A 430 24.52 39.84 9.72
N GLU A 431 25.43 40.75 10.09
CA GLU A 431 25.65 41.92 9.26
C GLU A 431 26.24 41.53 7.89
N LYS A 432 27.19 40.59 7.88
CA LYS A 432 27.74 40.13 6.61
C LYS A 432 26.70 39.37 5.79
N GLN A 433 25.86 38.58 6.44
CA GLN A 433 24.76 37.92 5.74
C GLN A 433 23.85 38.95 5.08
N VAL A 434 23.49 40.00 5.83
CA VAL A 434 22.62 41.03 5.28
C VAL A 434 23.29 41.71 4.10
N LEU A 435 24.58 42.01 4.21
CA LEU A 435 25.27 42.71 3.13
C LEU A 435 25.35 41.84 1.87
N ILE A 436 25.66 40.55 2.01
CA ILE A 436 25.76 39.71 0.83
C ILE A 436 24.38 39.47 0.21
N ILE A 437 23.33 39.34 1.04
CA ILE A 437 22.00 39.18 0.47
C ILE A 437 21.54 40.45 -0.22
N TYR A 438 21.89 41.62 0.32
CA TYR A 438 21.59 42.87 -0.36
C TYR A 438 22.30 42.94 -1.71
N ALA A 439 23.58 42.56 -1.74
CA ALA A 439 24.33 42.58 -2.98
C ALA A 439 23.70 41.65 -4.01
N LEU A 440 23.24 40.47 -3.57
CA LEU A 440 22.61 39.53 -4.49
C LEU A 440 21.27 40.06 -5.00
N THR A 441 20.44 40.58 -4.09
CA THR A 441 19.07 40.95 -4.46
C THR A 441 19.02 42.26 -5.24
N ARG A 442 20.05 43.10 -5.12
CA ARG A 442 20.05 44.36 -5.87
C ARG A 442 20.68 44.24 -7.24
N GLY A 443 21.10 43.05 -7.65
CA GLY A 443 21.59 42.84 -9.00
C GLY A 443 23.06 43.13 -9.21
N PHE A 444 23.87 43.16 -8.15
CA PHE A 444 25.29 43.41 -8.31
C PHE A 444 26.06 42.16 -8.70
N LEU A 445 25.42 41.00 -8.67
CA LEU A 445 26.05 39.75 -9.08
C LEU A 445 25.61 39.29 -10.46
N ASP A 446 24.82 40.09 -11.19
CA ASP A 446 24.23 39.65 -12.44
C ASP A 446 25.25 39.44 -13.55
N ASP A 447 26.45 40.02 -13.45
CA ASP A 447 27.47 39.83 -14.47
C ASP A 447 28.63 38.97 -13.99
N ILE A 448 28.59 38.50 -12.74
CA ILE A 448 29.55 37.50 -12.25
C ILE A 448 28.97 36.12 -12.56
N PRO A 449 29.73 35.25 -13.22
CA PRO A 449 29.22 33.90 -13.48
C PRO A 449 29.04 33.11 -12.19
N VAL A 450 28.14 32.13 -12.25
CA VAL A 450 27.81 31.35 -11.06
C VAL A 450 29.01 30.60 -10.53
N GLU A 451 30.00 30.32 -11.40
CA GLU A 451 31.19 29.60 -10.95
C GLU A 451 32.03 30.43 -10.00
N ASP A 452 31.86 31.76 -10.01
CA ASP A 452 32.70 32.65 -9.21
C ASP A 452 31.97 33.27 -8.02
N VAL A 453 30.74 32.85 -7.74
CA VAL A 453 29.97 33.49 -6.66
C VAL A 453 30.61 33.20 -5.30
N ARG A 454 31.09 31.97 -5.10
CA ARG A 454 31.70 31.61 -3.83
C ARG A 454 32.96 32.46 -3.58
N ARG A 455 33.81 32.59 -4.60
CA ARG A 455 34.99 33.43 -4.48
C ARG A 455 34.60 34.89 -4.25
N PHE A 456 33.56 35.36 -4.94
CA PHE A 456 33.10 36.72 -4.75
C PHE A 456 32.73 36.96 -3.29
N GLU A 457 31.94 36.05 -2.71
CA GLU A 457 31.53 36.22 -1.32
C GLU A 457 32.73 36.15 -0.37
N LYS A 458 33.63 35.18 -0.61
CA LYS A 458 34.77 35.01 0.28
C LYS A 458 35.66 36.23 0.28
N GLU A 459 35.93 36.80 -0.89
CA GLU A 459 36.76 38.00 -0.96
C GLU A 459 35.99 39.24 -0.53
N PHE A 460 34.67 39.25 -0.71
CA PHE A 460 33.86 40.39 -0.30
C PHE A 460 33.82 40.51 1.21
N TYR A 461 33.85 39.39 1.92
CA TYR A 461 33.91 39.46 3.38
C TYR A 461 35.21 40.13 3.85
N LEU A 462 36.34 39.77 3.24
CA LEU A 462 37.61 40.41 3.58
C LEU A 462 37.60 41.88 3.19
N PHE A 463 37.07 42.21 2.02
CA PHE A 463 36.98 43.61 1.63
C PHE A 463 36.11 44.39 2.61
N LEU A 464 35.04 43.75 3.12
CA LEU A 464 34.20 44.40 4.11
C LEU A 464 34.97 44.66 5.40
N ASP A 465 35.60 43.63 5.95
CA ASP A 465 36.31 43.86 7.21
C ASP A 465 37.55 44.74 7.04
N GLN A 466 37.95 45.02 5.79
CA GLN A 466 39.03 45.96 5.58
C GLN A 466 38.53 47.40 5.40
N ASN A 467 37.44 47.60 4.64
CA ASN A 467 37.06 48.95 4.23
C ASN A 467 35.57 49.27 4.40
N GLY A 468 34.84 48.57 5.25
CA GLY A 468 33.43 48.85 5.46
C GLY A 468 33.08 48.74 6.92
N GLN A 469 34.05 49.07 7.78
CA GLN A 469 33.82 49.00 9.22
C GLN A 469 32.71 49.94 9.64
N HIS A 470 32.58 51.09 8.96
CA HIS A 470 31.48 52.00 9.27
C HIS A 470 30.13 51.36 9.01
N LEU A 471 29.97 50.68 7.86
CA LEU A 471 28.73 49.99 7.56
C LEU A 471 28.46 48.86 8.55
N LEU A 472 29.50 48.09 8.88
CA LEU A 472 29.33 46.99 9.81
C LEU A 472 28.90 47.49 11.18
N GLU A 473 29.54 48.56 11.67
CA GLU A 473 29.18 49.12 12.96
C GLU A 473 27.77 49.71 12.93
N HIS A 474 27.39 50.37 11.83
CA HIS A 474 26.04 50.90 11.72
C HIS A 474 25.01 49.80 11.80
N ILE A 475 25.23 48.69 11.09
CA ILE A 475 24.29 47.58 11.14
C ILE A 475 24.25 46.99 12.55
N ARG A 476 25.41 46.77 13.15
CA ARG A 476 25.45 46.13 14.47
C ARG A 476 24.78 47.01 15.53
N THR A 477 24.86 48.33 15.38
CA THR A 477 24.30 49.21 16.40
C THR A 477 22.81 49.45 16.17
N THR A 478 22.43 49.89 14.97
CA THR A 478 21.05 50.32 14.74
C THR A 478 20.14 49.21 14.23
N LYS A 479 20.68 48.02 13.96
CA LYS A 479 19.91 46.89 13.44
C LYS A 479 19.19 47.23 12.15
N ASP A 480 19.71 48.17 11.38
CA ASP A 480 19.09 48.62 10.14
C ASP A 480 20.16 48.76 9.06
N LEU A 481 19.71 48.79 7.80
CA LEU A 481 20.61 48.92 6.68
C LEU A 481 21.25 50.31 6.67
N PRO A 482 22.48 50.42 6.18
CA PRO A 482 23.09 51.75 6.01
C PRO A 482 22.51 52.49 4.81
N ASN A 483 23.05 53.64 4.48
CA ASN A 483 22.60 54.38 3.30
C ASN A 483 22.83 53.56 2.04
N GLU A 484 21.82 53.50 1.19
CA GLU A 484 21.94 52.76 -0.06
C GLU A 484 23.03 53.32 -0.95
N ASP A 485 23.23 54.64 -0.93
CA ASP A 485 24.31 55.23 -1.73
C ASP A 485 25.67 54.75 -1.26
N ASP A 486 25.91 54.75 0.05
CA ASP A 486 27.17 54.25 0.57
C ASP A 486 27.34 52.76 0.29
N LEU A 487 26.25 51.99 0.40
CA LEU A 487 26.32 50.57 0.10
C LEU A 487 26.72 50.34 -1.35
N ASN A 488 26.09 51.08 -2.27
CA ASN A 488 26.43 50.95 -3.68
C ASN A 488 27.87 51.37 -3.95
N LYS A 489 28.32 52.44 -3.28
CA LYS A 489 29.70 52.88 -3.44
C LYS A 489 30.68 51.78 -3.02
N ALA A 490 30.46 51.19 -1.84
CA ALA A 490 31.36 50.15 -1.36
C ALA A 490 31.33 48.92 -2.27
N ILE A 491 30.13 48.50 -2.68
CA ILE A 491 30.02 47.31 -3.52
C ILE A 491 30.70 47.54 -4.86
N GLU A 492 30.50 48.71 -5.47
CA GLU A 492 31.16 49.01 -6.74
C GLU A 492 32.67 49.09 -6.58
N ALA A 493 33.14 49.66 -5.46
CA ALA A 493 34.57 49.72 -5.22
C ALA A 493 35.19 48.33 -5.14
N PHE A 494 34.53 47.41 -4.43
CA PHE A 494 35.02 46.03 -4.39
C PHE A 494 34.93 45.37 -5.76
N LYS A 495 33.83 45.63 -6.47
CA LYS A 495 33.55 44.93 -7.72
C LYS A 495 34.51 45.33 -8.82
N LYS A 496 34.98 46.58 -8.79
CA LYS A 496 35.98 47.01 -9.78
C LYS A 496 37.33 46.34 -9.54
N THR A 497 37.59 45.90 -8.31
CA THR A 497 38.84 45.21 -7.99
C THR A 497 38.74 43.69 -8.14
N PHE A 498 37.53 43.14 -8.04
CA PHE A 498 37.34 41.69 -8.19
C PHE A 498 37.62 41.30 -9.63
N VAL A 499 38.52 40.35 -9.84
CA VAL A 499 38.86 39.87 -11.17
C VAL A 499 38.04 38.61 -11.46
N VAL A 500 37.35 38.60 -12.59
CA VAL A 500 36.48 37.47 -12.95
C VAL A 500 37.26 36.44 -13.75
N SER A 501 37.18 35.18 -13.33
CA SER A 501 37.83 34.10 -14.05
C SER A 501 37.06 32.80 -13.87
N GLN B 24 -33.76 -17.39 43.61
CA GLN B 24 -34.54 -17.30 42.38
C GLN B 24 -33.97 -16.24 41.44
N VAL B 25 -33.25 -16.70 40.43
CA VAL B 25 -32.65 -15.81 39.44
C VAL B 25 -33.10 -16.25 38.04
N SER B 26 -34.27 -16.88 37.97
CA SER B 26 -34.78 -17.41 36.70
C SER B 26 -35.21 -16.31 35.74
N ASP B 27 -35.95 -15.32 36.24
CA ASP B 27 -36.45 -14.22 35.41
C ASP B 27 -35.89 -12.87 35.84
N VAL B 28 -34.86 -12.86 36.69
CA VAL B 28 -34.26 -11.62 37.18
C VAL B 28 -32.74 -11.78 37.14
N GLY B 29 -32.06 -10.74 36.67
CA GLY B 29 -30.62 -10.76 36.60
C GLY B 29 -30.02 -9.55 37.28
N THR B 30 -28.71 -9.56 37.42
CA THR B 30 -27.96 -8.47 38.03
C THR B 30 -26.75 -8.15 37.17
N VAL B 31 -26.53 -6.87 36.91
CA VAL B 31 -25.47 -6.45 36.00
C VAL B 31 -24.12 -6.58 36.70
N ILE B 32 -23.14 -7.09 35.98
CA ILE B 32 -21.77 -7.20 36.49
C ILE B 32 -20.87 -6.13 35.88
N GLN B 33 -20.91 -5.96 34.55
CA GLN B 33 -20.05 -5.01 33.86
C GLN B 33 -20.90 -4.12 32.97
N VAL B 34 -20.49 -2.85 32.90
CA VAL B 34 -21.10 -1.88 31.99
C VAL B 34 -19.98 -1.10 31.31
N GLY B 35 -20.09 -0.92 30.00
CA GLY B 35 -19.15 -0.07 29.31
C GLY B 35 -19.29 -0.10 27.80
N ASP B 36 -19.25 1.09 27.19
CA ASP B 36 -19.26 1.23 25.73
C ASP B 36 -20.47 0.58 25.09
N GLY B 37 -21.61 0.57 25.78
CA GLY B 37 -22.83 0.04 25.21
C GLY B 37 -22.99 -1.45 25.29
N ILE B 38 -22.11 -2.16 26.00
CA ILE B 38 -22.20 -3.61 26.17
C ILE B 38 -22.20 -3.91 27.65
N ALA B 39 -23.13 -4.74 28.09
CA ALA B 39 -23.27 -5.07 29.50
C ALA B 39 -23.18 -6.58 29.68
N ARG B 40 -22.96 -6.99 30.92
CA ARG B 40 -22.90 -8.40 31.30
C ARG B 40 -23.70 -8.60 32.58
N ALA B 41 -24.49 -9.67 32.62
CA ALA B 41 -25.44 -9.87 33.69
C ALA B 41 -25.25 -11.23 34.34
N HIS B 42 -25.58 -11.31 35.63
CA HIS B 42 -25.57 -12.57 36.36
C HIS B 42 -26.99 -13.05 36.61
N GLY B 43 -27.20 -14.34 36.36
CA GLY B 43 -28.53 -14.90 36.51
C GLY B 43 -29.25 -15.07 35.19
N LEU B 44 -30.55 -14.79 35.17
CA LEU B 44 -31.37 -14.94 33.97
C LEU B 44 -31.26 -16.36 33.41
N ASP B 45 -31.53 -17.34 34.26
CA ASP B 45 -31.33 -18.74 33.87
C ASP B 45 -32.30 -19.16 32.77
N ASN B 46 -33.50 -18.59 32.74
CA ASN B 46 -34.52 -19.00 31.78
C ASN B 46 -34.56 -18.15 30.53
N VAL B 47 -33.64 -17.18 30.38
CA VAL B 47 -33.65 -16.34 29.19
C VAL B 47 -33.22 -17.16 27.98
N MET B 48 -33.77 -16.82 26.82
CA MET B 48 -33.41 -17.49 25.58
C MET B 48 -32.57 -16.58 24.71
N SER B 49 -31.86 -17.19 23.76
CA SER B 49 -31.00 -16.44 22.87
C SER B 49 -31.82 -15.51 21.98
N GLY B 50 -31.39 -14.25 21.88
CA GLY B 50 -32.10 -13.27 21.08
C GLY B 50 -33.29 -12.64 21.75
N GLU B 51 -33.45 -12.82 23.06
CA GLU B 51 -34.61 -12.28 23.77
C GLU B 51 -34.41 -10.82 24.12
N LEU B 52 -35.53 -10.11 24.25
CA LEU B 52 -35.50 -8.76 24.79
C LEU B 52 -35.45 -8.77 26.30
N VAL B 53 -34.65 -7.85 26.87
CA VAL B 53 -34.57 -7.67 28.30
C VAL B 53 -34.80 -6.19 28.60
N GLU B 54 -35.21 -5.91 29.82
CA GLU B 54 -35.54 -4.55 30.25
C GLU B 54 -34.71 -4.20 31.48
N PHE B 55 -34.05 -3.04 31.43
CA PHE B 55 -33.23 -2.59 32.53
C PHE B 55 -34.08 -1.85 33.55
N ALA B 56 -33.45 -1.51 34.69
CA ALA B 56 -34.19 -0.88 35.78
C ALA B 56 -34.73 0.49 35.40
N ASN B 57 -34.10 1.18 34.46
CA ASN B 57 -34.53 2.51 34.05
C ASN B 57 -35.37 2.50 32.79
N GLY B 58 -35.80 1.33 32.32
CA GLY B 58 -36.67 1.24 31.16
C GLY B 58 -35.96 1.09 29.83
N VAL B 59 -34.63 1.02 29.81
CA VAL B 59 -33.90 0.86 28.56
C VAL B 59 -33.94 -0.60 28.14
N MET B 60 -34.14 -0.83 26.85
CA MET B 60 -34.24 -2.18 26.31
C MET B 60 -32.85 -2.76 26.04
N GLY B 61 -32.81 -4.09 25.93
CA GLY B 61 -31.57 -4.77 25.61
C GLY B 61 -31.87 -6.07 24.90
N MET B 62 -30.83 -6.62 24.28
CA MET B 62 -30.92 -7.88 23.55
C MET B 62 -29.93 -8.88 24.12
N ALA B 63 -30.41 -10.08 24.43
CA ALA B 63 -29.57 -11.15 24.94
C ALA B 63 -28.76 -11.72 23.78
N LEU B 64 -27.45 -11.49 23.79
CA LEU B 64 -26.59 -11.89 22.69
C LEU B 64 -25.89 -13.23 22.96
N ASN B 65 -25.15 -13.31 24.07
CA ASN B 65 -24.39 -14.50 24.40
C ASN B 65 -24.92 -15.10 25.69
N LEU B 66 -25.14 -16.41 25.69
CA LEU B 66 -25.55 -17.16 26.88
C LEU B 66 -24.35 -17.96 27.36
N GLU B 67 -23.52 -17.35 28.18
CA GLU B 67 -22.38 -18.04 28.75
C GLU B 67 -22.83 -18.95 29.88
N GLU B 68 -21.90 -19.77 30.38
CA GLU B 68 -22.23 -20.70 31.44
C GLU B 68 -22.64 -19.99 32.72
N ASN B 69 -21.98 -18.87 33.03
CA ASN B 69 -22.25 -18.14 34.26
C ASN B 69 -22.93 -16.80 34.05
N ASN B 70 -22.76 -16.17 32.88
CA ASN B 70 -23.24 -14.81 32.67
C ASN B 70 -23.96 -14.71 31.34
N VAL B 71 -24.64 -13.58 31.15
CA VAL B 71 -25.39 -13.29 29.93
C VAL B 71 -24.79 -12.03 29.31
N GLY B 72 -24.50 -12.10 28.01
CA GLY B 72 -24.04 -10.93 27.29
C GLY B 72 -25.22 -10.18 26.70
N ILE B 73 -25.31 -8.89 27.00
CA ILE B 73 -26.46 -8.07 26.63
C ILE B 73 -25.97 -6.87 25.84
N VAL B 74 -26.64 -6.60 24.72
CA VAL B 74 -26.38 -5.42 23.90
C VAL B 74 -27.44 -4.37 24.22
N ILE B 75 -27.00 -3.20 24.64
CA ILE B 75 -27.91 -2.15 25.12
C ILE B 75 -28.43 -1.36 23.93
N LEU B 76 -29.74 -1.34 23.77
CA LEU B 76 -30.41 -0.63 22.68
C LEU B 76 -30.86 0.76 23.11
N GLY B 77 -29.92 1.60 23.51
CA GLY B 77 -30.24 2.94 23.96
C GLY B 77 -29.11 3.57 24.74
N PRO B 78 -29.37 4.73 25.35
CA PRO B 78 -28.33 5.38 26.17
C PRO B 78 -27.99 4.53 27.39
N TYR B 79 -26.73 4.14 27.47
CA TYR B 79 -26.26 3.26 28.53
C TYR B 79 -25.66 4.00 29.72
N THR B 80 -25.72 5.33 29.73
CA THR B 80 -25.14 6.09 30.84
C THR B 80 -25.86 5.80 32.15
N GLY B 81 -27.19 5.68 32.12
CA GLY B 81 -27.97 5.43 33.31
C GLY B 81 -27.92 4.02 33.85
N ILE B 82 -27.18 3.13 33.21
CA ILE B 82 -27.06 1.74 33.64
C ILE B 82 -25.76 1.59 34.42
N LYS B 83 -25.88 1.08 35.65
CA LYS B 83 -24.74 0.88 36.53
C LYS B 83 -24.72 -0.57 36.99
N GLU B 84 -23.52 -1.07 37.26
CA GLU B 84 -23.40 -2.48 37.65
C GLU B 84 -24.06 -2.68 39.01
N GLY B 85 -24.74 -3.82 39.16
CA GLY B 85 -25.56 -4.07 40.32
C GLY B 85 -27.03 -3.75 40.14
N ASP B 86 -27.41 -3.25 38.97
CA ASP B 86 -28.82 -2.95 38.68
C ASP B 86 -29.55 -4.24 38.30
N GLU B 87 -30.88 -4.13 38.26
CA GLU B 87 -31.72 -5.30 38.00
C GLU B 87 -32.09 -5.39 36.53
N VAL B 88 -32.03 -6.60 35.99
CA VAL B 88 -32.44 -6.90 34.63
C VAL B 88 -33.49 -8.00 34.67
N ARG B 89 -34.60 -7.79 33.95
CA ARG B 89 -35.70 -8.72 33.97
C ARG B 89 -36.06 -9.15 32.55
N ARG B 90 -36.64 -10.34 32.44
CA ARG B 90 -37.01 -10.88 31.14
C ARG B 90 -38.29 -10.22 30.62
N THR B 91 -38.42 -10.19 29.29
CA THR B 91 -39.66 -9.80 28.66
C THR B 91 -40.41 -11.00 28.08
N GLY B 92 -39.73 -12.11 27.85
CA GLY B 92 -40.36 -13.30 27.33
C GLY B 92 -40.62 -13.30 25.84
N ARG B 93 -40.14 -12.29 25.12
CA ARG B 93 -40.40 -12.14 23.70
C ARG B 93 -39.09 -12.09 22.92
N ILE B 94 -39.04 -12.81 21.81
CA ILE B 94 -37.94 -12.65 20.86
C ILE B 94 -37.94 -11.20 20.37
N MET B 95 -36.74 -10.71 20.02
CA MET B 95 -36.57 -9.36 19.50
C MET B 95 -37.60 -9.08 18.40
N GLU B 96 -38.49 -8.13 18.68
CA GLU B 96 -39.64 -7.87 17.83
C GLU B 96 -39.83 -6.38 17.65
N VAL B 97 -40.62 -6.02 16.63
CA VAL B 97 -41.01 -4.64 16.38
C VAL B 97 -42.50 -4.58 16.12
N PRO B 98 -43.19 -3.49 16.49
CA PRO B 98 -44.62 -3.39 16.19
C PRO B 98 -44.86 -3.06 14.73
N VAL B 99 -45.91 -3.64 14.17
CA VAL B 99 -46.29 -3.44 12.77
C VAL B 99 -47.78 -3.19 12.69
N GLY B 100 -48.20 -2.59 11.59
CA GLY B 100 -49.60 -2.33 11.35
C GLY B 100 -49.79 -1.16 10.42
N GLU B 101 -51.06 -0.89 10.10
CA GLU B 101 -51.38 0.24 9.23
C GLU B 101 -51.33 1.56 10.00
N ALA B 102 -51.39 1.51 11.33
CA ALA B 102 -51.31 2.72 12.13
C ALA B 102 -49.92 3.33 12.10
N LEU B 103 -48.93 2.61 11.57
CA LEU B 103 -47.57 3.12 11.49
C LEU B 103 -47.33 3.98 10.25
N ILE B 104 -48.31 4.06 9.35
CA ILE B 104 -48.16 4.84 8.14
C ILE B 104 -48.28 6.32 8.45
N GLY B 105 -47.37 7.12 7.89
CA GLY B 105 -47.36 8.54 8.12
C GLY B 105 -46.67 8.99 9.39
N ARG B 106 -45.91 8.11 10.02
CA ARG B 106 -45.25 8.41 11.28
C ARG B 106 -43.74 8.23 11.14
N VAL B 107 -43.00 8.93 12.00
CA VAL B 107 -41.55 8.80 12.09
C VAL B 107 -41.22 8.10 13.40
N VAL B 108 -40.54 6.97 13.32
CA VAL B 108 -40.27 6.13 14.48
C VAL B 108 -38.81 5.72 14.49
N ASN B 109 -38.35 5.27 15.66
CA ASN B 109 -37.01 4.74 15.82
C ASN B 109 -37.01 3.26 15.46
N PRO B 110 -35.85 2.60 15.45
CA PRO B 110 -35.83 1.16 15.12
C PRO B 110 -36.63 0.30 16.09
N LEU B 111 -36.93 0.79 17.30
CA LEU B 111 -37.75 0.05 18.24
C LEU B 111 -39.23 0.34 18.10
N GLY B 112 -39.62 1.18 17.14
CA GLY B 112 -41.01 1.52 16.94
C GLY B 112 -41.54 2.65 17.81
N GLN B 113 -40.68 3.30 18.58
CA GLN B 113 -41.13 4.41 19.41
C GLN B 113 -41.23 5.68 18.57
N PRO B 114 -42.37 6.37 18.59
CA PRO B 114 -42.52 7.57 17.76
C PRO B 114 -41.56 8.67 18.20
N VAL B 115 -41.06 9.41 17.22
CA VAL B 115 -40.19 10.55 17.47
C VAL B 115 -40.72 11.84 16.88
N ASP B 116 -41.81 11.80 16.10
CA ASP B 116 -42.35 13.01 15.51
C ASP B 116 -43.12 13.87 16.51
N GLY B 117 -43.54 13.30 17.64
CA GLY B 117 -44.27 14.05 18.63
C GLY B 117 -45.77 14.12 18.44
N LEU B 118 -46.35 13.20 17.69
CA LEU B 118 -47.79 13.20 17.43
C LEU B 118 -48.54 12.21 18.30
N GLY B 119 -47.89 11.64 19.31
CA GLY B 119 -48.54 10.73 20.22
C GLY B 119 -48.18 9.27 19.97
N PRO B 120 -48.78 8.37 20.74
CA PRO B 120 -48.46 6.95 20.59
C PRO B 120 -49.02 6.37 19.30
N VAL B 121 -48.45 5.24 18.89
CA VAL B 121 -48.87 4.51 17.71
C VAL B 121 -49.67 3.30 18.17
N GLU B 122 -50.90 3.18 17.67
CA GLU B 122 -51.82 2.14 18.13
C GLU B 122 -51.72 0.85 17.32
N THR B 123 -50.53 0.26 17.22
CA THR B 123 -50.40 -1.03 16.56
C THR B 123 -50.93 -2.14 17.45
N THR B 124 -51.37 -3.23 16.85
CA THR B 124 -51.99 -4.33 17.58
C THR B 124 -51.26 -5.66 17.43
N GLU B 125 -50.15 -5.70 16.69
CA GLU B 125 -49.39 -6.93 16.54
C GLU B 125 -47.94 -6.60 16.22
N THR B 126 -47.08 -7.61 16.34
CA THR B 126 -45.65 -7.46 16.17
C THR B 126 -45.12 -8.55 15.25
N ARG B 127 -43.90 -8.32 14.76
CA ARG B 127 -43.18 -9.30 13.96
C ARG B 127 -41.74 -9.40 14.45
N PRO B 128 -41.14 -10.58 14.36
CA PRO B 128 -39.73 -10.71 14.76
C PRO B 128 -38.81 -9.99 13.81
N ILE B 129 -37.71 -9.46 14.36
CA ILE B 129 -36.71 -8.81 13.54
C ILE B 129 -35.94 -9.84 12.70
N GLU B 130 -35.61 -10.98 13.30
CA GLU B 130 -34.96 -12.06 12.57
C GLU B 130 -36.01 -13.07 12.12
N SER B 131 -36.10 -13.29 10.81
CA SER B 131 -37.09 -14.17 10.24
C SER B 131 -36.52 -14.79 8.96
N PRO B 132 -36.87 -16.03 8.66
CA PRO B 132 -36.33 -16.67 7.45
C PRO B 132 -36.88 -16.02 6.18
N ALA B 133 -36.06 -16.06 5.13
CA ALA B 133 -36.46 -15.53 3.84
C ALA B 133 -37.38 -16.51 3.11
N PRO B 134 -38.14 -16.03 2.13
CA PRO B 134 -38.96 -16.96 1.33
C PRO B 134 -38.09 -17.99 0.61
N GLY B 135 -38.62 -19.20 0.48
CA GLY B 135 -37.87 -20.29 -0.08
C GLY B 135 -37.77 -20.23 -1.59
N VAL B 136 -37.13 -21.26 -2.15
CA VAL B 136 -36.93 -21.33 -3.60
C VAL B 136 -38.26 -21.44 -4.32
N MET B 137 -39.16 -22.28 -3.81
CA MET B 137 -40.45 -22.51 -4.44
C MET B 137 -41.48 -21.45 -4.07
N ASP B 138 -41.16 -20.52 -3.18
CA ASP B 138 -42.12 -19.51 -2.77
C ASP B 138 -42.07 -18.25 -3.64
N ARG B 139 -41.18 -18.21 -4.62
CA ARG B 139 -40.93 -16.99 -5.37
C ARG B 139 -41.46 -17.11 -6.80
N ARG B 140 -41.44 -15.96 -7.49
CA ARG B 140 -41.86 -15.85 -8.87
C ARG B 140 -40.91 -14.89 -9.60
N SER B 141 -40.84 -15.03 -10.92
CA SER B 141 -40.01 -14.13 -11.71
C SER B 141 -40.58 -12.71 -11.68
N VAL B 142 -39.68 -11.73 -11.66
CA VAL B 142 -40.10 -10.33 -11.62
C VAL B 142 -40.63 -9.92 -12.99
N HIS B 143 -41.87 -9.43 -13.02
CA HIS B 143 -42.49 -9.06 -14.29
C HIS B 143 -43.31 -7.78 -14.23
N GLU B 144 -43.30 -7.03 -13.14
CA GLU B 144 -44.10 -5.82 -13.03
C GLU B 144 -43.20 -4.60 -12.88
N PRO B 145 -43.40 -3.56 -13.67
CA PRO B 145 -42.48 -2.41 -13.63
C PRO B 145 -42.73 -1.53 -12.41
N LEU B 146 -41.64 -1.06 -11.82
CA LEU B 146 -41.69 -0.05 -10.76
C LEU B 146 -41.29 1.28 -11.38
N GLN B 147 -42.28 2.12 -11.66
CA GLN B 147 -42.01 3.38 -12.36
C GLN B 147 -41.44 4.40 -11.38
N THR B 148 -40.15 4.72 -11.55
CA THR B 148 -39.49 5.67 -10.67
C THR B 148 -39.74 7.11 -11.07
N GLY B 149 -40.25 7.35 -12.28
CA GLY B 149 -40.48 8.71 -12.74
C GLY B 149 -39.26 9.44 -13.24
N ILE B 150 -38.11 8.77 -13.31
CA ILE B 150 -36.87 9.37 -13.80
C ILE B 150 -36.56 8.74 -15.16
N LYS B 151 -36.36 9.59 -16.16
CA LYS B 151 -36.20 9.10 -17.53
C LYS B 151 -34.98 8.19 -17.64
N ALA B 152 -33.85 8.60 -17.06
CA ALA B 152 -32.63 7.82 -17.20
C ALA B 152 -32.78 6.43 -16.63
N ILE B 153 -33.32 6.31 -15.41
CA ILE B 153 -33.50 5.00 -14.80
C ILE B 153 -34.52 4.19 -15.56
N ASP B 154 -35.68 4.77 -15.84
CA ASP B 154 -36.76 4.02 -16.49
C ASP B 154 -36.39 3.60 -17.90
N ALA B 155 -35.41 4.25 -18.52
CA ALA B 155 -34.99 3.86 -19.86
C ALA B 155 -33.84 2.87 -19.82
N LEU B 156 -32.73 3.24 -19.18
CA LEU B 156 -31.52 2.44 -19.23
C LEU B 156 -31.49 1.33 -18.19
N VAL B 157 -31.97 1.59 -16.98
CA VAL B 157 -31.87 0.63 -15.89
C VAL B 157 -33.26 0.40 -15.31
N PRO B 158 -34.14 -0.33 -16.02
CA PRO B 158 -35.49 -0.55 -15.50
C PRO B 158 -35.48 -1.33 -14.21
N ILE B 159 -36.42 -1.00 -13.32
CA ILE B 159 -36.55 -1.64 -12.01
C ILE B 159 -37.91 -2.32 -11.96
N GLY B 160 -37.92 -3.57 -11.50
CA GLY B 160 -39.15 -4.33 -11.38
C GLY B 160 -39.56 -4.50 -9.92
N ARG B 161 -40.83 -4.84 -9.72
CA ARG B 161 -41.35 -5.03 -8.37
C ARG B 161 -40.87 -6.36 -7.83
N GLY B 162 -40.13 -6.32 -6.72
CA GLY B 162 -39.45 -7.47 -6.17
C GLY B 162 -37.97 -7.49 -6.44
N GLN B 163 -37.47 -6.60 -7.29
CA GLN B 163 -36.05 -6.50 -7.57
C GLN B 163 -35.33 -5.81 -6.41
N ARG B 164 -34.04 -6.10 -6.29
CA ARG B 164 -33.15 -5.43 -5.34
C ARG B 164 -32.06 -4.74 -6.14
N GLU B 165 -32.12 -3.41 -6.21
CA GLU B 165 -31.21 -2.62 -7.01
C GLU B 165 -30.36 -1.74 -6.10
N LEU B 166 -29.05 -1.82 -6.27
CA LEU B 166 -28.14 -1.02 -5.47
C LEU B 166 -27.96 0.35 -6.10
N ILE B 167 -27.94 1.39 -5.27
CA ILE B 167 -27.58 2.74 -5.68
C ILE B 167 -26.26 3.09 -5.02
N ILE B 168 -25.23 3.32 -5.84
CA ILE B 168 -23.87 3.44 -5.37
C ILE B 168 -23.24 4.69 -5.96
N GLY B 169 -22.51 5.43 -5.13
CA GLY B 169 -21.85 6.64 -5.59
C GLY B 169 -21.15 7.33 -4.45
N ASP B 170 -20.51 8.44 -4.78
CA ASP B 170 -19.81 9.22 -3.77
C ASP B 170 -20.78 10.11 -3.01
N ARG B 171 -20.23 10.91 -2.09
CA ARG B 171 -21.04 11.82 -1.31
C ARG B 171 -21.46 13.03 -2.15
N GLN B 172 -22.70 13.50 -1.90
CA GLN B 172 -23.27 14.63 -2.62
C GLN B 172 -23.30 14.37 -4.13
N THR B 173 -24.06 13.35 -4.52
CA THR B 173 -24.16 12.97 -5.92
C THR B 173 -25.62 12.78 -6.36
N GLY B 174 -26.56 12.74 -5.41
CA GLY B 174 -27.97 12.69 -5.74
C GLY B 174 -28.68 11.40 -5.40
N LYS B 175 -28.08 10.53 -4.60
CA LYS B 175 -28.74 9.28 -4.23
C LYS B 175 -30.03 9.53 -3.46
N THR B 176 -29.97 10.44 -2.49
CA THR B 176 -31.17 10.76 -1.70
C THR B 176 -32.23 11.40 -2.57
N SER B 177 -31.83 12.26 -3.50
CA SER B 177 -32.80 12.87 -4.41
C SER B 177 -33.47 11.83 -5.28
N VAL B 178 -32.70 10.86 -5.80
CA VAL B 178 -33.28 9.79 -6.60
C VAL B 178 -34.28 8.99 -5.78
N ALA B 179 -33.91 8.64 -4.54
CA ALA B 179 -34.82 7.88 -3.69
C ALA B 179 -36.09 8.66 -3.39
N ILE B 180 -35.97 9.96 -3.10
CA ILE B 180 -37.14 10.76 -2.77
C ILE B 180 -38.05 10.90 -3.99
N ASP B 181 -37.47 11.09 -5.17
CA ASP B 181 -38.29 11.19 -6.37
C ASP B 181 -39.01 9.87 -6.65
N THR B 182 -38.31 8.74 -6.46
CA THR B 182 -38.95 7.45 -6.64
C THR B 182 -40.12 7.27 -5.68
N ILE B 183 -39.92 7.66 -4.42
CA ILE B 183 -41.00 7.54 -3.43
C ILE B 183 -42.17 8.44 -3.80
N ILE B 184 -41.89 9.65 -4.26
CA ILE B 184 -42.95 10.60 -4.61
C ILE B 184 -43.75 10.10 -5.81
N ASN B 185 -43.07 9.45 -6.76
CA ASN B 185 -43.76 9.01 -7.98
C ASN B 185 -44.81 7.95 -7.70
N GLN B 186 -44.79 7.30 -6.55
CA GLN B 186 -45.74 6.25 -6.22
C GLN B 186 -47.07 6.76 -5.68
N LYS B 187 -47.40 8.03 -5.92
CA LYS B 187 -48.58 8.63 -5.32
C LYS B 187 -49.86 7.95 -5.81
N ASP B 188 -49.96 7.70 -7.11
CA ASP B 188 -51.17 7.13 -7.70
C ASP B 188 -51.05 5.65 -7.99
N GLN B 189 -50.03 4.99 -7.42
CA GLN B 189 -49.82 3.56 -7.60
C GLN B 189 -49.91 2.87 -6.26
N ASN B 190 -50.45 1.65 -6.27
CA ASN B 190 -50.68 0.91 -5.03
C ASN B 190 -49.35 0.39 -4.50
N MET B 191 -48.66 1.27 -3.77
CA MET B 191 -47.35 0.98 -3.22
C MET B 191 -47.25 1.53 -1.81
N ILE B 192 -46.58 0.79 -0.94
CA ILE B 192 -46.23 1.27 0.41
C ILE B 192 -44.74 1.54 0.43
N SER B 193 -44.36 2.72 0.91
CA SER B 193 -42.97 3.15 0.91
C SER B 193 -42.44 3.23 2.33
N ILE B 194 -41.24 2.73 2.54
CA ILE B 194 -40.56 2.80 3.82
C ILE B 194 -39.18 3.40 3.59
N TYR B 195 -38.88 4.49 4.31
CA TYR B 195 -37.61 5.17 4.20
C TYR B 195 -36.82 4.98 5.48
N VAL B 196 -35.69 4.29 5.39
CA VAL B 196 -34.84 3.99 6.54
C VAL B 196 -33.56 4.81 6.39
N ALA B 197 -33.30 5.68 7.35
CA ALA B 197 -32.14 6.57 7.32
C ALA B 197 -31.18 6.13 8.43
N ILE B 198 -30.04 5.56 8.03
CA ILE B 198 -29.05 5.07 8.97
C ILE B 198 -27.87 6.04 9.00
N GLY B 199 -27.61 6.62 10.16
CA GLY B 199 -26.45 7.46 10.34
C GLY B 199 -26.53 8.83 9.68
N GLN B 200 -27.70 9.23 9.20
CA GLN B 200 -27.84 10.53 8.56
C GLN B 200 -27.99 11.63 9.63
N LYS B 201 -28.00 12.87 9.15
CA LYS B 201 -28.18 14.00 10.05
C LYS B 201 -29.66 14.25 10.30
N GLU B 202 -29.99 14.60 11.55
CA GLU B 202 -31.39 14.79 11.92
C GLU B 202 -32.01 15.94 11.15
N SER B 203 -31.24 17.01 10.89
CA SER B 203 -31.76 18.11 10.10
C SER B 203 -32.09 17.67 8.68
N THR B 204 -31.23 16.86 8.07
CA THR B 204 -31.52 16.35 6.74
C THR B 204 -32.75 15.44 6.73
N VAL B 205 -32.90 14.60 7.75
CA VAL B 205 -34.10 13.76 7.83
C VAL B 205 -35.35 14.62 8.00
N ARG B 206 -35.23 15.70 8.78
CA ARG B 206 -36.36 16.62 8.96
C ARG B 206 -36.75 17.28 7.65
N THR B 207 -35.76 17.73 6.87
CA THR B 207 -36.05 18.31 5.57
C THR B 207 -36.65 17.29 4.61
N VAL B 208 -36.17 16.04 4.64
CA VAL B 208 -36.75 14.99 3.81
C VAL B 208 -38.22 14.77 4.17
N VAL B 209 -38.51 14.70 5.47
CA VAL B 209 -39.89 14.51 5.93
C VAL B 209 -40.75 15.68 5.49
N GLU B 210 -40.22 16.91 5.59
CA GLU B 210 -41.00 18.08 5.18
C GLU B 210 -41.28 18.07 3.68
N THR B 211 -40.29 17.68 2.87
CA THR B 211 -40.53 17.59 1.43
C THR B 211 -41.57 16.52 1.09
N LEU B 212 -41.50 15.36 1.75
CA LEU B 212 -42.49 14.32 1.54
C LEU B 212 -43.88 14.80 1.94
N ARG B 213 -43.98 15.51 3.06
CA ARG B 213 -45.27 16.04 3.49
C ARG B 213 -45.80 17.06 2.48
N LYS B 214 -44.94 17.92 1.97
CA LYS B 214 -45.36 18.92 0.99
C LYS B 214 -45.86 18.28 -0.30
N HIS B 215 -45.19 17.22 -0.75
CA HIS B 215 -45.60 16.53 -1.97
C HIS B 215 -46.68 15.48 -1.71
N GLY B 216 -47.08 15.27 -0.46
CA GLY B 216 -48.21 14.41 -0.18
C GLY B 216 -47.89 12.94 -0.11
N ALA B 217 -46.64 12.58 0.22
CA ALA B 217 -46.25 11.18 0.27
C ALA B 217 -46.45 10.55 1.65
N LEU B 218 -46.82 11.35 2.66
CA LEU B 218 -47.01 10.80 3.99
C LEU B 218 -48.25 9.94 4.11
N ASP B 219 -49.14 9.96 3.12
CA ASP B 219 -50.31 9.11 3.15
C ASP B 219 -49.97 7.64 3.00
N TYR B 220 -48.78 7.31 2.49
CA TYR B 220 -48.40 5.92 2.31
C TYR B 220 -46.95 5.64 2.68
N THR B 221 -46.30 6.45 3.52
CA THR B 221 -44.89 6.32 3.81
C THR B 221 -44.66 6.17 5.30
N ILE B 222 -43.77 5.24 5.67
CA ILE B 222 -43.30 5.07 7.03
C ILE B 222 -41.83 5.44 7.05
N VAL B 223 -41.43 6.27 8.02
CA VAL B 223 -40.05 6.74 8.13
C VAL B 223 -39.44 6.16 9.39
N VAL B 224 -38.33 5.45 9.23
CA VAL B 224 -37.56 4.89 10.34
C VAL B 224 -36.21 5.58 10.35
N THR B 225 -35.83 6.14 11.49
CA THR B 225 -34.63 6.96 11.58
C THR B 225 -33.73 6.50 12.72
N ALA B 226 -32.43 6.62 12.51
CA ALA B 226 -31.41 6.36 13.53
C ALA B 226 -30.23 7.27 13.20
N SER B 227 -30.15 8.40 13.89
CA SER B 227 -29.19 9.44 13.55
C SER B 227 -27.77 9.03 13.95
N ALA B 228 -26.83 9.92 13.63
CA ALA B 228 -25.42 9.64 13.90
C ALA B 228 -25.11 9.68 15.39
N SER B 229 -25.89 10.42 16.17
CA SER B 229 -25.66 10.53 17.60
C SER B 229 -26.25 9.36 18.39
N GLN B 230 -27.01 8.49 17.74
CA GLN B 230 -27.57 7.33 18.41
C GLN B 230 -26.50 6.26 18.59
N PRO B 231 -26.67 5.37 19.57
CA PRO B 231 -25.70 4.28 19.75
C PRO B 231 -25.68 3.33 18.57
N ALA B 232 -24.52 2.69 18.39
CA ALA B 232 -24.31 1.78 17.27
C ALA B 232 -25.34 0.65 17.14
N PRO B 233 -25.81 0.02 18.23
CA PRO B 233 -26.82 -1.05 18.05
C PRO B 233 -28.09 -0.60 17.36
N LEU B 234 -28.55 0.64 17.60
CA LEU B 234 -29.74 1.11 16.92
C LEU B 234 -29.52 1.24 15.42
N LEU B 235 -28.36 1.77 15.02
CA LEU B 235 -28.01 1.83 13.60
C LEU B 235 -27.90 0.44 13.01
N PHE B 236 -27.42 -0.53 13.80
CA PHE B 236 -27.31 -1.90 13.33
C PHE B 236 -28.69 -2.53 13.16
N LEU B 237 -29.64 -2.15 14.01
CA LEU B 237 -30.95 -2.80 13.98
C LEU B 237 -31.93 -2.14 13.01
N ALA B 238 -31.72 -0.87 12.67
CA ALA B 238 -32.72 -0.14 11.89
C ALA B 238 -33.14 -0.81 10.58
N PRO B 239 -32.23 -1.27 9.71
CA PRO B 239 -32.69 -1.88 8.45
C PRO B 239 -33.56 -3.10 8.66
N TYR B 240 -33.27 -3.91 9.69
CA TYR B 240 -34.10 -5.08 9.95
C TYR B 240 -35.49 -4.70 10.43
N ALA B 241 -35.61 -3.65 11.24
CA ALA B 241 -36.92 -3.16 11.63
C ALA B 241 -37.70 -2.69 10.40
N GLY B 242 -37.01 -1.97 9.50
CA GLY B 242 -37.67 -1.53 8.27
C GLY B 242 -38.15 -2.69 7.42
N VAL B 243 -37.30 -3.71 7.27
CA VAL B 243 -37.67 -4.83 6.40
C VAL B 243 -38.79 -5.66 7.04
N ALA B 244 -38.83 -5.73 8.38
CA ALA B 244 -39.94 -6.40 9.04
C ALA B 244 -41.25 -5.65 8.85
N MET B 245 -41.20 -4.32 8.98
CA MET B 245 -42.39 -3.52 8.73
C MET B 245 -42.87 -3.69 7.29
N GLY B 246 -41.93 -3.78 6.34
CA GLY B 246 -42.31 -4.05 4.96
C GLY B 246 -42.89 -5.43 4.77
N GLU B 247 -42.30 -6.44 5.42
CA GLU B 247 -42.77 -7.81 5.28
C GLU B 247 -44.18 -7.98 5.79
N TYR B 248 -44.57 -7.20 6.81
CA TYR B 248 -45.94 -7.27 7.31
C TYR B 248 -46.94 -7.05 6.19
N PHE B 249 -46.73 -6.01 5.38
CA PHE B 249 -47.62 -5.75 4.25
C PHE B 249 -47.34 -6.71 3.10
N MET B 250 -46.08 -7.11 2.91
CA MET B 250 -45.71 -7.96 1.78
C MET B 250 -46.42 -9.31 1.86
N TYR B 251 -46.51 -9.89 3.06
CA TYR B 251 -47.14 -11.19 3.22
C TYR B 251 -48.67 -11.10 3.31
N LYS B 252 -49.23 -9.90 3.22
CA LYS B 252 -50.67 -9.72 3.19
C LYS B 252 -51.21 -9.47 1.79
N GLY B 253 -50.36 -9.60 0.76
CA GLY B 253 -50.77 -9.43 -0.60
C GLY B 253 -50.46 -8.08 -1.22
N LYS B 254 -49.84 -7.17 -0.48
CA LYS B 254 -49.58 -5.84 -0.98
C LYS B 254 -48.14 -5.72 -1.48
N HIS B 255 -47.83 -4.57 -2.07
CA HIS B 255 -46.51 -4.28 -2.63
C HIS B 255 -45.85 -3.20 -1.81
N VAL B 256 -44.57 -3.40 -1.47
CA VAL B 256 -43.85 -2.51 -0.58
C VAL B 256 -42.53 -2.11 -1.24
N LEU B 257 -42.12 -0.86 -1.02
CA LEU B 257 -40.82 -0.37 -1.43
C LEU B 257 -40.05 0.10 -0.20
N VAL B 258 -38.83 -0.41 -0.03
CA VAL B 258 -38.00 -0.11 1.12
C VAL B 258 -36.69 0.48 0.63
N VAL B 259 -36.29 1.60 1.23
CA VAL B 259 -35.06 2.30 0.87
C VAL B 259 -34.17 2.35 2.11
N TYR B 260 -32.96 1.80 1.98
CA TYR B 260 -31.94 1.87 3.03
C TYR B 260 -30.98 2.98 2.63
N ASP B 261 -31.08 4.11 3.34
CA ASP B 261 -30.35 5.31 2.93
C ASP B 261 -28.84 5.16 2.98
N ASP B 262 -28.33 4.23 3.79
CA ASP B 262 -26.89 3.94 3.80
C ASP B 262 -26.66 2.61 4.48
N LEU B 263 -26.13 1.63 3.74
CA LEU B 263 -25.70 0.38 4.35
C LEU B 263 -24.26 0.46 4.86
N SER B 264 -23.48 1.41 4.34
CA SER B 264 -22.12 1.60 4.83
C SER B 264 -22.10 2.05 6.28
N LYS B 265 -23.06 2.90 6.69
CA LYS B 265 -23.16 3.29 8.09
C LYS B 265 -23.47 2.10 8.98
N GLN B 266 -24.39 1.22 8.54
CA GLN B 266 -24.70 0.03 9.30
C GLN B 266 -23.48 -0.89 9.40
N ALA B 267 -22.74 -1.02 8.30
CA ALA B 267 -21.53 -1.85 8.32
C ALA B 267 -20.50 -1.29 9.29
N ALA B 268 -20.32 0.03 9.31
CA ALA B 268 -19.39 0.64 10.26
C ALA B 268 -19.83 0.42 11.69
N ALA B 269 -21.14 0.58 11.97
CA ALA B 269 -21.65 0.35 13.32
C ALA B 269 -21.44 -1.10 13.75
N TYR B 270 -21.69 -2.04 12.84
CA TYR B 270 -21.50 -3.46 13.17
C TYR B 270 -20.03 -3.79 13.38
N ARG B 271 -19.13 -3.19 12.58
CA ARG B 271 -17.70 -3.36 12.83
C ARG B 271 -17.31 -2.83 14.19
N GLU B 272 -17.85 -1.67 14.57
CA GLU B 272 -17.61 -1.13 15.90
C GLU B 272 -18.06 -2.11 16.97
N LEU B 273 -19.28 -2.63 16.85
CA LEU B 273 -19.81 -3.54 17.86
C LEU B 273 -18.97 -4.82 17.95
N SER B 274 -18.56 -5.35 16.79
CA SER B 274 -17.71 -6.54 16.79
C SER B 274 -16.37 -6.29 17.44
N LEU B 275 -15.74 -5.13 17.16
CA LEU B 275 -14.46 -4.82 17.78
C LEU B 275 -14.59 -4.63 19.29
N LEU B 276 -15.69 -4.02 19.74
CA LEU B 276 -15.93 -3.93 21.18
C LEU B 276 -16.22 -5.30 21.80
N LEU B 277 -16.70 -6.26 21.02
CA LEU B 277 -16.81 -7.62 21.51
C LEU B 277 -15.50 -8.40 21.40
N ARG B 278 -14.45 -7.77 20.88
CA ARG B 278 -13.13 -8.39 20.74
C ARG B 278 -13.15 -9.59 19.81
N ARG B 279 -13.91 -9.50 18.73
CA ARG B 279 -13.84 -10.52 17.69
C ARG B 279 -12.74 -10.17 16.69
N PRO B 280 -11.98 -11.15 16.22
CA PRO B 280 -10.82 -10.85 15.37
C PRO B 280 -11.25 -10.24 14.05
N PRO B 281 -10.72 -9.07 13.70
CA PRO B 281 -11.11 -8.42 12.45
C PRO B 281 -10.44 -9.07 11.25
N GLY B 282 -10.93 -8.70 10.07
CA GLY B 282 -10.39 -9.21 8.82
C GLY B 282 -9.97 -8.12 7.86
N ARG B 283 -10.47 -8.18 6.63
CA ARG B 283 -10.13 -7.17 5.63
C ARG B 283 -10.75 -5.83 6.01
N GLU B 284 -9.91 -4.79 6.02
CA GLU B 284 -10.33 -3.44 6.41
C GLU B 284 -10.96 -3.42 7.80
N ALA B 285 -10.48 -4.30 8.67
CA ALA B 285 -10.92 -4.44 10.06
C ALA B 285 -12.38 -4.85 10.19
N TYR B 286 -13.02 -5.25 9.10
CA TYR B 286 -14.39 -5.72 9.17
C TYR B 286 -14.42 -7.16 9.68
N PRO B 287 -15.50 -7.55 10.36
CA PRO B 287 -15.62 -8.93 10.82
C PRO B 287 -15.90 -9.89 9.67
N GLY B 288 -15.82 -11.19 9.98
CA GLY B 288 -16.01 -12.20 8.97
C GLY B 288 -17.43 -12.34 8.49
N ASP B 289 -18.41 -11.93 9.29
CA ASP B 289 -19.82 -12.08 8.94
C ASP B 289 -20.42 -10.80 8.37
N ILE B 290 -19.59 -9.88 7.87
CA ILE B 290 -20.12 -8.64 7.30
C ILE B 290 -20.90 -8.93 6.03
N PHE B 291 -20.53 -9.99 5.30
CA PHE B 291 -21.31 -10.39 4.13
C PHE B 291 -22.67 -10.95 4.53
N TYR B 292 -22.68 -11.83 5.54
CA TYR B 292 -23.92 -12.42 6.02
C TYR B 292 -24.85 -11.35 6.57
N LEU B 293 -24.29 -10.31 7.19
CA LEU B 293 -25.09 -9.22 7.72
C LEU B 293 -26.01 -8.63 6.66
N HIS B 294 -25.46 -8.34 5.48
CA HIS B 294 -26.27 -7.76 4.40
C HIS B 294 -27.04 -8.81 3.63
N SER B 295 -26.52 -10.04 3.54
CA SER B 295 -27.25 -11.08 2.83
C SER B 295 -28.56 -11.42 3.54
N ARG B 296 -28.55 -11.50 4.87
CA ARG B 296 -29.78 -11.70 5.62
C ARG B 296 -30.81 -10.63 5.28
N LEU B 297 -30.39 -9.37 5.32
CA LEU B 297 -31.32 -8.27 5.11
C LEU B 297 -31.88 -8.27 3.69
N LEU B 298 -31.01 -8.41 2.70
CA LEU B 298 -31.45 -8.26 1.32
C LEU B 298 -32.10 -9.51 0.75
N GLU B 299 -31.94 -10.67 1.39
CA GLU B 299 -32.58 -11.86 0.86
C GLU B 299 -34.06 -11.94 1.19
N ARG B 300 -34.58 -11.04 2.04
CA ARG B 300 -36.00 -11.05 2.35
C ARG B 300 -36.86 -10.38 1.28
N ALA B 301 -36.28 -9.47 0.50
CA ALA B 301 -37.03 -8.86 -0.59
C ALA B 301 -37.20 -9.88 -1.72
N ALA B 302 -38.45 -10.09 -2.14
CA ALA B 302 -38.74 -11.10 -3.14
C ALA B 302 -40.10 -10.82 -3.75
N LYS B 303 -40.38 -11.52 -4.85
CA LYS B 303 -41.69 -11.51 -5.48
C LYS B 303 -42.37 -12.84 -5.18
N LEU B 304 -43.41 -12.80 -4.35
CA LEU B 304 -44.08 -14.02 -3.93
C LEU B 304 -44.92 -14.61 -5.06
N SER B 305 -45.14 -15.91 -5.00
CA SER B 305 -45.93 -16.59 -6.01
C SER B 305 -47.42 -16.43 -5.72
N ASP B 306 -48.23 -16.92 -6.67
CA ASP B 306 -49.67 -16.86 -6.51
C ASP B 306 -50.14 -17.67 -5.31
N ALA B 307 -49.50 -18.82 -5.08
CA ALA B 307 -49.86 -19.63 -3.92
C ALA B 307 -49.53 -18.93 -2.61
N LYS B 308 -48.52 -18.07 -2.61
CA LYS B 308 -48.13 -17.34 -1.41
C LYS B 308 -48.80 -15.98 -1.31
N GLY B 309 -49.54 -15.57 -2.34
CA GLY B 309 -50.31 -14.34 -2.30
C GLY B 309 -50.01 -13.34 -3.39
N GLY B 310 -48.85 -13.44 -4.03
CA GLY B 310 -48.50 -12.50 -5.09
C GLY B 310 -47.94 -11.18 -4.63
N GLY B 311 -47.71 -10.99 -3.34
CA GLY B 311 -47.11 -9.76 -2.86
C GLY B 311 -45.65 -9.67 -3.22
N SER B 312 -45.10 -8.48 -3.04
CA SER B 312 -43.71 -8.23 -3.40
C SER B 312 -43.12 -7.16 -2.50
N LEU B 313 -41.80 -7.17 -2.37
CA LEU B 313 -41.05 -6.17 -1.63
C LEU B 313 -39.84 -5.77 -2.46
N THR B 314 -39.66 -4.46 -2.64
CA THR B 314 -38.56 -3.92 -3.43
C THR B 314 -37.61 -3.16 -2.51
N ALA B 315 -36.32 -3.41 -2.69
CA ALA B 315 -35.28 -2.81 -1.85
C ALA B 315 -34.33 -2.01 -2.72
N LEU B 316 -33.95 -0.82 -2.23
CA LEU B 316 -32.99 0.06 -2.90
C LEU B 316 -31.91 0.44 -1.90
N PRO B 317 -30.97 -0.46 -1.62
CA PRO B 317 -29.90 -0.15 -0.68
C PRO B 317 -28.93 0.89 -1.25
N PHE B 318 -28.29 1.63 -0.36
CA PHE B 318 -27.33 2.66 -0.73
C PHE B 318 -25.94 2.25 -0.24
N VAL B 319 -24.92 2.57 -1.03
CA VAL B 319 -23.53 2.38 -0.64
C VAL B 319 -22.74 3.62 -1.04
N GLU B 320 -21.96 4.15 -0.10
CA GLU B 320 -21.16 5.35 -0.33
C GLU B 320 -19.71 4.92 -0.58
N THR B 321 -19.22 5.20 -1.79
CA THR B 321 -17.85 4.86 -2.15
C THR B 321 -16.91 6.00 -1.81
N GLN B 322 -15.61 5.70 -1.81
CA GLN B 322 -14.56 6.68 -1.57
C GLN B 322 -13.81 6.92 -2.87
N ALA B 323 -13.93 8.13 -3.41
CA ALA B 323 -13.26 8.53 -4.65
C ALA B 323 -13.63 7.60 -5.81
N GLY B 324 -14.87 7.12 -5.82
CA GLY B 324 -15.33 6.30 -6.92
C GLY B 324 -14.74 4.92 -6.99
N ASP B 325 -14.20 4.40 -5.88
CA ASP B 325 -13.59 3.08 -5.86
C ASP B 325 -14.69 2.04 -5.72
N ILE B 326 -15.13 1.50 -6.86
CA ILE B 326 -16.20 0.52 -6.88
C ILE B 326 -15.70 -0.88 -6.55
N SER B 327 -14.39 -1.07 -6.44
CA SER B 327 -13.80 -2.37 -6.16
C SER B 327 -13.46 -2.56 -4.68
N ALA B 328 -13.99 -1.73 -3.80
CA ALA B 328 -13.71 -1.88 -2.38
C ALA B 328 -14.50 -3.05 -1.80
N TYR B 329 -14.20 -3.38 -0.54
CA TYR B 329 -14.73 -4.60 0.07
C TYR B 329 -16.25 -4.54 0.21
N ILE B 330 -16.76 -3.48 0.84
CA ILE B 330 -18.20 -3.34 1.07
C ILE B 330 -18.96 -3.17 -0.25
N PRO B 331 -18.52 -2.29 -1.17
CA PRO B 331 -19.21 -2.23 -2.47
C PRO B 331 -19.22 -3.55 -3.21
N THR B 332 -18.12 -4.29 -3.18
CA THR B 332 -18.08 -5.58 -3.85
C THR B 332 -19.05 -6.57 -3.19
N ASN B 333 -19.10 -6.57 -1.86
CA ASN B 333 -20.02 -7.45 -1.15
C ASN B 333 -21.47 -7.14 -1.52
N VAL B 334 -21.81 -5.85 -1.54
CA VAL B 334 -23.19 -5.47 -1.84
C VAL B 334 -23.53 -5.78 -3.31
N ILE B 335 -22.59 -5.56 -4.22
CA ILE B 335 -22.81 -5.90 -5.62
C ILE B 335 -23.05 -7.40 -5.77
N SER B 336 -22.34 -8.21 -4.98
CA SER B 336 -22.49 -9.65 -5.05
C SER B 336 -23.85 -10.14 -4.57
N ILE B 337 -24.65 -9.29 -3.94
CA ILE B 337 -25.93 -9.69 -3.38
C ILE B 337 -27.10 -9.22 -4.22
N THR B 338 -27.09 -7.95 -4.64
CA THR B 338 -28.25 -7.37 -5.30
C THR B 338 -28.37 -7.86 -6.74
N ASP B 339 -29.44 -7.41 -7.40
CA ASP B 339 -29.75 -7.79 -8.78
C ASP B 339 -29.33 -6.72 -9.78
N GLY B 340 -28.23 -6.03 -9.51
CA GLY B 340 -27.79 -4.95 -10.36
C GLY B 340 -27.48 -3.71 -9.56
N GLN B 341 -26.91 -2.69 -10.20
CA GLN B 341 -26.55 -1.48 -9.49
C GLN B 341 -26.68 -0.28 -10.43
N ILE B 342 -26.96 0.88 -9.83
CA ILE B 342 -26.97 2.16 -10.53
C ILE B 342 -25.80 2.97 -9.99
N PHE B 343 -24.87 3.31 -10.86
CA PHE B 343 -23.66 4.03 -10.47
C PHE B 343 -23.83 5.51 -10.78
N LEU B 344 -23.61 6.35 -9.78
CA LEU B 344 -23.67 7.80 -9.91
C LEU B 344 -22.25 8.34 -9.82
N GLN B 345 -21.85 9.12 -10.82
CA GLN B 345 -20.45 9.52 -11.01
C GLN B 345 -20.28 10.97 -10.58
N SER B 346 -19.26 11.23 -9.76
CA SER B 346 -19.11 12.54 -9.13
C SER B 346 -18.75 13.62 -10.13
N ASP B 347 -17.75 13.37 -10.99
CA ASP B 347 -17.33 14.41 -11.92
C ASP B 347 -18.40 14.67 -12.98
N LEU B 348 -19.17 13.64 -13.36
CA LEU B 348 -20.31 13.87 -14.24
C LEU B 348 -21.40 14.66 -13.53
N PHE B 349 -21.56 14.45 -12.22
CA PHE B 349 -22.52 15.23 -11.44
C PHE B 349 -22.12 16.70 -11.40
N PHE B 350 -20.83 16.97 -11.22
CA PHE B 350 -20.37 18.35 -11.15
C PHE B 350 -20.36 19.03 -12.51
N SER B 351 -20.49 18.28 -13.60
CA SER B 351 -20.49 18.84 -14.94
C SER B 351 -21.87 19.31 -15.40
N GLY B 352 -22.85 19.35 -14.49
CA GLY B 352 -24.19 19.79 -14.83
C GLY B 352 -25.18 18.69 -15.15
N VAL B 353 -24.72 17.45 -15.29
CA VAL B 353 -25.64 16.32 -15.49
C VAL B 353 -26.00 15.82 -14.10
N ARG B 354 -27.01 16.46 -13.51
CA ARG B 354 -27.39 16.20 -12.14
C ARG B 354 -27.88 14.77 -11.94
N PRO B 355 -28.77 14.24 -12.80
CA PRO B 355 -28.99 12.78 -12.70
C PRO B 355 -27.85 12.00 -13.35
N ALA B 356 -26.72 11.97 -12.65
CA ALA B 356 -25.46 11.48 -13.21
C ALA B 356 -25.42 9.97 -13.29
N ILE B 357 -26.28 9.37 -14.10
CA ILE B 357 -26.24 7.92 -14.29
C ILE B 357 -25.09 7.57 -15.21
N ASN B 358 -24.14 6.79 -14.71
CA ASN B 358 -23.07 6.28 -15.54
C ASN B 358 -23.56 5.06 -16.28
N ALA B 359 -23.88 5.22 -17.57
CA ALA B 359 -24.52 4.15 -18.33
C ALA B 359 -23.57 2.97 -18.54
N GLY B 360 -22.27 3.21 -18.53
CA GLY B 360 -21.33 2.13 -18.74
C GLY B 360 -21.32 1.12 -17.60
N LEU B 361 -21.40 1.61 -16.36
CA LEU B 361 -21.29 0.76 -15.18
C LEU B 361 -22.62 0.49 -14.50
N SER B 362 -23.74 0.89 -15.09
CA SER B 362 -25.06 0.64 -14.52
C SER B 362 -25.77 -0.41 -15.34
N VAL B 363 -26.35 -1.41 -14.66
CA VAL B 363 -27.02 -2.52 -15.32
C VAL B 363 -28.14 -3.03 -14.41
N SER B 364 -29.20 -3.52 -15.03
CA SER B 364 -30.30 -4.17 -14.31
C SER B 364 -30.40 -5.61 -14.81
N ARG B 365 -30.13 -6.56 -13.92
CA ARG B 365 -30.04 -7.97 -14.33
C ARG B 365 -31.40 -8.57 -14.64
N VAL B 366 -32.44 -8.19 -13.91
CA VAL B 366 -33.79 -8.70 -14.13
C VAL B 366 -34.70 -7.65 -14.73
N GLY B 367 -34.13 -6.56 -15.26
CA GLY B 367 -34.92 -5.58 -15.96
C GLY B 367 -35.19 -5.98 -17.40
N GLY B 368 -36.08 -5.23 -18.04
CA GLY B 368 -36.52 -5.57 -19.38
C GLY B 368 -37.72 -6.50 -19.36
N ALA B 369 -37.66 -7.54 -18.53
CA ALA B 369 -38.82 -8.39 -18.33
C ALA B 369 -39.95 -7.63 -17.64
N ALA B 370 -39.61 -6.65 -16.81
CA ALA B 370 -40.62 -5.81 -16.18
C ALA B 370 -40.98 -4.59 -17.02
N GLN B 371 -40.07 -4.14 -17.88
CA GLN B 371 -40.32 -2.95 -18.68
C GLN B 371 -41.50 -3.17 -19.63
N ILE B 372 -42.35 -2.15 -19.74
CA ILE B 372 -43.51 -2.27 -20.61
C ILE B 372 -43.08 -2.31 -22.06
N LYS B 373 -43.96 -2.85 -22.91
CA LYS B 373 -43.60 -3.08 -24.31
C LYS B 373 -43.33 -1.77 -25.04
N ALA B 374 -44.11 -0.72 -24.76
CA ALA B 374 -43.92 0.55 -25.44
C ALA B 374 -42.56 1.15 -25.13
N MET B 375 -42.11 1.04 -23.89
CA MET B 375 -40.84 1.65 -23.50
C MET B 375 -39.65 0.87 -24.05
N LYS B 376 -39.73 -0.47 -24.05
CA LYS B 376 -38.55 -1.28 -24.31
C LYS B 376 -38.15 -1.23 -25.79
N LYS B 377 -39.01 -0.89 -26.74
CA LYS B 377 -38.48 -0.69 -28.13
C LYS B 377 -37.47 0.47 -28.24
N VAL B 378 -38.02 1.68 -28.08
CA VAL B 378 -37.19 2.90 -28.21
C VAL B 378 -36.04 2.86 -27.21
N ALA B 379 -36.08 2.08 -26.12
CA ALA B 379 -34.94 2.18 -25.17
C ALA B 379 -33.57 1.57 -25.57
N GLY B 380 -33.48 0.44 -26.29
CA GLY B 380 -32.17 -0.21 -26.54
C GLY B 380 -31.15 0.66 -27.29
N THR B 381 -31.65 1.36 -28.32
CA THR B 381 -30.76 2.27 -29.08
C THR B 381 -30.18 3.31 -28.12
N LEU B 382 -31.01 3.97 -27.32
CA LEU B 382 -30.52 5.01 -26.39
C LEU B 382 -29.48 4.39 -25.47
N ARG B 383 -29.73 3.22 -24.89
CA ARG B 383 -28.75 2.74 -23.88
C ARG B 383 -27.38 2.49 -24.49
N LEU B 384 -27.37 1.72 -25.59
CA LEU B 384 -25.98 1.44 -26.06
C LEU B 384 -25.34 2.75 -26.57
N ASP B 385 -26.14 3.59 -27.20
CA ASP B 385 -25.54 4.81 -27.79
C ASP B 385 -24.92 5.64 -26.66
N LEU B 386 -25.64 5.83 -25.56
CA LEU B 386 -25.12 6.70 -24.50
C LEU B 386 -23.82 6.08 -24.01
N ALA B 387 -23.80 4.76 -23.78
CA ALA B 387 -22.49 4.25 -23.27
C ALA B 387 -21.32 4.61 -24.23
N ALA B 388 -21.46 4.43 -25.54
CA ALA B 388 -20.37 4.59 -26.53
C ALA B 388 -20.08 6.08 -26.78
N TYR B 389 -21.11 6.86 -27.07
CA TYR B 389 -20.93 8.30 -27.21
C TYR B 389 -20.01 8.84 -26.13
N ARG B 390 -20.13 8.32 -24.90
CA ARG B 390 -19.32 8.80 -23.80
C ARG B 390 -17.83 8.61 -24.04
N GLU B 391 -17.44 7.55 -24.75
CA GLU B 391 -16.03 7.35 -25.06
C GLU B 391 -15.62 7.99 -26.38
N LEU B 392 -16.55 8.13 -27.33
CA LEU B 392 -16.21 8.79 -28.58
C LEU B 392 -16.01 10.29 -28.37
N GLU B 393 -16.74 10.87 -27.42
CA GLU B 393 -16.55 12.29 -27.11
C GLU B 393 -15.13 12.54 -26.60
N ALA B 394 -14.53 11.55 -25.93
CA ALA B 394 -13.15 11.70 -25.49
C ALA B 394 -12.21 11.89 -26.68
N PHE B 395 -12.41 11.11 -27.74
CA PHE B 395 -11.67 11.35 -28.98
C PHE B 395 -12.01 12.71 -29.57
N ALA B 396 -13.28 13.11 -29.48
CA ALA B 396 -13.67 14.43 -29.95
C ALA B 396 -12.97 15.54 -29.17
N GLN B 397 -12.71 15.33 -27.88
CA GLN B 397 -12.05 16.36 -27.07
C GLN B 397 -10.58 16.49 -27.45
N PHE B 398 -9.92 15.38 -27.78
CA PHE B 398 -8.51 15.44 -28.16
C PHE B 398 -8.30 16.19 -29.46
N GLY B 399 -9.30 16.24 -30.33
CA GLY B 399 -9.19 16.95 -31.59
C GLY B 399 -8.76 16.06 -32.73
N SER B 400 -9.67 15.85 -33.69
CA SER B 400 -9.37 15.02 -34.85
C SER B 400 -10.33 15.39 -35.97
N ASP B 401 -9.96 14.99 -37.20
CA ASP B 401 -10.80 15.22 -38.37
C ASP B 401 -11.85 14.12 -38.47
N LEU B 402 -12.88 14.24 -37.63
CA LEU B 402 -13.90 13.21 -37.53
C LEU B 402 -14.77 13.18 -38.78
N ASP B 403 -15.25 11.98 -39.11
CA ASP B 403 -16.04 11.78 -40.33
C ASP B 403 -17.50 12.16 -40.08
N LYS B 404 -18.30 12.03 -41.15
CA LYS B 404 -19.72 12.39 -41.07
C LYS B 404 -20.49 11.46 -40.14
N ALA B 405 -20.16 10.16 -40.16
CA ALA B 405 -20.81 9.23 -39.26
C ALA B 405 -20.51 9.57 -37.80
N THR B 406 -19.24 9.90 -37.52
CA THR B 406 -18.88 10.31 -36.17
C THR B 406 -19.56 11.61 -35.77
N GLN B 407 -19.71 12.54 -36.71
CA GLN B 407 -20.43 13.78 -36.41
C GLN B 407 -21.89 13.50 -36.08
N ALA B 408 -22.54 12.62 -36.84
CA ALA B 408 -23.92 12.26 -36.55
C ALA B 408 -24.04 11.58 -35.19
N LYS B 409 -23.10 10.69 -34.88
CA LYS B 409 -23.12 10.03 -33.58
C LYS B 409 -22.93 11.04 -32.45
N LEU B 410 -22.04 12.01 -32.64
CA LEU B 410 -21.84 13.05 -31.63
C LEU B 410 -23.10 13.87 -31.42
N ALA B 411 -23.76 14.25 -32.51
CA ALA B 411 -25.00 15.03 -32.39
C ALA B 411 -26.07 14.25 -31.66
N ARG B 412 -26.27 12.98 -32.04
CA ARG B 412 -27.29 12.17 -31.39
C ARG B 412 -26.96 11.95 -29.92
N GLY B 413 -25.70 11.72 -29.58
CA GLY B 413 -25.32 11.55 -28.19
C GLY B 413 -25.53 12.80 -27.37
N ALA B 414 -25.19 13.97 -27.93
CA ALA B 414 -25.43 15.22 -27.22
C ALA B 414 -26.91 15.44 -26.98
N ARG B 415 -27.74 15.17 -27.98
CA ARG B 415 -29.18 15.34 -27.79
C ARG B 415 -29.73 14.33 -26.78
N THR B 416 -29.21 13.10 -26.77
CA THR B 416 -29.63 12.13 -25.77
C THR B 416 -29.26 12.60 -24.36
N VAL B 417 -28.04 13.11 -24.20
CA VAL B 417 -27.62 13.63 -22.90
C VAL B 417 -28.53 14.77 -22.47
N GLU B 418 -28.93 15.62 -23.43
CA GLU B 418 -29.81 16.73 -23.08
C GLU B 418 -31.20 16.24 -22.67
N VAL B 419 -31.74 15.23 -23.36
CA VAL B 419 -33.08 14.76 -23.00
C VAL B 419 -33.08 13.95 -21.72
N LEU B 420 -31.94 13.35 -21.34
CA LEU B 420 -31.93 12.52 -20.14
C LEU B 420 -31.79 13.33 -18.84
N LYS B 421 -31.59 14.63 -18.93
CA LYS B 421 -31.51 15.44 -17.72
C LYS B 421 -32.90 15.65 -17.13
N GLN B 422 -32.93 15.97 -15.83
CA GLN B 422 -34.20 16.16 -15.13
C GLN B 422 -33.96 17.03 -13.91
N ASP B 423 -35.03 17.62 -13.41
CA ASP B 423 -34.97 18.54 -12.27
C ASP B 423 -35.45 17.85 -11.00
N LEU B 424 -35.31 18.57 -9.88
CA LEU B 424 -35.65 18.02 -8.58
C LEU B 424 -37.16 17.88 -8.40
N HIS B 425 -37.58 16.73 -7.89
CA HIS B 425 -38.95 16.46 -7.46
C HIS B 425 -39.97 16.71 -8.57
N GLN B 426 -39.64 16.33 -9.80
CA GLN B 426 -40.55 16.47 -10.94
C GLN B 426 -40.61 15.17 -11.73
N PRO B 427 -41.25 14.14 -11.17
CA PRO B 427 -41.39 12.88 -11.91
C PRO B 427 -42.29 13.04 -13.12
N ILE B 428 -42.03 12.22 -14.14
CA ILE B 428 -42.69 12.31 -15.43
C ILE B 428 -43.44 11.00 -15.68
N PRO B 429 -44.68 11.05 -16.17
CA PRO B 429 -45.39 9.80 -16.49
C PRO B 429 -44.71 9.01 -17.58
N VAL B 430 -44.83 7.68 -17.49
CA VAL B 430 -44.16 6.79 -18.44
C VAL B 430 -44.70 7.01 -19.85
N GLU B 431 -45.98 7.40 -19.98
CA GLU B 431 -46.52 7.68 -21.29
C GLU B 431 -45.82 8.87 -21.95
N LYS B 432 -45.53 9.92 -21.19
CA LYS B 432 -44.81 11.06 -21.75
C LYS B 432 -43.35 10.70 -22.00
N GLN B 433 -42.75 9.89 -21.12
CA GLN B 433 -41.38 9.44 -21.35
C GLN B 433 -41.27 8.66 -22.66
N VAL B 434 -42.25 7.81 -22.95
CA VAL B 434 -42.21 7.02 -24.17
C VAL B 434 -42.20 7.93 -25.39
N LEU B 435 -43.07 8.94 -25.40
CA LEU B 435 -43.15 9.84 -26.55
C LEU B 435 -41.87 10.65 -26.70
N ILE B 436 -41.31 11.16 -25.60
CA ILE B 436 -40.12 11.98 -25.73
C ILE B 436 -38.93 11.14 -26.21
N ILE B 437 -38.80 9.91 -25.72
CA ILE B 437 -37.73 9.05 -26.18
C ILE B 437 -37.95 8.64 -27.64
N TYR B 438 -39.20 8.42 -28.04
CA TYR B 438 -39.48 8.10 -29.43
C TYR B 438 -39.09 9.26 -30.34
N ALA B 439 -39.44 10.48 -29.94
CA ALA B 439 -39.07 11.65 -30.72
C ALA B 439 -37.56 11.79 -30.82
N LEU B 440 -36.85 11.53 -29.73
CA LEU B 440 -35.39 11.55 -29.77
C LEU B 440 -34.85 10.51 -30.73
N THR B 441 -35.34 9.27 -30.63
CA THR B 441 -34.74 8.15 -31.35
C THR B 441 -35.04 8.20 -32.84
N ARG B 442 -36.22 8.67 -33.23
CA ARG B 442 -36.60 8.67 -34.63
C ARG B 442 -36.13 9.92 -35.38
N GLY B 443 -35.19 10.67 -34.81
CA GLY B 443 -34.57 11.77 -35.52
C GLY B 443 -35.37 13.05 -35.57
N PHE B 444 -36.52 13.11 -34.92
CA PHE B 444 -37.34 14.31 -34.98
C PHE B 444 -36.70 15.49 -34.27
N LEU B 445 -35.68 15.26 -33.45
CA LEU B 445 -34.98 16.33 -32.76
C LEU B 445 -33.63 16.66 -33.39
N ASP B 446 -33.32 16.10 -34.55
CA ASP B 446 -32.01 16.30 -35.17
C ASP B 446 -31.78 17.73 -35.61
N ASP B 447 -32.83 18.44 -36.01
CA ASP B 447 -32.71 19.82 -36.45
C ASP B 447 -32.91 20.83 -35.32
N ILE B 448 -33.20 20.35 -34.12
CA ILE B 448 -33.35 21.24 -32.97
C ILE B 448 -31.97 21.52 -32.39
N PRO B 449 -31.62 22.78 -32.13
CA PRO B 449 -30.33 23.08 -31.51
C PRO B 449 -30.24 22.49 -30.11
N VAL B 450 -29.01 22.19 -29.70
CA VAL B 450 -28.78 21.48 -28.44
C VAL B 450 -29.31 22.27 -27.25
N GLU B 451 -29.12 23.59 -27.27
CA GLU B 451 -29.53 24.41 -26.12
C GLU B 451 -31.04 24.50 -25.97
N ASP B 452 -31.81 24.12 -26.99
CA ASP B 452 -33.26 24.23 -26.95
C ASP B 452 -33.96 22.92 -26.63
N VAL B 453 -33.21 21.86 -26.31
CA VAL B 453 -33.82 20.53 -26.17
C VAL B 453 -34.74 20.48 -24.96
N ARG B 454 -34.31 21.04 -23.83
CA ARG B 454 -35.13 21.00 -22.62
C ARG B 454 -36.42 21.80 -22.80
N ARG B 455 -36.31 22.99 -23.40
CA ARG B 455 -37.51 23.78 -23.70
C ARG B 455 -38.42 23.06 -24.68
N PHE B 456 -37.84 22.38 -25.67
CA PHE B 456 -38.63 21.57 -26.60
C PHE B 456 -39.40 20.50 -25.86
N GLU B 457 -38.75 19.82 -24.92
CA GLU B 457 -39.41 18.77 -24.15
C GLU B 457 -40.54 19.34 -23.31
N LYS B 458 -40.31 20.47 -22.65
CA LYS B 458 -41.35 21.08 -21.83
C LYS B 458 -42.56 21.50 -22.66
N GLU B 459 -42.31 22.21 -23.77
CA GLU B 459 -43.41 22.64 -24.62
C GLU B 459 -44.10 21.44 -25.27
N PHE B 460 -43.36 20.37 -25.56
CA PHE B 460 -43.96 19.18 -26.12
C PHE B 460 -44.88 18.50 -25.11
N TYR B 461 -44.47 18.47 -23.83
CA TYR B 461 -45.37 17.94 -22.81
C TYR B 461 -46.64 18.76 -22.69
N LEU B 462 -46.51 20.09 -22.73
CA LEU B 462 -47.70 20.93 -22.69
C LEU B 462 -48.60 20.69 -23.90
N PHE B 463 -48.01 20.62 -25.09
CA PHE B 463 -48.79 20.37 -26.30
C PHE B 463 -49.44 18.99 -26.26
N LEU B 464 -48.76 18.01 -25.66
CA LEU B 464 -49.36 16.68 -25.52
C LEU B 464 -50.57 16.73 -24.62
N ASP B 465 -50.43 17.35 -23.44
CA ASP B 465 -51.59 17.53 -22.57
C ASP B 465 -52.72 18.26 -23.28
N GLN B 466 -52.38 19.16 -24.21
CA GLN B 466 -53.40 19.89 -24.94
C GLN B 466 -54.11 19.03 -25.98
N ASN B 467 -53.35 18.23 -26.74
CA ASN B 467 -53.91 17.63 -27.96
C ASN B 467 -53.78 16.11 -28.09
N GLY B 468 -52.79 15.47 -27.48
CA GLY B 468 -52.56 14.04 -27.67
C GLY B 468 -53.20 13.16 -26.61
N GLN B 469 -54.39 13.51 -26.12
CA GLN B 469 -55.05 12.70 -25.11
C GLN B 469 -55.35 11.31 -25.64
N HIS B 470 -55.69 11.19 -26.93
CA HIS B 470 -55.96 9.89 -27.51
C HIS B 470 -54.72 8.99 -27.48
N LEU B 471 -53.56 9.53 -27.87
CA LEU B 471 -52.34 8.74 -27.83
C LEU B 471 -51.96 8.37 -26.40
N LEU B 472 -52.07 9.33 -25.47
CA LEU B 472 -51.73 9.06 -24.08
C LEU B 472 -52.63 7.98 -23.49
N GLU B 473 -53.94 8.08 -23.77
CA GLU B 473 -54.87 7.07 -23.26
C GLU B 473 -54.64 5.71 -23.91
N HIS B 474 -54.30 5.69 -25.20
CA HIS B 474 -53.97 4.42 -25.85
C HIS B 474 -52.79 3.75 -25.17
N ILE B 475 -51.73 4.53 -24.89
CA ILE B 475 -50.56 3.96 -24.24
C ILE B 475 -50.91 3.48 -22.83
N ARG B 476 -51.68 4.29 -22.08
CA ARG B 476 -52.05 3.89 -20.73
C ARG B 476 -52.85 2.60 -20.74
N THR B 477 -53.77 2.46 -21.69
CA THR B 477 -54.66 1.30 -21.71
C THR B 477 -53.95 0.05 -22.18
N THR B 478 -53.13 0.16 -23.23
CA THR B 478 -52.61 -1.02 -23.90
C THR B 478 -51.16 -1.35 -23.57
N LYS B 479 -50.44 -0.45 -22.88
CA LYS B 479 -49.02 -0.62 -22.58
C LYS B 479 -48.19 -0.80 -23.84
N ASP B 480 -48.65 -0.27 -24.97
CA ASP B 480 -48.01 -0.44 -26.26
C ASP B 480 -48.06 0.87 -27.04
N LEU B 481 -47.16 1.00 -28.01
CA LEU B 481 -47.09 2.20 -28.82
C LEU B 481 -48.36 2.37 -29.65
N PRO B 482 -48.81 3.61 -29.84
CA PRO B 482 -49.92 3.85 -30.77
C PRO B 482 -49.44 3.83 -32.22
N ASN B 483 -50.32 4.20 -33.14
CA ASN B 483 -49.96 4.21 -34.56
C ASN B 483 -48.77 5.13 -34.81
N GLU B 484 -47.75 4.58 -35.49
CA GLU B 484 -46.54 5.35 -35.76
C GLU B 484 -46.82 6.53 -36.68
N ASP B 485 -47.75 6.36 -37.64
CA ASP B 485 -48.14 7.48 -38.49
C ASP B 485 -48.79 8.58 -37.68
N ASP B 486 -49.65 8.23 -36.73
CA ASP B 486 -50.26 9.24 -35.85
C ASP B 486 -49.21 9.94 -35.01
N LEU B 487 -48.24 9.19 -34.48
CA LEU B 487 -47.16 9.80 -33.71
C LEU B 487 -46.37 10.78 -34.57
N ASN B 488 -46.03 10.39 -35.79
CA ASN B 488 -45.28 11.26 -36.68
C ASN B 488 -46.08 12.52 -37.00
N LYS B 489 -47.38 12.37 -37.26
CA LYS B 489 -48.22 13.53 -37.56
C LYS B 489 -48.28 14.48 -36.37
N ALA B 490 -48.46 13.94 -35.17
CA ALA B 490 -48.53 14.79 -33.99
C ALA B 490 -47.22 15.53 -33.74
N ILE B 491 -46.09 14.83 -33.89
CA ILE B 491 -44.80 15.46 -33.65
C ILE B 491 -44.52 16.54 -34.68
N GLU B 492 -44.79 16.25 -35.96
CA GLU B 492 -44.58 17.25 -37.01
C GLU B 492 -45.57 18.40 -36.93
N ALA B 493 -46.74 18.19 -36.31
CA ALA B 493 -47.66 19.29 -36.07
C ALA B 493 -47.17 20.18 -34.94
N PHE B 494 -46.62 19.57 -33.88
CA PHE B 494 -46.06 20.36 -32.79
C PHE B 494 -44.85 21.15 -33.24
N LYS B 495 -44.00 20.55 -34.10
CA LYS B 495 -42.80 21.24 -34.56
C LYS B 495 -43.11 22.53 -35.31
N LYS B 496 -44.28 22.62 -35.95
CA LYS B 496 -44.66 23.86 -36.60
C LYS B 496 -44.92 24.97 -35.59
N THR B 497 -45.58 24.66 -34.47
CA THR B 497 -45.83 25.66 -33.44
C THR B 497 -44.60 25.94 -32.59
N PHE B 498 -43.63 25.02 -32.56
CA PHE B 498 -42.40 25.27 -31.82
C PHE B 498 -41.57 26.34 -32.52
N VAL B 499 -40.87 27.13 -31.71
CA VAL B 499 -40.04 28.23 -32.20
C VAL B 499 -38.60 27.97 -31.79
N VAL B 500 -37.68 28.12 -32.74
CA VAL B 500 -36.27 27.83 -32.50
C VAL B 500 -35.59 29.05 -31.90
N SER B 501 -34.64 28.81 -31.01
CA SER B 501 -33.84 29.86 -30.37
C SER B 501 -34.71 30.87 -29.63
N GLN C 24 3.53 -57.02 29.73
CA GLN C 24 3.82 -55.78 29.02
C GLN C 24 3.25 -54.58 29.75
N VAL C 25 4.11 -53.61 30.05
CA VAL C 25 3.71 -52.41 30.78
C VAL C 25 4.26 -51.20 30.05
N SER C 26 3.53 -50.09 30.13
CA SER C 26 3.94 -48.85 29.49
C SER C 26 3.28 -47.68 30.21
N ASP C 27 3.98 -46.54 30.20
CA ASP C 27 3.42 -45.32 30.75
C ASP C 27 2.25 -44.87 29.90
N VAL C 28 1.16 -44.48 30.56
CA VAL C 28 -0.10 -44.21 29.89
C VAL C 28 -0.63 -42.85 30.34
N GLY C 29 -1.42 -42.22 29.47
CA GLY C 29 -2.06 -40.96 29.78
C GLY C 29 -3.53 -41.01 29.38
N THR C 30 -4.21 -39.89 29.63
CA THR C 30 -5.62 -39.75 29.29
C THR C 30 -5.82 -38.49 28.46
N VAL C 31 -6.78 -38.54 27.53
CA VAL C 31 -6.99 -37.44 26.60
C VAL C 31 -7.96 -36.44 27.21
N ILE C 32 -7.64 -35.15 27.08
CA ILE C 32 -8.51 -34.09 27.56
C ILE C 32 -9.25 -33.46 26.38
N GLN C 33 -8.51 -32.95 25.41
CA GLN C 33 -9.08 -32.23 24.28
C GLN C 33 -8.75 -32.93 22.97
N VAL C 34 -9.70 -32.89 22.04
CA VAL C 34 -9.53 -33.42 20.69
C VAL C 34 -10.13 -32.43 19.71
N GLY C 35 -9.41 -32.16 18.61
CA GLY C 35 -9.96 -31.32 17.57
C GLY C 35 -8.93 -30.78 16.60
N ASP C 36 -9.25 -30.78 15.31
CA ASP C 36 -8.43 -30.22 14.25
C ASP C 36 -7.03 -30.83 14.19
N GLY C 37 -6.89 -32.09 14.59
CA GLY C 37 -5.60 -32.74 14.56
C GLY C 37 -4.68 -32.44 15.73
N ILE C 38 -5.21 -31.86 16.81
CA ILE C 38 -4.43 -31.53 17.99
C ILE C 38 -5.11 -32.16 19.20
N ALA C 39 -4.31 -32.76 20.07
CA ALA C 39 -4.82 -33.41 21.27
C ALA C 39 -4.02 -32.96 22.49
N ARG C 40 -4.71 -32.91 23.62
CA ARG C 40 -4.10 -32.63 24.91
C ARG C 40 -4.23 -33.87 25.79
N ALA C 41 -3.18 -34.19 26.54
CA ALA C 41 -3.16 -35.39 27.36
C ALA C 41 -2.71 -35.06 28.77
N HIS C 42 -3.39 -35.66 29.74
CA HIS C 42 -2.96 -35.64 31.13
C HIS C 42 -2.19 -36.92 31.44
N GLY C 43 -1.14 -36.77 32.24
CA GLY C 43 -0.26 -37.88 32.52
C GLY C 43 0.96 -37.87 31.62
N LEU C 44 1.47 -39.07 31.32
CA LEU C 44 2.69 -39.22 30.53
C LEU C 44 3.84 -38.45 31.16
N ASP C 45 4.07 -38.71 32.45
CA ASP C 45 5.07 -37.94 33.20
C ASP C 45 6.48 -38.13 32.65
N ASN C 46 6.82 -39.35 32.22
CA ASN C 46 8.13 -39.65 31.68
C ASN C 46 8.18 -39.56 30.16
N VAL C 47 7.23 -38.86 29.54
CA VAL C 47 7.26 -38.71 28.10
C VAL C 47 8.49 -37.89 27.70
N MET C 48 8.94 -38.09 26.47
CA MET C 48 10.14 -37.46 25.96
C MET C 48 9.78 -36.45 24.88
N SER C 49 10.52 -35.35 24.85
CA SER C 49 10.23 -34.29 23.88
C SER C 49 10.51 -34.79 22.47
N GLY C 50 9.46 -34.84 21.65
CA GLY C 50 9.57 -35.38 20.30
C GLY C 50 9.31 -36.86 20.19
N GLU C 51 8.84 -37.51 21.24
CA GLU C 51 8.64 -38.96 21.23
C GLU C 51 7.33 -39.32 20.55
N LEU C 52 7.36 -40.44 19.82
CA LEU C 52 6.14 -40.99 19.25
C LEU C 52 5.22 -41.54 20.34
N VAL C 53 3.93 -41.28 20.18
CA VAL C 53 2.90 -41.85 21.04
C VAL C 53 1.79 -42.42 20.16
N GLU C 54 1.07 -43.40 20.69
CA GLU C 54 0.01 -44.06 19.95
C GLU C 54 -1.28 -44.01 20.76
N PHE C 55 -2.40 -43.93 20.06
CA PHE C 55 -3.71 -43.86 20.68
C PHE C 55 -4.33 -45.25 20.77
N ALA C 56 -5.53 -45.30 21.38
CA ALA C 56 -6.19 -46.58 21.60
C ALA C 56 -6.56 -47.27 20.30
N ASN C 57 -6.84 -46.50 19.25
CA ASN C 57 -7.26 -47.08 17.98
C ASN C 57 -6.12 -47.33 17.02
N GLY C 58 -4.87 -47.11 17.44
CA GLY C 58 -3.72 -47.38 16.61
C GLY C 58 -3.14 -46.18 15.89
N VAL C 59 -3.79 -45.02 15.94
CA VAL C 59 -3.27 -43.84 15.28
C VAL C 59 -2.09 -43.29 16.06
N MET C 60 -1.02 -42.95 15.35
CA MET C 60 0.20 -42.46 15.98
C MET C 60 0.11 -40.97 16.25
N GLY C 61 0.99 -40.50 17.15
CA GLY C 61 1.06 -39.09 17.48
C GLY C 61 2.48 -38.70 17.82
N MET C 62 2.69 -37.38 17.91
CA MET C 62 4.00 -36.84 18.24
C MET C 62 3.83 -35.77 19.32
N ALA C 63 4.67 -35.84 20.35
CA ALA C 63 4.58 -34.92 21.48
C ALA C 63 5.49 -33.72 21.21
N LEU C 64 4.89 -32.54 21.09
CA LEU C 64 5.62 -31.31 20.83
C LEU C 64 5.74 -30.41 22.05
N ASN C 65 4.65 -30.17 22.77
CA ASN C 65 4.65 -29.30 23.93
C ASN C 65 4.63 -30.14 25.20
N LEU C 66 5.61 -29.90 26.07
CA LEU C 66 5.68 -30.54 27.37
C LEU C 66 5.47 -29.47 28.43
N GLU C 67 4.20 -29.21 28.76
CA GLU C 67 3.87 -28.19 29.74
C GLU C 67 3.91 -28.79 31.15
N GLU C 68 3.59 -27.96 32.14
CA GLU C 68 3.76 -28.36 33.53
C GLU C 68 2.82 -29.50 33.91
N ASN C 69 1.58 -29.47 33.42
CA ASN C 69 0.59 -30.47 33.81
C ASN C 69 -0.05 -31.21 32.66
N ASN C 70 0.24 -30.84 31.41
CA ASN C 70 -0.38 -31.51 30.27
C ASN C 70 0.61 -31.54 29.11
N VAL C 71 0.35 -32.43 28.16
CA VAL C 71 1.19 -32.62 26.99
C VAL C 71 0.38 -32.30 25.74
N GLY C 72 1.00 -31.57 24.82
CA GLY C 72 0.37 -31.28 23.55
C GLY C 72 0.81 -32.25 22.47
N ILE C 73 -0.12 -33.02 21.93
CA ILE C 73 0.17 -34.09 20.98
C ILE C 73 -0.41 -33.71 19.62
N VAL C 74 0.40 -33.88 18.59
CA VAL C 74 -0.07 -33.68 17.22
C VAL C 74 -0.34 -35.04 16.59
N ILE C 75 -1.52 -35.21 16.01
CA ILE C 75 -2.02 -36.51 15.58
C ILE C 75 -1.59 -36.75 14.14
N LEU C 76 -0.85 -37.85 13.92
CA LEU C 76 -0.33 -38.20 12.60
C LEU C 76 -1.29 -39.17 11.88
N GLY C 77 -2.52 -38.70 11.68
CA GLY C 77 -3.51 -39.49 10.99
C GLY C 77 -4.92 -39.01 11.24
N PRO C 78 -5.90 -39.85 10.92
CA PRO C 78 -7.31 -39.47 11.10
C PRO C 78 -7.66 -39.39 12.57
N TYR C 79 -8.10 -38.20 13.01
CA TYR C 79 -8.46 -37.97 14.40
C TYR C 79 -9.94 -38.14 14.68
N THR C 80 -10.72 -38.62 13.71
CA THR C 80 -12.15 -38.79 13.91
C THR C 80 -12.47 -39.80 15.00
N GLY C 81 -11.73 -40.91 15.06
CA GLY C 81 -11.99 -41.96 16.02
C GLY C 81 -11.44 -41.74 17.40
N ILE C 82 -10.82 -40.60 17.68
CA ILE C 82 -10.25 -40.28 18.98
C ILE C 82 -11.24 -39.43 19.74
N LYS C 83 -11.53 -39.82 20.99
CA LYS C 83 -12.48 -39.12 21.83
C LYS C 83 -11.85 -38.83 23.18
N GLU C 84 -12.40 -37.82 23.86
CA GLU C 84 -11.92 -37.48 25.20
C GLU C 84 -12.09 -38.65 26.15
N GLY C 85 -11.09 -38.84 27.01
CA GLY C 85 -11.06 -39.97 27.91
C GLY C 85 -10.29 -41.17 27.41
N ASP C 86 -9.92 -41.20 26.13
CA ASP C 86 -9.14 -42.30 25.60
C ASP C 86 -7.73 -42.28 26.16
N GLU C 87 -7.03 -43.40 26.05
CA GLU C 87 -5.70 -43.53 26.63
C GLU C 87 -4.63 -43.35 25.57
N VAL C 88 -3.56 -42.64 25.95
CA VAL C 88 -2.39 -42.44 25.12
C VAL C 88 -1.25 -43.27 25.70
N ARG C 89 -0.52 -43.96 24.84
CA ARG C 89 0.50 -44.91 25.26
C ARG C 89 1.84 -44.52 24.69
N ARG C 90 2.87 -44.53 25.54
CA ARG C 90 4.22 -44.19 25.11
C ARG C 90 4.79 -45.28 24.21
N THR C 91 5.69 -44.88 23.32
CA THR C 91 6.44 -45.82 22.51
C THR C 91 7.92 -45.89 22.87
N GLY C 92 8.45 -44.85 23.51
CA GLY C 92 9.86 -44.84 23.87
C GLY C 92 10.82 -44.52 22.75
N ARG C 93 10.32 -44.07 21.61
CA ARG C 93 11.13 -43.82 20.43
C ARG C 93 10.99 -42.38 19.97
N ILE C 94 12.11 -41.76 19.63
CA ILE C 94 12.07 -40.47 18.94
C ILE C 94 11.52 -40.70 17.53
N MET C 95 10.88 -39.66 16.98
CA MET C 95 10.31 -39.72 15.64
C MET C 95 11.30 -40.32 14.64
N GLU C 96 10.90 -41.43 14.03
CA GLU C 96 11.77 -42.19 13.14
C GLU C 96 11.00 -42.59 11.89
N VAL C 97 11.74 -42.81 10.81
CA VAL C 97 11.15 -43.26 9.55
C VAL C 97 11.97 -44.44 9.03
N PRO C 98 11.34 -45.39 8.33
CA PRO C 98 12.10 -46.51 7.76
C PRO C 98 13.00 -46.05 6.61
N VAL C 99 14.15 -46.70 6.51
CA VAL C 99 15.11 -46.42 5.44
C VAL C 99 15.62 -47.74 4.88
N GLY C 100 16.15 -47.69 3.67
CA GLY C 100 16.71 -48.86 3.03
C GLY C 100 16.52 -48.82 1.54
N GLU C 101 17.06 -49.84 0.88
CA GLU C 101 16.94 -49.94 -0.58
C GLU C 101 15.57 -50.44 -1.01
N ALA C 102 14.77 -50.96 -0.09
CA ALA C 102 13.44 -51.45 -0.43
C ALA C 102 12.50 -50.32 -0.83
N LEU C 103 12.87 -49.06 -0.56
CA LEU C 103 12.02 -47.93 -0.90
C LEU C 103 12.19 -47.49 -2.34
N ILE C 104 13.17 -48.02 -3.06
CA ILE C 104 13.40 -47.62 -4.44
C ILE C 104 12.26 -48.11 -5.31
N GLY C 105 11.69 -47.20 -6.11
CA GLY C 105 10.59 -47.55 -6.99
C GLY C 105 9.23 -47.56 -6.35
N ARG C 106 9.11 -47.11 -5.10
CA ARG C 106 7.87 -47.13 -4.36
C ARG C 106 7.41 -45.71 -4.04
N VAL C 107 6.11 -45.54 -3.89
CA VAL C 107 5.52 -44.31 -3.37
C VAL C 107 5.00 -44.60 -1.98
N VAL C 108 5.40 -43.78 -1.00
CA VAL C 108 5.17 -44.08 0.40
C VAL C 108 4.60 -42.86 1.11
N ASN C 109 3.95 -43.13 2.24
CA ASN C 109 3.52 -42.08 3.15
C ASN C 109 4.74 -41.47 3.83
N PRO C 110 4.63 -40.24 4.35
CA PRO C 110 5.74 -39.68 5.14
C PRO C 110 6.13 -40.52 6.33
N LEU C 111 5.28 -41.43 6.79
CA LEU C 111 5.62 -42.37 7.85
C LEU C 111 6.25 -43.64 7.31
N GLY C 112 6.34 -43.80 6.00
CA GLY C 112 6.98 -44.96 5.39
C GLY C 112 6.06 -46.04 4.90
N GLN C 113 4.75 -45.93 5.11
CA GLN C 113 3.84 -46.95 4.63
C GLN C 113 3.57 -46.76 3.14
N PRO C 114 3.59 -47.82 2.35
CA PRO C 114 3.32 -47.69 0.91
C PRO C 114 1.88 -47.32 0.65
N VAL C 115 1.67 -46.57 -0.44
CA VAL C 115 0.33 -46.17 -0.88
C VAL C 115 0.05 -46.60 -2.30
N ASP C 116 0.97 -47.32 -2.96
CA ASP C 116 0.76 -47.78 -4.32
C ASP C 116 0.03 -49.13 -4.38
N GLY C 117 -0.15 -49.81 -3.25
CA GLY C 117 -0.81 -51.09 -3.25
C GLY C 117 0.00 -52.24 -3.79
N LEU C 118 1.32 -52.12 -3.81
CA LEU C 118 2.20 -53.18 -4.31
C LEU C 118 2.78 -54.04 -3.20
N GLY C 119 2.30 -53.89 -1.97
CA GLY C 119 2.76 -54.70 -0.87
C GLY C 119 3.65 -53.96 0.09
N PRO C 120 3.93 -54.57 1.24
CA PRO C 120 4.75 -53.89 2.26
C PRO C 120 6.19 -53.74 1.80
N VAL C 121 6.85 -52.72 2.35
CA VAL C 121 8.28 -52.51 2.09
C VAL C 121 9.08 -53.26 3.15
N GLU C 122 10.16 -53.92 2.72
CA GLU C 122 10.99 -54.73 3.62
C GLU C 122 12.19 -53.97 4.15
N THR C 123 11.97 -52.92 4.95
CA THR C 123 13.07 -52.14 5.50
C THR C 123 13.39 -52.62 6.92
N THR C 124 14.65 -52.90 7.18
CA THR C 124 15.11 -53.36 8.48
C THR C 124 15.88 -52.29 9.26
N GLU C 125 15.89 -51.05 8.77
CA GLU C 125 16.66 -49.98 9.40
C GLU C 125 15.80 -48.72 9.47
N THR C 126 16.12 -47.86 10.43
CA THR C 126 15.37 -46.63 10.63
C THR C 126 16.34 -45.51 11.02
N ARG C 127 15.89 -44.28 10.81
CA ARG C 127 16.68 -43.09 11.10
C ARG C 127 15.82 -42.05 11.80
N PRO C 128 16.42 -41.24 12.68
CA PRO C 128 15.67 -40.14 13.28
C PRO C 128 15.27 -39.11 12.23
N ILE C 129 14.13 -38.45 12.47
CA ILE C 129 13.68 -37.45 11.51
C ILE C 129 14.34 -36.11 11.79
N GLU C 130 14.82 -35.89 13.01
CA GLU C 130 15.61 -34.71 13.37
C GLU C 130 17.01 -35.16 13.75
N SER C 131 17.99 -34.78 12.95
CA SER C 131 19.37 -35.19 13.16
C SER C 131 20.27 -34.00 12.89
N PRO C 132 21.44 -33.94 13.53
CA PRO C 132 22.35 -32.81 13.29
C PRO C 132 22.89 -32.81 11.87
N ALA C 133 23.11 -31.61 11.34
CA ALA C 133 23.71 -31.47 10.03
C ALA C 133 25.22 -31.75 10.12
N PRO C 134 25.85 -32.16 9.02
CA PRO C 134 27.30 -32.33 9.04
C PRO C 134 28.02 -31.03 9.38
N GLY C 135 29.12 -31.14 10.11
CA GLY C 135 29.81 -29.99 10.63
C GLY C 135 30.71 -29.33 9.60
N VAL C 136 31.41 -28.29 10.07
CA VAL C 136 32.30 -27.52 9.20
C VAL C 136 33.44 -28.39 8.68
N MET C 137 34.04 -29.19 9.56
CA MET C 137 35.17 -30.01 9.18
C MET C 137 34.77 -31.28 8.44
N ASP C 138 33.47 -31.59 8.39
CA ASP C 138 33.00 -32.81 7.75
C ASP C 138 32.74 -32.64 6.26
N ARG C 139 32.78 -31.41 5.76
CA ARG C 139 32.37 -31.13 4.39
C ARG C 139 33.56 -30.94 3.46
N ARG C 140 33.28 -31.01 2.17
CA ARG C 140 34.23 -30.70 1.11
C ARG C 140 33.58 -29.75 0.12
N SER C 141 34.38 -28.90 -0.49
CA SER C 141 33.86 -27.93 -1.46
C SER C 141 33.26 -28.65 -2.66
N VAL C 142 32.11 -28.16 -3.13
CA VAL C 142 31.45 -28.75 -4.28
C VAL C 142 32.33 -28.59 -5.51
N HIS C 143 32.64 -29.72 -6.16
CA HIS C 143 33.58 -29.70 -7.29
C HIS C 143 33.18 -30.58 -8.46
N GLU C 144 32.02 -31.22 -8.44
CA GLU C 144 31.61 -32.08 -9.53
C GLU C 144 30.22 -31.70 -10.02
N PRO C 145 30.00 -31.69 -11.33
CA PRO C 145 28.74 -31.17 -11.88
C PRO C 145 27.58 -32.14 -11.75
N LEU C 146 26.38 -31.56 -11.70
CA LEU C 146 25.13 -32.31 -11.80
C LEU C 146 24.44 -31.88 -13.08
N GLN C 147 24.35 -32.80 -14.04
CA GLN C 147 23.83 -32.48 -15.36
C GLN C 147 22.32 -32.59 -15.37
N THR C 148 21.63 -31.46 -15.60
CA THR C 148 20.19 -31.46 -15.67
C THR C 148 19.67 -31.73 -17.08
N GLY C 149 20.52 -31.63 -18.10
CA GLY C 149 20.10 -31.79 -19.47
C GLY C 149 19.46 -30.56 -20.10
N ILE C 150 19.41 -29.44 -19.37
CA ILE C 150 18.83 -28.20 -19.86
C ILE C 150 19.97 -27.23 -20.15
N LYS C 151 20.00 -26.69 -21.37
CA LYS C 151 21.12 -25.86 -21.79
C LYS C 151 21.28 -24.64 -20.92
N ALA C 152 20.18 -23.94 -20.64
CA ALA C 152 20.24 -22.70 -19.87
C ALA C 152 20.76 -22.94 -18.46
N ILE C 153 20.28 -23.99 -17.80
CA ILE C 153 20.74 -24.30 -16.45
C ILE C 153 22.20 -24.72 -16.47
N ASP C 154 22.55 -25.62 -17.38
CA ASP C 154 23.92 -26.14 -17.41
C ASP C 154 24.93 -25.07 -17.77
N ALA C 155 24.51 -24.03 -18.50
CA ALA C 155 25.47 -23.01 -18.92
C ALA C 155 25.50 -21.83 -17.96
N LEU C 156 24.33 -21.29 -17.60
CA LEU C 156 24.28 -20.05 -16.84
C LEU C 156 24.21 -20.26 -15.33
N VAL C 157 23.48 -21.28 -14.87
CA VAL C 157 23.29 -21.51 -13.44
C VAL C 157 23.72 -22.92 -13.12
N PRO C 158 25.02 -23.20 -13.08
CA PRO C 158 25.48 -24.58 -12.85
C PRO C 158 25.07 -25.08 -11.47
N ILE C 159 24.81 -26.38 -11.40
CA ILE C 159 24.45 -27.06 -10.15
C ILE C 159 25.45 -28.18 -9.92
N GLY C 160 26.05 -28.20 -8.73
CA GLY C 160 26.99 -29.24 -8.39
C GLY C 160 26.45 -30.21 -7.37
N ARG C 161 27.10 -31.36 -7.21
CA ARG C 161 26.65 -32.36 -6.27
C ARG C 161 26.96 -31.89 -4.85
N GLY C 162 25.95 -31.86 -4.00
CA GLY C 162 26.05 -31.27 -2.67
C GLY C 162 25.52 -29.86 -2.58
N GLN C 163 25.23 -29.22 -3.70
CA GLN C 163 24.67 -27.88 -3.72
C GLN C 163 23.15 -27.94 -3.60
N ARG C 164 22.58 -26.91 -3.00
CA ARG C 164 21.13 -26.76 -2.90
C ARG C 164 20.72 -25.53 -3.70
N GLU C 165 19.88 -25.74 -4.70
CA GLU C 165 19.48 -24.69 -5.63
C GLU C 165 17.97 -24.48 -5.53
N LEU C 166 17.56 -23.24 -5.38
CA LEU C 166 16.15 -22.90 -5.27
C LEU C 166 15.53 -22.68 -6.65
N ILE C 167 14.34 -23.20 -6.85
CA ILE C 167 13.54 -22.94 -8.04
C ILE C 167 12.32 -22.15 -7.62
N ILE C 168 12.24 -20.90 -8.05
CA ILE C 168 11.23 -19.96 -7.57
C ILE C 168 10.56 -19.30 -8.75
N GLY C 169 9.23 -19.20 -8.68
CA GLY C 169 8.47 -18.55 -9.72
C GLY C 169 7.00 -18.63 -9.42
N ASP C 170 6.20 -18.02 -10.30
CA ASP C 170 4.76 -18.06 -10.15
C ASP C 170 4.22 -19.43 -10.57
N ARG C 171 2.90 -19.57 -10.50
CA ARG C 171 2.27 -20.83 -10.87
C ARG C 171 2.26 -21.00 -12.38
N GLN C 172 2.36 -22.26 -12.81
CA GLN C 172 2.34 -22.64 -14.23
C GLN C 172 3.48 -21.98 -15.01
N THR C 173 4.70 -22.05 -14.48
CA THR C 173 5.87 -21.51 -15.16
C THR C 173 6.91 -22.56 -15.49
N GLY C 174 6.67 -23.83 -15.15
CA GLY C 174 7.60 -24.90 -15.49
C GLY C 174 8.45 -25.42 -14.37
N LYS C 175 8.14 -25.06 -13.11
CA LYS C 175 8.98 -25.47 -11.99
C LYS C 175 9.00 -27.00 -11.86
N THR C 176 7.84 -27.64 -11.95
CA THR C 176 7.78 -29.09 -11.85
C THR C 176 8.43 -29.74 -13.07
N SER C 177 8.27 -29.12 -14.24
CA SER C 177 8.85 -29.69 -15.46
C SER C 177 10.37 -29.71 -15.40
N VAL C 178 10.97 -28.65 -14.83
CA VAL C 178 12.42 -28.62 -14.68
C VAL C 178 12.89 -29.77 -13.81
N ALA C 179 12.21 -29.99 -12.68
CA ALA C 179 12.59 -31.07 -11.77
C ALA C 179 12.41 -32.44 -12.42
N ILE C 180 11.31 -32.63 -13.16
CA ILE C 180 11.08 -33.90 -13.83
C ILE C 180 12.17 -34.18 -14.85
N ASP C 181 12.52 -33.17 -15.65
CA ASP C 181 13.58 -33.34 -16.63
C ASP C 181 14.92 -33.64 -15.96
N THR C 182 15.22 -32.94 -14.87
CA THR C 182 16.46 -33.18 -14.15
C THR C 182 16.52 -34.61 -13.60
N ILE C 183 15.40 -35.10 -13.05
CA ILE C 183 15.36 -36.46 -12.53
C ILE C 183 15.53 -37.48 -13.65
N ILE C 184 14.88 -37.25 -14.79
CA ILE C 184 14.99 -38.17 -15.92
C ILE C 184 16.40 -38.20 -16.46
N ASN C 185 17.09 -37.06 -16.47
CA ASN C 185 18.43 -37.00 -17.04
C ASN C 185 19.45 -37.82 -16.26
N GLN C 186 19.14 -38.21 -15.02
CA GLN C 186 20.04 -39.01 -14.19
C GLN C 186 19.97 -40.50 -14.51
N LYS C 187 19.44 -40.88 -15.68
CA LYS C 187 19.21 -42.28 -15.98
C LYS C 187 20.50 -43.08 -15.98
N ASP C 188 21.55 -42.55 -16.61
CA ASP C 188 22.82 -43.27 -16.70
C ASP C 188 23.77 -42.90 -15.57
N GLN C 189 23.76 -41.64 -15.15
CA GLN C 189 24.62 -41.21 -14.05
C GLN C 189 24.16 -41.85 -12.74
N ASN C 190 25.13 -42.34 -11.96
CA ASN C 190 24.84 -43.09 -10.74
C ASN C 190 24.39 -42.11 -9.65
N MET C 191 23.07 -42.02 -9.49
CA MET C 191 22.49 -41.14 -8.49
C MET C 191 21.08 -41.62 -8.15
N ILE C 192 20.76 -41.63 -6.87
CA ILE C 192 19.40 -41.92 -6.41
C ILE C 192 18.62 -40.61 -6.34
N SER C 193 17.37 -40.65 -6.79
CA SER C 193 16.52 -39.47 -6.82
C SER C 193 15.36 -39.65 -5.84
N ILE C 194 15.02 -38.57 -5.13
CA ILE C 194 13.91 -38.57 -4.19
C ILE C 194 13.03 -37.36 -4.52
N TYR C 195 11.75 -37.61 -4.76
CA TYR C 195 10.78 -36.58 -5.11
C TYR C 195 9.73 -36.48 -4.02
N VAL C 196 9.70 -35.35 -3.33
CA VAL C 196 8.75 -35.11 -2.24
C VAL C 196 7.68 -34.15 -2.74
N ALA C 197 6.43 -34.56 -2.66
CA ALA C 197 5.30 -33.74 -3.06
C ALA C 197 4.47 -33.39 -1.83
N ILE C 198 4.31 -32.09 -1.57
CA ILE C 198 3.61 -31.60 -0.38
C ILE C 198 2.41 -30.80 -0.84
N GLY C 199 1.22 -31.21 -0.41
CA GLY C 199 0.02 -30.43 -0.66
C GLY C 199 -0.50 -30.47 -2.07
N GLN C 200 -0.19 -31.50 -2.84
CA GLN C 200 -0.67 -31.63 -4.20
C GLN C 200 -1.84 -32.61 -4.27
N LYS C 201 -2.54 -32.59 -5.41
CA LYS C 201 -3.55 -33.59 -5.67
C LYS C 201 -2.91 -34.96 -5.90
N GLU C 202 -3.55 -35.99 -5.37
CA GLU C 202 -3.06 -37.35 -5.61
C GLU C 202 -3.11 -37.69 -7.08
N SER C 203 -4.05 -37.12 -7.83
CA SER C 203 -4.07 -37.31 -9.27
C SER C 203 -2.85 -36.70 -9.95
N THR C 204 -2.44 -35.51 -9.51
CA THR C 204 -1.22 -34.90 -10.05
C THR C 204 0.01 -35.74 -9.69
N VAL C 205 0.05 -36.24 -8.46
CA VAL C 205 1.17 -37.11 -8.05
C VAL C 205 1.20 -38.36 -8.91
N ARG C 206 0.04 -38.94 -9.18
CA ARG C 206 -0.02 -40.14 -10.01
C ARG C 206 0.40 -39.85 -11.44
N THR C 207 0.04 -38.67 -11.95
CA THR C 207 0.49 -38.27 -13.29
C THR C 207 2.01 -38.17 -13.33
N VAL C 208 2.61 -37.57 -12.29
CA VAL C 208 4.07 -37.46 -12.23
C VAL C 208 4.70 -38.85 -12.19
N VAL C 209 4.12 -39.75 -11.39
CA VAL C 209 4.65 -41.11 -11.28
C VAL C 209 4.53 -41.84 -12.61
N GLU C 210 3.43 -41.63 -13.32
CA GLU C 210 3.27 -42.25 -14.64
C GLU C 210 4.29 -41.72 -15.63
N THR C 211 4.57 -40.41 -15.61
CA THR C 211 5.60 -39.86 -16.48
C THR C 211 6.97 -40.47 -16.16
N LEU C 212 7.29 -40.58 -14.87
CA LEU C 212 8.56 -41.17 -14.48
C LEU C 212 8.66 -42.64 -14.89
N ARG C 213 7.57 -43.39 -14.75
CA ARG C 213 7.56 -44.79 -15.18
C ARG C 213 7.72 -44.89 -16.69
N LYS C 214 7.07 -43.99 -17.44
CA LYS C 214 7.21 -43.97 -18.89
C LYS C 214 8.65 -43.73 -19.31
N HIS C 215 9.32 -42.78 -18.67
CA HIS C 215 10.69 -42.44 -19.04
C HIS C 215 11.73 -43.28 -18.33
N GLY C 216 11.33 -44.20 -17.46
CA GLY C 216 12.27 -45.13 -16.87
C GLY C 216 13.00 -44.64 -15.65
N ALA C 217 12.60 -43.49 -15.10
CA ALA C 217 13.27 -42.96 -13.92
C ALA C 217 12.83 -43.64 -12.63
N LEU C 218 11.77 -44.44 -12.68
CA LEU C 218 11.25 -45.08 -11.49
C LEU C 218 12.12 -46.23 -11.00
N ASP C 219 13.12 -46.65 -11.78
CA ASP C 219 14.01 -47.71 -11.36
C ASP C 219 15.00 -47.26 -10.30
N TYR C 220 15.15 -45.95 -10.08
CA TYR C 220 16.07 -45.44 -9.08
C TYR C 220 15.49 -44.29 -8.29
N THR C 221 14.17 -44.12 -8.26
CA THR C 221 13.53 -42.96 -7.67
C THR C 221 12.60 -43.38 -6.55
N ILE C 222 12.67 -42.66 -5.43
CA ILE C 222 11.72 -42.78 -4.33
C ILE C 222 10.87 -41.52 -4.34
N VAL C 223 9.56 -41.69 -4.23
CA VAL C 223 8.63 -40.57 -4.22
C VAL C 223 7.79 -40.62 -2.94
N VAL C 224 7.79 -39.53 -2.20
CA VAL C 224 7.06 -39.41 -0.94
C VAL C 224 5.95 -38.38 -1.16
N THR C 225 4.72 -38.77 -0.85
CA THR C 225 3.55 -37.96 -1.14
C THR C 225 2.81 -37.61 0.15
N ALA C 226 2.36 -36.36 0.24
CA ALA C 226 1.53 -35.87 1.33
C ALA C 226 0.48 -34.95 0.70
N SER C 227 -0.70 -35.51 0.41
CA SER C 227 -1.71 -34.80 -0.36
C SER C 227 -2.41 -33.76 0.51
N ALA C 228 -3.32 -33.02 -0.13
CA ALA C 228 -4.03 -31.96 0.56
C ALA C 228 -5.02 -32.47 1.61
N SER C 229 -5.57 -33.66 1.40
CA SER C 229 -6.53 -34.21 2.37
C SER C 229 -5.86 -34.70 3.64
N GLN C 230 -4.54 -34.93 3.61
CA GLN C 230 -3.84 -35.40 4.79
C GLN C 230 -3.78 -34.28 5.85
N PRO C 231 -3.66 -34.65 7.12
CA PRO C 231 -3.56 -33.63 8.17
C PRO C 231 -2.26 -32.85 8.07
N ALA C 232 -2.28 -31.65 8.65
CA ALA C 232 -1.13 -30.76 8.58
C ALA C 232 0.20 -31.36 9.05
N PRO C 233 0.24 -32.17 10.11
CA PRO C 233 1.54 -32.76 10.51
C PRO C 233 2.21 -33.59 9.44
N LEU C 234 1.47 -34.32 8.61
CA LEU C 234 2.10 -35.10 7.54
C LEU C 234 2.77 -34.17 6.53
N LEU C 235 2.11 -33.08 6.15
CA LEU C 235 2.73 -32.11 5.25
C LEU C 235 3.94 -31.47 5.91
N PHE C 236 3.86 -31.23 7.22
CA PHE C 236 4.97 -30.61 7.95
C PHE C 236 6.18 -31.54 8.02
N LEU C 237 5.93 -32.85 8.09
CA LEU C 237 7.00 -33.81 8.29
C LEU C 237 7.53 -34.43 7.00
N ALA C 238 6.82 -34.27 5.89
CA ALA C 238 7.25 -34.92 4.64
C ALA C 238 8.66 -34.55 4.19
N PRO C 239 9.08 -33.28 4.12
CA PRO C 239 10.46 -32.99 3.70
C PRO C 239 11.49 -33.59 4.62
N TYR C 240 11.24 -33.60 5.93
CA TYR C 240 12.19 -34.21 6.86
C TYR C 240 12.28 -35.72 6.66
N ALA C 241 11.15 -36.37 6.38
CA ALA C 241 11.19 -37.79 6.06
C ALA C 241 12.01 -38.04 4.79
N GLY C 242 11.82 -37.19 3.78
CA GLY C 242 12.58 -37.35 2.55
C GLY C 242 14.08 -37.18 2.76
N VAL C 243 14.48 -36.15 3.50
CA VAL C 243 15.90 -35.92 3.73
C VAL C 243 16.49 -37.02 4.63
N ALA C 244 15.68 -37.55 5.55
CA ALA C 244 16.15 -38.67 6.36
C ALA C 244 16.37 -39.92 5.53
N MET C 245 15.47 -40.17 4.57
CA MET C 245 15.68 -41.29 3.65
C MET C 245 16.90 -41.07 2.77
N GLY C 246 17.15 -39.84 2.35
CA GLY C 246 18.32 -39.53 1.56
C GLY C 246 19.64 -39.66 2.30
N GLU C 247 19.64 -39.29 3.58
CA GLU C 247 20.86 -39.35 4.37
C GLU C 247 21.38 -40.77 4.51
N TYR C 248 20.48 -41.75 4.50
CA TYR C 248 20.90 -43.15 4.61
C TYR C 248 21.80 -43.53 3.45
N PHE C 249 21.45 -43.12 2.23
CA PHE C 249 22.30 -43.38 1.08
C PHE C 249 23.51 -42.46 1.08
N MET C 250 23.34 -41.22 1.55
CA MET C 250 24.46 -40.28 1.53
C MET C 250 25.62 -40.75 2.41
N TYR C 251 25.32 -41.29 3.59
CA TYR C 251 26.38 -41.71 4.50
C TYR C 251 26.96 -43.08 4.15
N LYS C 252 26.42 -43.75 3.14
CA LYS C 252 27.03 -44.97 2.61
C LYS C 252 27.92 -44.70 1.40
N GLY C 253 28.15 -43.44 1.06
CA GLY C 253 28.98 -43.10 -0.08
C GLY C 253 28.25 -42.84 -1.37
N LYS C 254 26.92 -42.97 -1.38
CA LYS C 254 26.14 -42.74 -2.58
C LYS C 254 25.86 -41.25 -2.77
N HIS C 255 25.32 -40.92 -3.94
CA HIS C 255 24.93 -39.55 -4.27
C HIS C 255 23.41 -39.52 -4.46
N VAL C 256 22.76 -38.55 -3.80
CA VAL C 256 21.31 -38.48 -3.75
C VAL C 256 20.86 -37.11 -4.24
N LEU C 257 19.74 -37.07 -4.94
CA LEU C 257 19.07 -35.84 -5.36
C LEU C 257 17.69 -35.82 -4.75
N VAL C 258 17.37 -34.73 -4.04
CA VAL C 258 16.10 -34.59 -3.33
C VAL C 258 15.39 -33.36 -3.86
N VAL C 259 14.11 -33.50 -4.16
CA VAL C 259 13.27 -32.41 -4.67
C VAL C 259 12.13 -32.18 -3.69
N TYR C 260 12.03 -30.95 -3.20
CA TYR C 260 10.90 -30.52 -2.36
C TYR C 260 10.01 -29.67 -3.27
N ASP C 261 8.90 -30.25 -3.71
CA ASP C 261 8.10 -29.62 -4.76
C ASP C 261 7.33 -28.39 -4.28
N ASP C 262 7.19 -28.18 -2.97
CA ASP C 262 6.62 -26.93 -2.47
C ASP C 262 6.99 -26.78 -1.00
N LEU C 263 7.85 -25.80 -0.69
CA LEU C 263 8.13 -25.47 0.70
C LEU C 263 7.12 -24.49 1.28
N SER C 264 6.45 -23.70 0.44
CA SER C 264 5.45 -22.77 0.92
C SER C 264 4.25 -23.46 1.54
N LYS C 265 3.79 -24.57 0.97
CA LYS C 265 2.69 -25.32 1.56
C LYS C 265 3.09 -25.97 2.88
N GLN C 266 4.34 -26.46 2.97
CA GLN C 266 4.83 -26.98 4.24
C GLN C 266 4.90 -25.88 5.29
N ALA C 267 5.32 -24.68 4.90
CA ALA C 267 5.32 -23.55 5.83
C ALA C 267 3.92 -23.20 6.29
N ALA C 268 2.95 -23.23 5.37
CA ALA C 268 1.57 -22.96 5.74
C ALA C 268 1.03 -24.02 6.70
N ALA C 269 1.37 -25.29 6.47
CA ALA C 269 0.95 -26.35 7.39
C ALA C 269 1.57 -26.17 8.76
N TYR C 270 2.84 -25.78 8.82
CA TYR C 270 3.49 -25.53 10.10
C TYR C 270 2.84 -24.35 10.81
N ARG C 271 2.48 -23.30 10.07
CA ARG C 271 1.76 -22.17 10.65
C ARG C 271 0.42 -22.62 11.24
N GLU C 272 -0.30 -23.48 10.50
CA GLU C 272 -1.55 -24.02 11.00
C GLU C 272 -1.36 -24.79 12.30
N LEU C 273 -0.34 -25.64 12.33
CA LEU C 273 -0.06 -26.41 13.55
C LEU C 273 0.27 -25.50 14.72
N SER C 274 1.10 -24.48 14.47
CA SER C 274 1.51 -23.56 15.53
C SER C 274 0.31 -22.79 16.07
N LEU C 275 -0.56 -22.31 15.17
CA LEU C 275 -1.74 -21.59 15.62
C LEU C 275 -2.68 -22.50 16.40
N LEU C 276 -2.82 -23.76 15.97
CA LEU C 276 -3.66 -24.69 16.70
C LEU C 276 -3.11 -25.00 18.08
N LEU C 277 -1.77 -25.03 18.21
CA LEU C 277 -1.16 -25.27 19.51
C LEU C 277 -1.07 -24.03 20.38
N ARG C 278 -1.81 -22.97 20.03
CA ARG C 278 -1.89 -21.73 20.81
C ARG C 278 -0.54 -21.03 20.96
N ARG C 279 0.35 -21.18 19.98
CA ARG C 279 1.60 -20.44 20.01
C ARG C 279 1.40 -19.08 19.35
N PRO C 280 1.85 -18.00 19.98
CA PRO C 280 1.54 -16.65 19.49
C PRO C 280 2.09 -16.44 18.08
N PRO C 281 1.34 -15.77 17.22
CA PRO C 281 1.78 -15.60 15.83
C PRO C 281 2.68 -14.39 15.67
N GLY C 282 3.37 -14.34 14.52
CA GLY C 282 4.22 -13.22 14.17
C GLY C 282 3.78 -12.54 12.90
N ARG C 283 4.72 -12.27 12.01
CA ARG C 283 4.38 -11.67 10.72
C ARG C 283 3.51 -12.62 9.90
N GLU C 284 2.40 -12.09 9.38
CA GLU C 284 1.48 -12.85 8.54
C GLU C 284 1.00 -14.13 9.23
N ALA C 285 0.87 -14.07 10.56
CA ALA C 285 0.46 -15.17 11.41
C ALA C 285 1.46 -16.33 11.44
N TYR C 286 2.60 -16.17 10.78
CA TYR C 286 3.62 -17.21 10.80
C TYR C 286 4.30 -17.25 12.18
N PRO C 287 4.75 -18.43 12.60
CA PRO C 287 5.46 -18.52 13.88
C PRO C 287 6.85 -17.91 13.80
N GLY C 288 7.48 -17.78 14.97
CA GLY C 288 8.78 -17.14 15.04
C GLY C 288 9.89 -17.92 14.36
N ASP C 289 9.86 -19.25 14.44
CA ASP C 289 10.92 -20.10 13.92
C ASP C 289 10.63 -20.61 12.51
N ILE C 290 9.90 -19.83 11.71
CA ILE C 290 9.63 -20.24 10.34
C ILE C 290 10.92 -20.26 9.52
N PHE C 291 11.87 -19.37 9.86
CA PHE C 291 13.17 -19.40 9.19
C PHE C 291 14.02 -20.57 9.68
N TYR C 292 13.98 -20.83 10.98
CA TYR C 292 14.75 -21.94 11.54
C TYR C 292 14.28 -23.27 10.99
N LEU C 293 12.98 -23.42 10.73
CA LEU C 293 12.45 -24.63 10.10
C LEU C 293 13.18 -24.95 8.81
N HIS C 294 13.14 -24.02 7.86
CA HIS C 294 13.77 -24.23 6.56
C HIS C 294 15.29 -24.30 6.65
N SER C 295 15.91 -23.52 7.53
CA SER C 295 17.37 -23.61 7.68
C SER C 295 17.78 -24.99 8.19
N ARG C 296 17.07 -25.51 9.18
CA ARG C 296 17.34 -26.85 9.69
C ARG C 296 17.13 -27.90 8.61
N LEU C 297 16.05 -27.75 7.82
CA LEU C 297 15.79 -28.71 6.76
C LEU C 297 16.89 -28.69 5.70
N LEU C 298 17.33 -27.50 5.30
CA LEU C 298 18.20 -27.39 4.13
C LEU C 298 19.68 -27.51 4.48
N GLU C 299 20.05 -27.37 5.75
CA GLU C 299 21.46 -27.51 6.10
C GLU C 299 21.93 -28.96 6.13
N ARG C 300 21.02 -29.92 5.98
CA ARG C 300 21.42 -31.32 5.99
C ARG C 300 21.89 -31.81 4.63
N ALA C 301 21.77 -30.99 3.59
CA ALA C 301 22.32 -31.32 2.28
C ALA C 301 23.75 -30.80 2.20
N ALA C 302 24.70 -31.69 1.89
CA ALA C 302 26.10 -31.32 1.91
C ALA C 302 26.91 -32.29 1.07
N LYS C 303 28.14 -31.87 0.77
CA LYS C 303 29.13 -32.73 0.13
C LYS C 303 30.12 -33.19 1.20
N LEU C 304 30.09 -34.48 1.52
CA LEU C 304 30.93 -35.02 2.58
C LEU C 304 32.38 -35.10 2.13
N SER C 305 33.28 -35.07 3.09
CA SER C 305 34.70 -35.19 2.83
C SER C 305 35.08 -36.66 2.60
N ASP C 306 36.32 -36.87 2.18
CA ASP C 306 36.79 -38.22 1.90
C ASP C 306 36.83 -39.07 3.16
N ALA C 307 37.07 -38.45 4.32
CA ALA C 307 37.10 -39.20 5.57
C ALA C 307 35.70 -39.64 5.99
N LYS C 308 34.66 -38.96 5.52
CA LYS C 308 33.28 -39.30 5.84
C LYS C 308 32.65 -40.22 4.81
N GLY C 309 33.36 -40.56 3.73
CA GLY C 309 32.84 -41.44 2.70
C GLY C 309 32.74 -40.83 1.32
N GLY C 310 32.70 -39.50 1.21
CA GLY C 310 32.64 -38.85 -0.07
C GLY C 310 31.27 -38.72 -0.69
N GLY C 311 30.22 -39.16 0.00
CA GLY C 311 28.88 -39.05 -0.53
C GLY C 311 28.38 -37.61 -0.51
N SER C 312 27.27 -37.40 -1.20
CA SER C 312 26.70 -36.06 -1.31
C SER C 312 25.19 -36.15 -1.39
N LEU C 313 24.54 -35.03 -1.05
CA LEU C 313 23.09 -34.90 -1.15
C LEU C 313 22.78 -33.51 -1.66
N THR C 314 22.14 -33.42 -2.81
CA THR C 314 21.76 -32.15 -3.41
C THR C 314 20.25 -31.99 -3.37
N ALA C 315 19.80 -30.77 -3.08
CA ALA C 315 18.39 -30.48 -2.86
C ALA C 315 17.93 -29.40 -3.84
N LEU C 316 16.67 -29.52 -4.29
CA LEU C 316 16.05 -28.52 -5.16
C LEU C 316 14.73 -28.06 -4.56
N PRO C 317 14.75 -27.19 -3.54
CA PRO C 317 13.50 -26.72 -2.96
C PRO C 317 12.73 -25.82 -3.92
N PHE C 318 11.42 -25.79 -3.73
CA PHE C 318 10.51 -25.01 -4.57
C PHE C 318 9.83 -23.94 -3.72
N VAL C 319 9.67 -22.75 -4.30
CA VAL C 319 8.92 -21.68 -3.67
C VAL C 319 8.01 -21.06 -4.73
N GLU C 320 6.74 -20.87 -4.37
CA GLU C 320 5.75 -20.27 -5.27
C GLU C 320 5.48 -18.85 -4.81
N THR C 321 5.68 -17.89 -5.73
CA THR C 321 5.42 -16.49 -5.44
C THR C 321 3.99 -16.12 -5.84
N GLN C 322 3.57 -14.93 -5.42
CA GLN C 322 2.26 -14.39 -5.75
C GLN C 322 2.45 -13.16 -6.62
N ALA C 323 2.03 -13.27 -7.88
CA ALA C 323 2.13 -12.16 -8.85
C ALA C 323 3.57 -11.69 -9.00
N GLY C 324 4.51 -12.62 -8.89
CA GLY C 324 5.91 -12.30 -9.06
C GLY C 324 6.53 -11.49 -7.93
N ASP C 325 5.90 -11.43 -6.77
CA ASP C 325 6.42 -10.65 -5.65
C ASP C 325 7.52 -11.45 -4.95
N ILE C 326 8.74 -10.91 -4.96
CA ILE C 326 9.87 -11.61 -4.37
C ILE C 326 10.17 -11.13 -2.95
N SER C 327 9.74 -9.92 -2.59
CA SER C 327 10.00 -9.38 -1.26
C SER C 327 9.17 -10.04 -0.18
N ALA C 328 8.44 -11.10 -0.49
CA ALA C 328 7.59 -11.75 0.49
C ALA C 328 8.42 -12.51 1.52
N TYR C 329 7.76 -12.85 2.63
CA TYR C 329 8.45 -13.39 3.80
C TYR C 329 9.13 -14.72 3.49
N ILE C 330 8.35 -15.71 3.07
CA ILE C 330 8.87 -17.05 2.79
C ILE C 330 9.87 -17.03 1.64
N PRO C 331 9.58 -16.37 0.50
CA PRO C 331 10.60 -16.30 -0.55
C PRO C 331 11.89 -15.66 -0.09
N THR C 332 11.82 -14.58 0.70
CA THR C 332 13.03 -13.96 1.22
C THR C 332 13.81 -14.92 2.11
N ASN C 333 13.10 -15.60 3.01
CA ASN C 333 13.76 -16.53 3.92
C ASN C 333 14.45 -17.65 3.16
N VAL C 334 13.77 -18.23 2.17
CA VAL C 334 14.36 -19.35 1.43
C VAL C 334 15.51 -18.86 0.57
N ILE C 335 15.41 -17.67 -0.03
CA ILE C 335 16.51 -17.16 -0.84
C ILE C 335 17.74 -16.91 0.03
N SER C 336 17.53 -16.49 1.28
CA SER C 336 18.64 -16.25 2.18
C SER C 336 19.35 -17.53 2.62
N ILE C 337 18.80 -18.70 2.33
CA ILE C 337 19.38 -19.96 2.78
C ILE C 337 20.11 -20.68 1.67
N THR C 338 19.49 -20.84 0.51
CA THR C 338 20.02 -21.69 -0.55
C THR C 338 21.25 -21.07 -1.19
N ASP C 339 22.00 -21.91 -1.92
CA ASP C 339 23.20 -21.47 -2.59
C ASP C 339 22.90 -20.66 -3.85
N GLY C 340 21.71 -20.82 -4.43
CA GLY C 340 21.34 -20.07 -5.60
C GLY C 340 19.85 -20.22 -5.86
N GLN C 341 19.36 -19.41 -6.79
CA GLN C 341 17.95 -19.46 -7.17
C GLN C 341 17.83 -19.37 -8.68
N ILE C 342 16.80 -20.03 -9.22
CA ILE C 342 16.44 -19.96 -10.62
C ILE C 342 15.08 -19.28 -10.72
N PHE C 343 15.00 -18.23 -11.52
CA PHE C 343 13.79 -17.41 -11.62
C PHE C 343 13.04 -17.75 -12.89
N LEU C 344 11.76 -18.08 -12.75
CA LEU C 344 10.87 -18.31 -13.87
C LEU C 344 9.79 -17.24 -13.88
N GLN C 345 9.60 -16.59 -15.02
CA GLN C 345 8.71 -15.44 -15.13
C GLN C 345 7.64 -15.70 -16.18
N SER C 346 6.41 -15.30 -15.88
CA SER C 346 5.29 -15.52 -16.78
C SER C 346 5.44 -14.73 -18.08
N ASP C 347 5.93 -13.49 -18.01
CA ASP C 347 6.09 -12.70 -19.22
C ASP C 347 7.11 -13.32 -20.16
N LEU C 348 8.21 -13.85 -19.60
CA LEU C 348 9.16 -14.60 -20.42
C LEU C 348 8.54 -15.88 -20.96
N PHE C 349 7.72 -16.55 -20.13
CA PHE C 349 7.08 -17.79 -20.57
C PHE C 349 6.17 -17.55 -21.77
N PHE C 350 5.40 -16.47 -21.74
CA PHE C 350 4.44 -16.21 -22.81
C PHE C 350 5.08 -15.53 -24.01
N SER C 351 6.25 -14.91 -23.83
CA SER C 351 6.97 -14.32 -24.94
C SER C 351 7.57 -15.36 -25.88
N GLY C 352 7.56 -16.63 -25.49
CA GLY C 352 8.07 -17.69 -26.32
C GLY C 352 9.36 -18.33 -25.85
N VAL C 353 10.08 -17.70 -24.92
CA VAL C 353 11.34 -18.27 -24.43
C VAL C 353 11.01 -19.23 -23.29
N ARG C 354 11.22 -20.53 -23.54
CA ARG C 354 11.00 -21.58 -22.57
C ARG C 354 12.21 -22.51 -22.55
N PRO C 355 12.79 -22.81 -21.38
CA PRO C 355 12.35 -22.39 -20.04
C PRO C 355 12.51 -20.89 -19.80
N ALA C 356 11.58 -20.32 -19.02
CA ALA C 356 11.56 -18.88 -18.77
C ALA C 356 12.53 -18.45 -17.70
N ILE C 357 13.81 -18.79 -17.86
CA ILE C 357 14.81 -18.47 -16.84
C ILE C 357 15.26 -17.02 -17.01
N ASN C 358 15.15 -16.24 -15.93
CA ASN C 358 15.60 -14.85 -15.94
C ASN C 358 17.09 -14.84 -15.63
N ALA C 359 17.90 -14.55 -16.65
CA ALA C 359 19.36 -14.59 -16.47
C ALA C 359 19.87 -13.53 -15.51
N GLY C 360 19.23 -12.35 -15.48
CA GLY C 360 19.69 -11.30 -14.58
C GLY C 360 19.48 -11.65 -13.12
N LEU C 361 18.37 -12.30 -12.80
CA LEU C 361 18.05 -12.59 -11.40
C LEU C 361 18.59 -13.93 -10.94
N SER C 362 18.64 -14.92 -11.82
CA SER C 362 19.17 -16.23 -11.44
C SER C 362 20.68 -16.15 -11.25
N VAL C 363 21.17 -16.88 -10.24
CA VAL C 363 22.60 -16.89 -9.94
C VAL C 363 22.94 -18.19 -9.23
N SER C 364 24.18 -18.64 -9.37
CA SER C 364 24.70 -19.80 -8.69
C SER C 364 25.98 -19.42 -7.96
N ARG C 365 26.04 -19.68 -6.66
CA ARG C 365 27.20 -19.32 -5.86
C ARG C 365 28.35 -20.30 -6.03
N VAL C 366 28.13 -21.44 -6.68
CA VAL C 366 29.16 -22.44 -6.90
C VAL C 366 29.50 -22.54 -8.39
N GLY C 367 29.07 -21.55 -9.17
CA GLY C 367 29.30 -21.62 -10.60
C GLY C 367 30.78 -21.65 -10.95
N GLY C 368 31.09 -22.34 -12.04
CA GLY C 368 32.47 -22.53 -12.45
C GLY C 368 33.08 -23.80 -11.92
N ALA C 369 33.10 -23.94 -10.59
CA ALA C 369 33.64 -25.17 -10.00
C ALA C 369 32.76 -26.36 -10.29
N ALA C 370 31.47 -26.15 -10.55
CA ALA C 370 30.52 -27.21 -10.84
C ALA C 370 30.30 -27.41 -12.34
N GLN C 371 31.31 -27.20 -13.17
CA GLN C 371 31.17 -27.32 -14.61
C GLN C 371 32.31 -28.15 -15.19
N ILE C 372 32.01 -28.82 -16.31
CA ILE C 372 33.04 -29.46 -17.10
C ILE C 372 34.00 -28.39 -17.62
N LYS C 373 35.25 -28.79 -17.89
CA LYS C 373 36.25 -27.83 -18.34
C LYS C 373 35.85 -27.17 -19.66
N ALA C 374 35.30 -27.97 -20.60
CA ALA C 374 34.88 -27.40 -21.87
C ALA C 374 33.76 -26.39 -21.69
N MET C 375 32.77 -26.71 -20.86
CA MET C 375 31.68 -25.77 -20.61
C MET C 375 32.19 -24.51 -19.92
N LYS C 376 33.15 -24.66 -19.00
CA LYS C 376 33.75 -23.51 -18.35
C LYS C 376 34.46 -22.62 -19.36
N LYS C 377 35.16 -23.23 -20.32
CA LYS C 377 35.82 -22.45 -21.37
C LYS C 377 34.80 -21.70 -22.21
N VAL C 378 33.72 -22.38 -22.61
CA VAL C 378 32.84 -21.78 -23.62
C VAL C 378 31.85 -20.79 -23.00
N ALA C 379 31.47 -20.96 -21.74
CA ALA C 379 30.45 -20.11 -21.14
C ALA C 379 30.86 -19.51 -19.80
N GLY C 380 32.09 -19.01 -19.69
CA GLY C 380 32.52 -18.42 -18.44
C GLY C 380 31.87 -17.08 -18.13
N THR C 381 31.44 -16.37 -19.16
CA THR C 381 30.94 -15.00 -19.02
C THR C 381 29.48 -14.85 -19.44
N LEU C 382 28.87 -15.92 -19.94
CA LEU C 382 27.59 -15.80 -20.64
C LEU C 382 26.48 -15.21 -19.78
N ARG C 383 26.47 -15.50 -18.48
CA ARG C 383 25.41 -14.96 -17.63
C ARG C 383 25.51 -13.45 -17.51
N LEU C 384 26.72 -12.94 -17.24
CA LEU C 384 26.91 -11.50 -17.20
C LEU C 384 26.69 -10.87 -18.56
N ASP C 385 27.03 -11.60 -19.63
CA ASP C 385 26.77 -11.12 -20.98
C ASP C 385 25.28 -10.91 -21.20
N LEU C 386 24.46 -11.88 -20.79
CA LEU C 386 23.02 -11.75 -20.95
C LEU C 386 22.45 -10.66 -20.04
N ALA C 387 23.00 -10.51 -18.83
CA ALA C 387 22.54 -9.44 -17.96
C ALA C 387 22.82 -8.07 -18.60
N ALA C 388 24.02 -7.90 -19.15
CA ALA C 388 24.36 -6.65 -19.82
C ALA C 388 23.50 -6.44 -21.07
N TYR C 389 23.22 -7.51 -21.80
CA TYR C 389 22.36 -7.39 -22.98
C TYR C 389 20.95 -6.97 -22.61
N ARG C 390 20.42 -7.53 -21.51
CA ARG C 390 19.11 -7.12 -21.04
C ARG C 390 19.11 -5.66 -20.60
N GLU C 391 20.19 -5.23 -19.94
CA GLU C 391 20.30 -3.81 -19.58
C GLU C 391 20.32 -2.92 -20.82
N LEU C 392 21.11 -3.33 -21.82
CA LEU C 392 21.26 -2.50 -23.05
C LEU C 392 20.02 -2.51 -23.94
N GLU C 393 19.22 -3.57 -23.95
CA GLU C 393 17.97 -3.62 -24.76
C GLU C 393 16.96 -2.63 -24.23
N ALA C 394 16.85 -2.51 -22.92
CA ALA C 394 15.95 -1.48 -22.34
C ALA C 394 16.46 -0.08 -22.71
N PHE C 395 17.76 0.17 -22.61
CA PHE C 395 18.36 1.45 -23.07
C PHE C 395 18.42 1.30 -24.59
N ALA C 396 18.46 2.37 -25.37
CA ALA C 396 18.60 2.18 -26.83
C ALA C 396 17.27 1.76 -27.47
N GLN C 397 16.26 1.39 -26.67
CA GLN C 397 14.96 1.06 -27.29
C GLN C 397 14.36 2.36 -27.81
N PHE C 398 14.39 3.40 -26.97
CA PHE C 398 13.85 4.73 -27.36
C PHE C 398 14.72 5.34 -28.45
N GLY C 399 16.04 5.12 -28.40
CA GLY C 399 16.98 5.78 -29.32
C GLY C 399 17.05 5.13 -30.69
N SER C 400 18.19 5.32 -31.38
CA SER C 400 18.33 4.78 -32.77
C SER C 400 19.44 3.73 -32.88
N ASP C 401 19.89 3.07 -31.80
CA ASP C 401 20.88 2.01 -31.98
C ASP C 401 21.96 2.44 -32.96
N LEU C 402 22.45 3.67 -32.78
CA LEU C 402 23.38 4.25 -33.75
C LEU C 402 24.71 3.51 -33.75
N ASP C 403 25.28 3.26 -32.58
CA ASP C 403 26.65 2.77 -32.48
C ASP C 403 26.73 1.33 -33.01
N LYS C 404 27.76 1.07 -33.81
CA LYS C 404 27.97 -0.26 -34.38
C LYS C 404 28.27 -1.28 -33.28
N ALA C 405 28.95 -0.82 -32.22
CA ALA C 405 29.22 -1.69 -31.05
C ALA C 405 27.89 -2.09 -30.41
N THR C 406 27.02 -1.12 -30.14
CA THR C 406 25.67 -1.43 -29.61
C THR C 406 24.91 -2.30 -30.62
N GLN C 407 25.09 -2.07 -31.92
CA GLN C 407 24.38 -2.85 -32.98
C GLN C 407 24.91 -4.29 -33.08
N ALA C 408 26.12 -4.61 -32.61
CA ALA C 408 26.71 -5.94 -32.55
C ALA C 408 26.36 -6.63 -31.23
N LYS C 409 26.36 -5.89 -30.12
CA LYS C 409 25.98 -6.47 -28.84
C LYS C 409 24.54 -6.97 -28.89
N LEU C 410 23.63 -6.16 -29.44
CA LEU C 410 22.23 -6.57 -29.56
C LEU C 410 22.11 -7.81 -30.45
N ALA C 411 22.84 -7.85 -31.56
CA ALA C 411 22.78 -9.00 -32.45
C ALA C 411 23.24 -10.26 -31.75
N ARG C 412 24.35 -10.19 -31.02
CA ARG C 412 24.85 -11.35 -30.30
C ARG C 412 23.87 -11.79 -29.21
N GLY C 413 23.29 -10.82 -28.50
CA GLY C 413 22.33 -11.17 -27.46
C GLY C 413 21.11 -11.87 -28.00
N ALA C 414 20.61 -11.42 -29.16
CA ALA C 414 19.46 -12.07 -29.76
C ALA C 414 19.77 -13.52 -30.12
N ARG C 415 20.95 -13.76 -30.70
CA ARG C 415 21.34 -15.13 -31.05
C ARG C 415 21.44 -16.00 -29.80
N THR C 416 22.06 -15.48 -28.74
CA THR C 416 22.17 -16.28 -27.51
C THR C 416 20.80 -16.60 -26.93
N VAL C 417 19.90 -15.62 -26.89
CA VAL C 417 18.58 -15.83 -26.33
C VAL C 417 17.82 -16.88 -27.14
N GLU C 418 17.89 -16.81 -28.47
CA GLU C 418 17.19 -17.80 -29.28
C GLU C 418 17.85 -19.17 -29.18
N VAL C 419 19.16 -19.22 -28.94
CA VAL C 419 19.83 -20.51 -28.77
C VAL C 419 19.43 -21.18 -27.47
N LEU C 420 19.26 -20.41 -26.39
CA LEU C 420 18.99 -21.01 -25.09
C LEU C 420 17.62 -21.67 -24.98
N LYS C 421 16.73 -21.49 -25.96
CA LYS C 421 15.41 -22.10 -25.89
C LYS C 421 15.51 -23.62 -26.00
N GLN C 422 14.54 -24.32 -25.41
CA GLN C 422 14.55 -25.77 -25.39
C GLN C 422 13.12 -26.27 -25.23
N ASP C 423 12.88 -27.50 -25.72
CA ASP C 423 11.56 -28.10 -25.67
C ASP C 423 11.44 -29.03 -24.47
N LEU C 424 10.19 -29.32 -24.10
CA LEU C 424 9.92 -30.18 -22.96
C LEU C 424 10.35 -31.62 -23.24
N HIS C 425 10.97 -32.25 -22.25
CA HIS C 425 11.41 -33.64 -22.33
C HIS C 425 12.32 -33.88 -23.53
N GLN C 426 13.27 -32.97 -23.74
CA GLN C 426 14.26 -33.10 -24.81
C GLN C 426 15.66 -32.85 -24.24
N PRO C 427 16.19 -33.80 -23.47
CA PRO C 427 17.52 -33.60 -22.88
C PRO C 427 18.60 -33.58 -23.93
N ILE C 428 19.69 -32.87 -23.62
CA ILE C 428 20.82 -32.73 -24.53
C ILE C 428 22.11 -33.07 -23.78
N PRO C 429 22.97 -33.93 -24.33
CA PRO C 429 24.22 -34.25 -23.64
C PRO C 429 25.14 -33.04 -23.54
N VAL C 430 25.96 -33.02 -22.49
CA VAL C 430 26.82 -31.88 -22.23
C VAL C 430 27.84 -31.72 -23.35
N GLU C 431 28.24 -32.82 -23.99
CA GLU C 431 29.20 -32.73 -25.08
C GLU C 431 28.61 -31.97 -26.27
N LYS C 432 27.31 -32.16 -26.53
CA LYS C 432 26.66 -31.38 -27.59
C LYS C 432 26.38 -29.95 -27.14
N GLN C 433 26.07 -29.77 -25.85
CA GLN C 433 25.83 -28.43 -25.33
C GLN C 433 27.06 -27.55 -25.47
N VAL C 434 28.23 -28.08 -25.11
CA VAL C 434 29.45 -27.27 -25.20
C VAL C 434 29.76 -26.97 -26.66
N LEU C 435 29.49 -27.90 -27.57
CA LEU C 435 29.74 -27.65 -28.99
C LEU C 435 28.84 -26.54 -29.52
N ILE C 436 27.55 -26.58 -29.19
CA ILE C 436 26.67 -25.55 -29.71
C ILE C 436 26.98 -24.20 -29.07
N ILE C 437 27.34 -24.17 -27.78
CA ILE C 437 27.73 -22.91 -27.15
C ILE C 437 29.00 -22.36 -27.78
N TYR C 438 29.96 -23.24 -28.10
CA TYR C 438 31.17 -22.80 -28.80
C TYR C 438 30.83 -22.19 -30.16
N ALA C 439 29.99 -22.89 -30.93
CA ALA C 439 29.60 -22.38 -32.24
C ALA C 439 28.92 -21.03 -32.13
N LEU C 440 28.09 -20.85 -31.10
CA LEU C 440 27.42 -19.57 -30.90
C LEU C 440 28.40 -18.47 -30.51
N THR C 441 29.29 -18.76 -29.55
CA THR C 441 30.07 -17.69 -28.93
C THR C 441 31.32 -17.34 -29.73
N ARG C 442 31.76 -18.22 -30.62
CA ARG C 442 32.94 -17.91 -31.43
C ARG C 442 32.63 -17.04 -32.63
N GLY C 443 31.36 -16.74 -32.89
CA GLY C 443 30.98 -15.88 -33.99
C GLY C 443 30.50 -16.59 -35.22
N PHE C 444 30.39 -17.92 -35.20
CA PHE C 444 29.93 -18.66 -36.36
C PHE C 444 28.44 -18.50 -36.62
N LEU C 445 27.69 -17.95 -35.67
CA LEU C 445 26.27 -17.68 -35.84
C LEU C 445 25.99 -16.22 -36.19
N ASP C 446 27.04 -15.42 -36.40
CA ASP C 446 26.84 -14.00 -36.71
C ASP C 446 26.22 -13.81 -38.09
N ASP C 447 26.42 -14.76 -38.99
CA ASP C 447 25.87 -14.69 -40.34
C ASP C 447 24.63 -15.55 -40.51
N ILE C 448 23.92 -15.85 -39.43
CA ILE C 448 22.70 -16.65 -39.45
C ILE C 448 21.57 -15.80 -38.89
N PRO C 449 20.43 -15.71 -39.55
CA PRO C 449 19.32 -14.94 -39.01
C PRO C 449 18.75 -15.57 -37.74
N VAL C 450 18.13 -14.74 -36.92
CA VAL C 450 17.61 -15.19 -35.62
C VAL C 450 16.56 -16.27 -35.80
N GLU C 451 15.74 -16.18 -36.84
CA GLU C 451 14.63 -17.11 -37.02
C GLU C 451 15.06 -18.51 -37.40
N ASP C 452 16.35 -18.71 -37.73
CA ASP C 452 16.81 -19.98 -38.26
C ASP C 452 17.77 -20.73 -37.34
N VAL C 453 18.21 -20.11 -36.25
CA VAL C 453 19.26 -20.73 -35.43
C VAL C 453 18.79 -21.99 -34.72
N ARG C 454 17.49 -22.10 -34.40
CA ARG C 454 17.01 -23.32 -33.77
C ARG C 454 17.11 -24.51 -34.72
N ARG C 455 16.69 -24.33 -35.97
CA ARG C 455 16.85 -25.38 -36.97
C ARG C 455 18.33 -25.62 -37.26
N PHE C 456 19.14 -24.56 -37.20
CA PHE C 456 20.59 -24.70 -37.36
C PHE C 456 21.15 -25.65 -36.31
N GLU C 457 20.76 -25.45 -35.04
CA GLU C 457 21.22 -26.32 -33.96
C GLU C 457 20.70 -27.74 -34.15
N LYS C 458 19.43 -27.88 -34.54
CA LYS C 458 18.84 -29.20 -34.71
C LYS C 458 19.58 -29.98 -35.79
N GLU C 459 19.96 -29.32 -36.88
CA GLU C 459 20.73 -29.99 -37.93
C GLU C 459 22.19 -30.17 -37.53
N PHE C 460 22.72 -29.27 -36.71
CA PHE C 460 24.10 -29.36 -36.24
C PHE C 460 24.29 -30.60 -35.39
N TYR C 461 23.30 -30.93 -34.57
CA TYR C 461 23.39 -32.14 -33.76
C TYR C 461 23.47 -33.39 -34.63
N LEU C 462 22.65 -33.45 -35.68
CA LEU C 462 22.71 -34.60 -36.60
C LEU C 462 24.03 -34.62 -37.36
N PHE C 463 24.55 -33.44 -37.73
CA PHE C 463 25.84 -33.37 -38.42
C PHE C 463 26.95 -33.91 -37.54
N LEU C 464 26.93 -33.57 -36.25
CA LEU C 464 27.92 -34.13 -35.32
C LEU C 464 27.73 -35.63 -35.16
N ASP C 465 26.47 -36.09 -35.08
CA ASP C 465 26.22 -37.52 -34.93
C ASP C 465 26.73 -38.30 -36.14
N GLN C 466 26.70 -37.68 -37.32
CA GLN C 466 27.08 -38.39 -38.54
C GLN C 466 28.57 -38.26 -38.86
N ASN C 467 29.17 -37.10 -38.61
CA ASN C 467 30.54 -36.84 -39.04
C ASN C 467 31.47 -36.37 -37.92
N GLY C 468 30.95 -36.02 -36.74
CA GLY C 468 31.79 -35.48 -35.70
C GLY C 468 31.84 -36.35 -34.45
N GLN C 469 31.87 -37.66 -34.65
CA GLN C 469 31.91 -38.59 -33.53
C GLN C 469 33.21 -38.46 -32.73
N HIS C 470 34.32 -38.19 -33.40
CA HIS C 470 35.60 -38.09 -32.69
C HIS C 470 35.61 -36.91 -31.72
N LEU C 471 35.05 -35.77 -32.11
CA LEU C 471 34.97 -34.63 -31.19
C LEU C 471 34.14 -34.96 -29.96
N LEU C 472 32.99 -35.62 -30.17
CA LEU C 472 32.14 -36.02 -29.06
C LEU C 472 32.88 -36.98 -28.13
N GLU C 473 33.58 -37.96 -28.70
CA GLU C 473 34.33 -38.90 -27.87
C GLU C 473 35.44 -38.20 -27.10
N HIS C 474 36.14 -37.26 -27.73
CA HIS C 474 37.21 -36.54 -27.05
C HIS C 474 36.65 -35.74 -25.87
N ILE C 475 35.53 -35.03 -26.09
CA ILE C 475 34.94 -34.26 -25.01
C ILE C 475 34.45 -35.17 -23.90
N ARG C 476 33.88 -36.32 -24.27
CA ARG C 476 33.32 -37.23 -23.27
C ARG C 476 34.41 -37.92 -22.45
N THR C 477 35.59 -38.13 -23.05
CA THR C 477 36.69 -38.78 -22.34
C THR C 477 37.56 -37.78 -21.57
N THR C 478 38.17 -36.82 -22.26
CA THR C 478 38.92 -35.75 -21.62
C THR C 478 38.02 -34.53 -21.54
N LYS C 479 37.81 -34.03 -20.32
CA LYS C 479 36.79 -33.01 -20.08
C LYS C 479 37.12 -31.66 -20.70
N ASP C 480 38.21 -31.53 -21.44
CA ASP C 480 38.58 -30.28 -22.08
C ASP C 480 38.18 -30.30 -23.55
N LEU C 481 38.22 -29.11 -24.15
CA LEU C 481 37.87 -28.98 -25.56
C LEU C 481 38.96 -29.59 -26.44
N PRO C 482 38.60 -30.07 -27.63
CA PRO C 482 39.61 -30.50 -28.60
C PRO C 482 40.35 -29.30 -29.17
N ASN C 483 41.25 -29.58 -30.11
CA ASN C 483 41.96 -28.50 -30.78
C ASN C 483 40.98 -27.67 -31.61
N GLU C 484 41.13 -26.35 -31.52
CA GLU C 484 40.17 -25.46 -32.16
C GLU C 484 40.21 -25.56 -33.68
N ASP C 485 41.32 -26.01 -34.26
CA ASP C 485 41.43 -26.07 -35.71
C ASP C 485 40.44 -27.08 -36.29
N ASP C 486 40.43 -28.30 -35.73
CA ASP C 486 39.50 -29.32 -36.22
C ASP C 486 38.05 -28.91 -35.94
N LEU C 487 37.79 -28.32 -34.77
CA LEU C 487 36.44 -27.87 -34.46
C LEU C 487 35.99 -26.77 -35.41
N ASN C 488 36.86 -25.81 -35.70
CA ASN C 488 36.53 -24.76 -36.66
C ASN C 488 36.28 -25.35 -38.04
N LYS C 489 37.10 -26.32 -38.45
CA LYS C 489 36.89 -26.94 -39.75
C LYS C 489 35.55 -27.66 -39.83
N ALA C 490 35.18 -28.38 -38.77
CA ALA C 490 33.89 -29.06 -38.76
C ALA C 490 32.73 -28.07 -38.79
N ILE C 491 32.85 -26.97 -38.03
CA ILE C 491 31.80 -25.97 -38.03
C ILE C 491 31.67 -25.33 -39.40
N GLU C 492 32.80 -25.04 -40.06
CA GLU C 492 32.75 -24.47 -41.40
C GLU C 492 32.14 -25.45 -42.40
N ALA C 493 32.45 -26.73 -42.27
CA ALA C 493 31.85 -27.73 -43.15
C ALA C 493 30.33 -27.78 -42.97
N PHE C 494 29.87 -27.77 -41.71
CA PHE C 494 28.43 -27.75 -41.47
C PHE C 494 27.80 -26.48 -42.00
N LYS C 495 28.49 -25.34 -41.87
CA LYS C 495 27.98 -24.08 -42.38
C LYS C 495 27.84 -24.13 -43.90
N LYS C 496 28.82 -24.71 -44.57
CA LYS C 496 28.74 -24.87 -46.03
C LYS C 496 27.57 -25.76 -46.42
N THR C 497 27.38 -26.86 -45.70
CA THR C 497 26.25 -27.75 -46.00
C THR C 497 24.91 -27.06 -45.74
N PHE C 498 24.84 -26.26 -44.69
CA PHE C 498 23.59 -25.64 -44.26
C PHE C 498 23.13 -24.58 -45.24
N VAL C 499 21.81 -24.45 -45.38
CA VAL C 499 21.18 -23.45 -46.22
C VAL C 499 20.25 -22.61 -45.36
N VAL C 500 20.32 -21.28 -45.51
CA VAL C 500 19.48 -20.39 -44.73
C VAL C 500 18.13 -20.23 -45.42
N SER C 501 17.06 -20.47 -44.67
CA SER C 501 15.70 -20.30 -45.19
C SER C 501 15.21 -18.88 -44.96
N MET D 12 25.83 -27.10 47.73
CA MET D 12 25.41 -27.64 46.44
C MET D 12 23.88 -27.63 46.32
N THR D 13 23.40 -27.16 45.16
CA THR D 13 21.97 -27.07 44.89
C THR D 13 21.70 -27.56 43.47
N ARG D 14 20.49 -28.10 43.27
CA ARG D 14 20.08 -28.62 41.99
C ARG D 14 18.66 -28.18 41.68
N GLY D 15 18.32 -28.21 40.39
CA GLY D 15 16.99 -27.93 39.92
C GLY D 15 16.44 -29.07 39.08
N ARG D 16 15.18 -28.91 38.68
CA ARG D 16 14.51 -29.91 37.87
C ARG D 16 13.73 -29.24 36.75
N VAL D 17 13.66 -29.91 35.60
CA VAL D 17 12.92 -29.39 34.46
C VAL D 17 11.43 -29.60 34.69
N ILE D 18 10.65 -28.54 34.51
CA ILE D 18 9.22 -28.60 34.78
C ILE D 18 8.42 -28.38 33.49
N GLN D 19 9.07 -27.83 32.46
CA GLN D 19 8.36 -27.50 31.24
C GLN D 19 9.36 -27.28 30.11
N VAL D 20 9.06 -27.87 28.96
CA VAL D 20 9.88 -27.75 27.76
C VAL D 20 9.01 -27.27 26.61
N MET D 21 9.34 -26.10 26.05
CA MET D 21 8.60 -25.52 24.92
C MET D 21 9.61 -25.14 23.85
N GLY D 22 9.94 -26.09 22.97
CA GLY D 22 10.89 -25.85 21.91
C GLY D 22 12.27 -25.55 22.44
N PRO D 23 12.82 -24.38 22.08
CA PRO D 23 14.15 -23.99 22.56
C PRO D 23 14.14 -23.34 23.93
N VAL D 24 12.99 -23.24 24.59
CA VAL D 24 12.87 -22.59 25.90
C VAL D 24 12.53 -23.64 26.94
N VAL D 25 13.30 -23.67 28.03
CA VAL D 25 13.15 -24.66 29.08
C VAL D 25 12.99 -23.93 30.41
N ASP D 26 12.05 -24.40 31.23
CA ASP D 26 11.79 -23.83 32.55
C ASP D 26 12.31 -24.78 33.61
N VAL D 27 13.06 -24.24 34.57
CA VAL D 27 13.69 -25.01 35.63
C VAL D 27 13.28 -24.43 36.98
N LYS D 28 12.90 -25.30 37.91
CA LYS D 28 12.53 -24.89 39.26
C LYS D 28 13.65 -25.27 40.23
N PHE D 29 14.06 -24.31 41.04
CA PHE D 29 15.13 -24.49 42.03
C PHE D 29 14.54 -24.43 43.44
N GLU D 30 15.39 -24.67 44.42
CA GLU D 30 15.00 -24.54 45.81
C GLU D 30 14.97 -23.07 46.22
N ASN D 31 14.33 -22.80 47.35
CA ASN D 31 14.17 -21.42 47.82
C ASN D 31 15.53 -20.85 48.21
N GLY D 32 15.79 -19.61 47.78
CA GLY D 32 17.01 -18.92 48.16
C GLY D 32 18.26 -19.35 47.45
N HIS D 33 18.14 -20.21 46.43
CA HIS D 33 19.29 -20.72 45.69
C HIS D 33 19.10 -20.57 44.18
N LEU D 34 18.49 -19.47 43.75
CA LEU D 34 18.25 -19.27 42.34
C LEU D 34 19.53 -18.84 41.63
N PRO D 35 19.76 -19.29 40.39
CA PRO D 35 20.92 -18.82 39.65
C PRO D 35 20.69 -17.41 39.12
N ALA D 36 21.79 -16.65 39.04
CA ALA D 36 21.71 -15.30 38.52
C ALA D 36 21.43 -15.31 37.02
N ILE D 37 20.92 -14.18 36.52
CA ILE D 37 20.65 -14.06 35.10
C ILE D 37 21.96 -14.13 34.33
N TYR D 38 21.93 -14.78 33.17
CA TYR D 38 23.04 -15.06 32.27
C TYR D 38 23.95 -16.18 32.75
N ASN D 39 23.65 -16.80 33.90
CA ASN D 39 24.43 -17.95 34.33
C ASN D 39 24.16 -19.15 33.43
N ALA D 40 25.10 -20.08 33.42
CA ALA D 40 24.97 -21.28 32.59
C ALA D 40 24.54 -22.46 33.44
N LEU D 41 23.70 -23.32 32.87
CA LEU D 41 23.22 -24.53 33.52
C LEU D 41 23.54 -25.73 32.65
N LYS D 42 23.75 -26.88 33.29
CA LYS D 42 24.16 -28.10 32.62
C LYS D 42 23.18 -29.22 32.91
N ILE D 43 22.83 -29.96 31.87
CA ILE D 43 22.06 -31.21 31.99
C ILE D 43 22.90 -32.33 31.42
N GLN D 44 23.14 -33.36 32.23
CA GLN D 44 24.05 -34.45 31.87
C GLN D 44 23.39 -35.79 32.16
N HIS D 45 22.15 -35.95 31.72
CA HIS D 45 21.38 -37.15 31.99
C HIS D 45 22.00 -38.36 31.28
N LYS D 46 22.04 -39.48 31.98
CA LYS D 46 22.42 -40.78 31.41
C LYS D 46 21.17 -41.65 31.30
N ALA D 47 20.98 -42.25 30.14
CA ALA D 47 19.77 -43.03 29.89
C ALA D 47 19.65 -44.18 30.88
N ARG D 48 18.58 -44.17 31.66
CA ARG D 48 18.36 -45.23 32.65
C ARG D 48 18.02 -46.55 31.99
N ASN D 49 17.24 -46.52 30.91
CA ASN D 49 16.85 -47.73 30.21
C ASN D 49 16.74 -47.39 28.72
N GLU D 50 16.10 -48.30 27.97
CA GLU D 50 16.03 -48.16 26.52
C GLU D 50 14.96 -47.18 26.05
N ASN D 51 14.15 -46.64 26.95
CA ASN D 51 13.15 -45.66 26.58
C ASN D 51 13.66 -44.22 26.65
N GLU D 52 14.94 -44.02 26.95
CA GLU D 52 15.51 -42.70 27.06
C GLU D 52 16.78 -42.61 26.24
N VAL D 53 17.30 -41.39 26.09
CA VAL D 53 18.52 -41.12 25.35
C VAL D 53 19.45 -40.29 26.22
N ASP D 54 20.75 -40.40 25.95
CA ASP D 54 21.73 -39.62 26.68
C ASP D 54 21.66 -38.15 26.26
N ILE D 55 21.88 -37.26 27.22
CA ILE D 55 21.75 -35.82 27.01
C ILE D 55 22.94 -35.11 27.64
N ASP D 56 23.52 -34.18 26.87
CA ASP D 56 24.54 -33.26 27.39
C ASP D 56 24.20 -31.89 26.81
N LEU D 57 23.52 -31.07 27.61
CA LEU D 57 22.93 -29.83 27.11
C LEU D 57 23.28 -28.68 28.05
N THR D 58 23.46 -27.49 27.47
CA THR D 58 23.79 -26.28 28.22
C THR D 58 22.68 -25.26 28.06
N LEU D 59 22.26 -24.66 29.17
CA LEU D 59 21.21 -23.66 29.18
C LEU D 59 21.75 -22.35 29.77
N GLU D 60 21.11 -21.25 29.39
CA GLU D 60 21.46 -19.92 29.88
C GLU D 60 20.24 -19.27 30.50
N VAL D 61 20.41 -18.74 31.72
CA VAL D 61 19.30 -18.13 32.45
C VAL D 61 18.92 -16.82 31.77
N ALA D 62 17.61 -16.62 31.57
CA ALA D 62 17.11 -15.42 30.91
C ALA D 62 16.16 -14.60 31.78
N LEU D 63 15.25 -15.25 32.50
CA LEU D 63 14.24 -14.54 33.28
C LEU D 63 14.04 -15.24 34.63
N HIS D 64 13.54 -14.47 35.60
CA HIS D 64 13.07 -15.02 36.85
C HIS D 64 11.55 -14.89 36.89
N LEU D 65 10.85 -16.02 36.86
CA LEU D 65 9.40 -16.03 36.74
C LEU D 65 8.68 -16.00 38.07
N GLY D 66 9.40 -16.12 39.18
CA GLY D 66 8.77 -16.23 40.48
C GLY D 66 8.46 -17.67 40.85
N ASP D 67 8.16 -17.86 42.14
CA ASP D 67 7.90 -19.19 42.69
C ASP D 67 9.09 -20.11 42.48
N ASP D 68 10.30 -19.56 42.61
CA ASP D 68 11.55 -20.30 42.47
C ASP D 68 11.66 -20.98 41.12
N THR D 69 11.19 -20.32 40.06
CA THR D 69 11.22 -20.87 38.71
C THR D 69 12.03 -19.94 37.81
N VAL D 70 12.87 -20.52 36.96
CA VAL D 70 13.76 -19.79 36.07
C VAL D 70 13.50 -20.24 34.64
N ARG D 71 13.38 -19.27 33.74
CA ARG D 71 13.21 -19.54 32.31
C ARG D 71 14.56 -19.40 31.61
N THR D 72 14.91 -20.39 30.81
CA THR D 72 16.23 -20.46 30.19
C THR D 72 16.10 -20.67 28.69
N ILE D 73 17.20 -20.40 27.98
CA ILE D 73 17.31 -20.61 26.55
C ILE D 73 18.38 -21.66 26.31
N ALA D 74 18.04 -22.69 25.53
CA ALA D 74 18.96 -23.80 25.28
C ALA D 74 19.98 -23.43 24.21
N MET D 75 21.20 -23.96 24.37
CA MET D 75 22.26 -23.74 23.40
C MET D 75 22.33 -24.83 22.33
N ALA D 76 21.50 -25.87 22.44
CA ALA D 76 21.47 -26.94 21.45
C ALA D 76 20.03 -27.46 21.36
N SER D 77 19.87 -28.54 20.61
CA SER D 77 18.54 -29.13 20.42
C SER D 77 18.00 -29.66 21.74
N THR D 78 16.70 -29.47 21.96
CA THR D 78 16.04 -29.89 23.18
C THR D 78 15.32 -31.22 23.03
N ASP D 79 15.51 -31.92 21.91
CA ASP D 79 14.92 -33.23 21.75
C ASP D 79 15.53 -34.20 22.75
N GLY D 80 14.68 -35.01 23.38
CA GLY D 80 15.12 -35.94 24.38
C GLY D 80 14.85 -35.54 25.82
N LEU D 81 14.55 -34.26 26.06
CA LEU D 81 14.35 -33.79 27.42
C LEU D 81 13.09 -34.39 28.03
N ILE D 82 13.17 -34.66 29.34
CA ILE D 82 12.06 -35.22 30.11
C ILE D 82 11.86 -34.34 31.34
N ARG D 83 10.59 -34.06 31.66
CA ARG D 83 10.29 -33.27 32.84
C ARG D 83 10.79 -33.99 34.10
N GLY D 84 11.50 -33.24 34.95
CA GLY D 84 12.08 -33.80 36.15
C GLY D 84 13.55 -34.12 36.06
N MET D 85 14.21 -33.77 34.95
CA MET D 85 15.63 -34.03 34.82
C MET D 85 16.42 -33.10 35.73
N GLU D 86 17.49 -33.64 36.33
CA GLU D 86 18.31 -32.87 37.24
C GLU D 86 19.16 -31.86 36.48
N VAL D 87 19.26 -30.65 37.01
CA VAL D 87 20.00 -29.56 36.39
C VAL D 87 21.02 -29.03 37.38
N ILE D 88 22.22 -28.74 36.89
CA ILE D 88 23.33 -28.25 37.71
C ILE D 88 23.56 -26.79 37.38
N ASP D 89 23.76 -25.97 38.42
CA ASP D 89 24.09 -24.56 38.24
C ASP D 89 25.60 -24.37 38.39
N THR D 90 26.21 -23.72 37.40
CA THR D 90 27.65 -23.51 37.41
C THR D 90 28.07 -22.25 38.16
N GLY D 91 27.12 -21.38 38.50
CA GLY D 91 27.43 -20.19 39.27
C GLY D 91 28.12 -19.08 38.51
N ALA D 92 28.22 -19.18 37.19
CA ALA D 92 28.90 -18.17 36.39
C ALA D 92 28.36 -18.25 34.97
N PRO D 93 28.50 -17.18 34.20
CA PRO D 93 28.09 -17.23 32.79
C PRO D 93 28.98 -18.17 31.99
N ILE D 94 28.67 -18.27 30.70
CA ILE D 94 29.49 -19.09 29.80
C ILE D 94 30.88 -18.51 29.75
N SER D 95 31.89 -19.38 29.83
CA SER D 95 33.29 -18.98 29.80
C SER D 95 33.99 -19.70 28.67
N VAL D 96 34.82 -18.98 27.92
CA VAL D 96 35.54 -19.54 26.79
C VAL D 96 37.02 -19.29 26.97
N PRO D 97 37.90 -20.15 26.44
CA PRO D 97 39.34 -19.91 26.58
C PRO D 97 39.79 -18.68 25.80
N VAL D 98 40.82 -18.02 26.33
CA VAL D 98 41.38 -16.83 25.71
C VAL D 98 42.91 -16.93 25.71
N GLY D 99 43.52 -16.20 24.80
CA GLY D 99 44.97 -16.18 24.72
C GLY D 99 45.49 -16.74 23.41
N GLU D 100 46.79 -17.05 23.43
CA GLU D 100 47.43 -17.64 22.26
C GLU D 100 46.96 -19.06 21.99
N VAL D 101 46.24 -19.66 22.93
CA VAL D 101 45.67 -20.99 22.72
C VAL D 101 44.63 -20.95 21.60
N THR D 102 43.88 -19.86 21.50
CA THR D 102 42.81 -19.76 20.51
C THR D 102 43.33 -19.53 19.10
N LEU D 103 44.58 -19.12 18.93
CA LEU D 103 45.12 -18.86 17.61
C LEU D 103 45.28 -20.15 16.83
N GLY D 104 44.78 -20.17 15.59
CA GLY D 104 44.85 -21.34 14.75
C GLY D 104 43.79 -22.38 15.02
N ARG D 105 42.85 -22.11 15.91
CA ARG D 105 41.83 -23.08 16.30
C ARG D 105 40.45 -22.62 15.84
N VAL D 106 39.53 -23.56 15.78
CA VAL D 106 38.14 -23.32 15.40
C VAL D 106 37.26 -23.73 16.57
N PHE D 107 36.37 -22.83 17.00
CA PHE D 107 35.56 -23.03 18.19
C PHE D 107 34.08 -22.92 17.85
N ASN D 108 33.25 -23.52 18.70
CA ASN D 108 31.81 -23.32 18.66
C ASN D 108 31.40 -22.24 19.66
N VAL D 109 30.09 -22.11 19.87
CA VAL D 109 29.57 -21.07 20.77
C VAL D 109 30.02 -21.31 22.21
N LEU D 110 30.27 -22.57 22.58
CA LEU D 110 30.65 -22.89 23.95
C LEU D 110 32.15 -22.83 24.18
N GLY D 111 32.94 -22.49 23.16
CA GLY D 111 34.38 -22.46 23.32
C GLY D 111 35.05 -23.81 23.19
N GLU D 112 34.30 -24.84 22.83
CA GLU D 112 34.88 -26.16 22.61
C GLU D 112 35.39 -26.26 21.17
N PRO D 113 36.65 -26.67 20.98
CA PRO D 113 37.19 -26.74 19.61
C PRO D 113 36.46 -27.77 18.77
N ILE D 114 36.30 -27.45 17.48
CA ILE D 114 35.65 -28.33 16.53
C ILE D 114 36.54 -28.69 15.36
N ASP D 115 37.83 -28.42 15.45
CA ASP D 115 38.76 -28.70 14.36
C ASP D 115 39.43 -30.06 14.47
N LEU D 116 39.05 -30.88 15.46
CA LEU D 116 39.61 -32.20 15.72
C LEU D 116 41.11 -32.15 16.04
N GLU D 117 41.60 -31.01 16.52
CA GLU D 117 43.02 -30.86 16.82
C GLU D 117 43.36 -31.16 18.28
N GLY D 118 42.38 -31.51 19.09
CA GLY D 118 42.60 -31.77 20.50
C GLY D 118 41.80 -30.82 21.39
N ASP D 119 41.73 -31.19 22.67
CA ASP D 119 40.98 -30.39 23.63
C ASP D 119 41.89 -29.39 24.34
N ILE D 120 41.28 -28.28 24.74
CA ILE D 120 41.99 -27.24 25.49
C ILE D 120 42.23 -27.73 26.91
N PRO D 121 43.40 -27.50 27.49
CA PRO D 121 43.62 -27.91 28.89
C PRO D 121 42.65 -27.23 29.83
N ALA D 122 42.26 -27.97 30.88
CA ALA D 122 41.25 -27.47 31.81
C ALA D 122 41.75 -26.29 32.64
N ASP D 123 43.07 -26.16 32.79
CA ASP D 123 43.64 -25.09 33.59
C ASP D 123 43.82 -23.80 32.80
N ALA D 124 43.48 -23.79 31.52
CA ALA D 124 43.63 -22.58 30.72
C ALA D 124 42.69 -21.49 31.20
N ARG D 125 43.09 -20.24 31.02
CA ARG D 125 42.28 -19.11 31.45
C ARG D 125 41.00 -19.02 30.62
N ARG D 126 39.88 -18.76 31.29
CA ARG D 126 38.59 -18.63 30.65
C ARG D 126 37.91 -17.35 31.13
N ASP D 127 37.31 -16.61 30.20
CA ASP D 127 36.70 -15.33 30.52
C ASP D 127 35.18 -15.39 30.36
N PRO D 128 34.43 -14.68 31.20
CA PRO D 128 32.97 -14.68 31.05
C PRO D 128 32.53 -14.00 29.76
N ILE D 129 31.42 -14.49 29.21
CA ILE D 129 30.93 -13.98 27.93
C ILE D 129 30.38 -12.57 28.07
N HIS D 130 29.63 -12.30 29.13
CA HIS D 130 28.96 -11.02 29.30
C HIS D 130 29.79 -10.09 30.17
N ARG D 131 29.87 -8.82 29.77
CA ARG D 131 30.61 -7.82 30.52
C ARG D 131 30.07 -6.44 30.13
N PRO D 132 30.26 -5.44 30.99
CA PRO D 132 29.84 -4.08 30.63
C PRO D 132 30.73 -3.46 29.58
N ALA D 133 30.19 -2.45 28.90
CA ALA D 133 30.88 -1.78 27.82
C ALA D 133 31.94 -0.82 28.34
N PRO D 134 32.93 -0.48 27.52
CA PRO D 134 33.95 0.50 27.95
C PRO D 134 33.35 1.86 28.21
N LYS D 135 34.00 2.62 29.09
CA LYS D 135 33.48 3.90 29.54
C LYS D 135 33.87 5.03 28.59
N PHE D 136 33.35 6.22 28.89
CA PHE D 136 33.56 7.39 28.04
C PHE D 136 35.02 7.85 28.05
N GLU D 137 35.68 7.77 29.20
CA GLU D 137 37.02 8.32 29.32
C GLU D 137 38.05 7.54 28.49
N GLU D 138 37.90 6.22 28.42
CA GLU D 138 38.94 5.36 27.87
C GLU D 138 38.85 5.18 26.36
N LEU D 139 37.91 5.85 25.70
CA LEU D 139 37.75 5.66 24.26
C LEU D 139 38.76 6.50 23.48
N ALA D 140 39.09 6.04 22.28
CA ALA D 140 39.97 6.75 21.36
C ALA D 140 39.17 7.16 20.13
N THR D 141 39.45 8.35 19.61
CA THR D 141 38.70 8.90 18.49
C THR D 141 39.57 9.36 17.32
N GLU D 142 40.89 9.10 17.36
CA GLU D 142 41.73 9.50 16.25
C GLU D 142 41.35 8.71 14.99
N VAL D 143 41.34 9.41 13.86
CA VAL D 143 40.89 8.85 12.59
C VAL D 143 42.09 8.69 11.66
N GLU D 144 42.16 7.54 10.98
CA GLU D 144 43.24 7.25 10.06
C GLU D 144 42.69 6.40 8.93
N ILE D 145 43.21 6.62 7.71
CA ILE D 145 42.71 5.91 6.54
C ILE D 145 43.26 4.50 6.49
N LEU D 146 42.38 3.53 6.25
CA LEU D 146 42.75 2.15 5.99
C LEU D 146 42.59 1.88 4.50
N GLU D 147 43.69 1.56 3.83
CA GLU D 147 43.64 1.29 2.40
C GLU D 147 43.24 -0.17 2.15
N THR D 148 42.26 -0.36 1.28
CA THR D 148 41.73 -1.69 1.01
C THR D 148 42.05 -2.20 -0.39
N GLY D 149 42.44 -1.32 -1.31
CA GLY D 149 42.70 -1.74 -2.68
C GLY D 149 41.48 -1.80 -3.56
N ILE D 150 40.32 -1.35 -3.08
CA ILE D 150 39.10 -1.34 -3.87
C ILE D 150 38.82 0.10 -4.27
N LYS D 151 38.54 0.31 -5.56
CA LYS D 151 38.47 1.67 -6.08
C LYS D 151 37.34 2.47 -5.46
N VAL D 152 36.12 1.90 -5.46
CA VAL D 152 34.96 2.65 -4.97
C VAL D 152 35.10 2.94 -3.48
N VAL D 153 35.57 1.96 -2.71
CA VAL D 153 35.75 2.14 -1.27
C VAL D 153 36.80 3.21 -0.99
N ASP D 154 37.93 3.13 -1.68
CA ASP D 154 39.00 4.08 -1.44
C ASP D 154 38.64 5.48 -1.92
N LEU D 155 37.73 5.59 -2.89
CA LEU D 155 37.38 6.91 -3.43
C LEU D 155 36.26 7.56 -2.64
N LEU D 156 35.11 6.90 -2.52
CA LEU D 156 33.91 7.56 -2.04
C LEU D 156 33.64 7.35 -0.55
N ALA D 157 34.08 6.23 0.03
CA ALA D 157 33.80 5.92 1.43
C ALA D 157 35.00 5.22 2.05
N PRO D 158 36.07 5.96 2.34
CA PRO D 158 37.27 5.34 2.90
C PRO D 158 36.99 4.70 4.26
N TYR D 159 37.70 3.62 4.55
CA TYR D 159 37.58 2.93 5.82
C TYR D 159 38.55 3.52 6.84
N ILE D 160 38.21 3.38 8.11
CA ILE D 160 38.95 3.99 9.21
C ILE D 160 39.66 2.90 9.99
N LYS D 161 40.95 3.10 10.25
CA LYS D 161 41.68 2.19 11.14
C LYS D 161 41.16 2.34 12.57
N GLY D 162 40.80 1.22 13.18
CA GLY D 162 40.23 1.24 14.51
C GLY D 162 38.76 1.62 14.57
N GLY D 163 38.11 1.82 13.42
CA GLY D 163 36.70 2.16 13.38
C GLY D 163 35.82 0.96 13.07
N LYS D 164 34.53 1.24 12.94
CA LYS D 164 33.53 0.22 12.67
C LYS D 164 32.99 0.40 11.25
N ILE D 165 33.07 -0.66 10.46
CA ILE D 165 32.65 -0.65 9.06
C ILE D 165 31.54 -1.67 8.89
N GLY D 166 30.43 -1.25 8.28
CA GLY D 166 29.30 -2.12 8.02
C GLY D 166 29.00 -2.17 6.53
N LEU D 167 28.67 -3.38 6.06
CA LEU D 167 28.33 -3.62 4.66
C LEU D 167 26.86 -4.03 4.61
N PHE D 168 26.03 -3.17 4.03
CA PHE D 168 24.61 -3.46 3.89
C PHE D 168 24.31 -4.02 2.51
N GLY D 169 23.28 -4.84 2.44
CA GLY D 169 22.86 -5.39 1.16
C GLY D 169 21.83 -6.47 1.36
N GLY D 170 21.10 -6.75 0.28
CA GLY D 170 20.12 -7.81 0.29
C GLY D 170 20.76 -9.16 0.05
N ALA D 171 19.92 -10.11 -0.34
CA ALA D 171 20.40 -11.45 -0.61
C ALA D 171 21.00 -11.54 -2.00
N GLY D 172 22.22 -12.08 -2.09
CA GLY D 172 22.87 -12.29 -3.37
C GLY D 172 23.50 -11.07 -3.99
N VAL D 173 23.85 -10.05 -3.21
CA VAL D 173 24.43 -8.84 -3.78
C VAL D 173 25.95 -8.80 -3.71
N GLY D 174 26.57 -9.60 -2.83
CA GLY D 174 28.02 -9.68 -2.83
C GLY D 174 28.68 -9.39 -1.49
N LYS D 175 27.92 -9.46 -0.40
CA LYS D 175 28.48 -9.17 0.92
C LYS D 175 29.58 -10.16 1.28
N THR D 176 29.32 -11.45 1.07
CA THR D 176 30.30 -12.47 1.43
C THR D 176 31.56 -12.36 0.57
N VAL D 177 31.39 -12.11 -0.74
CA VAL D 177 32.53 -11.95 -1.62
C VAL D 177 33.34 -10.73 -1.22
N LEU D 178 32.67 -9.64 -0.84
CA LEU D 178 33.39 -8.45 -0.40
C LEU D 178 34.14 -8.70 0.89
N ILE D 179 33.54 -9.45 1.82
CA ILE D 179 34.23 -9.82 3.05
C ILE D 179 35.49 -10.63 2.74
N GLN D 180 35.35 -11.60 1.84
CA GLN D 180 36.50 -12.44 1.49
C GLN D 180 37.60 -11.63 0.82
N GLU D 181 37.22 -10.70 -0.07
CA GLU D 181 38.22 -9.87 -0.73
C GLU D 181 38.93 -8.96 0.27
N LEU D 182 38.18 -8.38 1.22
CA LEU D 182 38.79 -7.55 2.24
C LEU D 182 39.74 -8.36 3.11
N ILE D 183 39.35 -9.59 3.47
CA ILE D 183 40.25 -10.46 4.22
C ILE D 183 41.53 -10.71 3.45
N HIS D 184 41.39 -11.08 2.16
CA HIS D 184 42.55 -11.34 1.32
C HIS D 184 43.47 -10.13 1.25
N ASN D 185 42.90 -8.94 1.14
CA ASN D 185 43.72 -7.74 0.96
C ASN D 185 44.37 -7.29 2.27
N ILE D 186 43.70 -7.47 3.41
CA ILE D 186 44.17 -6.87 4.66
C ILE D 186 44.85 -7.90 5.56
N ALA D 187 44.17 -9.01 5.86
CA ALA D 187 44.64 -9.90 6.92
C ALA D 187 46.01 -10.51 6.61
N GLN D 188 46.37 -10.62 5.34
CA GLN D 188 47.66 -11.18 4.97
C GLN D 188 48.82 -10.25 5.31
N GLU D 189 48.56 -8.94 5.42
CA GLU D 189 49.60 -7.97 5.71
C GLU D 189 49.32 -7.15 6.96
N HIS D 190 48.29 -7.52 7.74
CA HIS D 190 47.91 -6.74 8.90
C HIS D 190 48.97 -6.75 9.98
N GLY D 191 49.54 -7.90 10.31
CA GLY D 191 50.59 -7.98 11.29
C GLY D 191 50.09 -8.25 12.70
N GLY D 192 48.81 -7.98 12.94
CA GLY D 192 48.21 -8.23 14.23
C GLY D 192 47.41 -9.52 14.26
N ILE D 193 46.41 -9.53 15.14
CA ILE D 193 45.54 -10.68 15.30
C ILE D 193 44.22 -10.40 14.59
N SER D 194 43.59 -11.45 14.06
CA SER D 194 42.29 -11.34 13.42
C SER D 194 41.36 -12.43 13.95
N VAL D 195 40.08 -12.10 14.05
CA VAL D 195 39.06 -13.01 14.54
C VAL D 195 37.88 -12.98 13.59
N PHE D 196 37.38 -14.14 13.21
CA PHE D 196 36.22 -14.26 12.34
C PHE D 196 35.08 -14.90 13.11
N ALA D 197 33.89 -14.31 13.02
CA ALA D 197 32.70 -14.82 13.70
C ALA D 197 31.68 -15.21 12.64
N GLY D 198 31.49 -16.52 12.47
CA GLY D 198 30.51 -17.04 11.53
C GLY D 198 29.11 -17.15 12.11
N VAL D 199 28.42 -16.01 12.20
CA VAL D 199 27.12 -15.97 12.87
C VAL D 199 26.01 -16.24 11.85
N GLY D 200 25.40 -17.42 11.94
CA GLY D 200 24.18 -17.71 11.22
C GLY D 200 24.23 -17.70 9.70
N GLU D 201 25.27 -18.30 9.13
CA GLU D 201 25.45 -18.35 7.69
C GLU D 201 25.69 -19.79 7.23
N ARG D 202 26.12 -19.93 5.98
CA ARG D 202 26.25 -21.26 5.38
C ARG D 202 27.51 -21.97 5.88
N THR D 203 27.32 -23.23 6.29
CA THR D 203 28.45 -24.07 6.67
C THR D 203 29.37 -24.31 5.49
N ARG D 204 28.82 -24.36 4.28
CA ARG D 204 29.66 -24.45 3.08
C ARG D 204 30.60 -23.26 2.98
N GLU D 205 30.07 -22.05 3.19
CA GLU D 205 30.90 -20.86 3.15
C GLU D 205 31.94 -20.88 4.26
N GLY D 206 31.55 -21.31 5.45
CA GLY D 206 32.51 -21.40 6.54
C GLY D 206 33.64 -22.36 6.23
N ASN D 207 33.32 -23.54 5.70
CA ASN D 207 34.35 -24.52 5.35
C ASN D 207 35.26 -23.99 4.25
N ASP D 208 34.67 -23.33 3.24
CA ASP D 208 35.48 -22.77 2.16
C ASP D 208 36.45 -21.72 2.69
N LEU D 209 35.96 -20.84 3.56
CA LEU D 209 36.83 -19.81 4.12
C LEU D 209 37.93 -20.42 4.98
N TYR D 210 37.58 -21.44 5.78
CA TYR D 210 38.59 -22.09 6.61
C TYR D 210 39.68 -22.71 5.76
N HIS D 211 39.30 -23.40 4.68
CA HIS D 211 40.29 -24.04 3.82
C HIS D 211 41.13 -23.01 3.09
N GLU D 212 40.52 -21.90 2.64
CA GLU D 212 41.30 -20.86 1.97
C GLU D 212 42.32 -20.25 2.91
N MET D 213 41.93 -19.96 4.16
CA MET D 213 42.88 -19.42 5.12
C MET D 213 43.96 -20.44 5.49
N LYS D 214 43.59 -21.73 5.60
CA LYS D 214 44.57 -22.76 5.87
C LYS D 214 45.60 -22.85 4.76
N ASP D 215 45.15 -22.75 3.50
CA ASP D 215 46.09 -22.79 2.39
C ASP D 215 46.95 -21.53 2.30
N SER D 216 46.37 -20.37 2.60
CA SER D 216 47.12 -19.12 2.54
C SER D 216 48.07 -18.93 3.71
N GLY D 217 47.88 -19.64 4.82
CA GLY D 217 48.75 -19.51 5.96
C GLY D 217 48.33 -18.48 6.99
N VAL D 218 47.25 -17.74 6.73
CA VAL D 218 46.76 -16.78 7.71
C VAL D 218 46.19 -17.49 8.93
N ILE D 219 45.89 -18.79 8.79
CA ILE D 219 45.21 -19.54 9.85
C ILE D 219 46.03 -19.52 11.14
N SER D 220 47.36 -19.43 11.02
CA SER D 220 48.21 -19.43 12.21
C SER D 220 48.09 -18.13 13.00
N LYS D 221 47.44 -17.12 12.44
CA LYS D 221 47.34 -15.81 13.06
C LYS D 221 45.91 -15.43 13.41
N THR D 222 44.95 -16.36 13.26
CA THR D 222 43.55 -16.03 13.43
C THR D 222 42.84 -17.10 14.23
N ALA D 223 41.74 -16.71 14.86
CA ALA D 223 40.82 -17.62 15.54
C ALA D 223 39.44 -17.50 14.93
N MET D 224 38.76 -18.63 14.78
CA MET D 224 37.46 -18.68 14.14
C MET D 224 36.44 -19.31 15.07
N VAL D 225 35.23 -18.72 15.11
CA VAL D 225 34.11 -19.24 15.88
C VAL D 225 32.90 -19.28 14.96
N PHE D 226 32.20 -20.42 14.94
CA PHE D 226 31.10 -20.63 14.01
C PHE D 226 29.83 -21.03 14.75
N GLY D 227 28.75 -20.28 14.51
CA GLY D 227 27.41 -20.72 14.83
C GLY D 227 26.50 -20.43 13.64
N GLN D 228 25.93 -21.45 13.04
CA GLN D 228 25.40 -21.33 11.68
C GLN D 228 23.89 -21.56 11.67
N MET D 229 23.34 -21.63 10.45
CA MET D 229 21.90 -21.70 10.25
C MET D 229 21.30 -22.90 10.95
N ASN D 230 22.02 -24.03 10.98
CA ASN D 230 21.46 -25.25 11.57
C ASN D 230 21.40 -25.16 13.09
N GLU D 231 22.08 -24.19 13.68
CA GLU D 231 22.16 -24.11 15.13
C GLU D 231 20.88 -23.53 15.70
N PRO D 232 20.54 -23.86 16.94
CA PRO D 232 19.37 -23.25 17.60
C PRO D 232 19.61 -21.77 17.84
N PRO D 233 18.55 -21.01 18.17
CA PRO D 233 18.71 -19.56 18.32
C PRO D 233 19.73 -19.13 19.37
N GLY D 234 19.88 -19.89 20.46
CA GLY D 234 20.82 -19.50 21.50
C GLY D 234 22.25 -19.46 21.01
N ALA D 235 22.67 -20.47 20.25
CA ALA D 235 24.01 -20.47 19.69
C ALA D 235 24.21 -19.30 18.74
N ARG D 236 23.21 -19.02 17.90
CA ARG D 236 23.33 -17.92 16.95
C ARG D 236 23.37 -16.57 17.64
N MET D 237 22.74 -16.45 18.82
CA MET D 237 22.75 -15.19 19.53
C MET D 237 23.86 -15.07 20.57
N ARG D 238 24.66 -16.12 20.77
CA ARG D 238 25.81 -16.01 21.66
C ARG D 238 27.17 -16.21 20.99
N VAL D 239 27.21 -16.70 19.74
CA VAL D 239 28.49 -16.87 19.05
C VAL D 239 29.17 -15.53 18.81
N ALA D 240 28.40 -14.49 18.53
CA ALA D 240 28.98 -13.17 18.34
C ALA D 240 29.66 -12.68 19.61
N LEU D 241 29.04 -12.90 20.76
CA LEU D 241 29.65 -12.52 22.02
C LEU D 241 30.90 -13.35 22.32
N THR D 242 30.88 -14.63 21.95
CA THR D 242 32.08 -15.45 22.10
C THR D 242 33.26 -14.88 21.31
N GLY D 243 33.03 -14.61 20.02
CA GLY D 243 34.09 -14.00 19.22
C GLY D 243 34.50 -12.64 19.77
N LEU D 244 33.53 -11.87 20.26
CA LEU D 244 33.82 -10.55 20.78
C LEU D 244 34.72 -10.61 22.00
N THR D 245 34.46 -11.54 22.93
CA THR D 245 35.34 -11.62 24.09
C THR D 245 36.71 -12.19 23.72
N MET D 246 36.77 -13.08 22.73
CA MET D 246 38.09 -13.54 22.27
C MET D 246 38.90 -12.37 21.71
N ALA D 247 38.26 -11.46 20.98
CA ALA D 247 38.97 -10.27 20.48
C ALA D 247 39.29 -9.30 21.61
N GLU D 248 38.40 -9.18 22.59
CA GLU D 248 38.58 -8.23 23.68
C GLU D 248 39.79 -8.61 24.53
N TYR D 249 40.04 -9.91 24.70
CA TYR D 249 41.23 -10.31 25.44
C TYR D 249 42.48 -9.73 24.81
N PHE D 250 42.63 -9.90 23.49
CA PHE D 250 43.80 -9.36 22.81
C PHE D 250 43.84 -7.84 22.86
N ARG D 251 42.69 -7.18 22.71
CA ARG D 251 42.69 -5.72 22.76
C ARG D 251 43.16 -5.22 24.12
N ASP D 252 42.70 -5.85 25.21
CA ASP D 252 42.95 -5.30 26.54
C ASP D 252 44.30 -5.74 27.07
N GLU D 253 44.57 -7.04 27.11
CA GLU D 253 45.72 -7.56 27.82
C GLU D 253 47.04 -7.35 27.08
N GLN D 254 47.02 -7.46 25.75
CA GLN D 254 48.25 -7.38 24.97
C GLN D 254 48.37 -6.09 24.16
N GLY D 255 47.30 -5.32 24.03
CA GLY D 255 47.37 -4.09 23.27
C GLY D 255 47.62 -4.27 21.80
N GLN D 256 47.25 -5.43 21.25
CA GLN D 256 47.46 -5.71 19.84
C GLN D 256 46.42 -4.97 18.99
N ASP D 257 46.69 -4.92 17.69
CA ASP D 257 45.71 -4.45 16.73
C ASP D 257 44.93 -5.64 16.20
N VAL D 258 43.60 -5.56 16.30
CA VAL D 258 42.73 -6.70 16.06
C VAL D 258 41.79 -6.39 14.91
N LEU D 259 41.72 -7.31 13.96
CA LEU D 259 40.69 -7.29 12.93
C LEU D 259 39.56 -8.22 13.34
N LEU D 260 38.35 -7.69 13.42
CA LEU D 260 37.18 -8.48 13.78
C LEU D 260 36.25 -8.55 12.57
N PHE D 261 35.99 -9.74 12.08
CA PHE D 261 35.08 -9.97 10.97
C PHE D 261 33.86 -10.74 11.47
N ILE D 262 32.68 -10.22 11.18
CA ILE D 262 31.42 -10.85 11.57
C ILE D 262 30.69 -11.25 10.30
N ASP D 263 30.35 -12.53 10.18
CA ASP D 263 29.80 -13.05 8.93
C ASP D 263 28.45 -12.42 8.62
N ASN D 264 27.58 -12.32 9.62
CA ASN D 264 26.29 -11.64 9.43
C ASN D 264 25.76 -11.27 10.81
N ILE D 265 25.69 -9.96 11.09
CA ILE D 265 25.22 -9.50 12.39
C ILE D 265 23.70 -9.45 12.47
N PHE D 266 23.01 -9.55 11.33
CA PHE D 266 21.55 -9.54 11.38
C PHE D 266 21.00 -10.83 11.95
N ARG D 267 21.74 -11.93 11.84
CA ARG D 267 21.28 -13.20 12.37
C ARG D 267 21.20 -13.17 13.89
N PHE D 268 22.04 -12.36 14.54
CA PHE D 268 21.91 -12.16 15.99
C PHE D 268 20.55 -11.58 16.33
N THR D 269 20.14 -10.53 15.62
CA THR D 269 18.82 -9.93 15.82
C THR D 269 17.70 -10.92 15.52
N GLN D 270 17.83 -11.66 14.41
CA GLN D 270 16.78 -12.61 14.03
C GLN D 270 16.63 -13.69 15.08
N ALA D 271 17.75 -14.24 15.57
CA ALA D 271 17.70 -15.26 16.60
C ALA D 271 17.11 -14.71 17.89
N GLY D 272 17.48 -13.48 18.26
CA GLY D 272 16.87 -12.86 19.43
C GLY D 272 15.37 -12.71 19.29
N SER D 273 14.89 -12.38 18.09
CA SER D 273 13.46 -12.23 17.86
C SER D 273 12.72 -13.56 17.79
N GLU D 274 13.39 -14.64 17.39
CA GLU D 274 12.72 -15.93 17.27
C GLU D 274 12.20 -16.45 18.61
N VAL D 275 12.78 -16.00 19.72
CA VAL D 275 12.42 -16.58 21.01
C VAL D 275 11.70 -15.61 21.95
N SER D 276 11.46 -14.37 21.51
CA SER D 276 10.83 -13.39 22.39
C SER D 276 9.41 -13.80 22.77
N ALA D 277 8.64 -14.30 21.80
CA ALA D 277 7.28 -14.74 22.08
C ALA D 277 7.23 -15.89 23.07
N LEU D 278 8.16 -16.84 22.97
CA LEU D 278 8.22 -17.91 23.95
C LEU D 278 8.70 -17.41 25.31
N LEU D 279 9.56 -16.40 25.32
CA LEU D 279 9.94 -15.77 26.58
C LEU D 279 8.78 -15.00 27.20
N GLY D 280 7.77 -14.63 26.41
CA GLY D 280 6.57 -14.02 26.95
C GLY D 280 6.48 -12.52 26.80
N ARG D 281 7.08 -11.95 25.76
CA ARG D 281 7.07 -10.51 25.58
C ARG D 281 6.14 -10.14 24.42
N MET D 282 5.43 -9.03 24.58
CA MET D 282 4.51 -8.58 23.55
C MET D 282 5.27 -8.14 22.31
N PRO D 283 4.72 -8.38 21.13
CA PRO D 283 5.46 -8.10 19.89
C PRO D 283 5.63 -6.61 19.65
N SER D 284 6.70 -6.27 18.92
CA SER D 284 6.96 -4.91 18.50
C SER D 284 6.54 -4.72 17.04
N ALA D 285 6.85 -3.55 16.50
CA ALA D 285 6.25 -3.05 15.26
C ALA D 285 6.19 -4.11 14.15
N VAL D 286 7.35 -4.63 13.77
CA VAL D 286 7.41 -5.51 12.59
C VAL D 286 7.65 -6.94 13.09
N GLY D 287 7.19 -7.22 14.31
CA GLY D 287 7.37 -8.54 14.89
C GLY D 287 8.66 -8.73 15.63
N TYR D 288 9.50 -7.70 15.74
CA TYR D 288 10.74 -7.81 16.46
C TYR D 288 10.49 -7.79 17.97
N GLN D 289 11.52 -8.13 18.73
CA GLN D 289 11.41 -8.07 20.18
C GLN D 289 11.39 -6.61 20.64
N PRO D 290 10.74 -6.32 21.77
CA PRO D 290 10.74 -4.95 22.28
C PRO D 290 12.12 -4.43 22.62
N THR D 291 13.04 -5.30 23.03
CA THR D 291 14.38 -4.92 23.43
C THR D 291 15.37 -4.89 22.28
N LEU D 292 14.89 -4.60 21.07
CA LEU D 292 15.75 -4.65 19.88
C LEU D 292 16.91 -3.68 20.00
N ALA D 293 16.62 -2.41 20.21
CA ALA D 293 17.67 -1.40 20.26
C ALA D 293 18.59 -1.61 21.46
N THR D 294 18.02 -1.99 22.61
CA THR D 294 18.82 -2.19 23.80
C THR D 294 19.82 -3.33 23.61
N GLU D 295 19.35 -4.47 23.08
CA GLU D 295 20.25 -5.60 22.86
C GLU D 295 21.30 -5.27 21.80
N MET D 296 20.88 -4.61 20.71
CA MET D 296 21.84 -4.26 19.66
C MET D 296 22.91 -3.32 20.19
N GLY D 297 22.52 -2.33 20.98
CA GLY D 297 23.50 -1.43 21.56
C GLY D 297 24.42 -2.13 22.55
N GLN D 298 23.85 -2.99 23.39
CA GLN D 298 24.68 -3.71 24.36
C GLN D 298 25.69 -4.61 23.68
N LEU D 299 25.36 -5.13 22.50
CA LEU D 299 26.34 -5.93 21.76
C LEU D 299 27.35 -5.04 21.06
N GLN D 300 26.89 -3.99 20.36
CA GLN D 300 27.77 -3.22 19.50
C GLN D 300 28.74 -2.34 20.30
N GLU D 301 28.31 -1.81 21.43
CA GLU D 301 29.14 -0.86 22.17
C GLU D 301 30.40 -1.49 22.75
N ARG D 302 30.46 -2.82 22.82
CA ARG D 302 31.69 -3.47 23.27
C ARG D 302 32.76 -3.49 22.20
N ILE D 303 32.36 -3.37 20.93
CA ILE D 303 33.30 -3.40 19.82
C ILE D 303 33.80 -1.98 19.56
N THR D 304 34.80 -1.55 20.32
CA THR D 304 35.34 -0.21 20.19
C THR D 304 36.86 -0.24 20.40
N SER D 305 37.51 0.81 19.92
CA SER D 305 38.93 1.01 20.18
C SER D 305 39.10 1.88 21.42
N THR D 306 40.10 1.52 22.23
CA THR D 306 40.36 2.22 23.49
C THR D 306 41.81 2.70 23.49
N ALA D 307 42.24 3.22 24.64
CA ALA D 307 43.62 3.68 24.76
C ALA D 307 44.59 2.51 24.89
N LYS D 308 44.13 1.38 25.40
CA LYS D 308 44.99 0.22 25.55
C LYS D 308 45.18 -0.53 24.24
N GLY D 309 44.22 -0.45 23.33
CA GLY D 309 44.33 -1.13 22.06
C GLY D 309 43.18 -0.74 21.15
N SER D 310 43.31 -1.13 19.89
CA SER D 310 42.35 -0.77 18.86
C SER D 310 41.81 -2.01 18.16
N ILE D 311 40.51 -2.02 17.93
CA ILE D 311 39.85 -3.07 17.14
C ILE D 311 39.11 -2.39 15.99
N THR D 312 39.47 -2.75 14.78
CA THR D 312 38.69 -2.37 13.61
C THR D 312 37.85 -3.55 13.16
N SER D 313 36.55 -3.33 13.03
CA SER D 313 35.59 -4.41 12.78
C SER D 313 34.86 -4.15 11.47
N ILE D 314 34.81 -5.18 10.63
CA ILE D 314 34.02 -5.16 9.40
C ILE D 314 32.89 -6.16 9.57
N GLN D 315 31.66 -5.70 9.42
CA GLN D 315 30.47 -6.52 9.66
C GLN D 315 29.59 -6.52 8.42
N ALA D 316 29.07 -7.69 8.07
CA ALA D 316 28.09 -7.79 7.00
C ALA D 316 26.69 -7.77 7.61
N ILE D 317 25.83 -6.90 7.07
CA ILE D 317 24.52 -6.64 7.64
C ILE D 317 23.49 -6.96 6.57
N TYR D 318 22.56 -7.87 6.89
CA TYR D 318 21.56 -8.29 5.93
C TYR D 318 20.37 -7.34 5.95
N VAL D 319 19.84 -7.03 4.78
CA VAL D 319 18.69 -6.14 4.64
C VAL D 319 17.51 -6.95 4.14
N PRO D 320 16.53 -7.26 5.00
CA PRO D 320 15.41 -8.11 4.58
C PRO D 320 14.60 -7.47 3.46
N ALA D 321 14.47 -8.19 2.34
CA ALA D 321 13.65 -7.80 1.20
C ALA D 321 14.08 -6.48 0.58
N ASP D 322 15.37 -6.15 0.69
CA ASP D 322 15.95 -4.94 0.12
C ASP D 322 15.36 -3.66 0.70
N ASP D 323 14.63 -3.76 1.81
CA ASP D 323 13.99 -2.60 2.42
C ASP D 323 14.93 -2.03 3.48
N TYR D 324 15.58 -0.91 3.17
CA TYR D 324 16.51 -0.28 4.09
C TYR D 324 15.80 0.38 5.27
N THR D 325 14.47 0.49 5.24
CA THR D 325 13.70 1.03 6.35
C THR D 325 13.35 -0.04 7.38
N ASP D 326 13.83 -1.27 7.19
CA ASP D 326 13.58 -2.32 8.16
C ASP D 326 14.21 -1.94 9.50
N PRO D 327 13.55 -2.25 10.62
CA PRO D 327 14.07 -1.80 11.93
C PRO D 327 15.47 -2.26 12.26
N ALA D 328 15.86 -3.49 11.87
CA ALA D 328 17.20 -3.96 12.22
C ALA D 328 18.28 -3.14 11.52
N PRO D 329 18.29 -2.98 10.19
CA PRO D 329 19.28 -2.08 9.58
C PRO D 329 19.12 -0.64 10.02
N ALA D 330 17.89 -0.18 10.27
CA ALA D 330 17.69 1.20 10.68
C ALA D 330 18.36 1.48 12.01
N THR D 331 18.27 0.54 12.95
CA THR D 331 18.94 0.70 14.23
C THR D 331 20.44 0.46 14.10
N THR D 332 20.86 -0.41 13.19
CA THR D 332 22.27 -0.71 13.04
C THR D 332 23.03 0.47 12.44
N PHE D 333 22.36 1.28 11.61
CA PHE D 333 23.03 2.37 10.91
C PHE D 333 23.75 3.32 11.87
N SER D 334 23.18 3.55 13.05
CA SER D 334 23.73 4.56 13.96
C SER D 334 25.00 4.10 14.66
N HIS D 335 25.37 2.82 14.55
CA HIS D 335 26.52 2.28 15.27
C HIS D 335 27.81 2.28 14.45
N LEU D 336 27.81 2.81 13.23
CA LEU D 336 28.92 2.64 12.31
C LEU D 336 29.57 3.98 11.97
N ASP D 337 30.86 3.93 11.66
CA ASP D 337 31.61 5.08 11.19
C ASP D 337 31.62 5.17 9.66
N ALA D 338 31.90 4.06 8.99
CA ALA D 338 31.88 3.99 7.53
C ALA D 338 30.84 2.97 7.10
N THR D 339 30.13 3.30 6.01
CA THR D 339 28.99 2.50 5.59
C THR D 339 29.09 2.24 4.10
N THR D 340 28.95 0.98 3.70
CA THR D 340 28.92 0.58 2.29
C THR D 340 27.56 -0.04 1.99
N ASN D 341 26.87 0.51 1.00
CA ASN D 341 25.54 0.04 0.62
C ASN D 341 25.62 -0.70 -0.70
N LEU D 342 25.07 -1.91 -0.72
CA LEU D 342 24.98 -2.70 -1.95
C LEU D 342 23.54 -2.76 -2.41
N GLU D 343 23.32 -2.42 -3.68
CA GLU D 343 21.99 -2.42 -4.27
C GLU D 343 21.96 -3.43 -5.41
N ARG D 344 20.89 -4.23 -5.46
CA ARG D 344 20.82 -5.27 -6.48
C ARG D 344 20.47 -4.70 -7.86
N LYS D 345 20.15 -3.41 -7.95
CA LYS D 345 19.98 -2.80 -9.26
C LYS D 345 21.29 -2.79 -10.03
N LEU D 346 22.41 -2.57 -9.33
CA LEU D 346 23.71 -2.64 -9.99
C LEU D 346 24.10 -4.09 -10.26
N ALA D 347 23.65 -5.02 -9.41
CA ALA D 347 23.97 -6.42 -9.61
C ALA D 347 23.25 -6.99 -10.83
N GLU D 348 21.99 -6.60 -11.04
CA GLU D 348 21.25 -7.05 -12.20
C GLU D 348 21.90 -6.57 -13.50
N MET D 349 22.59 -5.43 -13.46
CA MET D 349 23.22 -4.88 -14.65
C MET D 349 24.63 -5.39 -14.86
N GLY D 350 25.12 -6.30 -14.02
CA GLY D 350 26.44 -6.87 -14.20
C GLY D 350 27.58 -6.07 -13.64
N ILE D 351 27.31 -5.05 -12.84
CA ILE D 351 28.35 -4.26 -12.20
C ILE D 351 28.61 -4.81 -10.80
N TYR D 352 29.87 -5.17 -10.53
CA TYR D 352 30.30 -5.63 -9.23
C TYR D 352 31.53 -4.84 -8.80
N PRO D 353 31.75 -4.63 -7.50
CA PRO D 353 31.03 -5.13 -6.32
C PRO D 353 29.65 -4.51 -6.07
N ALA D 354 29.16 -3.71 -7.01
CA ALA D 354 27.80 -3.16 -6.96
C ALA D 354 27.60 -2.25 -5.74
N VAL D 355 28.63 -1.49 -5.37
CA VAL D 355 28.51 -0.54 -4.28
C VAL D 355 27.72 0.67 -4.77
N ASP D 356 26.73 1.08 -3.99
CA ASP D 356 25.97 2.27 -4.31
C ASP D 356 26.88 3.49 -4.13
N PRO D 357 27.14 4.28 -5.17
CA PRO D 357 28.10 5.38 -5.05
C PRO D 357 27.60 6.56 -4.24
N LEU D 358 26.30 6.66 -4.00
CA LEU D 358 25.74 7.79 -3.27
C LEU D 358 25.41 7.45 -1.82
N ALA D 359 24.68 6.36 -1.57
CA ALA D 359 24.27 6.01 -0.23
C ALA D 359 25.44 5.64 0.67
N SER D 360 26.59 5.28 0.10
CA SER D 360 27.75 4.95 0.90
C SER D 360 28.35 6.21 1.51
N THR D 361 28.63 6.16 2.81
CA THR D 361 29.13 7.31 3.54
C THR D 361 30.32 6.89 4.40
N SER D 362 31.08 7.88 4.85
CA SER D 362 32.23 7.63 5.71
C SER D 362 32.60 8.92 6.43
N ARG D 363 32.97 8.79 7.71
CA ARG D 363 33.43 9.94 8.47
C ARG D 363 34.80 10.43 8.01
N ALA D 364 35.51 9.62 7.22
CA ALA D 364 36.87 9.96 6.82
C ALA D 364 36.93 10.81 5.55
N LEU D 365 35.79 11.00 4.87
CA LEU D 365 35.77 11.79 3.64
C LEU D 365 35.68 13.27 4.03
N ALA D 366 36.82 13.84 4.38
CA ALA D 366 36.94 15.24 4.73
C ALA D 366 38.20 15.79 4.09
N PRO D 367 38.23 17.09 3.77
CA PRO D 367 39.44 17.64 3.13
C PRO D 367 40.70 17.48 3.96
N GLU D 368 40.61 17.63 5.28
CA GLU D 368 41.78 17.50 6.14
C GLU D 368 42.17 16.06 6.42
N ILE D 369 41.31 15.10 6.10
CA ILE D 369 41.58 13.70 6.38
C ILE D 369 42.14 12.98 5.16
N VAL D 370 41.56 13.24 3.98
CA VAL D 370 41.91 12.50 2.77
C VAL D 370 42.60 13.37 1.73
N GLY D 371 42.45 14.69 1.79
CA GLY D 371 43.08 15.56 0.82
C GLY D 371 42.07 16.31 -0.03
N GLU D 372 42.47 17.52 -0.43
CA GLU D 372 41.55 18.42 -1.14
C GLU D 372 41.24 17.91 -2.55
N GLU D 373 42.24 17.45 -3.29
CA GLU D 373 42.01 16.96 -4.64
C GLU D 373 41.12 15.72 -4.63
N HIS D 374 41.39 14.79 -3.70
CA HIS D 374 40.57 13.59 -3.58
C HIS D 374 39.14 13.96 -3.20
N TYR D 375 38.98 14.88 -2.25
CA TYR D 375 37.64 15.29 -1.83
C TYR D 375 36.88 15.91 -3.00
N GLN D 376 37.53 16.78 -3.76
CA GLN D 376 36.85 17.44 -4.88
C GLN D 376 36.50 16.46 -5.98
N VAL D 377 37.39 15.52 -6.31
CA VAL D 377 37.07 14.58 -7.38
C VAL D 377 35.94 13.65 -6.94
N ALA D 378 35.95 13.22 -5.68
CA ALA D 378 34.85 12.38 -5.19
C ALA D 378 33.53 13.13 -5.22
N ARG D 379 33.53 14.40 -4.80
CA ARG D 379 32.30 15.18 -4.82
C ARG D 379 31.81 15.39 -6.24
N LYS D 380 32.73 15.64 -7.19
CA LYS D 380 32.32 15.80 -8.58
C LYS D 380 31.73 14.50 -9.14
N VAL D 381 32.31 13.36 -8.80
CA VAL D 381 31.76 12.09 -9.25
C VAL D 381 30.36 11.90 -8.69
N GLN D 382 30.18 12.19 -7.40
CA GLN D 382 28.86 12.04 -6.78
C GLN D 382 27.84 12.97 -7.43
N GLN D 383 28.25 14.21 -7.72
CA GLN D 383 27.34 15.16 -8.37
C GLN D 383 26.94 14.69 -9.75
N THR D 384 27.91 14.18 -10.53
CA THR D 384 27.61 13.68 -11.86
C THR D 384 26.65 12.51 -11.81
N LEU D 385 26.86 11.57 -10.88
CA LEU D 385 25.97 10.43 -10.78
C LEU D 385 24.58 10.84 -10.32
N GLN D 386 24.50 11.80 -9.39
CA GLN D 386 23.19 12.29 -8.94
C GLN D 386 22.45 12.95 -10.09
N ARG D 387 23.15 13.74 -10.91
CA ARG D 387 22.51 14.33 -12.08
C ARG D 387 22.04 13.26 -13.06
N TYR D 388 22.86 12.21 -13.24
CA TYR D 388 22.49 11.15 -14.16
C TYR D 388 21.24 10.41 -13.70
N LYS D 389 21.10 10.20 -12.38
CA LYS D 389 19.97 9.41 -11.88
C LYS D 389 18.63 10.06 -12.23
N GLU D 390 18.59 11.39 -12.27
CA GLU D 390 17.34 12.07 -12.57
C GLU D 390 16.98 11.96 -14.05
N LEU D 391 17.97 11.86 -14.92
CA LEU D 391 17.71 11.88 -16.35
C LEU D 391 17.11 10.57 -16.85
N GLN D 392 17.29 9.47 -16.11
CA GLN D 392 16.82 8.17 -16.59
C GLN D 392 15.31 8.14 -16.73
N ASP D 393 14.58 8.79 -15.81
CA ASP D 393 13.13 8.76 -15.85
C ASP D 393 12.58 9.40 -17.13
N ILE D 394 13.14 10.53 -17.55
CA ILE D 394 12.68 11.16 -18.78
C ILE D 394 13.28 10.50 -20.01
N ILE D 395 14.47 9.91 -19.90
CA ILE D 395 15.06 9.21 -21.03
C ILE D 395 14.22 8.00 -21.40
N ALA D 396 13.78 7.23 -20.40
CA ALA D 396 13.04 5.99 -20.66
C ALA D 396 11.74 6.23 -21.41
N ILE D 397 11.24 7.46 -21.44
CA ILE D 397 10.01 7.80 -22.13
C ILE D 397 10.28 8.57 -23.42
N LEU D 398 10.98 9.71 -23.32
CA LEU D 398 11.12 10.60 -24.46
C LEU D 398 12.37 10.34 -25.29
N GLY D 399 13.24 9.43 -24.89
CA GLY D 399 14.42 9.12 -25.65
C GLY D 399 15.56 10.10 -25.43
N MET D 400 16.76 9.68 -25.83
CA MET D 400 17.94 10.52 -25.67
C MET D 400 17.95 11.68 -26.65
N ASP D 401 17.19 11.57 -27.75
CA ASP D 401 17.24 12.60 -28.79
C ASP D 401 16.71 13.94 -28.30
N GLU D 402 15.81 13.93 -27.33
CA GLU D 402 15.21 15.16 -26.83
C GLU D 402 16.05 15.84 -25.75
N LEU D 403 17.14 15.22 -25.31
CA LEU D 403 17.98 15.81 -24.29
C LEU D 403 18.85 16.92 -24.90
N SER D 404 19.21 17.88 -24.05
CA SER D 404 20.09 18.96 -24.49
C SER D 404 21.52 18.45 -24.66
N ASP D 405 22.36 19.30 -25.25
CA ASP D 405 23.75 18.92 -25.47
C ASP D 405 24.49 18.74 -24.15
N GLU D 406 24.13 19.52 -23.12
CA GLU D 406 24.77 19.35 -21.82
C GLU D 406 24.39 18.02 -21.18
N ASP D 407 23.09 17.69 -21.19
CA ASP D 407 22.64 16.45 -20.56
C ASP D 407 23.14 15.22 -21.31
N LYS D 408 23.27 15.31 -22.63
CA LYS D 408 23.84 14.20 -23.38
C LYS D 408 25.27 13.91 -22.95
N LEU D 409 26.08 14.96 -22.78
CA LEU D 409 27.44 14.78 -22.28
C LEU D 409 27.44 14.26 -20.85
N VAL D 410 26.50 14.74 -20.03
CA VAL D 410 26.40 14.26 -18.66
C VAL D 410 26.16 12.75 -18.63
N VAL D 411 25.21 12.28 -19.44
CA VAL D 411 24.93 10.85 -19.53
C VAL D 411 26.15 10.10 -20.07
N HIS D 412 26.79 10.67 -21.09
CA HIS D 412 27.93 10.04 -21.73
C HIS D 412 29.06 9.78 -20.72
N ARG D 413 29.35 10.77 -19.89
CA ARG D 413 30.42 10.60 -18.90
C ARG D 413 29.95 9.79 -17.70
N ALA D 414 28.68 9.91 -17.31
CA ALA D 414 28.21 9.20 -16.12
C ALA D 414 28.15 7.70 -16.34
N ARG D 415 27.74 7.27 -17.54
CA ARG D 415 27.74 5.83 -17.82
C ARG D 415 29.15 5.27 -17.73
N ARG D 416 30.13 5.98 -18.30
CA ARG D 416 31.51 5.52 -18.24
C ARG D 416 32.04 5.51 -16.81
N ILE D 417 31.68 6.51 -16.00
CA ILE D 417 32.11 6.54 -14.61
C ILE D 417 31.53 5.36 -13.85
N GLN D 418 30.23 5.11 -14.03
CA GLN D 418 29.58 4.01 -13.35
C GLN D 418 30.19 2.67 -13.75
N PHE D 419 30.49 2.51 -15.04
CA PHE D 419 31.10 1.27 -15.49
C PHE D 419 32.53 1.11 -14.96
N PHE D 420 33.28 2.22 -14.88
CA PHE D 420 34.63 2.14 -14.34
C PHE D 420 34.65 1.91 -12.84
N LEU D 421 33.53 2.18 -12.16
CA LEU D 421 33.44 1.84 -10.74
C LEU D 421 33.53 0.34 -10.48
N SER D 422 33.36 -0.49 -11.51
CA SER D 422 33.48 -1.93 -11.36
C SER D 422 34.94 -2.32 -11.16
N GLN D 423 35.14 -3.54 -10.69
CA GLN D 423 36.48 -4.08 -10.47
C GLN D 423 36.41 -5.60 -10.51
N ASN D 424 37.56 -6.22 -10.74
CA ASN D 424 37.69 -7.68 -10.73
C ASN D 424 38.46 -8.09 -9.48
N PHE D 425 37.84 -8.94 -8.67
CA PHE D 425 38.42 -9.35 -7.39
C PHE D 425 39.23 -10.62 -7.56
N HIS D 426 40.19 -10.82 -6.65
CA HIS D 426 40.97 -12.05 -6.64
C HIS D 426 40.10 -13.26 -6.38
N VAL D 427 39.16 -13.15 -5.44
CA VAL D 427 38.25 -14.24 -5.12
C VAL D 427 37.16 -14.42 -6.16
N ALA D 428 37.06 -13.52 -7.14
CA ALA D 428 36.04 -13.58 -8.16
C ALA D 428 36.48 -14.37 -9.39
N GLU D 429 37.60 -15.08 -9.31
CA GLU D 429 38.03 -15.91 -10.43
C GLU D 429 37.01 -16.99 -10.75
N GLN D 430 36.41 -17.59 -9.72
CA GLN D 430 35.43 -18.65 -9.93
C GLN D 430 34.25 -18.15 -10.76
N PHE D 431 33.98 -16.85 -10.73
CA PHE D 431 32.82 -16.28 -11.40
C PHE D 431 33.17 -15.51 -12.67
N THR D 432 34.43 -15.12 -12.86
CA THR D 432 34.80 -14.30 -14.00
C THR D 432 35.87 -14.90 -14.90
N GLY D 433 36.58 -15.94 -14.47
CA GLY D 433 37.66 -16.49 -15.28
C GLY D 433 38.93 -15.67 -15.17
N GLN D 434 38.83 -14.38 -15.45
CA GLN D 434 40.00 -13.51 -15.40
C GLN D 434 40.45 -13.30 -13.95
N PRO D 435 41.73 -13.07 -13.72
CA PRO D 435 42.23 -12.86 -12.36
C PRO D 435 41.85 -11.48 -11.84
N GLY D 436 42.19 -11.26 -10.56
CA GLY D 436 41.89 -10.01 -9.90
C GLY D 436 43.00 -8.99 -10.03
N SER D 437 42.82 -7.86 -9.33
CA SER D 437 43.75 -6.76 -9.39
C SER D 437 43.71 -5.97 -8.08
N TYR D 438 44.74 -5.16 -7.87
CA TYR D 438 44.85 -4.31 -6.70
C TYR D 438 45.16 -2.89 -7.19
N VAL D 439 44.26 -1.95 -6.91
CA VAL D 439 44.34 -0.60 -7.45
C VAL D 439 44.60 0.35 -6.28
N PRO D 440 45.69 1.12 -6.30
CA PRO D 440 45.93 2.08 -5.22
C PRO D 440 45.03 3.31 -5.33
N VAL D 441 44.94 4.02 -4.20
CA VAL D 441 44.03 5.16 -4.11
C VAL D 441 44.48 6.29 -5.04
N LYS D 442 45.80 6.53 -5.12
CA LYS D 442 46.28 7.58 -6.02
C LYS D 442 45.93 7.25 -7.47
N GLU D 443 46.12 5.99 -7.87
CA GLU D 443 45.82 5.59 -9.24
C GLU D 443 44.33 5.72 -9.54
N THR D 444 43.47 5.28 -8.61
CA THR D 444 42.03 5.40 -8.88
C THR D 444 41.58 6.85 -8.91
N VAL D 445 42.14 7.71 -8.04
CA VAL D 445 41.80 9.12 -8.06
C VAL D 445 42.22 9.74 -9.39
N ARG D 446 43.43 9.41 -9.85
CA ARG D 446 43.89 9.94 -11.13
C ARG D 446 43.00 9.48 -12.27
N GLY D 447 42.63 8.21 -12.29
CA GLY D 447 41.79 7.70 -13.36
C GLY D 447 40.42 8.36 -13.39
N PHE D 448 39.80 8.50 -12.21
CA PHE D 448 38.51 9.17 -12.17
C PHE D 448 38.62 10.65 -12.53
N LYS D 449 39.73 11.29 -12.19
CA LYS D 449 39.94 12.67 -12.62
C LYS D 449 40.02 12.76 -14.14
N GLU D 450 40.75 11.84 -14.77
CA GLU D 450 40.83 11.85 -16.23
C GLU D 450 39.46 11.63 -16.86
N ILE D 451 38.69 10.68 -16.33
CA ILE D 451 37.37 10.42 -16.89
C ILE D 451 36.45 11.62 -16.71
N LEU D 452 36.54 12.29 -15.56
CA LEU D 452 35.76 13.51 -15.35
C LEU D 452 36.15 14.60 -16.35
N GLU D 453 37.46 14.75 -16.59
CA GLU D 453 37.92 15.71 -17.59
C GLU D 453 37.51 15.32 -19.00
N GLY D 454 37.20 14.05 -19.25
CA GLY D 454 36.71 13.65 -20.55
C GLY D 454 37.77 13.21 -21.54
N LYS D 455 38.92 12.73 -21.06
CA LYS D 455 39.97 12.28 -21.96
C LYS D 455 39.53 11.09 -22.80
N TYR D 456 38.70 10.21 -22.24
CA TYR D 456 38.34 8.96 -22.88
C TYR D 456 36.87 8.92 -23.29
N ASP D 457 36.35 10.03 -23.81
CA ASP D 457 34.98 10.06 -24.31
C ASP D 457 34.81 9.16 -25.54
N HIS D 458 35.87 9.03 -26.35
CA HIS D 458 35.81 8.24 -27.57
C HIS D 458 35.85 6.74 -27.31
N LEU D 459 36.22 6.32 -26.11
CA LEU D 459 36.30 4.89 -25.81
C LEU D 459 34.90 4.31 -25.67
N PRO D 460 34.69 3.05 -26.08
CA PRO D 460 33.39 2.41 -25.85
C PRO D 460 33.14 2.19 -24.36
N GLU D 461 31.87 2.24 -23.98
CA GLU D 461 31.53 2.12 -22.57
C GLU D 461 31.78 0.71 -22.05
N ASP D 462 31.74 -0.30 -22.92
CA ASP D 462 31.95 -1.67 -22.48
C ASP D 462 33.40 -1.93 -22.07
N ALA D 463 34.33 -1.06 -22.46
CA ALA D 463 35.74 -1.27 -22.15
C ALA D 463 36.07 -1.02 -20.69
N PHE D 464 35.12 -0.49 -19.92
CA PHE D 464 35.37 -0.16 -18.52
C PHE D 464 34.89 -1.23 -17.54
N ARG D 465 34.40 -2.37 -18.03
CA ARG D 465 33.76 -3.37 -17.18
C ARG D 465 34.82 -4.28 -16.55
N LEU D 466 34.97 -4.18 -15.23
CA LEU D 466 35.82 -5.09 -14.44
C LEU D 466 37.26 -5.09 -14.96
N VAL D 467 37.88 -3.92 -14.85
CA VAL D 467 39.12 -3.67 -15.56
C VAL D 467 40.27 -3.27 -14.64
N GLY D 468 39.95 -2.70 -13.48
CA GLY D 468 41.01 -2.20 -12.61
C GLY D 468 41.39 -0.76 -12.94
N ARG D 469 42.55 -0.57 -13.56
CA ARG D 469 42.99 0.77 -13.93
C ARG D 469 42.50 1.16 -15.32
N ILE D 470 42.73 2.43 -15.66
CA ILE D 470 42.37 2.93 -16.99
C ILE D 470 43.34 2.41 -18.04
N GLU D 471 44.56 2.05 -17.64
CA GLU D 471 45.49 1.42 -18.57
C GLU D 471 44.89 0.13 -19.10
N GLU D 472 44.31 -0.68 -18.22
CA GLU D 472 43.65 -1.90 -18.67
C GLU D 472 42.41 -1.59 -19.50
N VAL D 473 41.77 -0.44 -19.26
CA VAL D 473 40.64 -0.04 -20.11
C VAL D 473 41.12 0.20 -21.53
N VAL D 474 42.18 1.00 -21.69
CA VAL D 474 42.66 1.32 -23.04
C VAL D 474 43.27 0.11 -23.71
N GLU D 475 43.81 -0.84 -22.94
CA GLU D 475 44.32 -2.06 -23.56
C GLU D 475 43.19 -3.00 -23.96
N LYS D 476 42.14 -3.08 -23.13
CA LYS D 476 40.98 -3.90 -23.47
C LYS D 476 40.24 -3.33 -24.68
N ALA D 477 40.33 -2.02 -24.89
CA ALA D 477 39.73 -1.42 -26.07
C ALA D 477 40.39 -1.92 -27.35
N LYS D 478 41.71 -2.17 -27.31
CA LYS D 478 42.40 -2.66 -28.50
C LYS D 478 41.85 -4.00 -28.96
N ALA D 479 41.40 -4.84 -28.02
CA ALA D 479 40.83 -6.13 -28.38
C ALA D 479 39.56 -5.99 -29.21
N MET D 480 38.86 -4.86 -29.10
CA MET D 480 37.66 -4.60 -29.90
C MET D 480 37.95 -3.76 -31.14
N GLY D 481 39.20 -3.46 -31.41
CA GLY D 481 39.57 -2.71 -32.60
C GLY D 481 39.45 -1.20 -32.47
N VAL D 482 39.25 -0.69 -31.27
CA VAL D 482 39.13 0.75 -31.07
C VAL D 482 40.51 1.35 -30.78
N MET E 12 -23.52 6.96 49.69
CA MET E 12 -22.08 6.89 49.93
C MET E 12 -21.33 7.49 48.73
N THR E 13 -20.27 8.25 49.01
CA THR E 13 -19.53 8.94 47.96
C THR E 13 -18.02 8.84 48.09
N ARG E 14 -17.50 7.90 48.87
CA ARG E 14 -16.06 7.79 49.10
C ARG E 14 -15.50 6.54 48.46
N GLY E 15 -14.46 6.71 47.63
CA GLY E 15 -13.73 5.60 47.07
C GLY E 15 -12.26 5.69 47.42
N ARG E 16 -11.50 4.72 46.93
CA ARG E 16 -10.07 4.68 47.15
C ARG E 16 -9.34 4.24 45.89
N VAL E 17 -8.17 4.82 45.68
CA VAL E 17 -7.36 4.48 44.51
C VAL E 17 -6.80 3.06 44.69
N ILE E 18 -6.98 2.21 43.68
CA ILE E 18 -6.54 0.84 43.77
C ILE E 18 -5.48 0.49 42.72
N GLN E 19 -5.36 1.27 41.65
CA GLN E 19 -4.42 0.93 40.58
C GLN E 19 -4.18 2.16 39.71
N VAL E 20 -2.91 2.49 39.51
CA VAL E 20 -2.51 3.62 38.69
C VAL E 20 -1.55 3.14 37.61
N MET E 21 -1.88 3.39 36.34
CA MET E 21 -1.01 3.05 35.22
C MET E 21 -1.11 4.19 34.21
N GLY E 22 -0.19 5.15 34.33
CA GLY E 22 -0.19 6.32 33.49
C GLY E 22 -1.41 7.19 33.72
N PRO E 23 -2.02 7.68 32.63
CA PRO E 23 -3.21 8.52 32.77
C PRO E 23 -4.46 7.75 33.16
N VAL E 24 -4.33 6.46 33.40
CA VAL E 24 -5.46 5.60 33.73
C VAL E 24 -5.40 5.25 35.21
N VAL E 25 -6.51 5.48 35.91
CA VAL E 25 -6.62 5.22 37.34
C VAL E 25 -7.85 4.37 37.59
N ASP E 26 -7.70 3.33 38.40
CA ASP E 26 -8.82 2.49 38.83
C ASP E 26 -9.19 2.82 40.28
N VAL E 27 -10.48 2.97 40.53
CA VAL E 27 -10.99 3.35 41.85
C VAL E 27 -12.02 2.33 42.29
N LYS E 28 -11.91 1.89 43.54
CA LYS E 28 -12.84 0.92 44.12
C LYS E 28 -13.79 1.63 45.05
N PHE E 29 -15.08 1.30 44.94
CA PHE E 29 -16.13 1.92 45.72
C PHE E 29 -16.84 0.90 46.59
N GLU E 30 -17.66 1.41 47.50
CA GLU E 30 -18.49 0.55 48.33
C GLU E 30 -19.57 -0.12 47.49
N ASN E 31 -19.93 -1.34 47.86
CA ASN E 31 -20.92 -2.11 47.11
C ASN E 31 -22.24 -1.37 47.05
N GLY E 32 -22.80 -1.26 45.84
CA GLY E 32 -24.08 -0.62 45.62
C GLY E 32 -24.04 0.88 45.47
N HIS E 33 -22.87 1.50 45.57
CA HIS E 33 -22.75 2.96 45.47
C HIS E 33 -21.73 3.38 44.41
N LEU E 34 -21.67 2.63 43.31
CA LEU E 34 -20.74 2.96 42.24
C LEU E 34 -21.18 4.23 41.52
N PRO E 35 -20.25 5.05 41.04
CA PRO E 35 -20.64 6.23 40.26
C PRO E 35 -21.07 5.86 38.85
N ALA E 36 -21.86 6.74 38.25
CA ALA E 36 -22.33 6.51 36.90
C ALA E 36 -21.24 6.81 35.87
N ILE E 37 -21.50 6.42 34.62
CA ILE E 37 -20.55 6.68 33.56
C ILE E 37 -20.46 8.17 33.31
N TYR E 38 -19.26 8.63 32.95
CA TYR E 38 -18.96 10.03 32.64
C TYR E 38 -19.03 10.93 33.87
N ASN E 39 -19.27 10.35 35.04
CA ASN E 39 -19.28 11.13 36.27
C ASN E 39 -17.87 11.62 36.58
N ALA E 40 -17.80 12.76 37.26
CA ALA E 40 -16.51 13.36 37.61
C ALA E 40 -16.13 12.99 39.04
N LEU E 41 -14.90 12.54 39.23
CA LEU E 41 -14.37 12.20 40.54
C LEU E 41 -13.25 13.17 40.90
N LYS E 42 -13.16 13.50 42.19
CA LYS E 42 -12.22 14.49 42.68
C LYS E 42 -11.26 13.85 43.68
N ILE E 43 -9.98 14.17 43.55
CA ILE E 43 -8.96 13.77 44.52
C ILE E 43 -8.31 15.05 45.04
N GLN E 44 -8.43 15.27 46.35
CA GLN E 44 -7.83 16.43 47.00
C GLN E 44 -7.07 15.94 48.23
N HIS E 45 -5.74 15.91 48.13
CA HIS E 45 -4.90 15.33 49.17
C HIS E 45 -3.86 16.35 49.60
N LYS E 46 -3.59 16.40 50.90
CA LYS E 46 -2.53 17.22 51.47
C LYS E 46 -1.46 16.30 52.03
N ALA E 47 -0.20 16.67 51.82
CA ALA E 47 0.92 15.83 52.24
C ALA E 47 0.87 15.56 53.73
N ARG E 48 0.65 14.28 54.09
CA ARG E 48 0.59 13.90 55.49
C ARG E 48 1.95 13.98 56.16
N ASN E 49 3.03 13.83 55.40
CA ASN E 49 4.38 13.82 55.96
C ASN E 49 5.35 14.27 54.87
N GLU E 50 6.64 14.07 55.12
CA GLU E 50 7.67 14.53 54.20
C GLU E 50 7.73 13.67 52.94
N ASN E 51 7.21 12.45 52.97
CA ASN E 51 7.31 11.52 51.85
C ASN E 51 6.11 11.59 50.92
N GLU E 52 5.26 12.61 51.05
CA GLU E 52 4.06 12.74 50.23
C GLU E 52 4.05 14.11 49.56
N VAL E 53 3.23 14.22 48.52
CA VAL E 53 3.07 15.46 47.76
C VAL E 53 1.58 15.78 47.70
N ASP E 54 1.27 17.07 47.56
CA ASP E 54 -0.12 17.50 47.47
C ASP E 54 -0.69 17.15 46.10
N ILE E 55 -1.94 16.71 46.10
CA ILE E 55 -2.63 16.25 44.89
C ILE E 55 -3.92 17.03 44.72
N ASP E 56 -4.20 17.45 43.48
CA ASP E 56 -5.49 18.06 43.13
C ASP E 56 -5.79 17.62 41.70
N LEU E 57 -6.57 16.54 41.57
CA LEU E 57 -6.76 15.87 40.31
C LEU E 57 -8.24 15.53 40.12
N THR E 58 -8.70 15.58 38.87
CA THR E 58 -10.07 15.24 38.51
C THR E 58 -10.07 14.06 37.54
N LEU E 59 -11.00 13.13 37.75
CA LEU E 59 -11.11 11.93 36.95
C LEU E 59 -12.51 11.83 36.35
N GLU E 60 -12.61 11.11 35.24
CA GLU E 60 -13.89 10.87 34.56
C GLU E 60 -14.12 9.38 34.43
N VAL E 61 -15.29 8.92 34.87
CA VAL E 61 -15.61 7.49 34.84
C VAL E 61 -15.74 7.03 33.40
N ALA E 62 -15.10 5.91 33.07
CA ALA E 62 -15.12 5.37 31.72
C ALA E 62 -15.78 3.99 31.63
N LEU E 63 -15.50 3.10 32.57
CA LEU E 63 -16.02 1.73 32.50
C LEU E 63 -16.38 1.24 33.89
N HIS E 64 -17.19 0.20 33.93
CA HIS E 64 -17.49 -0.54 35.15
C HIS E 64 -16.87 -1.93 35.02
N LEU E 65 -15.74 -2.13 35.67
CA LEU E 65 -14.98 -3.37 35.50
C LEU E 65 -15.52 -4.54 36.31
N GLY E 66 -16.47 -4.28 37.21
CA GLY E 66 -16.98 -5.31 38.10
C GLY E 66 -16.21 -5.34 39.41
N ASP E 67 -16.82 -6.04 40.38
CA ASP E 67 -16.29 -6.11 41.74
C ASP E 67 -16.12 -4.73 42.36
N ASP E 68 -17.09 -3.84 42.09
CA ASP E 68 -17.14 -2.49 42.65
C ASP E 68 -15.93 -1.65 42.24
N THR E 69 -15.33 -1.93 41.09
CA THR E 69 -14.19 -1.17 40.60
C THR E 69 -14.59 -0.39 39.35
N VAL E 70 -13.99 0.78 39.18
CA VAL E 70 -14.28 1.67 38.06
C VAL E 70 -12.97 2.14 37.45
N ARG E 71 -12.89 2.09 36.12
CA ARG E 71 -11.74 2.57 35.38
C ARG E 71 -12.00 4.00 34.91
N THR E 72 -11.06 4.89 35.20
CA THR E 72 -11.21 6.31 34.91
C THR E 72 -10.00 6.82 34.14
N ILE E 73 -10.18 7.95 33.47
CA ILE E 73 -9.10 8.64 32.77
C ILE E 73 -8.86 9.97 33.46
N ALA E 74 -7.58 10.27 33.71
CA ALA E 74 -7.22 11.47 34.44
C ALA E 74 -7.24 12.71 33.53
N MET E 75 -7.61 13.84 34.12
CA MET E 75 -7.59 15.12 33.40
C MET E 75 -6.29 15.89 33.62
N ALA E 76 -5.37 15.36 34.41
CA ALA E 76 -4.08 15.98 34.62
C ALA E 76 -3.07 14.88 34.92
N SER E 77 -1.88 15.28 35.36
CA SER E 77 -0.83 14.32 35.66
C SER E 77 -1.19 13.47 36.88
N THR E 78 -0.81 12.21 36.84
CA THR E 78 -1.05 11.27 37.93
C THR E 78 0.17 11.08 38.82
N ASP E 79 1.21 11.88 38.64
CA ASP E 79 2.40 11.75 39.46
C ASP E 79 2.09 12.07 40.92
N GLY E 80 2.64 11.26 41.82
CA GLY E 80 2.42 11.43 43.24
C GLY E 80 1.23 10.69 43.81
N LEU E 81 0.46 9.99 42.98
CA LEU E 81 -0.68 9.25 43.48
C LEU E 81 -0.24 8.03 44.26
N ILE E 82 -0.96 7.73 45.35
CA ILE E 82 -0.68 6.60 46.21
C ILE E 82 -1.93 5.73 46.27
N ARG E 83 -1.74 4.42 46.17
CA ARG E 83 -2.86 3.50 46.27
C ARG E 83 -3.53 3.61 47.63
N GLY E 84 -4.85 3.57 47.63
CA GLY E 84 -5.62 3.68 48.86
C GLY E 84 -6.03 5.07 49.25
N MET E 85 -5.59 6.10 48.54
CA MET E 85 -5.98 7.45 48.89
C MET E 85 -7.43 7.71 48.49
N GLU E 86 -8.06 8.64 49.20
CA GLU E 86 -9.51 8.81 49.12
C GLU E 86 -9.93 9.53 47.85
N VAL E 87 -11.00 9.05 47.24
CA VAL E 87 -11.62 9.67 46.08
C VAL E 87 -13.08 9.94 46.40
N ILE E 88 -13.59 11.09 45.99
CA ILE E 88 -14.97 11.47 46.25
C ILE E 88 -15.69 11.62 44.91
N ASP E 89 -17.00 11.30 44.92
CA ASP E 89 -17.81 11.35 43.71
C ASP E 89 -18.71 12.59 43.76
N THR E 90 -18.70 13.37 42.68
CA THR E 90 -19.53 14.57 42.61
C THR E 90 -20.97 14.28 42.26
N GLY E 91 -21.29 13.09 41.76
CA GLY E 91 -22.64 12.72 41.44
C GLY E 91 -23.14 13.22 40.09
N ALA E 92 -22.31 13.89 39.32
CA ALA E 92 -22.72 14.44 38.03
C ALA E 92 -21.49 14.54 37.15
N PRO E 93 -21.67 14.62 35.83
CA PRO E 93 -20.52 14.84 34.94
C PRO E 93 -19.88 16.19 35.19
N ILE E 94 -18.82 16.46 34.42
CA ILE E 94 -18.13 17.75 34.50
C ILE E 94 -19.14 18.86 34.24
N SER E 95 -19.09 19.90 35.08
CA SER E 95 -20.00 21.03 34.97
C SER E 95 -19.19 22.31 34.87
N VAL E 96 -19.54 23.15 33.91
CA VAL E 96 -18.81 24.40 33.68
C VAL E 96 -19.78 25.56 33.80
N PRO E 97 -19.33 26.74 34.23
CA PRO E 97 -20.23 27.88 34.34
C PRO E 97 -20.73 28.34 32.97
N VAL E 98 -21.97 28.83 32.95
CA VAL E 98 -22.60 29.32 31.73
C VAL E 98 -23.25 30.66 32.05
N GLY E 99 -23.47 31.45 31.00
CA GLY E 99 -24.12 32.73 31.15
C GLY E 99 -23.26 33.89 30.69
N GLU E 100 -23.66 35.08 31.13
CA GLU E 100 -22.93 36.29 30.76
C GLU E 100 -21.57 36.36 31.44
N VAL E 101 -21.38 35.61 32.52
CA VAL E 101 -20.12 35.63 33.25
C VAL E 101 -18.98 35.03 32.45
N THR E 102 -19.30 34.20 31.44
CA THR E 102 -18.25 33.55 30.66
C THR E 102 -17.71 34.42 29.53
N LEU E 103 -18.34 35.55 29.26
CA LEU E 103 -17.89 36.40 28.16
C LEU E 103 -16.63 37.16 28.56
N GLY E 104 -15.63 37.14 27.69
CA GLY E 104 -14.37 37.81 27.95
C GLY E 104 -13.41 37.04 28.82
N ARG E 105 -13.67 35.78 29.10
CA ARG E 105 -12.84 34.97 29.99
C ARG E 105 -12.22 33.81 29.22
N VAL E 106 -11.14 33.27 29.77
CA VAL E 106 -10.45 32.12 29.20
C VAL E 106 -10.52 30.99 30.21
N PHE E 107 -10.96 29.81 29.76
CA PHE E 107 -11.21 28.67 30.62
C PHE E 107 -10.39 27.47 30.18
N ASN E 108 -10.20 26.53 31.10
CA ASN E 108 -9.68 25.21 30.76
C ASN E 108 -10.83 24.23 30.58
N VAL E 109 -10.50 22.94 30.46
CA VAL E 109 -11.52 21.93 30.22
C VAL E 109 -12.42 21.76 31.44
N LEU E 110 -11.88 21.96 32.64
CA LEU E 110 -12.68 21.85 33.86
C LEU E 110 -13.62 23.02 34.06
N GLY E 111 -13.53 24.06 33.24
CA GLY E 111 -14.34 25.25 33.44
C GLY E 111 -13.75 26.24 34.41
N GLU E 112 -12.55 25.99 34.91
CA GLU E 112 -11.87 26.94 35.78
C GLU E 112 -11.14 27.98 34.93
N PRO E 113 -11.18 29.25 35.32
CA PRO E 113 -10.56 30.30 34.50
C PRO E 113 -9.05 30.15 34.48
N ILE E 114 -8.46 30.33 33.29
CA ILE E 114 -7.00 30.31 33.17
C ILE E 114 -6.42 31.70 33.40
N ASP E 115 -7.07 32.74 32.89
CA ASP E 115 -6.58 34.10 33.09
C ASP E 115 -6.58 34.47 34.57
N LEU E 116 -5.92 35.59 34.87
CA LEU E 116 -5.74 36.03 36.24
C LEU E 116 -6.79 37.06 36.68
N GLU E 117 -8.01 36.97 36.14
CA GLU E 117 -9.05 37.93 36.48
C GLU E 117 -9.90 37.51 37.67
N GLY E 118 -9.64 36.34 38.26
CA GLY E 118 -10.40 35.87 39.39
C GLY E 118 -11.27 34.68 39.04
N ASP E 119 -11.79 34.03 40.07
CA ASP E 119 -12.60 32.83 39.89
C ASP E 119 -14.09 33.16 39.89
N ILE E 120 -14.85 32.27 39.27
CA ILE E 120 -16.31 32.43 39.18
C ILE E 120 -16.92 32.03 40.53
N PRO E 121 -17.86 32.81 41.06
CA PRO E 121 -18.49 32.44 42.34
C PRO E 121 -19.25 31.13 42.22
N ALA E 122 -19.33 30.43 43.35
CA ALA E 122 -19.96 29.11 43.37
C ALA E 122 -21.46 29.15 43.17
N ASP E 123 -22.07 30.34 43.25
CA ASP E 123 -23.51 30.47 43.08
C ASP E 123 -23.93 30.55 41.62
N ALA E 124 -22.98 30.58 40.69
CA ALA E 124 -23.32 30.66 39.28
C ALA E 124 -23.89 29.34 38.77
N ARG E 125 -24.68 29.42 37.71
CA ARG E 125 -25.26 28.22 37.12
C ARG E 125 -24.20 27.44 36.35
N ARG E 126 -24.27 26.11 36.45
CA ARG E 126 -23.36 25.22 35.75
C ARG E 126 -24.16 24.13 35.06
N ASP E 127 -23.68 23.69 33.90
CA ASP E 127 -24.40 22.73 33.08
C ASP E 127 -23.53 21.51 32.81
N PRO E 128 -24.13 20.32 32.67
CA PRO E 128 -23.33 19.13 32.40
C PRO E 128 -22.70 19.16 31.02
N ILE E 129 -21.49 18.60 30.94
CA ILE E 129 -20.79 18.56 29.67
C ILE E 129 -21.43 17.55 28.70
N HIS E 130 -21.88 16.41 29.21
CA HIS E 130 -22.44 15.35 28.40
C HIS E 130 -23.96 15.45 28.45
N ARG E 131 -24.58 15.54 27.27
CA ARG E 131 -26.04 15.61 27.16
C ARG E 131 -26.43 15.12 25.78
N PRO E 132 -27.64 14.60 25.62
CA PRO E 132 -28.09 14.14 24.31
C PRO E 132 -28.38 15.30 23.36
N ALA E 133 -28.37 14.98 22.07
CA ALA E 133 -28.64 15.97 21.04
C ALA E 133 -30.11 16.39 21.10
N PRO E 134 -30.44 17.58 20.57
CA PRO E 134 -31.84 17.99 20.54
C PRO E 134 -32.70 17.02 19.75
N LYS E 135 -33.95 16.86 20.19
CA LYS E 135 -34.82 15.84 19.64
C LYS E 135 -35.31 16.22 18.24
N PHE E 136 -35.97 15.26 17.60
CA PHE E 136 -36.39 15.42 16.21
C PHE E 136 -37.38 16.56 16.05
N GLU E 137 -38.34 16.68 16.96
CA GLU E 137 -39.40 17.68 16.83
C GLU E 137 -38.99 19.06 17.29
N GLU E 138 -37.79 19.22 17.84
CA GLU E 138 -37.31 20.53 18.27
C GLU E 138 -36.48 21.23 17.20
N LEU E 139 -36.23 20.59 16.07
CA LEU E 139 -35.37 21.15 15.03
C LEU E 139 -36.16 22.10 14.13
N ALA E 140 -35.42 22.94 13.42
CA ALA E 140 -36.02 23.83 12.44
C ALA E 140 -36.51 23.03 11.24
N THR E 141 -37.61 23.48 10.64
CA THR E 141 -38.22 22.76 9.52
C THR E 141 -37.73 23.22 8.16
N GLU E 142 -36.93 24.29 8.09
CA GLU E 142 -36.50 24.81 6.80
C GLU E 142 -35.06 25.27 6.89
N VAL E 143 -34.40 25.32 5.74
CA VAL E 143 -33.02 25.79 5.66
C VAL E 143 -33.00 27.30 5.53
N GLU E 144 -32.21 27.97 6.36
CA GLU E 144 -32.13 29.42 6.39
C GLU E 144 -30.68 29.84 6.22
N ILE E 145 -30.45 30.87 5.42
CA ILE E 145 -29.10 31.34 5.13
C ILE E 145 -28.67 32.34 6.19
N LEU E 146 -27.42 32.23 6.64
CA LEU E 146 -26.82 33.14 7.61
C LEU E 146 -26.00 34.18 6.85
N GLU E 147 -26.39 35.45 6.97
CA GLU E 147 -25.67 36.52 6.30
C GLU E 147 -24.45 36.92 7.15
N THR E 148 -23.26 36.82 6.55
CA THR E 148 -22.03 37.12 7.27
C THR E 148 -21.49 38.51 6.96
N GLY E 149 -21.95 39.15 5.89
CA GLY E 149 -21.47 40.46 5.51
C GLY E 149 -20.21 40.48 4.68
N ILE E 150 -19.65 39.32 4.35
CA ILE E 150 -18.46 39.21 3.51
C ILE E 150 -18.93 38.85 2.12
N LYS E 151 -18.47 39.62 1.12
CA LYS E 151 -19.02 39.48 -0.23
C LYS E 151 -18.72 38.11 -0.81
N VAL E 152 -17.46 37.67 -0.74
CA VAL E 152 -17.08 36.41 -1.37
C VAL E 152 -17.79 35.24 -0.71
N VAL E 153 -17.89 35.25 0.62
CA VAL E 153 -18.55 34.17 1.34
C VAL E 153 -20.04 34.16 1.01
N ASP E 154 -20.68 35.33 1.08
CA ASP E 154 -22.13 35.40 0.85
C ASP E 154 -22.49 35.12 -0.60
N LEU E 155 -21.55 35.27 -1.53
CA LEU E 155 -21.84 35.03 -2.94
C LEU E 155 -21.52 33.61 -3.37
N LEU E 156 -20.27 33.18 -3.18
CA LEU E 156 -19.81 31.92 -3.75
C LEU E 156 -19.96 30.73 -2.80
N ALA E 157 -19.85 30.93 -1.49
CA ALA E 157 -19.95 29.85 -0.52
C ALA E 157 -20.85 30.26 0.63
N PRO E 158 -22.16 30.37 0.38
CA PRO E 158 -23.07 30.86 1.41
C PRO E 158 -23.08 29.97 2.64
N TYR E 159 -23.20 30.59 3.81
CA TYR E 159 -23.28 29.87 5.07
C TYR E 159 -24.72 29.61 5.46
N ILE E 160 -24.93 28.55 6.23
CA ILE E 160 -26.26 28.11 6.65
C ILE E 160 -26.32 28.10 8.17
N LYS E 161 -27.38 28.68 8.71
CA LYS E 161 -27.62 28.62 10.15
C LYS E 161 -27.73 27.17 10.60
N GLY E 162 -26.95 26.80 11.62
CA GLY E 162 -26.91 25.43 12.09
C GLY E 162 -26.03 24.51 11.29
N GLY E 163 -25.30 25.02 10.30
CA GLY E 163 -24.44 24.18 9.50
C GLY E 163 -22.99 24.23 9.93
N LYS E 164 -22.23 23.26 9.42
CA LYS E 164 -20.81 23.14 9.71
C LYS E 164 -20.00 23.50 8.47
N ILE E 165 -18.98 24.33 8.66
CA ILE E 165 -18.14 24.81 7.55
C ILE E 165 -16.70 24.42 7.83
N GLY E 166 -16.07 23.77 6.85
CA GLY E 166 -14.66 23.45 6.95
C GLY E 166 -13.79 24.61 6.48
N LEU E 167 -12.63 24.75 7.12
CA LEU E 167 -11.69 25.82 6.83
C LEU E 167 -10.33 25.24 6.49
N PHE E 168 -9.81 25.59 5.32
CA PHE E 168 -8.49 25.15 4.88
C PHE E 168 -7.68 26.38 4.48
N GLY E 169 -6.40 26.38 4.82
CA GLY E 169 -5.57 27.53 4.51
C GLY E 169 -4.13 27.29 4.90
N GLY E 170 -3.29 28.26 4.56
CA GLY E 170 -1.88 28.21 4.85
C GLY E 170 -1.51 28.86 6.17
N ALA E 171 -0.21 29.10 6.32
CA ALA E 171 0.29 29.65 7.59
C ALA E 171 -0.03 31.13 7.73
N GLY E 172 0.12 31.91 6.66
CA GLY E 172 -0.06 33.34 6.76
C GLY E 172 -1.19 33.87 5.88
N VAL E 173 -2.19 33.04 5.62
CA VAL E 173 -3.29 33.44 4.74
C VAL E 173 -4.17 34.49 5.41
N GLY E 174 -4.41 34.35 6.71
CA GLY E 174 -5.26 35.30 7.40
C GLY E 174 -6.47 34.65 8.07
N LYS E 175 -6.32 33.39 8.48
CA LYS E 175 -7.43 32.68 9.11
C LYS E 175 -7.89 33.37 10.39
N THR E 176 -6.94 33.83 11.20
CA THR E 176 -7.29 34.52 12.45
C THR E 176 -8.04 35.81 12.16
N VAL E 177 -7.59 36.57 11.16
CA VAL E 177 -8.27 37.82 10.82
C VAL E 177 -9.68 37.54 10.32
N LEU E 178 -9.83 36.49 9.50
CA LEU E 178 -11.16 36.12 9.02
C LEU E 178 -12.08 35.72 10.17
N ILE E 179 -11.55 34.96 11.13
CA ILE E 179 -12.34 34.54 12.28
C ILE E 179 -12.78 35.76 13.10
N GLN E 180 -11.84 36.68 13.34
CA GLN E 180 -12.18 37.88 14.09
C GLN E 180 -13.22 38.73 13.37
N GLU E 181 -13.10 38.85 12.05
CA GLU E 181 -14.09 39.61 11.28
C GLU E 181 -15.45 38.94 11.33
N LEU E 182 -15.50 37.62 11.25
CA LEU E 182 -16.77 36.91 11.38
C LEU E 182 -17.40 37.18 12.73
N ILE E 183 -16.61 37.10 13.80
CA ILE E 183 -17.12 37.38 15.14
C ILE E 183 -17.68 38.79 15.21
N HIS E 184 -16.91 39.77 14.71
CA HIS E 184 -17.34 41.16 14.77
C HIS E 184 -18.63 41.37 14.00
N ASN E 185 -18.72 40.84 12.78
CA ASN E 185 -19.91 41.05 11.96
C ASN E 185 -21.13 40.39 12.57
N ILE E 186 -20.99 39.17 13.06
CA ILE E 186 -22.14 38.50 13.66
C ILE E 186 -22.60 39.23 14.91
N ALA E 187 -21.66 39.65 15.77
CA ALA E 187 -22.05 40.37 16.98
C ALA E 187 -22.70 41.71 16.64
N GLN E 188 -22.25 42.35 15.56
CA GLN E 188 -22.78 43.67 15.21
C GLN E 188 -24.18 43.57 14.61
N GLU E 189 -24.40 42.60 13.71
CA GLU E 189 -25.62 42.59 12.91
C GLU E 189 -26.64 41.53 13.30
N HIS E 190 -26.29 40.59 14.16
CA HIS E 190 -27.24 39.58 14.62
C HIS E 190 -27.35 39.50 16.14
N GLY E 191 -26.47 40.17 16.87
CA GLY E 191 -26.52 40.11 18.32
C GLY E 191 -26.11 38.79 18.90
N GLY E 192 -25.34 37.98 18.18
CA GLY E 192 -24.95 36.67 18.65
C GLY E 192 -23.49 36.65 19.07
N ILE E 193 -23.22 35.99 20.19
CA ILE E 193 -21.87 35.84 20.71
C ILE E 193 -21.17 34.70 19.98
N SER E 194 -19.86 34.59 20.18
CA SER E 194 -19.08 33.50 19.59
C SER E 194 -18.26 32.82 20.68
N VAL E 195 -17.97 31.54 20.48
CA VAL E 195 -17.17 30.75 21.40
C VAL E 195 -16.02 30.12 20.62
N PHE E 196 -14.81 30.25 21.16
CA PHE E 196 -13.61 29.68 20.55
C PHE E 196 -13.15 28.51 21.40
N ALA E 197 -13.00 27.35 20.78
CA ALA E 197 -12.57 26.13 21.46
C ALA E 197 -11.19 25.75 20.94
N GLY E 198 -10.17 25.95 21.77
CA GLY E 198 -8.80 25.64 21.40
C GLY E 198 -8.41 24.20 21.63
N VAL E 199 -8.88 23.30 20.77
CA VAL E 199 -8.54 21.89 20.87
C VAL E 199 -7.09 21.68 20.46
N GLY E 200 -6.26 21.24 21.40
CA GLY E 200 -4.84 21.05 21.13
C GLY E 200 -4.13 22.34 20.81
N GLU E 201 -4.40 23.38 21.59
CA GLU E 201 -3.83 24.69 21.32
C GLU E 201 -2.44 24.82 21.94
N ARG E 202 -1.49 25.28 21.13
CA ARG E 202 -0.16 25.63 21.62
C ARG E 202 -0.29 26.81 22.57
N THR E 203 0.55 26.83 23.61
CA THR E 203 0.44 27.90 24.60
C THR E 203 0.86 29.25 24.02
N ARG E 204 1.92 29.27 23.22
CA ARG E 204 2.34 30.51 22.57
C ARG E 204 1.25 31.04 21.65
N GLU E 205 0.67 30.14 20.84
CA GLU E 205 -0.42 30.54 19.95
C GLU E 205 -1.63 31.02 20.73
N GLY E 206 -1.95 30.38 21.85
CA GLY E 206 -3.07 30.83 22.66
C GLY E 206 -2.85 32.20 23.26
N ASN E 207 -1.64 32.46 23.76
CA ASN E 207 -1.32 33.78 24.30
C ASN E 207 -1.40 34.85 23.21
N ASP E 208 -0.84 34.55 22.03
CA ASP E 208 -0.92 35.49 20.92
C ASP E 208 -2.37 35.75 20.52
N LEU E 209 -3.19 34.70 20.46
CA LEU E 209 -4.58 34.87 20.09
C LEU E 209 -5.34 35.68 21.12
N TYR E 210 -5.07 35.46 22.40
CA TYR E 210 -5.73 36.25 23.45
C TYR E 210 -5.36 37.73 23.32
N HIS E 211 -4.08 38.02 23.10
CA HIS E 211 -3.67 39.41 22.94
C HIS E 211 -4.27 40.03 21.69
N GLU E 212 -4.35 39.25 20.60
CA GLU E 212 -4.95 39.77 19.37
C GLU E 212 -6.44 40.06 19.56
N MET E 213 -7.16 39.17 20.24
CA MET E 213 -8.57 39.41 20.52
C MET E 213 -8.75 40.66 21.38
N LYS E 214 -7.91 40.82 22.41
CA LYS E 214 -8.00 42.01 23.25
C LYS E 214 -7.71 43.28 22.47
N ASP E 215 -6.72 43.23 21.56
CA ASP E 215 -6.41 44.39 20.74
C ASP E 215 -7.54 44.73 19.78
N SER E 216 -8.15 43.71 19.16
CA SER E 216 -9.23 43.94 18.21
C SER E 216 -10.54 44.32 18.90
N GLY E 217 -10.69 44.03 20.19
CA GLY E 217 -11.88 44.43 20.90
C GLY E 217 -13.03 43.45 20.86
N VAL E 218 -12.90 42.35 20.09
CA VAL E 218 -13.94 41.32 20.07
C VAL E 218 -13.86 40.39 21.26
N ILE E 219 -12.95 40.64 22.20
CA ILE E 219 -12.81 39.77 23.37
C ILE E 219 -14.04 39.85 24.25
N SER E 220 -14.67 41.03 24.33
CA SER E 220 -15.83 41.20 25.18
C SER E 220 -17.06 40.46 24.66
N LYS E 221 -17.05 40.00 23.41
CA LYS E 221 -18.17 39.28 22.82
C LYS E 221 -17.88 37.80 22.62
N THR E 222 -16.79 37.28 23.19
CA THR E 222 -16.40 35.91 22.94
C THR E 222 -15.93 35.24 24.24
N ALA E 223 -16.11 33.93 24.30
CA ALA E 223 -15.59 33.10 25.38
C ALA E 223 -14.61 32.10 24.80
N MET E 224 -13.44 31.98 25.44
CA MET E 224 -12.36 31.16 24.92
C MET E 224 -12.10 29.99 25.85
N VAL E 225 -11.99 28.80 25.27
CA VAL E 225 -11.64 27.59 26.00
C VAL E 225 -10.40 27.00 25.35
N PHE E 226 -9.36 26.78 26.15
CA PHE E 226 -8.08 26.29 25.65
C PHE E 226 -7.80 24.91 26.23
N GLY E 227 -7.56 23.94 25.35
CA GLY E 227 -6.99 22.67 25.73
C GLY E 227 -5.59 22.55 25.18
N GLN E 228 -4.60 22.63 26.05
CA GLN E 228 -3.23 22.77 25.58
C GLN E 228 -2.64 21.43 25.18
N MET E 229 -1.54 21.50 24.43
CA MET E 229 -0.89 20.29 23.93
C MET E 229 -0.40 19.41 25.07
N ASN E 230 0.13 20.02 26.12
CA ASN E 230 0.71 19.30 27.24
C ASN E 230 -0.35 18.78 28.22
N GLU E 231 -1.61 18.74 27.82
CA GLU E 231 -2.67 18.22 28.64
C GLU E 231 -3.03 16.80 28.21
N PRO E 232 -3.61 16.01 29.12
CA PRO E 232 -3.87 14.60 28.81
C PRO E 232 -4.93 14.44 27.73
N PRO E 233 -4.99 13.25 27.11
CA PRO E 233 -5.98 13.03 26.04
C PRO E 233 -7.42 13.22 26.49
N GLY E 234 -7.75 12.95 27.76
CA GLY E 234 -9.11 13.20 28.21
C GLY E 234 -9.48 14.66 28.14
N ALA E 235 -8.61 15.54 28.62
CA ALA E 235 -8.86 16.97 28.53
C ALA E 235 -8.93 17.42 27.09
N ARG E 236 -8.00 16.94 26.25
CA ARG E 236 -8.04 17.30 24.84
C ARG E 236 -9.27 16.76 24.13
N MET E 237 -9.89 15.70 24.66
CA MET E 237 -11.16 15.21 24.13
C MET E 237 -12.31 16.12 24.56
N ARG E 238 -12.32 16.52 25.82
CA ARG E 238 -13.51 17.17 26.39
C ARG E 238 -13.52 18.69 26.24
N VAL E 239 -12.44 19.29 25.74
CA VAL E 239 -12.45 20.74 25.52
C VAL E 239 -13.52 21.14 24.51
N ALA E 240 -13.64 20.39 23.41
CA ALA E 240 -14.66 20.71 22.42
C ALA E 240 -16.05 20.61 23.02
N LEU E 241 -16.28 19.58 23.84
CA LEU E 241 -17.59 19.42 24.48
C LEU E 241 -17.89 20.55 25.45
N THR E 242 -16.91 21.01 26.23
CA THR E 242 -17.21 22.11 27.14
C THR E 242 -17.46 23.41 26.41
N GLY E 243 -16.74 23.67 25.31
CA GLY E 243 -17.06 24.83 24.49
C GLY E 243 -18.46 24.76 23.91
N LEU E 244 -18.83 23.58 23.41
CA LEU E 244 -20.17 23.39 22.88
C LEU E 244 -21.23 23.58 23.94
N THR E 245 -20.96 23.11 25.17
CA THR E 245 -21.88 23.33 26.28
C THR E 245 -22.05 24.81 26.58
N MET E 246 -20.95 25.56 26.54
CA MET E 246 -21.05 27.01 26.76
C MET E 246 -21.89 27.68 25.67
N ALA E 247 -21.77 27.21 24.43
CA ALA E 247 -22.55 27.82 23.35
C ALA E 247 -24.03 27.43 23.43
N GLU E 248 -24.32 26.21 23.89
CA GLU E 248 -25.70 25.74 23.91
C GLU E 248 -26.56 26.54 24.89
N TYR E 249 -25.96 27.09 25.94
CA TYR E 249 -26.72 27.94 26.85
C TYR E 249 -27.27 29.16 26.12
N PHE E 250 -26.42 29.84 25.36
CA PHE E 250 -26.88 31.00 24.62
C PHE E 250 -27.82 30.63 23.49
N ARG E 251 -27.68 29.42 22.93
CA ARG E 251 -28.67 29.01 21.94
C ARG E 251 -30.05 28.80 22.58
N ASP E 252 -30.10 28.07 23.69
CA ASP E 252 -31.36 27.61 24.26
C ASP E 252 -32.07 28.67 25.10
N GLU E 253 -31.32 29.49 25.84
CA GLU E 253 -31.95 30.43 26.77
C GLU E 253 -32.21 31.78 26.12
N GLN E 254 -31.17 32.42 25.59
CA GLN E 254 -31.30 33.74 24.97
C GLN E 254 -31.91 33.68 23.58
N GLY E 255 -31.98 32.51 22.96
CA GLY E 255 -32.50 32.39 21.62
C GLY E 255 -31.63 33.03 20.55
N GLN E 256 -30.35 33.19 20.83
CA GLN E 256 -29.46 33.88 19.90
C GLN E 256 -28.95 32.94 18.81
N ASP E 257 -28.31 33.52 17.81
CA ASP E 257 -27.59 32.77 16.79
C ASP E 257 -26.10 32.85 17.12
N VAL E 258 -25.53 31.73 17.54
CA VAL E 258 -24.20 31.70 18.14
C VAL E 258 -23.23 31.07 17.15
N LEU E 259 -21.97 31.53 17.21
CA LEU E 259 -20.89 30.99 16.41
C LEU E 259 -19.97 30.18 17.32
N LEU E 260 -19.52 29.03 16.82
CA LEU E 260 -18.58 28.18 17.54
C LEU E 260 -17.37 27.91 16.65
N PHE E 261 -16.18 28.10 17.20
CA PHE E 261 -14.94 27.87 16.49
C PHE E 261 -14.17 26.74 17.15
N ILE E 262 -13.62 25.84 16.34
CA ILE E 262 -12.84 24.70 16.83
C ILE E 262 -11.45 24.82 16.24
N ASP E 263 -10.44 24.77 17.12
CA ASP E 263 -9.06 24.96 16.68
C ASP E 263 -8.66 23.92 15.64
N ASN E 264 -8.86 22.64 15.93
CA ASN E 264 -8.60 21.58 14.95
C ASN E 264 -9.32 20.33 15.42
N ILE E 265 -10.29 19.87 14.62
CA ILE E 265 -11.06 18.69 15.00
C ILE E 265 -10.24 17.40 14.83
N PHE E 266 -9.21 17.43 13.99
CA PHE E 266 -8.34 16.27 13.85
C PHE E 266 -7.66 15.94 15.18
N ARG E 267 -7.29 16.97 15.94
CA ARG E 267 -6.73 16.72 17.26
C ARG E 267 -7.75 16.11 18.20
N PHE E 268 -9.03 16.46 18.03
CA PHE E 268 -10.08 15.82 18.82
C PHE E 268 -10.19 14.34 18.49
N THR E 269 -10.15 13.99 17.20
CA THR E 269 -10.20 12.59 16.82
C THR E 269 -8.96 11.83 17.30
N GLN E 270 -7.79 12.46 17.22
CA GLN E 270 -6.57 11.80 17.68
C GLN E 270 -6.58 11.61 19.19
N ALA E 271 -7.10 12.58 19.93
CA ALA E 271 -7.25 12.41 21.38
C ALA E 271 -8.19 11.26 21.69
N GLY E 272 -9.29 11.15 20.93
CA GLY E 272 -10.18 10.01 21.11
C GLY E 272 -9.49 8.69 20.84
N SER E 273 -8.67 8.64 19.78
CA SER E 273 -7.93 7.41 19.47
C SER E 273 -6.95 7.07 20.57
N GLU E 274 -6.25 8.07 21.11
CA GLU E 274 -5.31 7.83 22.20
C GLU E 274 -6.03 7.33 23.45
N VAL E 275 -7.20 7.89 23.75
CA VAL E 275 -7.98 7.43 24.89
C VAL E 275 -8.40 5.98 24.69
N SER E 276 -8.85 5.64 23.48
CA SER E 276 -9.22 4.26 23.19
C SER E 276 -8.04 3.31 23.35
N ALA E 277 -6.87 3.72 22.86
CA ALA E 277 -5.68 2.89 23.00
C ALA E 277 -5.31 2.68 24.47
N LEU E 278 -5.41 3.76 25.28
CA LEU E 278 -5.12 3.62 26.70
C LEU E 278 -6.12 2.70 27.40
N LEU E 279 -7.40 2.79 27.02
CA LEU E 279 -8.41 1.90 27.57
C LEU E 279 -8.25 0.46 27.11
N GLY E 280 -7.60 0.23 25.98
CA GLY E 280 -7.28 -1.12 25.53
C GLY E 280 -8.21 -1.68 24.47
N ARG E 281 -9.14 -0.88 23.96
CA ARG E 281 -10.06 -1.37 22.94
C ARG E 281 -9.31 -1.61 21.63
N MET E 282 -9.76 -2.62 20.89
CA MET E 282 -9.08 -3.01 19.67
C MET E 282 -9.18 -1.91 18.62
N PRO E 283 -8.10 -1.64 17.88
CA PRO E 283 -8.12 -0.52 16.93
C PRO E 283 -9.01 -0.80 15.72
N SER E 284 -9.40 0.29 15.07
CA SER E 284 -10.24 0.26 13.88
C SER E 284 -9.37 0.16 12.63
N ALA E 285 -9.94 0.46 11.46
CA ALA E 285 -9.30 0.13 10.18
C ALA E 285 -7.87 0.66 10.10
N VAL E 286 -7.67 1.95 10.36
CA VAL E 286 -6.35 2.54 10.14
C VAL E 286 -5.77 2.95 11.49
N GLY E 287 -6.07 2.18 12.52
CA GLY E 287 -5.58 2.44 13.85
C GLY E 287 -6.40 3.39 14.68
N TYR E 288 -7.55 3.82 14.17
CA TYR E 288 -8.42 4.71 14.92
C TYR E 288 -9.26 3.93 15.92
N GLN E 289 -10.02 4.68 16.72
CA GLN E 289 -10.92 4.04 17.67
C GLN E 289 -12.09 3.41 16.94
N PRO E 290 -12.66 2.33 17.48
CA PRO E 290 -13.89 1.77 16.89
C PRO E 290 -15.05 2.76 16.91
N THR E 291 -15.10 3.63 17.92
CA THR E 291 -16.19 4.57 18.09
C THR E 291 -15.92 5.92 17.44
N LEU E 292 -15.14 5.94 16.36
CA LEU E 292 -14.81 7.21 15.70
C LEU E 292 -16.07 7.89 15.17
N ALA E 293 -16.86 7.15 14.39
CA ALA E 293 -18.09 7.73 13.83
C ALA E 293 -19.07 8.12 14.93
N THR E 294 -19.19 7.29 15.97
CA THR E 294 -20.11 7.61 17.06
C THR E 294 -19.69 8.88 17.79
N GLU E 295 -18.40 9.02 18.09
CA GLU E 295 -17.92 10.22 18.77
C GLU E 295 -18.11 11.46 17.89
N MET E 296 -17.77 11.35 16.60
CA MET E 296 -17.95 12.49 15.72
C MET E 296 -19.41 12.89 15.60
N GLY E 297 -20.30 11.90 15.51
CA GLY E 297 -21.72 12.22 15.44
C GLY E 297 -22.24 12.84 16.72
N GLN E 298 -21.79 12.33 17.87
CA GLN E 298 -22.22 12.90 19.13
C GLN E 298 -21.77 14.35 19.26
N LEU E 299 -20.56 14.65 18.79
CA LEU E 299 -20.10 16.04 18.82
C LEU E 299 -20.88 16.91 17.85
N GLN E 300 -21.03 16.46 16.61
CA GLN E 300 -21.55 17.34 15.55
C GLN E 300 -23.07 17.51 15.63
N GLU E 301 -23.81 16.47 16.04
CA GLU E 301 -25.27 16.54 16.01
C GLU E 301 -25.83 17.53 17.01
N ARG E 302 -25.03 17.99 17.97
CA ARG E 302 -25.48 19.03 18.89
C ARG E 302 -25.37 20.42 18.30
N ILE E 303 -24.63 20.57 17.20
CA ILE E 303 -24.48 21.86 16.52
C ILE E 303 -25.58 21.90 15.45
N THR E 304 -26.76 22.36 15.83
CA THR E 304 -27.90 22.36 14.93
C THR E 304 -28.69 23.65 15.11
N SER E 305 -29.71 23.82 14.27
CA SER E 305 -30.63 24.94 14.35
C SER E 305 -31.96 24.46 14.89
N THR E 306 -32.42 25.07 15.98
CA THR E 306 -33.69 24.72 16.61
C THR E 306 -34.73 25.79 16.31
N ALA E 307 -35.92 25.60 16.88
CA ALA E 307 -37.02 26.54 16.65
C ALA E 307 -36.77 27.89 17.28
N LYS E 308 -35.92 27.98 18.30
CA LYS E 308 -35.68 29.22 19.01
C LYS E 308 -34.28 29.80 18.79
N GLY E 309 -33.42 29.11 18.05
CA GLY E 309 -32.08 29.60 17.83
C GLY E 309 -31.28 28.60 17.03
N SER E 310 -30.00 28.92 16.87
CA SER E 310 -29.10 28.09 16.08
C SER E 310 -27.67 28.28 16.56
N ILE E 311 -26.84 27.28 16.24
CA ILE E 311 -25.39 27.36 16.41
C ILE E 311 -24.75 26.93 15.10
N THR E 312 -23.92 27.80 14.55
CA THR E 312 -23.11 27.46 13.39
C THR E 312 -21.64 27.36 13.81
N SER E 313 -20.92 26.42 13.20
CA SER E 313 -19.60 26.05 13.65
C SER E 313 -18.61 26.12 12.51
N ILE E 314 -17.41 26.61 12.80
CA ILE E 314 -16.32 26.71 11.82
C ILE E 314 -15.20 25.79 12.29
N GLN E 315 -14.92 24.74 11.52
CA GLN E 315 -13.88 23.78 11.84
C GLN E 315 -12.66 24.00 10.96
N ALA E 316 -11.48 24.01 11.58
CA ALA E 316 -10.23 23.89 10.84
C ALA E 316 -9.81 22.43 10.84
N ILE E 317 -9.56 21.89 9.66
CA ILE E 317 -9.39 20.46 9.48
C ILE E 317 -8.01 20.17 8.91
N TYR E 318 -7.32 19.21 9.50
CA TYR E 318 -6.03 18.73 9.02
C TYR E 318 -6.23 17.39 8.32
N VAL E 319 -5.62 17.25 7.14
CA VAL E 319 -5.77 16.05 6.33
C VAL E 319 -4.48 15.24 6.43
N PRO E 320 -4.49 14.07 7.07
CA PRO E 320 -3.25 13.28 7.19
C PRO E 320 -2.74 12.77 5.86
N ALA E 321 -1.48 13.05 5.57
CA ALA E 321 -0.80 12.62 4.34
C ALA E 321 -1.49 13.11 3.09
N ASP E 322 -2.25 14.20 3.18
CA ASP E 322 -3.02 14.79 2.09
C ASP E 322 -4.04 13.83 1.49
N ASP E 323 -4.40 12.76 2.20
CA ASP E 323 -5.34 11.77 1.71
C ASP E 323 -6.75 12.11 2.23
N TYR E 324 -7.64 12.47 1.32
CA TYR E 324 -9.02 12.78 1.68
C TYR E 324 -9.86 11.53 1.88
N THR E 325 -9.31 10.36 1.56
CA THR E 325 -9.96 9.08 1.79
C THR E 325 -9.67 8.53 3.19
N ASP E 326 -8.74 9.15 3.92
CA ASP E 326 -8.41 8.71 5.26
C ASP E 326 -9.66 8.78 6.15
N PRO E 327 -9.82 7.82 7.07
CA PRO E 327 -11.08 7.75 7.83
C PRO E 327 -11.43 9.00 8.60
N ALA E 328 -10.46 9.70 9.20
CA ALA E 328 -10.82 10.91 9.95
C ALA E 328 -11.37 12.00 9.04
N PRO E 329 -10.71 12.39 7.94
CA PRO E 329 -11.36 13.35 7.02
C PRO E 329 -12.65 12.82 6.42
N ALA E 330 -12.72 11.51 6.14
CA ALA E 330 -13.93 10.96 5.54
C ALA E 330 -15.13 11.07 6.48
N THR E 331 -14.90 10.86 7.77
CA THR E 331 -15.99 10.99 8.74
C THR E 331 -16.31 12.45 9.02
N THR E 332 -15.29 13.32 9.07
CA THR E 332 -15.55 14.73 9.32
C THR E 332 -16.32 15.37 8.17
N PHE E 333 -15.97 15.00 6.93
CA PHE E 333 -16.61 15.60 5.76
C PHE E 333 -18.08 15.23 5.64
N SER E 334 -18.51 14.16 6.30
CA SER E 334 -19.91 13.74 6.21
C SER E 334 -20.84 14.73 6.88
N HIS E 335 -20.33 15.57 7.77
CA HIS E 335 -21.14 16.52 8.51
C HIS E 335 -21.02 17.96 8.01
N LEU E 336 -20.11 18.23 7.08
CA LEU E 336 -19.88 19.59 6.63
C LEU E 336 -20.95 20.03 5.64
N ASP E 337 -21.25 21.33 5.66
CA ASP E 337 -22.20 21.92 4.72
C ASP E 337 -21.54 22.88 3.74
N ALA E 338 -20.32 23.34 4.03
CA ALA E 338 -19.62 24.25 3.14
C ALA E 338 -18.12 24.03 3.32
N THR E 339 -17.34 24.75 2.51
CA THR E 339 -15.89 24.64 2.53
C THR E 339 -15.28 25.96 2.08
N THR E 340 -14.33 26.47 2.86
CA THR E 340 -13.61 27.68 2.52
C THR E 340 -12.12 27.38 2.44
N ASN E 341 -11.49 27.77 1.34
CA ASN E 341 -10.07 27.57 1.11
C ASN E 341 -9.39 28.91 0.94
N LEU E 342 -8.30 29.13 1.68
CA LEU E 342 -7.54 30.37 1.61
C LEU E 342 -6.27 30.15 0.81
N GLU E 343 -5.92 31.12 -0.03
CA GLU E 343 -4.88 30.96 -1.04
C GLU E 343 -3.74 31.94 -0.79
N ARG E 344 -2.52 31.40 -0.68
CA ARG E 344 -1.35 32.24 -0.53
C ARG E 344 -1.08 33.07 -1.78
N LYS E 345 -1.49 32.57 -2.96
CA LYS E 345 -1.37 33.37 -4.17
C LYS E 345 -2.17 34.65 -4.06
N LEU E 346 -3.42 34.55 -3.61
CA LEU E 346 -4.25 35.75 -3.43
C LEU E 346 -3.70 36.62 -2.30
N ALA E 347 -3.21 35.99 -1.22
CA ALA E 347 -2.64 36.76 -0.13
C ALA E 347 -1.46 37.61 -0.62
N GLU E 348 -0.59 37.03 -1.43
CA GLU E 348 0.53 37.79 -1.99
C GLU E 348 0.05 38.84 -2.99
N MET E 349 -0.95 38.51 -3.81
CA MET E 349 -1.50 39.46 -4.78
C MET E 349 -2.18 40.63 -4.11
N GLY E 350 -2.50 40.55 -2.81
CA GLY E 350 -3.09 41.69 -2.09
C GLY E 350 -4.57 41.51 -1.90
N ILE E 351 -5.09 40.32 -2.18
CA ILE E 351 -6.56 40.07 -2.12
C ILE E 351 -6.92 39.71 -0.68
N TYR E 352 -7.76 40.50 -0.03
CA TYR E 352 -8.23 40.20 1.33
C TYR E 352 -9.75 40.36 1.33
N PRO E 353 -10.58 39.42 1.83
CA PRO E 353 -10.08 38.14 2.36
C PRO E 353 -9.50 37.21 1.28
N ALA E 354 -8.49 36.40 1.62
CA ALA E 354 -7.83 35.55 0.61
C ALA E 354 -8.64 34.27 0.38
N VAL E 355 -9.91 34.37 0.00
CA VAL E 355 -10.74 33.15 -0.12
C VAL E 355 -10.70 32.70 -1.57
N ASP E 356 -10.38 31.44 -1.81
CA ASP E 356 -10.23 30.92 -3.17
C ASP E 356 -11.60 30.88 -3.83
N PRO E 357 -11.81 31.60 -4.93
CA PRO E 357 -13.16 31.66 -5.52
C PRO E 357 -13.58 30.39 -6.26
N LEU E 358 -12.64 29.55 -6.67
CA LEU E 358 -12.96 28.34 -7.41
C LEU E 358 -12.96 27.09 -6.55
N ALA E 359 -11.96 26.94 -5.67
CA ALA E 359 -11.88 25.75 -4.82
C ALA E 359 -12.98 25.71 -3.77
N SER E 360 -13.41 26.87 -3.28
CA SER E 360 -14.43 26.91 -2.25
C SER E 360 -15.77 26.43 -2.80
N THR E 361 -16.47 25.64 -1.99
CA THR E 361 -17.75 25.05 -2.37
C THR E 361 -18.74 25.20 -1.22
N SER E 362 -20.02 25.13 -1.55
CA SER E 362 -21.07 25.22 -0.55
C SER E 362 -22.31 24.47 -1.04
N ARG E 363 -22.90 23.69 -0.14
CA ARG E 363 -24.15 23.00 -0.45
C ARG E 363 -25.29 23.98 -0.68
N ALA E 364 -25.25 25.15 -0.04
CA ALA E 364 -26.37 26.09 -0.09
C ALA E 364 -26.50 26.80 -1.43
N LEU E 365 -25.49 26.72 -2.29
CA LEU E 365 -25.53 27.42 -3.58
C LEU E 365 -26.39 26.62 -4.56
N ALA E 366 -27.70 26.65 -4.31
CA ALA E 366 -28.69 25.99 -5.14
C ALA E 366 -29.88 26.92 -5.31
N PRO E 367 -30.46 26.97 -6.51
CA PRO E 367 -31.55 27.96 -6.75
C PRO E 367 -32.76 27.74 -5.87
N GLU E 368 -32.93 26.55 -5.30
CA GLU E 368 -34.09 26.30 -4.46
C GLU E 368 -34.08 27.14 -3.19
N ILE E 369 -32.90 27.43 -2.65
CA ILE E 369 -32.81 28.11 -1.37
C ILE E 369 -32.06 29.43 -1.43
N VAL E 370 -31.20 29.69 -2.40
CA VAL E 370 -30.46 30.95 -2.45
C VAL E 370 -31.07 31.95 -3.42
N GLY E 371 -31.90 31.49 -4.35
CA GLY E 371 -32.51 32.39 -5.32
C GLY E 371 -31.96 32.20 -6.71
N GLU E 372 -32.86 32.33 -7.69
CA GLU E 372 -32.48 32.10 -9.09
C GLU E 372 -31.45 33.13 -9.56
N GLU E 373 -31.69 34.41 -9.25
CA GLU E 373 -30.76 35.46 -9.68
C GLU E 373 -29.41 35.30 -9.01
N HIS E 374 -29.40 35.01 -7.71
CA HIS E 374 -28.16 34.79 -6.99
C HIS E 374 -27.38 33.62 -7.58
N TYR E 375 -28.08 32.52 -7.85
CA TYR E 375 -27.43 31.34 -8.41
C TYR E 375 -26.84 31.64 -9.78
N GLN E 376 -27.60 32.33 -10.64
CA GLN E 376 -27.11 32.65 -11.97
C GLN E 376 -25.90 33.56 -11.92
N VAL E 377 -25.93 34.58 -11.07
CA VAL E 377 -24.81 35.52 -10.97
C VAL E 377 -23.57 34.79 -10.46
N ALA E 378 -23.73 33.95 -9.44
CA ALA E 378 -22.58 33.21 -8.91
C ALA E 378 -21.99 32.28 -9.96
N ARG E 379 -22.84 31.56 -10.69
CA ARG E 379 -22.35 30.64 -11.71
C ARG E 379 -21.63 31.40 -12.82
N LYS E 380 -22.17 32.53 -13.25
CA LYS E 380 -21.50 33.32 -14.28
C LYS E 380 -20.15 33.83 -13.80
N VAL E 381 -20.08 34.29 -12.56
CA VAL E 381 -18.80 34.78 -12.01
C VAL E 381 -17.78 33.64 -11.99
N GLN E 382 -18.20 32.46 -11.53
CA GLN E 382 -17.27 31.34 -11.47
C GLN E 382 -16.82 30.93 -12.87
N GLN E 383 -17.73 30.95 -13.84
CA GLN E 383 -17.36 30.60 -15.22
C GLN E 383 -16.35 31.59 -15.78
N THR E 384 -16.58 32.89 -15.56
CA THR E 384 -15.64 33.90 -16.06
C THR E 384 -14.27 33.74 -15.42
N LEU E 385 -14.24 33.49 -14.10
CA LEU E 385 -12.95 33.31 -13.44
C LEU E 385 -12.25 32.04 -13.90
N GLN E 386 -13.01 30.97 -14.18
CA GLN E 386 -12.40 29.76 -14.72
C GLN E 386 -11.80 30.02 -16.09
N ARG E 387 -12.50 30.77 -16.94
CA ARG E 387 -11.95 31.12 -18.25
C ARG E 387 -10.68 31.93 -18.11
N TYR E 388 -10.67 32.91 -17.20
CA TYR E 388 -9.46 33.70 -16.96
C TYR E 388 -8.31 32.82 -16.49
N LYS E 389 -8.60 31.88 -15.59
CA LYS E 389 -7.57 30.95 -15.13
C LYS E 389 -7.03 30.11 -16.29
N GLU E 390 -7.92 29.67 -17.19
CA GLU E 390 -7.48 28.92 -18.35
C GLU E 390 -6.57 29.74 -19.26
N LEU E 391 -6.86 31.02 -19.41
CA LEU E 391 -6.10 31.89 -20.31
C LEU E 391 -4.75 32.33 -19.74
N GLN E 392 -4.41 31.92 -18.51
CA GLN E 392 -3.23 32.46 -17.85
C GLN E 392 -1.95 32.09 -18.57
N ASP E 393 -1.82 30.82 -19.00
CA ASP E 393 -0.58 30.40 -19.64
C ASP E 393 -0.36 31.12 -20.97
N ILE E 394 -1.41 31.29 -21.76
CA ILE E 394 -1.26 31.99 -23.03
C ILE E 394 -1.01 33.47 -22.81
N ILE E 395 -1.60 34.05 -21.76
CA ILE E 395 -1.29 35.44 -21.42
C ILE E 395 0.16 35.60 -21.02
N ALA E 396 0.70 34.58 -20.32
CA ALA E 396 2.11 34.62 -19.95
C ALA E 396 3.01 34.51 -21.17
N ILE E 397 2.75 33.53 -22.04
CA ILE E 397 3.67 33.27 -23.16
C ILE E 397 3.60 34.38 -24.20
N LEU E 398 2.39 34.80 -24.56
CA LEU E 398 2.21 35.83 -25.57
C LEU E 398 1.51 37.03 -24.97
N GLY E 399 1.70 38.19 -25.60
CA GLY E 399 1.08 39.41 -25.13
C GLY E 399 -0.44 39.32 -25.16
N MET E 400 -1.06 40.13 -24.30
CA MET E 400 -2.52 40.09 -24.17
C MET E 400 -3.21 40.52 -25.46
N ASP E 401 -2.52 41.32 -26.29
CA ASP E 401 -3.07 41.77 -27.56
C ASP E 401 -3.31 40.60 -28.50
N GLU E 402 -2.50 39.55 -28.41
CA GLU E 402 -2.65 38.40 -29.29
C GLU E 402 -3.99 37.70 -29.06
N LEU E 403 -4.53 37.80 -27.85
CA LEU E 403 -5.83 37.20 -27.57
C LEU E 403 -6.91 37.84 -28.42
N SER E 404 -7.91 37.05 -28.78
CA SER E 404 -9.06 37.58 -29.51
C SER E 404 -9.80 38.59 -28.65
N ASP E 405 -10.56 39.47 -29.31
CA ASP E 405 -11.28 40.54 -28.61
C ASP E 405 -12.20 39.97 -27.54
N GLU E 406 -12.79 38.81 -27.80
CA GLU E 406 -13.62 38.17 -26.79
C GLU E 406 -12.81 37.77 -25.57
N ASP E 407 -11.62 37.19 -25.79
CA ASP E 407 -10.77 36.79 -24.68
C ASP E 407 -10.28 38.00 -23.90
N LYS E 408 -9.93 39.08 -24.60
CA LYS E 408 -9.52 40.30 -23.92
C LYS E 408 -10.66 40.90 -23.10
N LEU E 409 -11.88 40.86 -23.63
CA LEU E 409 -13.04 41.33 -22.88
C LEU E 409 -13.27 40.46 -21.63
N VAL E 410 -13.08 39.15 -21.78
CA VAL E 410 -13.22 38.22 -20.66
C VAL E 410 -12.21 38.56 -19.58
N VAL E 411 -10.96 38.81 -19.97
CA VAL E 411 -9.93 39.16 -19.00
C VAL E 411 -10.25 40.50 -18.33
N HIS E 412 -10.76 41.46 -19.13
CA HIS E 412 -11.12 42.77 -18.60
C HIS E 412 -12.21 42.65 -17.53
N ARG E 413 -13.22 41.81 -17.79
CA ARG E 413 -14.25 41.57 -16.78
C ARG E 413 -13.68 40.84 -15.56
N ALA E 414 -12.82 39.84 -15.82
CA ALA E 414 -12.39 38.94 -14.76
C ALA E 414 -11.48 39.63 -13.77
N ARG E 415 -10.59 40.50 -14.24
CA ARG E 415 -9.72 41.21 -13.31
C ARG E 415 -10.52 42.11 -12.38
N ARG E 416 -11.50 42.83 -12.93
CA ARG E 416 -12.35 43.68 -12.11
C ARG E 416 -13.16 42.86 -11.11
N ILE E 417 -13.67 41.70 -11.52
CA ILE E 417 -14.42 40.85 -10.59
C ILE E 417 -13.50 40.35 -9.48
N GLN E 418 -12.29 39.92 -9.85
CA GLN E 418 -11.34 39.42 -8.86
C GLN E 418 -10.98 40.49 -7.84
N PHE E 419 -10.83 41.74 -8.30
CA PHE E 419 -10.53 42.81 -7.36
C PHE E 419 -11.74 43.16 -6.51
N PHE E 420 -12.94 43.11 -7.09
CA PHE E 420 -14.15 43.42 -6.34
C PHE E 420 -14.49 42.35 -5.32
N LEU E 421 -13.95 41.13 -5.46
CA LEU E 421 -14.16 40.12 -4.44
C LEU E 421 -13.51 40.48 -3.12
N SER E 422 -12.56 41.41 -3.11
CA SER E 422 -11.92 41.85 -1.88
C SER E 422 -12.83 42.78 -1.09
N GLN E 423 -12.49 42.98 0.18
CA GLN E 423 -13.31 43.78 1.07
C GLN E 423 -12.43 44.37 2.17
N ASN E 424 -12.82 45.55 2.65
CA ASN E 424 -12.14 46.19 3.76
C ASN E 424 -12.80 45.74 5.07
N PHE E 425 -12.02 45.13 5.95
CA PHE E 425 -12.57 44.57 7.18
C PHE E 425 -12.50 45.58 8.32
N HIS E 426 -13.43 45.43 9.26
CA HIS E 426 -13.41 46.28 10.45
C HIS E 426 -12.15 46.04 11.28
N VAL E 427 -11.75 44.77 11.42
CA VAL E 427 -10.56 44.44 12.20
C VAL E 427 -9.27 44.71 11.45
N ALA E 428 -9.35 45.07 10.17
CA ALA E 428 -8.17 45.40 9.39
C ALA E 428 -7.80 46.88 9.49
N GLU E 429 -8.54 47.66 10.30
CA GLU E 429 -8.18 49.06 10.49
C GLU E 429 -6.82 49.18 11.15
N GLN E 430 -6.47 48.24 12.04
CA GLN E 430 -5.16 48.24 12.65
C GLN E 430 -4.04 48.09 11.64
N PHE E 431 -4.34 47.58 10.44
CA PHE E 431 -3.35 47.43 9.38
C PHE E 431 -3.43 48.54 8.34
N THR E 432 -4.63 49.04 8.02
CA THR E 432 -4.78 49.94 6.89
C THR E 432 -5.23 51.36 7.24
N GLY E 433 -5.67 51.65 8.45
CA GLY E 433 -6.12 52.97 8.80
C GLY E 433 -7.55 53.27 8.39
N GLN E 434 -8.02 52.61 7.33
CA GLN E 434 -9.36 52.86 6.81
C GLN E 434 -10.40 52.00 7.54
N PRO E 435 -11.65 52.46 7.61
CA PRO E 435 -12.69 51.69 8.29
C PRO E 435 -13.08 50.44 7.50
N GLY E 436 -14.06 49.73 8.03
CA GLY E 436 -14.56 48.51 7.44
C GLY E 436 -15.98 48.66 6.92
N SER E 437 -16.43 47.63 6.21
CA SER E 437 -17.73 47.65 5.54
C SER E 437 -18.48 46.36 5.80
N TYR E 438 -19.80 46.45 5.83
CA TYR E 438 -20.69 45.30 5.93
C TYR E 438 -21.62 45.32 4.74
N VAL E 439 -21.48 44.35 3.85
CA VAL E 439 -22.14 44.34 2.55
C VAL E 439 -23.28 43.33 2.60
N PRO E 440 -24.53 43.75 2.40
CA PRO E 440 -25.63 42.78 2.31
C PRO E 440 -25.49 41.90 1.09
N VAL E 441 -26.09 40.70 1.17
CA VAL E 441 -26.00 39.74 0.08
C VAL E 441 -26.71 40.27 -1.17
N LYS E 442 -27.85 40.94 -0.99
CA LYS E 442 -28.52 41.54 -2.13
C LYS E 442 -27.68 42.65 -2.76
N GLU E 443 -26.99 43.44 -1.93
CA GLU E 443 -26.12 44.47 -2.45
C GLU E 443 -24.98 43.88 -3.27
N THR E 444 -24.34 42.83 -2.76
CA THR E 444 -23.22 42.26 -3.50
C THR E 444 -23.69 41.56 -4.76
N VAL E 445 -24.88 40.95 -4.74
CA VAL E 445 -25.43 40.34 -5.94
C VAL E 445 -25.69 41.39 -7.00
N ARG E 446 -26.31 42.51 -6.60
CA ARG E 446 -26.58 43.58 -7.55
C ARG E 446 -25.28 44.16 -8.11
N GLY E 447 -24.29 44.36 -7.25
CA GLY E 447 -23.00 44.87 -7.69
C GLY E 447 -22.31 43.96 -8.69
N PHE E 448 -22.28 42.66 -8.41
CA PHE E 448 -21.66 41.73 -9.33
C PHE E 448 -22.44 41.61 -10.63
N LYS E 449 -23.77 41.69 -10.58
CA LYS E 449 -24.57 41.69 -11.81
C LYS E 449 -24.24 42.91 -12.66
N GLU E 450 -24.15 44.09 -12.04
CA GLU E 450 -23.82 45.30 -12.78
C GLU E 450 -22.42 45.21 -13.37
N ILE E 451 -21.46 44.65 -12.62
CA ILE E 451 -20.11 44.49 -13.14
C ILE E 451 -20.11 43.55 -14.34
N LEU E 452 -20.85 42.45 -14.24
CA LEU E 452 -20.92 41.49 -15.36
C LEU E 452 -21.56 42.11 -16.58
N GLU E 453 -22.54 42.99 -16.38
CA GLU E 453 -23.23 43.62 -17.51
C GLU E 453 -22.39 44.70 -18.19
N GLY E 454 -21.14 44.90 -17.79
CA GLY E 454 -20.28 45.87 -18.43
C GLY E 454 -20.55 47.31 -18.05
N LYS E 455 -21.23 47.56 -16.93
CA LYS E 455 -21.55 48.93 -16.52
C LYS E 455 -20.30 49.73 -16.16
N TYR E 456 -19.22 49.07 -15.72
CA TYR E 456 -18.04 49.77 -15.24
C TYR E 456 -16.77 49.35 -15.96
N ASP E 457 -16.85 49.06 -17.26
CA ASP E 457 -15.66 48.67 -18.01
C ASP E 457 -14.68 49.82 -18.16
N HIS E 458 -15.17 51.06 -18.12
CA HIS E 458 -14.31 52.22 -18.30
C HIS E 458 -13.61 52.64 -17.01
N LEU E 459 -14.03 52.13 -15.86
CA LEU E 459 -13.39 52.48 -14.61
C LEU E 459 -12.05 51.76 -14.47
N PRO E 460 -11.07 52.37 -13.80
CA PRO E 460 -9.79 51.70 -13.58
C PRO E 460 -9.94 50.50 -12.67
N GLU E 461 -9.05 49.53 -12.85
CA GLU E 461 -9.13 48.28 -12.09
C GLU E 461 -8.74 48.47 -10.63
N ASP E 462 -8.04 49.56 -10.30
CA ASP E 462 -7.65 49.80 -8.92
C ASP E 462 -8.75 50.43 -8.07
N ALA E 463 -9.84 50.88 -8.70
CA ALA E 463 -10.98 51.39 -7.93
C ALA E 463 -11.77 50.27 -7.27
N PHE E 464 -11.57 49.02 -7.70
CA PHE E 464 -12.25 47.87 -7.13
C PHE E 464 -11.47 47.23 -6.00
N ARG E 465 -10.31 47.78 -5.64
CA ARG E 465 -9.33 47.03 -4.85
C ARG E 465 -9.87 46.65 -3.47
N LEU E 466 -10.35 47.65 -2.71
CA LEU E 466 -10.83 47.37 -1.34
C LEU E 466 -11.97 48.35 -1.05
N VAL E 467 -13.20 47.88 -1.26
CA VAL E 467 -14.40 48.70 -1.08
C VAL E 467 -15.50 47.84 -0.48
N GLY E 468 -16.64 48.48 -0.24
CA GLY E 468 -17.83 47.80 0.22
C GLY E 468 -18.87 47.70 -0.87
N ARG E 469 -19.84 48.63 -0.85
CA ARG E 469 -20.85 48.68 -1.89
C ARG E 469 -20.22 48.94 -3.26
N ILE E 470 -21.01 48.70 -4.31
CA ILE E 470 -20.54 48.99 -5.67
C ILE E 470 -20.38 50.49 -5.86
N GLU E 471 -21.17 51.29 -5.15
CA GLU E 471 -21.06 52.74 -5.26
C GLU E 471 -19.70 53.24 -4.80
N GLU E 472 -19.06 52.54 -3.86
CA GLU E 472 -17.74 52.94 -3.40
C GLU E 472 -16.69 52.83 -4.51
N VAL E 473 -16.88 51.91 -5.46
CA VAL E 473 -15.97 51.86 -6.62
C VAL E 473 -16.09 53.15 -7.42
N VAL E 474 -17.33 53.61 -7.64
CA VAL E 474 -17.55 54.85 -8.39
C VAL E 474 -16.95 56.02 -7.64
N GLU E 475 -17.13 56.07 -6.32
CA GLU E 475 -16.57 57.15 -5.53
C GLU E 475 -15.04 57.15 -5.57
N LYS E 476 -14.43 55.97 -5.47
CA LYS E 476 -12.97 55.88 -5.55
C LYS E 476 -12.47 56.31 -6.93
N ALA E 477 -13.17 55.92 -8.00
CA ALA E 477 -12.78 56.34 -9.33
C ALA E 477 -12.90 57.85 -9.49
N LYS E 478 -13.97 58.44 -8.95
CA LYS E 478 -14.15 59.88 -9.02
C LYS E 478 -13.05 60.61 -8.25
N ALA E 479 -12.66 60.08 -7.08
CA ALA E 479 -11.56 60.69 -6.33
C ALA E 479 -10.24 60.54 -7.05
N MET E 480 -10.01 59.42 -7.74
CA MET E 480 -8.79 59.23 -8.52
C MET E 480 -8.74 60.19 -9.70
N GLY E 481 -9.87 60.41 -10.37
CA GLY E 481 -9.93 61.30 -11.50
C GLY E 481 -9.33 60.71 -12.76
N MET F 12 -27.16 -42.68 30.33
CA MET F 12 -27.93 -42.50 29.10
C MET F 12 -27.30 -41.44 28.21
N THR F 13 -27.60 -41.50 26.92
CA THR F 13 -27.00 -40.59 25.94
C THR F 13 -27.91 -39.39 25.68
N ARG F 14 -28.05 -38.53 26.68
CA ARG F 14 -28.80 -37.29 26.56
C ARG F 14 -27.95 -36.16 27.14
N GLY F 15 -27.85 -35.06 26.39
CA GLY F 15 -27.06 -33.92 26.80
C GLY F 15 -27.90 -32.75 27.28
N ARG F 16 -27.19 -31.70 27.68
CA ARG F 16 -27.80 -30.46 28.13
C ARG F 16 -27.07 -29.29 27.50
N VAL F 17 -27.83 -28.26 27.11
CA VAL F 17 -27.23 -27.07 26.51
C VAL F 17 -26.57 -26.25 27.61
N ILE F 18 -25.30 -25.90 27.41
CA ILE F 18 -24.52 -25.12 28.36
C ILE F 18 -24.32 -23.69 27.90
N GLN F 19 -23.81 -23.49 26.68
CA GLN F 19 -23.56 -22.18 26.15
C GLN F 19 -24.16 -22.05 24.77
N VAL F 20 -24.66 -20.86 24.45
CA VAL F 20 -25.17 -20.53 23.12
C VAL F 20 -24.48 -19.25 22.67
N MET F 21 -23.64 -19.34 21.63
CA MET F 21 -22.91 -18.18 21.11
C MET F 21 -23.13 -18.17 19.59
N GLY F 22 -24.22 -17.53 19.17
CA GLY F 22 -24.58 -17.49 17.77
C GLY F 22 -24.80 -18.88 17.19
N PRO F 23 -24.06 -19.23 16.14
CA PRO F 23 -24.22 -20.55 15.52
C PRO F 23 -23.50 -21.66 16.26
N VAL F 24 -22.86 -21.39 17.40
CA VAL F 24 -22.08 -22.36 18.14
C VAL F 24 -22.78 -22.67 19.45
N VAL F 25 -22.97 -23.94 19.75
CA VAL F 25 -23.67 -24.40 20.95
C VAL F 25 -22.80 -25.44 21.65
N ASP F 26 -22.67 -25.32 22.97
CA ASP F 26 -21.93 -26.27 23.78
C ASP F 26 -22.91 -27.18 24.52
N VAL F 27 -22.64 -28.48 24.48
CA VAL F 27 -23.51 -29.49 25.08
C VAL F 27 -22.67 -30.35 26.02
N LYS F 28 -23.18 -30.60 27.22
CA LYS F 28 -22.51 -31.46 28.18
C LYS F 28 -23.22 -32.81 28.26
N PHE F 29 -22.46 -33.88 28.14
CA PHE F 29 -22.96 -35.25 28.21
C PHE F 29 -22.47 -35.92 29.48
N GLU F 30 -22.97 -37.13 29.72
CA GLU F 30 -22.51 -37.93 30.84
C GLU F 30 -21.12 -38.49 30.55
N ASN F 31 -20.43 -38.89 31.62
CA ASN F 31 -19.08 -39.40 31.49
C ASN F 31 -19.07 -40.71 30.71
N GLY F 32 -18.16 -40.81 29.74
CA GLY F 32 -18.00 -42.02 28.97
C GLY F 32 -19.06 -42.24 27.91
N HIS F 33 -19.83 -41.21 27.54
CA HIS F 33 -20.85 -41.32 26.51
C HIS F 33 -20.83 -40.13 25.56
N LEU F 34 -19.65 -39.57 25.31
CA LEU F 34 -19.55 -38.44 24.41
C LEU F 34 -19.71 -38.89 22.95
N PRO F 35 -20.41 -38.11 22.13
CA PRO F 35 -20.49 -38.44 20.70
C PRO F 35 -19.18 -38.14 20.00
N ALA F 36 -18.89 -38.92 18.97
CA ALA F 36 -17.68 -38.70 18.19
C ALA F 36 -17.83 -37.44 17.35
N ILE F 37 -16.69 -36.99 16.81
CA ILE F 37 -16.70 -35.80 15.96
C ILE F 37 -17.52 -36.07 14.70
N TYR F 38 -18.21 -35.02 14.23
CA TYR F 38 -19.04 -35.02 13.03
C TYR F 38 -20.36 -35.75 13.25
N ASN F 39 -20.65 -36.17 14.48
CA ASN F 39 -21.96 -36.74 14.77
C ASN F 39 -23.03 -35.66 14.75
N ALA F 40 -24.25 -36.08 14.46
CA ALA F 40 -25.38 -35.16 14.39
C ALA F 40 -26.19 -35.22 15.67
N LEU F 41 -26.51 -34.06 16.22
CA LEU F 41 -27.32 -33.94 17.43
C LEU F 41 -28.66 -33.30 17.07
N LYS F 42 -29.69 -33.63 17.86
CA LYS F 42 -31.04 -33.17 17.59
C LYS F 42 -31.62 -32.52 18.84
N ILE F 43 -32.22 -31.34 18.66
CA ILE F 43 -32.94 -30.65 19.72
C ILE F 43 -34.39 -30.51 19.27
N GLN F 44 -35.30 -31.08 20.04
CA GLN F 44 -36.73 -31.02 19.76
C GLN F 44 -37.45 -30.63 21.05
N HIS F 45 -37.95 -29.40 21.09
CA HIS F 45 -38.49 -28.84 22.31
C HIS F 45 -39.89 -28.27 22.07
N LYS F 46 -40.79 -28.55 22.99
CA LYS F 46 -42.14 -28.00 22.97
C LYS F 46 -42.24 -26.88 24.01
N ALA F 47 -42.84 -25.76 23.60
CA ALA F 47 -42.95 -24.62 24.50
C ALA F 47 -43.81 -24.97 25.70
N ARG F 48 -43.22 -24.90 26.90
CA ARG F 48 -43.94 -25.25 28.11
C ARG F 48 -44.90 -24.15 28.54
N ASN F 49 -44.61 -22.89 28.20
CA ASN F 49 -45.45 -21.78 28.60
C ASN F 49 -45.36 -20.69 27.54
N GLU F 50 -45.97 -19.54 27.83
CA GLU F 50 -46.02 -18.44 26.88
C GLU F 50 -44.68 -17.74 26.71
N ASN F 51 -43.71 -18.01 27.58
CA ASN F 51 -42.39 -17.40 27.49
C ASN F 51 -41.36 -18.35 26.86
N GLU F 52 -41.80 -19.25 26.00
CA GLU F 52 -40.91 -20.15 25.27
C GLU F 52 -41.43 -20.33 23.86
N VAL F 53 -40.59 -20.90 22.99
CA VAL F 53 -40.95 -21.16 21.61
C VAL F 53 -40.60 -22.60 21.27
N ASP F 54 -41.27 -23.11 20.23
CA ASP F 54 -40.98 -24.46 19.76
C ASP F 54 -39.66 -24.47 18.99
N ILE F 55 -38.89 -25.55 19.17
CA ILE F 55 -37.56 -25.65 18.60
C ILE F 55 -37.40 -27.02 17.94
N ASP F 56 -36.86 -27.03 16.72
CA ASP F 56 -36.49 -28.25 16.01
C ASP F 56 -35.19 -27.94 15.25
N LEU F 57 -34.07 -28.27 15.88
CA LEU F 57 -32.76 -27.86 15.42
C LEU F 57 -31.81 -29.06 15.45
N THR F 58 -30.88 -29.08 14.51
CA THR F 58 -29.86 -30.12 14.43
C THR F 58 -28.46 -29.50 14.52
N LEU F 59 -27.57 -30.21 15.20
CA LEU F 59 -26.21 -29.74 15.45
C LEU F 59 -25.21 -30.78 14.97
N GLU F 60 -23.99 -30.32 14.71
CA GLU F 60 -22.90 -31.18 14.27
C GLU F 60 -21.71 -31.02 15.22
N VAL F 61 -21.20 -32.13 15.72
CA VAL F 61 -20.10 -32.11 16.68
C VAL F 61 -18.82 -31.67 15.97
N ALA F 62 -18.11 -30.72 16.56
CA ALA F 62 -16.88 -30.18 15.97
C ALA F 62 -15.65 -30.42 16.83
N LEU F 63 -15.73 -30.21 18.14
CA LEU F 63 -14.57 -30.34 19.02
C LEU F 63 -14.98 -31.03 20.31
N HIS F 64 -13.99 -31.63 20.96
CA HIS F 64 -14.14 -32.13 22.33
C HIS F 64 -13.41 -31.18 23.26
N LEU F 65 -14.16 -30.42 24.05
CA LEU F 65 -13.59 -29.37 24.88
C LEU F 65 -13.04 -29.88 26.20
N GLY F 66 -13.35 -31.11 26.59
CA GLY F 66 -12.97 -31.63 27.89
C GLY F 66 -14.06 -31.42 28.92
N ASP F 67 -13.90 -32.13 30.03
CA ASP F 67 -14.86 -32.11 31.14
C ASP F 67 -16.26 -32.51 30.64
N ASP F 68 -16.30 -33.52 29.79
CA ASP F 68 -17.53 -34.08 29.24
C ASP F 68 -18.36 -33.04 28.50
N THR F 69 -17.72 -32.06 27.88
CA THR F 69 -18.40 -31.02 27.13
C THR F 69 -18.03 -31.12 25.65
N VAL F 70 -18.99 -30.81 24.78
CA VAL F 70 -18.83 -30.90 23.35
C VAL F 70 -19.27 -29.59 22.71
N ARG F 71 -18.48 -29.08 21.78
CA ARG F 71 -18.78 -27.86 21.05
C ARG F 71 -19.29 -28.21 19.66
N THR F 72 -20.46 -27.67 19.30
CA THR F 72 -21.15 -28.04 18.07
C THR F 72 -21.43 -26.80 17.24
N ILE F 73 -21.77 -27.04 15.97
CA ILE F 73 -22.17 -25.99 15.03
C ILE F 73 -23.61 -26.27 14.60
N ALA F 74 -24.45 -25.24 14.67
CA ALA F 74 -25.86 -25.40 14.35
C ALA F 74 -26.10 -25.28 12.85
N MET F 75 -27.10 -26.01 12.37
CA MET F 75 -27.48 -25.98 10.95
C MET F 75 -28.62 -25.01 10.66
N ALA F 76 -29.10 -24.29 11.67
CA ALA F 76 -30.16 -23.31 11.48
C ALA F 76 -30.02 -22.23 12.55
N SER F 77 -31.00 -21.34 12.60
CA SER F 77 -30.97 -20.26 13.58
C SER F 77 -31.11 -20.80 14.99
N THR F 78 -30.35 -20.23 15.91
CA THR F 78 -30.34 -20.66 17.31
C THR F 78 -31.20 -19.80 18.21
N ASP F 79 -31.99 -18.88 17.65
CA ASP F 79 -32.86 -18.05 18.46
C ASP F 79 -33.90 -18.89 19.17
N GLY F 80 -34.06 -18.63 20.47
CA GLY F 80 -34.99 -19.38 21.29
C GLY F 80 -34.37 -20.48 22.13
N LEU F 81 -33.08 -20.77 21.94
CA LEU F 81 -32.43 -21.79 22.75
C LEU F 81 -32.30 -21.34 24.20
N ILE F 82 -32.55 -22.26 25.12
CA ILE F 82 -32.47 -22.01 26.56
C ILE F 82 -31.49 -22.99 27.17
N ARG F 83 -30.66 -22.52 28.09
CA ARG F 83 -29.71 -23.40 28.75
C ARG F 83 -30.44 -24.49 29.52
N GLY F 84 -29.95 -25.73 29.38
CA GLY F 84 -30.57 -26.87 30.00
C GLY F 84 -31.50 -27.66 29.11
N MET F 85 -31.63 -27.28 27.84
CA MET F 85 -32.47 -28.04 26.92
C MET F 85 -31.86 -29.41 26.66
N GLU F 86 -32.72 -30.41 26.47
CA GLU F 86 -32.27 -31.78 26.26
C GLU F 86 -31.81 -31.97 24.82
N VAL F 87 -30.68 -32.64 24.65
CA VAL F 87 -30.08 -32.86 23.34
C VAL F 87 -29.92 -34.36 23.13
N ILE F 88 -30.32 -34.85 21.96
CA ILE F 88 -30.27 -36.26 21.62
C ILE F 88 -29.15 -36.48 20.62
N ASP F 89 -28.39 -37.56 20.80
CA ASP F 89 -27.33 -37.92 19.87
C ASP F 89 -27.81 -39.05 18.97
N THR F 90 -27.72 -38.84 17.66
CA THR F 90 -28.17 -39.85 16.69
C THR F 90 -27.16 -40.98 16.50
N GLY F 91 -25.91 -40.80 16.92
CA GLY F 91 -24.91 -41.83 16.81
C GLY F 91 -24.25 -41.95 15.45
N ALA F 92 -24.64 -41.13 14.49
CA ALA F 92 -24.08 -41.17 13.15
C ALA F 92 -24.02 -39.75 12.60
N PRO F 93 -23.14 -39.49 11.64
CA PRO F 93 -23.14 -38.17 10.99
C PRO F 93 -24.41 -37.94 10.21
N ILE F 94 -24.52 -36.73 9.64
CA ILE F 94 -25.68 -36.39 8.83
C ILE F 94 -25.77 -37.35 7.66
N SER F 95 -26.97 -37.87 7.41
CA SER F 95 -27.19 -38.83 6.33
C SER F 95 -28.30 -38.29 5.43
N VAL F 96 -28.05 -38.34 4.12
CA VAL F 96 -29.01 -37.83 3.14
C VAL F 96 -29.34 -38.94 2.16
N PRO F 97 -30.57 -38.97 1.62
CA PRO F 97 -30.92 -40.05 0.68
C PRO F 97 -30.10 -39.99 -0.59
N VAL F 98 -29.84 -41.17 -1.15
CA VAL F 98 -29.08 -41.30 -2.38
C VAL F 98 -29.78 -42.29 -3.30
N GLY F 99 -29.50 -42.18 -4.59
CA GLY F 99 -30.02 -43.13 -5.56
C GLY F 99 -30.94 -42.54 -6.61
N GLU F 100 -31.76 -43.40 -7.22
CA GLU F 100 -32.68 -42.95 -8.26
C GLU F 100 -33.75 -42.04 -7.68
N VAL F 101 -33.99 -42.13 -6.37
CA VAL F 101 -35.02 -41.34 -5.72
C VAL F 101 -34.71 -39.84 -5.77
N THR F 102 -33.42 -39.48 -5.79
CA THR F 102 -33.03 -38.08 -5.73
C THR F 102 -33.06 -37.39 -7.08
N LEU F 103 -33.27 -38.13 -8.17
CA LEU F 103 -33.32 -37.50 -9.49
C LEU F 103 -34.61 -36.72 -9.66
N GLY F 104 -34.49 -35.48 -10.13
CA GLY F 104 -35.64 -34.63 -10.33
C GLY F 104 -36.17 -33.97 -9.07
N ARG F 105 -35.42 -33.98 -7.98
CA ARG F 105 -35.86 -33.42 -6.71
C ARG F 105 -34.92 -32.31 -6.28
N VAL F 106 -35.39 -31.49 -5.36
CA VAL F 106 -34.62 -30.38 -4.79
C VAL F 106 -34.53 -30.60 -3.29
N PHE F 107 -33.31 -30.47 -2.75
CA PHE F 107 -33.05 -30.78 -1.35
C PHE F 107 -32.36 -29.62 -0.65
N ASN F 108 -32.47 -29.60 0.66
CA ASN F 108 -31.70 -28.69 1.49
C ASN F 108 -30.45 -29.39 2.02
N VAL F 109 -29.78 -28.75 2.97
CA VAL F 109 -28.53 -29.29 3.52
C VAL F 109 -28.77 -30.63 4.21
N LEU F 110 -29.92 -30.79 4.85
CA LEU F 110 -30.23 -32.00 5.61
C LEU F 110 -30.80 -33.12 4.75
N GLY F 111 -30.88 -32.93 3.43
CA GLY F 111 -31.44 -33.95 2.58
C GLY F 111 -32.94 -34.05 2.61
N GLU F 112 -33.62 -33.02 3.10
CA GLU F 112 -35.08 -33.00 3.10
C GLU F 112 -35.59 -32.28 1.87
N PRO F 113 -36.53 -32.87 1.13
CA PRO F 113 -37.02 -32.22 -0.09
C PRO F 113 -37.72 -30.91 0.22
N ILE F 114 -37.54 -29.94 -0.69
CA ILE F 114 -38.15 -28.62 -0.56
C ILE F 114 -38.93 -28.23 -1.80
N ASP F 115 -39.24 -29.17 -2.69
CA ASP F 115 -39.94 -28.85 -3.93
C ASP F 115 -41.44 -29.09 -3.85
N LEU F 116 -41.98 -29.39 -2.67
CA LEU F 116 -43.39 -29.61 -2.41
C LEU F 116 -43.95 -30.82 -3.16
N GLU F 117 -43.11 -31.78 -3.51
CA GLU F 117 -43.56 -32.99 -4.19
C GLU F 117 -43.67 -34.19 -3.26
N GLY F 118 -43.58 -33.98 -1.95
CA GLY F 118 -43.72 -35.04 -0.98
C GLY F 118 -42.40 -35.42 -0.35
N ASP F 119 -42.50 -36.20 0.73
CA ASP F 119 -41.32 -36.65 1.44
C ASP F 119 -40.73 -37.89 0.76
N ILE F 120 -39.65 -38.39 1.36
CA ILE F 120 -38.98 -39.61 0.89
C ILE F 120 -39.19 -40.69 1.94
N PRO F 121 -39.53 -41.92 1.55
CA PRO F 121 -39.82 -42.97 2.53
C PRO F 121 -38.64 -43.20 3.47
N ALA F 122 -38.96 -43.48 4.73
CA ALA F 122 -37.94 -43.65 5.76
C ALA F 122 -37.11 -44.91 5.56
N ASP F 123 -37.53 -45.83 4.69
CA ASP F 123 -36.77 -47.03 4.42
C ASP F 123 -35.74 -46.83 3.32
N ALA F 124 -35.65 -45.64 2.74
CA ALA F 124 -34.74 -45.41 1.63
C ALA F 124 -33.28 -45.45 2.11
N ARG F 125 -32.40 -45.81 1.20
CA ARG F 125 -30.97 -45.83 1.49
C ARG F 125 -30.44 -44.41 1.62
N ARG F 126 -29.62 -44.17 2.63
CA ARG F 126 -28.99 -42.87 2.84
C ARG F 126 -27.58 -43.07 3.36
N ASP F 127 -26.66 -42.21 2.91
CA ASP F 127 -25.24 -42.33 3.18
C ASP F 127 -24.74 -41.19 4.05
N PRO F 128 -23.71 -41.42 4.86
CA PRO F 128 -23.16 -40.35 5.69
C PRO F 128 -22.50 -39.26 4.86
N ILE F 129 -22.54 -38.03 5.38
CA ILE F 129 -21.97 -36.89 4.68
C ILE F 129 -20.46 -36.95 4.65
N HIS F 130 -19.83 -37.34 5.76
CA HIS F 130 -18.37 -37.31 5.89
C HIS F 130 -17.79 -38.68 5.58
N ARG F 131 -16.76 -38.70 4.73
CA ARG F 131 -16.07 -39.93 4.37
C ARG F 131 -14.68 -39.57 3.91
N PRO F 132 -13.72 -40.50 3.99
CA PRO F 132 -12.37 -40.22 3.51
C PRO F 132 -12.31 -40.18 1.99
N ALA F 133 -11.25 -39.55 1.49
CA ALA F 133 -11.07 -39.41 0.06
C ALA F 133 -10.59 -40.72 -0.57
N PRO F 134 -10.81 -40.90 -1.87
CA PRO F 134 -10.31 -42.11 -2.54
C PRO F 134 -8.80 -42.21 -2.46
N LYS F 135 -8.30 -43.44 -2.41
CA LYS F 135 -6.88 -43.68 -2.24
C LYS F 135 -6.12 -43.40 -3.55
N PHE F 136 -4.79 -43.44 -3.43
CA PHE F 136 -3.93 -43.15 -4.58
C PHE F 136 -4.12 -44.17 -5.70
N GLU F 137 -4.30 -45.44 -5.35
CA GLU F 137 -4.33 -46.51 -6.34
C GLU F 137 -5.65 -46.61 -7.09
N GLU F 138 -6.67 -45.85 -6.68
CA GLU F 138 -7.98 -45.93 -7.33
C GLU F 138 -8.18 -44.87 -8.41
N LEU F 139 -7.34 -43.85 -8.46
CA LEU F 139 -7.56 -42.72 -9.35
C LEU F 139 -7.25 -43.08 -10.80
N ALA F 140 -7.85 -42.31 -11.71
CA ALA F 140 -7.60 -42.41 -13.14
C ALA F 140 -7.05 -41.09 -13.65
N THR F 141 -6.02 -41.15 -14.50
CA THR F 141 -5.32 -39.94 -14.94
C THR F 141 -5.39 -39.75 -16.44
N GLU F 142 -6.41 -40.29 -17.11
CA GLU F 142 -6.59 -40.07 -18.54
C GLU F 142 -6.97 -38.62 -18.80
N VAL F 143 -6.45 -38.06 -19.89
CA VAL F 143 -6.74 -36.69 -20.30
C VAL F 143 -7.49 -36.74 -21.63
N GLU F 144 -8.68 -36.16 -21.65
CA GLU F 144 -9.51 -36.14 -22.86
C GLU F 144 -10.15 -34.76 -22.99
N ILE F 145 -10.16 -34.24 -24.21
CA ILE F 145 -10.69 -32.91 -24.46
C ILE F 145 -12.20 -32.92 -24.37
N LEU F 146 -12.76 -31.91 -23.71
CA LEU F 146 -14.20 -31.69 -23.65
C LEU F 146 -14.52 -30.41 -24.41
N GLU F 147 -15.29 -30.54 -25.49
CA GLU F 147 -15.60 -29.39 -26.33
C GLU F 147 -16.78 -28.62 -25.75
N THR F 148 -16.63 -27.30 -25.64
CA THR F 148 -17.64 -26.45 -25.02
C THR F 148 -18.34 -25.53 -26.00
N GLY F 149 -17.73 -25.24 -27.15
CA GLY F 149 -18.31 -24.31 -28.09
C GLY F 149 -18.00 -22.86 -27.84
N ILE F 150 -17.14 -22.56 -26.87
CA ILE F 150 -16.70 -21.20 -26.57
C ILE F 150 -15.30 -21.04 -27.15
N LYS F 151 -15.10 -19.96 -27.90
CA LYS F 151 -13.86 -19.83 -28.68
C LYS F 151 -12.63 -19.76 -27.78
N VAL F 152 -12.66 -18.87 -26.79
CA VAL F 152 -11.46 -18.67 -25.96
C VAL F 152 -11.15 -19.91 -25.13
N VAL F 153 -12.18 -20.57 -24.58
CA VAL F 153 -11.95 -21.78 -23.79
C VAL F 153 -11.41 -22.89 -24.68
N ASP F 154 -12.02 -23.08 -25.86
CA ASP F 154 -11.58 -24.14 -26.75
C ASP F 154 -10.17 -23.91 -27.27
N LEU F 155 -9.77 -22.64 -27.44
CA LEU F 155 -8.47 -22.36 -28.02
C LEU F 155 -7.35 -22.34 -26.97
N LEU F 156 -7.48 -21.48 -25.96
CA LEU F 156 -6.36 -21.17 -25.09
C LEU F 156 -6.29 -22.01 -23.82
N ALA F 157 -7.40 -22.63 -23.40
CA ALA F 157 -7.43 -23.43 -22.18
C ALA F 157 -8.53 -24.47 -22.29
N PRO F 158 -8.29 -25.54 -23.05
CA PRO F 158 -9.33 -26.56 -23.24
C PRO F 158 -9.73 -27.22 -21.92
N TYR F 159 -11.02 -27.51 -21.80
CA TYR F 159 -11.51 -28.24 -20.64
C TYR F 159 -11.24 -29.73 -20.80
N ILE F 160 -11.16 -30.43 -19.68
CA ILE F 160 -10.78 -31.83 -19.65
C ILE F 160 -11.97 -32.65 -19.18
N LYS F 161 -12.28 -33.71 -19.92
CA LYS F 161 -13.35 -34.62 -19.53
C LYS F 161 -12.94 -35.40 -18.29
N GLY F 162 -13.79 -35.35 -17.26
CA GLY F 162 -13.47 -36.00 -16.01
C GLY F 162 -12.55 -35.23 -15.10
N GLY F 163 -12.24 -33.98 -15.42
CA GLY F 163 -11.37 -33.16 -14.60
C GLY F 163 -12.12 -32.10 -13.83
N LYS F 164 -11.36 -31.29 -13.11
CA LYS F 164 -11.91 -30.21 -12.29
C LYS F 164 -11.61 -28.87 -12.96
N ILE F 165 -12.65 -28.06 -13.15
CA ILE F 165 -12.55 -26.77 -13.82
C ILE F 165 -13.04 -25.70 -12.85
N GLY F 166 -12.27 -24.61 -12.74
CA GLY F 166 -12.63 -23.49 -11.88
C GLY F 166 -12.75 -22.22 -12.69
N LEU F 167 -13.71 -21.38 -12.32
CA LEU F 167 -13.96 -20.10 -12.98
C LEU F 167 -13.83 -19.00 -11.93
N PHE F 168 -12.71 -18.28 -11.97
CA PHE F 168 -12.45 -17.20 -11.03
C PHE F 168 -13.02 -15.89 -11.57
N GLY F 169 -13.41 -15.01 -10.65
CA GLY F 169 -13.91 -13.71 -11.05
C GLY F 169 -14.44 -12.96 -9.85
N GLY F 170 -14.54 -11.64 -10.02
CA GLY F 170 -15.08 -10.77 -9.00
C GLY F 170 -16.60 -10.69 -9.07
N ALA F 171 -17.14 -9.67 -8.40
CA ALA F 171 -18.57 -9.47 -8.38
C ALA F 171 -19.05 -8.89 -9.70
N GLY F 172 -20.07 -9.51 -10.29
CA GLY F 172 -20.66 -9.01 -11.50
C GLY F 172 -19.80 -9.09 -12.73
N VAL F 173 -18.99 -10.14 -12.88
CA VAL F 173 -18.12 -10.23 -14.03
C VAL F 173 -18.63 -11.23 -15.07
N GLY F 174 -19.41 -12.22 -14.66
CA GLY F 174 -19.96 -13.16 -15.62
C GLY F 174 -19.86 -14.64 -15.25
N LYS F 175 -19.54 -14.93 -13.99
CA LYS F 175 -19.40 -16.33 -13.58
C LYS F 175 -20.70 -17.10 -13.75
N THR F 176 -21.82 -16.52 -13.28
CA THR F 176 -23.10 -17.22 -13.38
C THR F 176 -23.54 -17.38 -14.82
N VAL F 177 -23.33 -16.35 -15.65
CA VAL F 177 -23.68 -16.46 -17.07
C VAL F 177 -22.84 -17.54 -17.75
N LEU F 178 -21.56 -17.63 -17.38
CA LEU F 178 -20.72 -18.67 -17.96
C LEU F 178 -21.16 -20.05 -17.52
N ILE F 179 -21.55 -20.20 -16.24
CA ILE F 179 -22.08 -21.47 -15.75
C ILE F 179 -23.32 -21.86 -16.55
N GLN F 180 -24.23 -20.91 -16.75
CA GLN F 180 -25.46 -21.20 -17.48
C GLN F 180 -25.18 -21.56 -18.93
N GLU F 181 -24.23 -20.86 -19.57
CA GLU F 181 -23.86 -21.19 -20.94
C GLU F 181 -23.27 -22.59 -21.04
N LEU F 182 -22.39 -22.95 -20.10
CA LEU F 182 -21.83 -24.30 -20.11
C LEU F 182 -22.90 -25.35 -19.89
N ILE F 183 -23.85 -25.09 -18.98
CA ILE F 183 -24.94 -26.03 -18.75
C ILE F 183 -25.76 -26.20 -20.03
N HIS F 184 -26.09 -25.09 -20.69
CA HIS F 184 -26.88 -25.17 -21.92
C HIS F 184 -26.14 -25.93 -23.01
N ASN F 185 -24.82 -25.72 -23.11
CA ASN F 185 -24.07 -26.34 -24.20
C ASN F 185 -23.77 -27.83 -23.94
N ILE F 186 -23.55 -28.23 -22.69
CA ILE F 186 -23.04 -29.56 -22.38
C ILE F 186 -24.10 -30.44 -21.71
N ALA F 187 -24.79 -29.91 -20.70
CA ALA F 187 -25.62 -30.76 -19.85
C ALA F 187 -26.75 -31.41 -20.63
N GLN F 188 -27.37 -30.68 -21.55
CA GLN F 188 -28.51 -31.21 -22.30
C GLN F 188 -28.13 -32.34 -23.24
N GLU F 189 -26.84 -32.57 -23.48
CA GLU F 189 -26.40 -33.62 -24.38
C GLU F 189 -25.43 -34.59 -23.70
N HIS F 190 -25.12 -34.38 -22.41
CA HIS F 190 -24.11 -35.19 -21.74
C HIS F 190 -24.51 -36.66 -21.69
N GLY F 191 -25.77 -36.94 -21.38
CA GLY F 191 -26.24 -38.31 -21.34
C GLY F 191 -26.21 -38.92 -19.96
N GLY F 192 -25.26 -38.50 -19.14
CA GLY F 192 -25.14 -39.00 -17.79
C GLY F 192 -25.97 -38.19 -16.80
N ILE F 193 -25.65 -38.38 -15.52
CA ILE F 193 -26.34 -37.68 -14.45
C ILE F 193 -25.67 -36.35 -14.19
N SER F 194 -26.47 -35.32 -13.92
CA SER F 194 -25.97 -34.00 -13.60
C SER F 194 -26.41 -33.62 -12.20
N VAL F 195 -25.52 -33.00 -11.44
CA VAL F 195 -25.80 -32.54 -10.09
C VAL F 195 -25.44 -31.07 -9.99
N PHE F 196 -26.38 -30.26 -9.51
CA PHE F 196 -26.15 -28.84 -9.26
C PHE F 196 -26.21 -28.60 -7.76
N ALA F 197 -25.17 -27.98 -7.22
CA ALA F 197 -25.08 -27.70 -5.80
C ALA F 197 -24.72 -26.23 -5.61
N GLY F 198 -25.75 -25.38 -5.49
CA GLY F 198 -25.52 -23.99 -5.16
C GLY F 198 -24.98 -23.87 -3.76
N VAL F 199 -24.11 -22.88 -3.53
CA VAL F 199 -23.55 -22.63 -2.21
C VAL F 199 -23.52 -21.14 -1.95
N GLY F 200 -24.45 -20.65 -1.14
CA GLY F 200 -24.44 -19.25 -0.74
C GLY F 200 -24.70 -18.29 -1.88
N GLU F 201 -25.62 -18.61 -2.78
CA GLU F 201 -25.93 -17.76 -3.91
C GLU F 201 -27.39 -17.27 -3.82
N ARG F 202 -27.84 -16.59 -4.86
CA ARG F 202 -29.16 -15.97 -4.83
C ARG F 202 -30.28 -17.01 -4.98
N THR F 203 -31.26 -16.92 -4.08
CA THR F 203 -32.44 -17.77 -4.17
C THR F 203 -33.23 -17.48 -5.45
N ARG F 204 -33.24 -16.23 -5.91
CA ARG F 204 -33.84 -15.92 -7.19
C ARG F 204 -33.16 -16.67 -8.33
N GLU F 205 -31.83 -16.71 -8.30
CA GLU F 205 -31.10 -17.46 -9.32
C GLU F 205 -31.39 -18.95 -9.23
N GLY F 206 -31.49 -19.48 -8.01
CA GLY F 206 -31.86 -20.88 -7.86
C GLY F 206 -33.23 -21.20 -8.42
N ASN F 207 -34.21 -20.34 -8.14
CA ASN F 207 -35.56 -20.55 -8.68
C ASN F 207 -35.56 -20.44 -10.20
N ASP F 208 -34.84 -19.48 -10.74
CA ASP F 208 -34.76 -19.32 -12.19
C ASP F 208 -34.14 -20.56 -12.84
N LEU F 209 -33.06 -21.08 -12.26
CA LEU F 209 -32.44 -22.28 -12.81
C LEU F 209 -33.37 -23.48 -12.71
N TYR F 210 -34.08 -23.62 -11.59
CA TYR F 210 -35.01 -24.73 -11.43
C TYR F 210 -36.09 -24.68 -12.50
N HIS F 211 -36.69 -23.51 -12.72
CA HIS F 211 -37.73 -23.40 -13.75
C HIS F 211 -37.15 -23.60 -15.14
N GLU F 212 -35.94 -23.11 -15.40
CA GLU F 212 -35.31 -23.33 -16.70
C GLU F 212 -35.12 -24.82 -16.99
N MET F 213 -34.58 -25.55 -16.01
CA MET F 213 -34.39 -26.99 -16.18
C MET F 213 -35.72 -27.71 -16.34
N LYS F 214 -36.72 -27.33 -15.54
CA LYS F 214 -38.03 -27.98 -15.63
C LYS F 214 -38.66 -27.77 -17.00
N ASP F 215 -38.51 -26.56 -17.56
CA ASP F 215 -39.07 -26.29 -18.88
C ASP F 215 -38.27 -26.99 -19.98
N SER F 216 -36.95 -27.06 -19.83
CA SER F 216 -36.11 -27.70 -20.84
C SER F 216 -36.16 -29.22 -20.77
N GLY F 217 -36.70 -29.80 -19.70
CA GLY F 217 -36.85 -31.23 -19.60
C GLY F 217 -35.62 -31.98 -19.11
N VAL F 218 -34.53 -31.28 -18.83
CA VAL F 218 -33.34 -31.94 -18.31
C VAL F 218 -33.49 -32.23 -16.81
N ILE F 219 -34.58 -31.76 -16.20
CA ILE F 219 -34.79 -31.96 -14.77
C ILE F 219 -34.96 -33.43 -14.44
N SER F 220 -35.34 -34.26 -15.42
CA SER F 220 -35.60 -35.66 -15.17
C SER F 220 -34.33 -36.44 -14.83
N LYS F 221 -33.16 -35.87 -15.10
CA LYS F 221 -31.90 -36.56 -14.84
C LYS F 221 -30.92 -35.70 -14.06
N THR F 222 -31.43 -34.82 -13.20
CA THR F 222 -30.57 -33.97 -12.38
C THR F 222 -31.12 -33.89 -10.97
N ALA F 223 -30.22 -33.63 -10.02
CA ALA F 223 -30.56 -33.41 -8.62
C ALA F 223 -29.97 -32.08 -8.17
N MET F 224 -30.75 -31.34 -7.39
CA MET F 224 -30.29 -30.01 -6.99
C MET F 224 -30.27 -29.90 -5.48
N VAL F 225 -29.25 -29.31 -4.91
CA VAL F 225 -29.17 -29.07 -3.45
C VAL F 225 -28.93 -27.58 -3.27
N PHE F 226 -29.63 -26.91 -2.37
CA PHE F 226 -29.50 -25.44 -2.25
C PHE F 226 -29.28 -24.99 -0.81
N GLY F 227 -28.21 -24.25 -0.54
CA GLY F 227 -27.93 -23.63 0.77
C GLY F 227 -27.52 -22.21 0.46
N GLN F 228 -28.46 -21.31 0.27
CA GLN F 228 -28.17 -19.96 -0.25
C GLN F 228 -27.71 -18.91 0.77
N MET F 229 -27.55 -17.66 0.35
CA MET F 229 -26.96 -16.61 1.21
C MET F 229 -27.79 -16.34 2.47
N ASN F 230 -29.09 -16.55 2.42
CA ASN F 230 -29.97 -16.36 3.59
C ASN F 230 -29.63 -17.33 4.70
N GLU F 231 -29.09 -18.49 4.37
CA GLU F 231 -28.89 -19.57 5.36
C GLU F 231 -27.76 -19.33 6.35
N PRO F 232 -27.83 -19.91 7.56
CA PRO F 232 -26.70 -19.87 8.48
C PRO F 232 -25.40 -20.59 8.05
N PRO F 233 -24.18 -20.31 8.58
CA PRO F 233 -22.88 -20.81 8.12
C PRO F 233 -22.75 -22.32 8.15
N GLY F 234 -23.40 -23.01 9.09
CA GLY F 234 -23.31 -24.47 9.09
C GLY F 234 -23.94 -25.08 7.85
N ALA F 235 -25.12 -24.61 7.47
CA ALA F 235 -25.74 -25.07 6.24
C ALA F 235 -24.90 -24.70 5.03
N ARG F 236 -24.35 -23.49 5.01
CA ARG F 236 -23.51 -23.08 3.88
C ARG F 236 -22.24 -23.92 3.81
N MET F 237 -21.78 -24.46 4.94
CA MET F 237 -20.62 -25.34 4.95
C MET F 237 -20.95 -26.75 4.50
N ARG F 238 -22.13 -27.27 4.83
CA ARG F 238 -22.42 -28.67 4.58
C ARG F 238 -23.27 -28.94 3.33
N VAL F 239 -23.82 -27.92 2.68
CA VAL F 239 -24.59 -28.14 1.46
C VAL F 239 -23.72 -28.73 0.36
N ALA F 240 -22.48 -28.25 0.25
CA ALA F 240 -21.58 -28.76 -0.77
C ALA F 240 -21.27 -30.23 -0.53
N LEU F 241 -21.07 -30.62 0.72
CA LEU F 241 -20.81 -32.02 1.04
C LEU F 241 -22.03 -32.90 0.75
N THR F 242 -23.23 -32.38 1.01
CA THR F 242 -24.44 -33.14 0.67
C THR F 242 -24.51 -33.39 -0.83
N GLY F 243 -24.34 -32.35 -1.64
CA GLY F 243 -24.33 -32.54 -3.08
C GLY F 243 -23.21 -33.47 -3.53
N LEU F 244 -22.06 -33.38 -2.88
CA LEU F 244 -20.93 -34.22 -3.25
C LEU F 244 -21.21 -35.69 -2.99
N THR F 245 -21.81 -36.03 -1.84
CA THR F 245 -22.10 -37.44 -1.58
C THR F 245 -23.22 -37.94 -2.49
N MET F 246 -24.18 -37.08 -2.84
CA MET F 246 -25.18 -37.48 -3.83
C MET F 246 -24.53 -37.82 -5.17
N ALA F 247 -23.54 -37.02 -5.59
CA ALA F 247 -22.83 -37.34 -6.83
C ALA F 247 -21.96 -38.59 -6.68
N GLU F 248 -21.36 -38.77 -5.51
CA GLU F 248 -20.47 -39.91 -5.28
C GLU F 248 -21.23 -41.23 -5.37
N TYR F 249 -22.49 -41.26 -4.92
CA TYR F 249 -23.27 -42.48 -5.06
C TYR F 249 -23.34 -42.91 -6.53
N PHE F 250 -23.69 -41.98 -7.41
CA PHE F 250 -23.77 -42.31 -8.83
C PHE F 250 -22.41 -42.66 -9.41
N ARG F 251 -21.35 -41.98 -8.97
CA ARG F 251 -20.02 -42.31 -9.48
C ARG F 251 -19.62 -43.73 -9.11
N ASP F 252 -19.89 -44.14 -7.87
CA ASP F 252 -19.38 -45.42 -7.39
C ASP F 252 -20.31 -46.59 -7.65
N GLU F 253 -21.55 -46.52 -7.21
CA GLU F 253 -22.44 -47.68 -7.26
C GLU F 253 -22.93 -48.01 -8.66
N GLN F 254 -22.83 -47.08 -9.61
CA GLN F 254 -23.33 -47.31 -10.97
C GLN F 254 -22.30 -47.05 -12.05
N GLY F 255 -21.17 -46.41 -11.72
CA GLY F 255 -20.14 -46.17 -12.72
C GLY F 255 -20.56 -45.29 -13.87
N GLN F 256 -21.30 -44.22 -13.60
CA GLN F 256 -21.76 -43.33 -14.65
C GLN F 256 -20.96 -42.03 -14.66
N ASP F 257 -21.04 -41.32 -15.78
CA ASP F 257 -20.41 -40.01 -15.88
C ASP F 257 -21.31 -38.96 -15.24
N VAL F 258 -20.74 -38.15 -14.35
CA VAL F 258 -21.51 -37.22 -13.54
C VAL F 258 -21.01 -35.81 -13.81
N LEU F 259 -21.94 -34.90 -14.08
CA LEU F 259 -21.65 -33.47 -14.13
C LEU F 259 -21.96 -32.87 -12.77
N LEU F 260 -20.99 -32.18 -12.18
CA LEU F 260 -21.15 -31.56 -10.88
C LEU F 260 -20.90 -30.07 -11.01
N PHE F 261 -21.94 -29.27 -10.77
CA PHE F 261 -21.85 -27.82 -10.82
C PHE F 261 -21.97 -27.27 -9.41
N ILE F 262 -20.99 -26.47 -9.00
CA ILE F 262 -21.01 -25.79 -7.71
C ILE F 262 -21.03 -24.30 -7.98
N ASP F 263 -22.08 -23.62 -7.49
CA ASP F 263 -22.30 -22.23 -7.88
C ASP F 263 -21.25 -21.30 -7.29
N ASN F 264 -20.84 -21.51 -6.04
CA ASN F 264 -19.78 -20.67 -5.45
C ASN F 264 -19.12 -21.48 -4.32
N ILE F 265 -17.90 -21.96 -4.59
CA ILE F 265 -17.19 -22.75 -3.59
C ILE F 265 -16.48 -21.86 -2.58
N PHE F 266 -16.35 -20.56 -2.87
CA PHE F 266 -15.72 -19.65 -1.92
C PHE F 266 -16.58 -19.45 -0.68
N ARG F 267 -17.90 -19.55 -0.85
CA ARG F 267 -18.81 -19.33 0.28
C ARG F 267 -18.62 -20.38 1.36
N PHE F 268 -18.19 -21.58 1.00
CA PHE F 268 -17.91 -22.62 1.99
C PHE F 268 -16.77 -22.20 2.92
N THR F 269 -15.68 -21.70 2.34
CA THR F 269 -14.57 -21.23 3.15
C THR F 269 -14.95 -19.96 3.93
N GLN F 270 -15.80 -19.12 3.33
CA GLN F 270 -16.26 -17.92 4.04
C GLN F 270 -17.07 -18.29 5.28
N ALA F 271 -17.96 -19.27 5.14
CA ALA F 271 -18.73 -19.73 6.30
C ALA F 271 -17.84 -20.40 7.33
N GLY F 272 -16.84 -21.16 6.88
CA GLY F 272 -15.87 -21.73 7.80
C GLY F 272 -15.13 -20.66 8.58
N SER F 273 -14.72 -19.58 7.92
CA SER F 273 -14.06 -18.48 8.62
C SER F 273 -14.99 -17.78 9.58
N GLU F 274 -16.27 -17.66 9.22
CA GLU F 274 -17.24 -17.08 10.15
C GLU F 274 -17.38 -17.93 11.40
N VAL F 275 -17.41 -19.26 11.24
CA VAL F 275 -17.57 -20.14 12.38
C VAL F 275 -16.31 -20.20 13.24
N SER F 276 -15.13 -20.06 12.60
CA SER F 276 -13.87 -20.38 13.27
C SER F 276 -13.65 -19.55 14.53
N ALA F 277 -13.98 -18.26 14.48
CA ALA F 277 -13.69 -17.38 15.61
C ALA F 277 -14.38 -17.83 16.87
N LEU F 278 -15.65 -18.23 16.77
CA LEU F 278 -16.41 -18.64 17.95
C LEU F 278 -15.95 -19.99 18.48
N LEU F 279 -15.35 -20.83 17.64
CA LEU F 279 -14.88 -22.13 18.09
C LEU F 279 -13.67 -22.04 19.00
N GLY F 280 -13.01 -20.88 19.06
CA GLY F 280 -11.85 -20.70 19.91
C GLY F 280 -10.51 -20.78 19.22
N ARG F 281 -10.46 -20.53 17.91
CA ARG F 281 -9.19 -20.60 17.19
C ARG F 281 -8.62 -19.20 16.99
N MET F 282 -7.29 -19.12 17.00
CA MET F 282 -6.63 -17.85 16.74
C MET F 282 -6.66 -17.54 15.25
N PRO F 283 -6.88 -16.27 14.89
CA PRO F 283 -7.03 -15.93 13.47
C PRO F 283 -5.74 -16.10 12.68
N SER F 284 -5.92 -16.34 11.39
CA SER F 284 -4.81 -16.51 10.46
C SER F 284 -4.45 -15.15 9.85
N ALA F 285 -3.67 -15.15 8.77
CA ALA F 285 -3.08 -13.93 8.25
C ALA F 285 -4.10 -12.84 7.96
N VAL F 286 -5.19 -13.19 7.25
CA VAL F 286 -6.13 -12.18 6.79
C VAL F 286 -7.44 -12.41 7.52
N GLY F 287 -7.36 -12.92 8.74
CA GLY F 287 -8.54 -13.20 9.53
C GLY F 287 -9.21 -14.52 9.23
N TYR F 288 -8.68 -15.29 8.29
CA TYR F 288 -9.26 -16.59 7.96
C TYR F 288 -8.98 -17.59 9.07
N GLN F 289 -9.63 -18.75 8.98
CA GLN F 289 -9.35 -19.82 9.91
C GLN F 289 -7.95 -20.37 9.68
N PRO F 290 -7.26 -20.81 10.75
CA PRO F 290 -5.95 -21.46 10.55
C PRO F 290 -6.03 -22.76 9.77
N THR F 291 -7.18 -23.41 9.76
CA THR F 291 -7.38 -24.67 9.05
C THR F 291 -7.96 -24.48 7.66
N LEU F 292 -7.67 -23.36 6.99
CA LEU F 292 -8.26 -23.09 5.69
C LEU F 292 -7.83 -24.12 4.65
N ALA F 293 -6.56 -24.50 4.66
CA ALA F 293 -6.04 -25.37 3.62
C ALA F 293 -6.56 -26.80 3.77
N THR F 294 -6.55 -27.33 4.99
CA THR F 294 -6.95 -28.73 5.19
C THR F 294 -8.44 -28.92 4.96
N GLU F 295 -9.26 -27.97 5.42
CA GLU F 295 -10.70 -28.09 5.24
C GLU F 295 -11.07 -28.07 3.77
N MET F 296 -10.43 -27.19 2.98
CA MET F 296 -10.69 -27.17 1.55
C MET F 296 -10.14 -28.40 0.86
N GLY F 297 -8.97 -28.89 1.31
CA GLY F 297 -8.37 -30.05 0.68
C GLY F 297 -9.19 -31.31 0.87
N GLN F 298 -9.68 -31.54 2.09
CA GLN F 298 -10.47 -32.74 2.35
C GLN F 298 -11.84 -32.68 1.71
N LEU F 299 -12.25 -31.53 1.17
CA LEU F 299 -13.45 -31.45 0.36
C LEU F 299 -13.12 -31.67 -1.11
N GLN F 300 -12.05 -31.03 -1.59
CA GLN F 300 -11.73 -31.09 -3.01
C GLN F 300 -11.19 -32.46 -3.44
N GLU F 301 -10.53 -33.17 -2.52
CA GLU F 301 -9.97 -34.46 -2.88
C GLU F 301 -11.05 -35.52 -3.13
N ARG F 302 -12.26 -35.32 -2.61
CA ARG F 302 -13.33 -36.27 -2.88
C ARG F 302 -13.91 -36.08 -4.28
N ILE F 303 -13.81 -34.88 -4.83
CA ILE F 303 -14.29 -34.61 -6.18
C ILE F 303 -13.23 -35.04 -7.18
N THR F 304 -13.29 -36.29 -7.63
CA THR F 304 -12.29 -36.83 -8.52
C THR F 304 -12.85 -37.99 -9.31
N SER F 305 -12.22 -38.29 -10.44
CA SER F 305 -12.56 -39.47 -11.22
C SER F 305 -11.76 -40.67 -10.76
N THR F 306 -12.41 -41.83 -10.77
CA THR F 306 -11.77 -43.07 -10.34
C THR F 306 -11.94 -44.11 -11.44
N ALA F 307 -11.53 -45.34 -11.15
CA ALA F 307 -11.67 -46.42 -12.11
C ALA F 307 -13.12 -46.82 -12.31
N LYS F 308 -13.96 -46.72 -11.27
CA LYS F 308 -15.36 -47.08 -11.40
C LYS F 308 -16.12 -46.11 -12.30
N GLY F 309 -15.89 -44.82 -12.13
CA GLY F 309 -16.58 -43.81 -12.92
C GLY F 309 -15.83 -42.50 -12.88
N SER F 310 -16.30 -41.56 -13.69
CA SER F 310 -15.67 -40.25 -13.82
C SER F 310 -16.63 -39.16 -13.36
N ILE F 311 -16.08 -38.15 -12.69
CA ILE F 311 -16.81 -36.95 -12.30
C ILE F 311 -16.05 -35.75 -12.85
N THR F 312 -16.70 -35.00 -13.73
CA THR F 312 -16.18 -33.72 -14.19
C THR F 312 -16.96 -32.60 -13.50
N SER F 313 -16.25 -31.68 -12.88
CA SER F 313 -16.85 -30.65 -12.06
C SER F 313 -16.44 -29.27 -12.54
N ILE F 314 -17.41 -28.39 -12.65
CA ILE F 314 -17.18 -26.99 -13.01
C ILE F 314 -17.59 -26.15 -11.81
N GLN F 315 -16.64 -25.41 -11.25
CA GLN F 315 -16.84 -24.66 -10.01
C GLN F 315 -16.57 -23.20 -10.27
N ALA F 316 -17.52 -22.35 -9.88
CA ALA F 316 -17.31 -20.91 -9.93
C ALA F 316 -16.76 -20.42 -8.60
N ILE F 317 -15.64 -19.70 -8.66
CA ILE F 317 -14.90 -19.29 -7.47
C ILE F 317 -14.92 -17.77 -7.39
N TYR F 318 -15.43 -17.25 -6.27
CA TYR F 318 -15.52 -15.81 -6.07
C TYR F 318 -14.19 -15.26 -5.55
N VAL F 319 -13.79 -14.11 -6.08
CA VAL F 319 -12.55 -13.45 -5.71
C VAL F 319 -12.91 -12.19 -4.92
N PRO F 320 -12.64 -12.14 -3.61
CA PRO F 320 -13.08 -10.99 -2.82
C PRO F 320 -12.26 -9.74 -3.13
N ALA F 321 -12.99 -8.65 -3.38
CA ALA F 321 -12.41 -7.31 -3.60
C ALA F 321 -11.42 -7.32 -4.77
N ASP F 322 -11.64 -8.22 -5.72
CA ASP F 322 -10.79 -8.37 -6.90
C ASP F 322 -9.33 -8.59 -6.54
N ASP F 323 -9.07 -9.32 -5.46
CA ASP F 323 -7.71 -9.58 -5.00
C ASP F 323 -7.41 -11.05 -5.24
N TYR F 324 -6.72 -11.34 -6.35
CA TYR F 324 -6.39 -12.72 -6.69
C TYR F 324 -5.36 -13.33 -5.74
N THR F 325 -4.70 -12.52 -4.92
CA THR F 325 -3.76 -13.02 -3.94
C THR F 325 -4.39 -13.28 -2.58
N ASP F 326 -5.71 -13.11 -2.46
CA ASP F 326 -6.40 -13.45 -1.24
C ASP F 326 -6.23 -14.95 -0.95
N PRO F 327 -6.08 -15.34 0.32
CA PRO F 327 -5.78 -16.76 0.61
C PRO F 327 -6.78 -17.76 0.06
N ALA F 328 -8.08 -17.45 0.12
CA ALA F 328 -9.07 -18.41 -0.37
C ALA F 328 -8.94 -18.65 -1.87
N PRO F 329 -8.90 -17.62 -2.73
CA PRO F 329 -8.61 -17.89 -4.16
C PRO F 329 -7.22 -18.46 -4.39
N ALA F 330 -6.26 -18.09 -3.55
CA ALA F 330 -4.87 -18.49 -3.79
C ALA F 330 -4.68 -19.99 -3.56
N THR F 331 -5.32 -20.55 -2.54
CA THR F 331 -5.13 -21.95 -2.21
C THR F 331 -5.92 -22.90 -3.10
N THR F 332 -6.88 -22.39 -3.89
CA THR F 332 -7.72 -23.29 -4.68
C THR F 332 -7.20 -23.49 -6.10
N PHE F 333 -6.12 -22.80 -6.50
CA PHE F 333 -5.56 -23.04 -7.82
C PHE F 333 -4.98 -24.45 -7.93
N SER F 334 -4.35 -24.95 -6.87
CA SER F 334 -3.66 -26.22 -6.92
C SER F 334 -4.60 -27.41 -7.04
N HIS F 335 -5.90 -27.21 -6.86
CA HIS F 335 -6.88 -28.28 -6.93
C HIS F 335 -7.57 -28.38 -8.29
N LEU F 336 -7.15 -27.58 -9.27
CA LEU F 336 -7.84 -27.49 -10.54
C LEU F 336 -6.94 -27.91 -11.68
N ASP F 337 -7.53 -28.56 -12.69
CA ASP F 337 -6.82 -28.90 -13.91
C ASP F 337 -6.85 -27.79 -14.94
N ALA F 338 -7.98 -27.09 -15.08
CA ALA F 338 -8.11 -25.97 -15.99
C ALA F 338 -8.82 -24.84 -15.28
N THR F 339 -8.34 -23.61 -15.50
CA THR F 339 -8.90 -22.42 -14.88
C THR F 339 -9.15 -21.36 -15.95
N THR F 340 -10.20 -20.56 -15.75
CA THR F 340 -10.45 -19.38 -16.57
C THR F 340 -10.60 -18.19 -15.62
N ASN F 341 -9.82 -17.14 -15.86
CA ASN F 341 -9.81 -15.96 -15.00
C ASN F 341 -10.57 -14.84 -15.68
N LEU F 342 -11.65 -14.39 -15.04
CA LEU F 342 -12.42 -13.26 -15.53
C LEU F 342 -11.91 -11.96 -14.93
N GLU F 343 -11.94 -10.90 -15.72
CA GLU F 343 -11.36 -9.62 -15.33
C GLU F 343 -12.34 -8.48 -15.56
N ARG F 344 -12.44 -7.60 -14.56
CA ARG F 344 -13.36 -6.47 -14.64
C ARG F 344 -12.96 -5.49 -15.72
N LYS F 345 -11.65 -5.33 -15.97
CA LYS F 345 -11.21 -4.44 -17.03
C LYS F 345 -11.67 -4.92 -18.40
N LEU F 346 -11.55 -6.22 -18.66
CA LEU F 346 -12.06 -6.77 -19.91
C LEU F 346 -13.59 -6.70 -19.95
N ALA F 347 -14.34 -6.80 -18.90
CA ALA F 347 -15.78 -6.71 -19.05
C ALA F 347 -16.24 -5.29 -19.26
N GLU F 348 -15.52 -4.32 -18.72
CA GLU F 348 -15.86 -2.91 -18.86
C GLU F 348 -15.59 -2.39 -20.27
N MET F 349 -14.78 -3.06 -21.05
CA MET F 349 -14.56 -2.70 -22.43
C MET F 349 -15.48 -3.47 -23.33
N GLY F 350 -16.47 -4.15 -22.76
CA GLY F 350 -17.38 -4.98 -23.51
C GLY F 350 -17.00 -6.36 -23.93
N ILE F 351 -15.75 -6.74 -23.79
CA ILE F 351 -15.32 -8.06 -24.11
C ILE F 351 -16.13 -8.92 -23.18
N TYR F 352 -17.11 -9.64 -23.72
CA TYR F 352 -18.01 -10.27 -22.78
C TYR F 352 -17.84 -11.62 -22.24
N PRO F 353 -17.09 -12.48 -22.91
CA PRO F 353 -16.83 -13.65 -22.08
C PRO F 353 -15.77 -13.15 -21.00
N ALA F 354 -14.92 -12.09 -21.14
CA ALA F 354 -14.05 -11.53 -20.11
C ALA F 354 -12.97 -12.49 -19.63
N VAL F 355 -12.70 -13.56 -20.36
CA VAL F 355 -11.67 -14.50 -19.94
C VAL F 355 -10.31 -13.88 -20.19
N ASP F 356 -9.47 -13.86 -19.15
CA ASP F 356 -8.11 -13.36 -19.31
C ASP F 356 -7.34 -14.36 -20.16
N PRO F 357 -6.83 -13.95 -21.33
CA PRO F 357 -6.20 -14.93 -22.23
C PRO F 357 -4.81 -15.39 -21.78
N LEU F 358 -4.18 -14.69 -20.85
CA LEU F 358 -2.86 -15.07 -20.37
C LEU F 358 -2.89 -15.72 -18.99
N ALA F 359 -3.84 -15.32 -18.14
CA ALA F 359 -3.94 -15.91 -16.80
C ALA F 359 -4.55 -17.31 -16.84
N SER F 360 -5.44 -17.57 -17.79
CA SER F 360 -6.11 -18.87 -17.87
C SER F 360 -5.16 -19.93 -18.40
N THR F 361 -5.12 -21.07 -17.71
CA THR F 361 -4.23 -22.16 -18.06
C THR F 361 -4.99 -23.48 -18.02
N SER F 362 -4.48 -24.46 -18.76
CA SER F 362 -5.06 -25.79 -18.77
C SER F 362 -3.97 -26.82 -19.02
N ARG F 363 -4.15 -28.01 -18.45
CA ARG F 363 -3.19 -29.09 -18.66
C ARG F 363 -3.33 -29.73 -20.04
N ALA F 364 -4.47 -29.54 -20.70
CA ALA F 364 -4.71 -30.16 -22.00
C ALA F 364 -4.05 -29.43 -23.16
N LEU F 365 -3.47 -28.26 -22.93
CA LEU F 365 -2.81 -27.50 -23.98
C LEU F 365 -1.42 -28.09 -24.20
N ALA F 366 -1.38 -29.23 -24.89
CA ALA F 366 -0.16 -29.92 -25.23
C ALA F 366 -0.24 -30.36 -26.69
N PRO F 367 0.89 -30.37 -27.40
CA PRO F 367 0.85 -30.70 -28.83
C PRO F 367 0.28 -32.09 -29.12
N GLU F 368 0.50 -33.06 -28.24
CA GLU F 368 0.00 -34.41 -28.49
C GLU F 368 -1.47 -34.57 -28.11
N ILE F 369 -2.07 -33.57 -27.47
CA ILE F 369 -3.47 -33.66 -27.05
C ILE F 369 -4.38 -32.87 -27.98
N VAL F 370 -4.02 -31.63 -28.28
CA VAL F 370 -4.89 -30.78 -29.09
C VAL F 370 -4.47 -30.71 -30.56
N GLY F 371 -3.25 -31.10 -30.88
CA GLY F 371 -2.76 -31.01 -32.24
C GLY F 371 -1.68 -29.95 -32.41
N GLU F 372 -0.80 -30.19 -33.38
CA GLU F 372 0.36 -29.33 -33.56
C GLU F 372 -0.05 -27.93 -34.00
N GLU F 373 -0.94 -27.84 -34.99
CA GLU F 373 -1.36 -26.52 -35.48
C GLU F 373 -2.18 -25.78 -34.43
N HIS F 374 -3.04 -26.49 -33.69
CA HIS F 374 -3.75 -25.88 -32.57
C HIS F 374 -2.77 -25.27 -31.57
N TYR F 375 -1.76 -26.05 -31.19
CA TYR F 375 -0.77 -25.58 -30.23
C TYR F 375 -0.02 -24.36 -30.74
N GLN F 376 0.40 -24.40 -32.02
CA GLN F 376 1.14 -23.28 -32.59
C GLN F 376 0.30 -22.02 -32.65
N VAL F 377 -0.96 -22.14 -33.06
CA VAL F 377 -1.84 -20.97 -33.13
C VAL F 377 -2.05 -20.38 -31.74
N ALA F 378 -2.30 -21.24 -30.75
CA ALA F 378 -2.49 -20.74 -29.39
C ALA F 378 -1.25 -20.03 -28.89
N ARG F 379 -0.06 -20.60 -29.13
CA ARG F 379 1.17 -19.98 -28.67
C ARG F 379 1.41 -18.63 -29.35
N LYS F 380 1.15 -18.55 -30.66
CA LYS F 380 1.32 -17.29 -31.38
C LYS F 380 0.36 -16.22 -30.85
N VAL F 381 -0.89 -16.60 -30.59
CA VAL F 381 -1.85 -15.65 -30.06
C VAL F 381 -1.39 -15.14 -28.70
N GLN F 382 -0.93 -16.05 -27.84
CA GLN F 382 -0.46 -15.64 -26.52
C GLN F 382 0.75 -14.72 -26.62
N GLN F 383 1.65 -14.99 -27.56
CA GLN F 383 2.82 -14.14 -27.74
C GLN F 383 2.43 -12.74 -28.18
N THR F 384 1.53 -12.62 -29.14
CA THR F 384 1.10 -11.29 -29.59
C THR F 384 0.38 -10.54 -28.46
N LEU F 385 -0.45 -11.25 -27.69
CA LEU F 385 -1.14 -10.60 -26.58
C LEU F 385 -0.15 -10.12 -25.51
N GLN F 386 0.88 -10.92 -25.23
CA GLN F 386 1.91 -10.51 -24.28
C GLN F 386 2.63 -9.26 -24.76
N ARG F 387 2.96 -9.21 -26.05
CA ARG F 387 3.64 -8.03 -26.59
C ARG F 387 2.75 -6.79 -26.48
N TYR F 388 1.45 -6.94 -26.78
CA TYR F 388 0.53 -5.82 -26.63
C TYR F 388 0.44 -5.37 -25.18
N LYS F 389 0.42 -6.32 -24.23
CA LYS F 389 0.38 -5.95 -22.83
C LYS F 389 1.64 -5.18 -22.43
N GLU F 390 2.79 -5.57 -22.98
CA GLU F 390 4.01 -4.83 -22.70
C GLU F 390 3.94 -3.41 -23.27
N LEU F 391 3.41 -3.25 -24.48
CA LEU F 391 3.36 -1.94 -25.11
C LEU F 391 2.32 -1.01 -24.49
N GLN F 392 1.31 -1.57 -23.81
CA GLN F 392 0.22 -0.75 -23.29
C GLN F 392 0.72 0.39 -22.41
N ASP F 393 1.83 0.21 -21.70
CA ASP F 393 2.38 1.30 -20.90
C ASP F 393 2.75 2.50 -21.75
N ILE F 394 3.41 2.27 -22.89
CA ILE F 394 3.84 3.38 -23.74
C ILE F 394 2.63 4.02 -24.44
N ILE F 395 1.72 3.19 -24.95
CA ILE F 395 0.50 3.75 -25.55
C ILE F 395 -0.31 4.55 -24.51
N ALA F 396 -0.22 4.17 -23.24
CA ALA F 396 -0.98 4.86 -22.21
C ALA F 396 -0.58 6.35 -22.14
N ILE F 397 0.71 6.63 -22.20
CA ILE F 397 1.17 8.00 -22.05
C ILE F 397 1.23 8.72 -23.40
N LEU F 398 2.01 8.19 -24.34
CA LEU F 398 2.30 8.95 -25.56
C LEU F 398 1.65 8.38 -26.81
N GLY F 399 0.68 7.49 -26.67
CA GLY F 399 -0.05 7.03 -27.83
C GLY F 399 0.74 6.09 -28.72
N MET F 400 0.20 5.88 -29.92
CA MET F 400 0.75 4.92 -30.88
C MET F 400 1.68 5.55 -31.90
N ASP F 401 1.94 6.86 -31.81
CA ASP F 401 2.71 7.54 -32.85
C ASP F 401 4.18 7.18 -32.81
N GLU F 402 4.75 7.00 -31.61
CA GLU F 402 6.18 6.74 -31.48
C GLU F 402 6.55 5.27 -31.58
N LEU F 403 5.57 4.39 -31.74
CA LEU F 403 5.87 2.97 -31.90
C LEU F 403 6.50 2.71 -33.26
N SER F 404 7.42 1.74 -33.30
CA SER F 404 8.03 1.36 -34.57
C SER F 404 7.02 0.63 -35.43
N ASP F 405 7.41 0.39 -36.69
CA ASP F 405 6.50 -0.27 -37.63
C ASP F 405 6.15 -1.68 -37.19
N GLU F 406 7.07 -2.36 -36.49
CA GLU F 406 6.77 -3.70 -35.97
C GLU F 406 5.74 -3.62 -34.85
N ASP F 407 5.94 -2.71 -33.89
CA ASP F 407 5.03 -2.61 -32.76
C ASP F 407 3.64 -2.16 -33.20
N LYS F 408 3.57 -1.29 -34.20
CA LYS F 408 2.27 -0.87 -34.72
C LYS F 408 1.51 -2.04 -35.32
N LEU F 409 2.21 -2.90 -36.06
CA LEU F 409 1.56 -4.10 -36.61
C LEU F 409 1.15 -5.06 -35.50
N VAL F 410 1.98 -5.17 -34.45
CA VAL F 410 1.63 -6.02 -33.31
C VAL F 410 0.34 -5.53 -32.67
N VAL F 411 0.23 -4.22 -32.46
CA VAL F 411 -1.00 -3.67 -31.88
C VAL F 411 -2.18 -3.90 -32.81
N HIS F 412 -1.99 -3.69 -34.11
CA HIS F 412 -3.05 -3.88 -35.08
C HIS F 412 -3.59 -5.30 -35.05
N ARG F 413 -2.70 -6.29 -34.97
CA ARG F 413 -3.14 -7.68 -34.92
C ARG F 413 -3.75 -8.02 -33.56
N ALA F 414 -3.16 -7.51 -32.48
CA ALA F 414 -3.58 -7.88 -31.14
C ALA F 414 -4.96 -7.37 -30.82
N ARG F 415 -5.29 -6.14 -31.26
CA ARG F 415 -6.63 -5.63 -31.00
C ARG F 415 -7.69 -6.48 -31.69
N ARG F 416 -7.45 -6.88 -32.94
CA ARG F 416 -8.41 -7.71 -33.65
C ARG F 416 -8.52 -9.09 -33.03
N ILE F 417 -7.40 -9.66 -32.59
CA ILE F 417 -7.45 -10.96 -31.92
C ILE F 417 -8.26 -10.86 -30.62
N GLN F 418 -8.01 -9.82 -29.84
CA GLN F 418 -8.72 -9.64 -28.58
C GLN F 418 -10.21 -9.46 -28.80
N PHE F 419 -10.59 -8.71 -29.85
CA PHE F 419 -12.01 -8.54 -30.13
C PHE F 419 -12.64 -9.84 -30.66
N PHE F 420 -11.90 -10.61 -31.46
CA PHE F 420 -12.44 -11.87 -31.95
C PHE F 420 -12.56 -12.90 -30.85
N LEU F 421 -11.83 -12.74 -29.74
CA LEU F 421 -12.00 -13.65 -28.61
C LEU F 421 -13.37 -13.50 -27.96
N SER F 422 -14.10 -12.43 -28.26
CA SER F 422 -15.45 -12.26 -27.74
C SER F 422 -16.43 -13.15 -28.49
N GLN F 423 -17.55 -13.46 -27.83
CA GLN F 423 -18.56 -14.32 -28.43
C GLN F 423 -19.93 -13.92 -27.89
N ASN F 424 -20.96 -14.16 -28.69
CA ASN F 424 -22.34 -13.92 -28.27
C ASN F 424 -22.94 -15.22 -27.77
N PHE F 425 -23.46 -15.20 -26.55
CA PHE F 425 -23.93 -16.41 -25.89
C PHE F 425 -25.44 -16.58 -26.05
N HIS F 426 -25.88 -17.84 -26.03
CA HIS F 426 -27.31 -18.11 -26.07
C HIS F 426 -28.01 -17.55 -24.83
N VAL F 427 -27.38 -17.70 -23.66
CA VAL F 427 -27.97 -17.19 -22.42
C VAL F 427 -28.03 -15.67 -22.45
N ALA F 428 -27.03 -15.01 -23.04
CA ALA F 428 -26.99 -13.56 -23.09
C ALA F 428 -28.05 -12.96 -24.02
N GLU F 429 -28.88 -13.78 -24.66
CA GLU F 429 -29.93 -13.26 -25.52
C GLU F 429 -30.98 -12.49 -24.74
N GLN F 430 -31.13 -12.76 -23.44
CA GLN F 430 -32.08 -12.01 -22.64
C GLN F 430 -31.61 -10.57 -22.40
N PHE F 431 -30.30 -10.33 -22.38
CA PHE F 431 -29.73 -9.01 -22.05
C PHE F 431 -29.63 -8.15 -23.31
N THR F 432 -29.02 -8.68 -24.36
CA THR F 432 -28.93 -8.00 -25.68
C THR F 432 -29.79 -8.88 -26.55
N GLY F 433 -30.68 -8.36 -27.39
CA GLY F 433 -31.64 -9.23 -28.09
C GLY F 433 -31.02 -10.20 -29.08
N GLN F 434 -29.74 -10.07 -29.41
CA GLN F 434 -29.04 -10.94 -30.40
C GLN F 434 -29.04 -12.43 -30.03
N PRO F 435 -29.23 -13.37 -30.98
CA PRO F 435 -29.09 -14.80 -30.69
C PRO F 435 -27.65 -15.29 -30.56
N GLY F 436 -27.38 -16.31 -29.73
CA GLY F 436 -26.05 -16.83 -29.49
C GLY F 436 -25.56 -17.75 -30.59
N SER F 437 -24.30 -18.17 -30.44
CA SER F 437 -23.63 -19.00 -31.44
C SER F 437 -22.83 -20.10 -30.77
N TYR F 438 -22.62 -21.18 -31.51
CA TYR F 438 -21.78 -22.30 -31.08
C TYR F 438 -20.71 -22.51 -32.14
N VAL F 439 -19.45 -22.44 -31.75
CA VAL F 439 -18.32 -22.40 -32.67
C VAL F 439 -17.50 -23.67 -32.48
N PRO F 440 -17.34 -24.50 -33.51
CA PRO F 440 -16.45 -25.66 -33.41
C PRO F 440 -14.99 -25.23 -33.23
N VAL F 441 -14.22 -26.10 -32.58
CA VAL F 441 -12.82 -25.80 -32.30
C VAL F 441 -12.01 -25.72 -33.59
N LYS F 442 -12.35 -26.54 -34.59
CA LYS F 442 -11.66 -26.46 -35.88
C LYS F 442 -11.88 -25.10 -36.52
N GLU F 443 -13.11 -24.61 -36.50
CA GLU F 443 -13.40 -23.29 -37.05
C GLU F 443 -12.69 -22.20 -36.26
N THR F 444 -12.62 -22.34 -34.93
CA THR F 444 -11.89 -21.37 -34.12
C THR F 444 -10.43 -21.32 -34.51
N VAL F 445 -9.80 -22.49 -34.68
CA VAL F 445 -8.40 -22.55 -35.05
C VAL F 445 -8.18 -21.93 -36.42
N ARG F 446 -9.05 -22.26 -37.38
CA ARG F 446 -8.90 -21.71 -38.72
C ARG F 446 -9.04 -20.18 -38.71
N GLY F 447 -10.02 -19.67 -37.96
CA GLY F 447 -10.22 -18.23 -37.91
C GLY F 447 -9.04 -17.52 -37.28
N PHE F 448 -8.53 -18.05 -36.17
CA PHE F 448 -7.40 -17.39 -35.51
C PHE F 448 -6.13 -17.49 -36.35
N LYS F 449 -5.93 -18.61 -37.06
CA LYS F 449 -4.79 -18.70 -37.97
C LYS F 449 -4.91 -17.67 -39.09
N GLU F 450 -6.11 -17.50 -39.64
CA GLU F 450 -6.31 -16.50 -40.68
C GLU F 450 -6.04 -15.09 -40.17
N ILE F 451 -6.50 -14.79 -38.95
CA ILE F 451 -6.25 -13.46 -38.38
C ILE F 451 -4.75 -13.25 -38.15
N LEU F 452 -4.06 -14.28 -37.66
CA LEU F 452 -2.61 -14.17 -37.46
C LEU F 452 -1.89 -13.96 -38.78
N GLU F 453 -2.34 -14.61 -39.84
CA GLU F 453 -1.70 -14.50 -41.14
C GLU F 453 -1.89 -13.14 -41.79
N GLY F 454 -2.78 -12.30 -41.25
CA GLY F 454 -3.00 -10.98 -41.81
C GLY F 454 -4.01 -10.90 -42.92
N LYS F 455 -4.91 -11.89 -43.02
CA LYS F 455 -5.91 -11.88 -44.08
C LYS F 455 -6.89 -10.73 -43.93
N TYR F 456 -7.24 -10.38 -42.69
CA TYR F 456 -8.28 -9.38 -42.43
C TYR F 456 -7.74 -8.14 -41.75
N ASP F 457 -6.56 -7.66 -42.17
CA ASP F 457 -6.01 -6.44 -41.59
C ASP F 457 -6.79 -5.21 -42.01
N HIS F 458 -7.47 -5.27 -43.17
CA HIS F 458 -8.19 -4.11 -43.68
C HIS F 458 -9.55 -3.92 -43.05
N LEU F 459 -10.10 -4.94 -42.39
CA LEU F 459 -11.39 -4.81 -41.76
C LEU F 459 -11.32 -3.94 -40.51
N PRO F 460 -12.36 -3.18 -40.20
CA PRO F 460 -12.38 -2.41 -38.95
C PRO F 460 -12.41 -3.32 -37.74
N GLU F 461 -11.81 -2.85 -36.64
CA GLU F 461 -11.69 -3.69 -35.46
C GLU F 461 -13.03 -3.86 -34.74
N ASP F 462 -13.96 -2.94 -34.94
CA ASP F 462 -15.28 -3.07 -34.32
C ASP F 462 -16.13 -4.14 -34.98
N ALA F 463 -15.71 -4.67 -36.12
CA ALA F 463 -16.46 -5.75 -36.77
C ALA F 463 -16.12 -7.11 -36.20
N PHE F 464 -15.19 -7.19 -35.25
CA PHE F 464 -14.80 -8.46 -34.66
C PHE F 464 -15.52 -8.74 -33.35
N ARG F 465 -16.41 -7.88 -32.91
CA ARG F 465 -16.99 -8.03 -31.57
C ARG F 465 -18.27 -8.85 -31.54
N LEU F 466 -18.40 -9.75 -30.56
CA LEU F 466 -19.65 -10.51 -30.35
C LEU F 466 -20.15 -11.19 -31.60
N VAL F 467 -19.32 -12.00 -32.24
CA VAL F 467 -19.67 -12.78 -33.45
C VAL F 467 -19.24 -14.21 -33.14
N GLY F 468 -19.58 -15.18 -33.96
CA GLY F 468 -19.06 -16.54 -33.75
C GLY F 468 -17.99 -16.91 -34.75
N ARG F 469 -18.35 -17.46 -35.90
CA ARG F 469 -17.38 -17.92 -36.93
C ARG F 469 -16.75 -16.72 -37.63
N ILE F 470 -15.63 -16.89 -38.30
CA ILE F 470 -14.90 -15.76 -38.94
C ILE F 470 -15.69 -15.17 -40.11
N GLU F 471 -16.66 -15.92 -40.64
CA GLU F 471 -17.46 -15.40 -41.75
C GLU F 471 -18.39 -14.29 -41.29
N GLU F 472 -18.86 -14.34 -40.05
CA GLU F 472 -19.72 -13.29 -39.52
C GLU F 472 -18.98 -11.96 -39.39
N VAL F 473 -17.67 -11.98 -39.17
CA VAL F 473 -16.90 -10.74 -39.16
C VAL F 473 -16.99 -10.06 -40.51
N VAL F 474 -16.79 -10.82 -41.59
CA VAL F 474 -16.90 -10.27 -42.94
C VAL F 474 -18.32 -9.81 -43.21
N GLU F 475 -19.30 -10.59 -42.77
CA GLU F 475 -20.70 -10.24 -43.02
C GLU F 475 -21.06 -8.91 -42.37
N LYS F 476 -20.68 -8.72 -41.11
CA LYS F 476 -21.03 -7.46 -40.45
C LYS F 476 -20.15 -6.30 -40.91
N ALA F 477 -18.91 -6.57 -41.34
CA ALA F 477 -18.13 -5.51 -41.96
C ALA F 477 -18.76 -5.04 -43.27
N LYS F 478 -19.31 -5.98 -44.03
CA LYS F 478 -20.06 -5.61 -45.23
C LYS F 478 -21.35 -4.88 -44.88
N ALA F 479 -22.01 -5.28 -43.79
CA ALA F 479 -23.21 -4.58 -43.36
C ALA F 479 -22.91 -3.14 -43.00
N MET F 480 -21.81 -2.90 -42.30
CA MET F 480 -21.35 -1.54 -42.05
C MET F 480 -20.60 -1.04 -43.27
N GLY F 481 -20.05 0.18 -43.20
CA GLY F 481 -19.33 0.74 -44.33
C GLY F 481 -18.02 0.00 -44.56
N VAL F 482 -17.76 -0.37 -45.81
CA VAL F 482 -16.53 -1.06 -46.17
C VAL F 482 -16.22 -0.85 -47.65
N ALA G 1 1.21 -4.52 -6.19
CA ALA G 1 2.26 -3.51 -6.31
C ALA G 1 2.64 -2.96 -4.94
N SER G 2 3.92 -2.70 -4.75
CA SER G 2 4.39 -2.19 -3.47
C SER G 2 4.47 -0.67 -3.47
N LEU G 3 4.50 -0.11 -2.25
CA LEU G 3 4.54 1.34 -2.10
C LEU G 3 5.77 1.94 -2.76
N ARG G 4 6.91 1.27 -2.68
CA ARG G 4 8.13 1.78 -3.31
C ARG G 4 7.95 1.89 -4.82
N ASP G 5 7.42 0.83 -5.45
CA ASP G 5 7.21 0.85 -6.89
C ASP G 5 6.23 1.94 -7.29
N ILE G 6 5.14 2.07 -6.53
CA ILE G 6 4.14 3.08 -6.87
C ILE G 6 4.73 4.49 -6.73
N LYS G 7 5.54 4.71 -5.69
CA LYS G 7 6.16 6.01 -5.49
C LYS G 7 7.12 6.34 -6.64
N THR G 8 7.92 5.36 -7.05
CA THR G 8 8.84 5.59 -8.17
C THR G 8 8.07 5.91 -9.45
N ARG G 9 6.99 5.18 -9.71
CA ARG G 9 6.16 5.46 -10.89
C ARG G 9 5.60 6.86 -10.84
N ILE G 10 5.09 7.28 -9.67
CA ILE G 10 4.50 8.61 -9.55
C ILE G 10 5.55 9.69 -9.81
N ASN G 11 6.75 9.53 -9.24
CA ASN G 11 7.78 10.54 -9.42
C ASN G 11 8.22 10.62 -10.89
N ALA G 12 8.40 9.47 -11.53
CA ALA G 12 8.81 9.47 -12.94
C ALA G 12 7.75 10.14 -13.80
N THR G 13 6.47 9.83 -13.55
CA THR G 13 5.40 10.43 -14.33
C THR G 13 5.32 11.94 -14.11
N LYS G 14 5.55 12.40 -12.87
CA LYS G 14 5.55 13.84 -12.61
C LYS G 14 6.67 14.54 -13.38
N LYS G 15 7.87 13.94 -13.38
CA LYS G 15 8.98 14.53 -14.13
C LYS G 15 8.66 14.59 -15.62
N THR G 16 8.11 13.50 -16.16
CA THR G 16 7.75 13.49 -17.58
C THR G 16 6.71 14.54 -17.90
N SER G 17 5.72 14.71 -17.01
CA SER G 17 4.69 15.72 -17.23
C SER G 17 5.28 17.12 -17.26
N GLN G 18 6.20 17.42 -16.34
CA GLN G 18 6.84 18.74 -16.34
C GLN G 18 7.60 18.97 -17.65
N ILE G 19 8.36 17.97 -18.09
CA ILE G 19 9.13 18.11 -19.32
C ILE G 19 8.21 18.36 -20.51
N THR G 20 7.13 17.59 -20.60
CA THR G 20 6.21 17.76 -21.72
C THR G 20 5.53 19.12 -21.70
N LYS G 21 5.17 19.63 -20.52
CA LYS G 21 4.58 20.96 -20.45
C LYS G 21 5.55 22.02 -20.97
N ALA G 22 6.82 21.93 -20.56
CA ALA G 22 7.82 22.87 -21.05
C ALA G 22 7.97 22.78 -22.56
N MET G 23 7.98 21.55 -23.09
CA MET G 23 8.07 21.37 -24.54
C MET G 23 6.88 22.00 -25.24
N GLU G 24 5.68 21.88 -24.67
CA GLU G 24 4.50 22.48 -25.27
C GLU G 24 4.62 24.00 -25.34
N MET G 25 5.10 24.62 -24.26
CA MET G 25 5.27 26.07 -24.28
C MET G 25 6.28 26.50 -25.33
N VAL G 26 7.40 25.78 -25.41
CA VAL G 26 8.43 26.12 -26.41
C VAL G 26 7.87 25.97 -27.82
N SER G 27 7.10 24.90 -28.05
CA SER G 27 6.50 24.69 -29.37
C SER G 27 5.51 25.77 -29.71
N THR G 28 4.75 26.27 -28.73
CA THR G 28 3.85 27.39 -28.99
C THR G 28 4.61 28.62 -29.44
N SER G 29 5.72 28.94 -28.75
CA SER G 29 6.52 30.09 -29.15
C SER G 29 7.07 29.92 -30.57
N LYS G 30 7.59 28.73 -30.87
CA LYS G 30 8.13 28.49 -32.20
C LYS G 30 7.05 28.55 -33.28
N LEU G 31 5.84 28.08 -32.96
CA LEU G 31 4.73 28.17 -33.90
C LEU G 31 4.39 29.63 -34.20
N ASN G 32 4.38 30.48 -33.17
CA ASN G 32 4.12 31.90 -33.42
C ASN G 32 5.20 32.52 -34.30
N ARG G 33 6.46 32.17 -34.05
CA ARG G 33 7.54 32.70 -34.90
C ARG G 33 7.39 32.22 -36.35
N ALA G 34 7.03 30.96 -36.55
CA ALA G 34 6.82 30.44 -37.90
C ALA G 34 5.66 31.16 -38.57
N GLU G 35 4.59 31.43 -37.83
CA GLU G 35 3.45 32.13 -38.41
C GLU G 35 3.82 33.54 -38.84
N GLN G 36 4.60 34.25 -38.02
CA GLN G 36 5.01 35.60 -38.43
C GLN G 36 5.96 35.56 -39.62
N ASN G 37 6.82 34.54 -39.73
CA ASN G 37 7.65 34.39 -40.92
C ASN G 37 6.80 34.15 -42.17
N ALA G 38 5.78 33.29 -42.05
CA ALA G 38 4.87 33.05 -43.16
C ALA G 38 4.13 34.31 -43.56
N LYS G 39 3.76 35.14 -42.58
CA LYS G 39 3.16 36.44 -42.90
C LYS G 39 4.15 37.33 -43.65
N SER G 40 5.41 37.33 -43.22
CA SER G 40 6.40 38.19 -43.85
C SER G 40 6.68 37.79 -45.29
N PHE G 41 6.55 36.50 -45.61
CA PHE G 41 6.90 36.06 -46.96
C PHE G 41 5.89 36.51 -48.02
N VAL G 42 4.75 37.06 -47.61
CA VAL G 42 3.66 37.30 -48.58
C VAL G 42 4.04 38.25 -49.71
N PRO G 43 4.61 39.44 -49.48
CA PRO G 43 4.80 40.38 -50.59
C PRO G 43 5.70 39.86 -51.72
N TYR G 44 6.73 39.08 -51.40
CA TYR G 44 7.57 38.52 -52.44
C TYR G 44 6.78 37.59 -53.34
N MET G 45 5.96 36.72 -52.75
CA MET G 45 5.11 35.84 -53.55
C MET G 45 4.13 36.66 -54.38
N GLU G 46 3.54 37.71 -53.80
CA GLU G 46 2.60 38.52 -54.57
C GLU G 46 3.26 39.15 -55.78
N LYS G 47 4.44 39.76 -55.60
CA LYS G 47 5.10 40.43 -56.72
C LYS G 47 5.56 39.43 -57.78
N ILE G 48 6.11 38.30 -57.34
CA ILE G 48 6.59 37.33 -58.33
C ILE G 48 5.42 36.70 -59.08
N GLN G 49 4.30 36.44 -58.39
CA GLN G 49 3.12 35.90 -59.06
C GLN G 49 2.57 36.90 -60.06
N GLU G 50 2.51 38.18 -59.69
CA GLU G 50 2.03 39.20 -60.63
C GLU G 50 2.92 39.27 -61.87
N VAL G 51 4.25 39.27 -61.67
CA VAL G 51 5.16 39.37 -62.79
C VAL G 51 5.03 38.14 -63.71
N VAL G 52 5.00 36.95 -63.11
CA VAL G 52 4.92 35.74 -63.91
C VAL G 52 3.59 35.66 -64.65
N ALA G 53 2.50 36.06 -64.01
CA ALA G 53 1.21 36.08 -64.70
C ALA G 53 1.22 37.06 -65.85
N ASN G 54 1.84 38.23 -65.66
CA ASN G 54 1.90 39.22 -66.74
C ASN G 54 2.74 38.72 -67.91
N VAL G 55 3.78 37.92 -67.67
CA VAL G 55 4.69 37.49 -68.77
C VAL G 55 4.54 35.99 -69.07
N ALA G 56 3.53 35.31 -68.51
CA ALA G 56 3.31 33.89 -68.87
C ALA G 56 2.18 33.75 -69.90
N LEU G 57 1.65 34.87 -70.42
CA LEU G 57 0.66 34.80 -71.53
C LEU G 57 1.40 35.07 -72.87
N GLY G 58 2.73 35.07 -72.87
CA GLY G 58 3.57 35.30 -74.06
C GLY G 58 3.79 34.04 -74.87
N ALA G 59 4.78 34.01 -75.77
CA ALA G 59 4.98 32.83 -76.65
C ALA G 59 5.35 31.58 -75.87
N GLY G 60 5.97 31.74 -74.69
CA GLY G 60 6.17 30.57 -73.85
C GLY G 60 6.97 29.45 -74.49
N GLY G 61 8.07 29.78 -75.16
CA GLY G 61 8.89 28.78 -75.82
C GLY G 61 9.86 28.05 -74.91
N ALA G 62 9.87 28.38 -73.62
CA ALA G 62 10.79 27.73 -72.69
C ALA G 62 10.28 26.33 -72.33
N SER G 63 11.18 25.53 -71.78
CA SER G 63 10.85 24.15 -71.42
C SER G 63 9.85 24.11 -70.27
N HIS G 64 10.06 24.95 -69.26
CA HIS G 64 9.23 24.89 -68.05
C HIS G 64 7.74 25.15 -68.30
N PRO G 65 7.31 26.18 -69.01
CA PRO G 65 5.88 26.45 -69.13
C PRO G 65 5.13 25.50 -70.05
N MET G 66 5.82 24.57 -70.71
CA MET G 66 5.16 23.59 -71.55
C MET G 66 4.21 22.75 -70.73
N LEU G 67 2.99 22.55 -71.24
CA LEU G 67 2.02 21.70 -70.55
C LEU G 67 2.57 20.29 -70.37
N VAL G 68 3.24 19.76 -71.39
CA VAL G 68 4.01 18.53 -71.27
C VAL G 68 5.39 18.78 -71.87
N SER G 69 6.35 19.15 -71.02
CA SER G 69 7.69 19.43 -71.51
C SER G 69 8.31 18.19 -72.16
N ARG G 70 8.18 17.05 -71.49
CA ARG G 70 8.61 15.77 -72.01
C ARG G 70 7.58 14.73 -71.61
N PRO G 71 7.43 13.66 -72.39
CA PRO G 71 6.40 12.65 -72.08
C PRO G 71 6.70 11.91 -70.79
N VAL G 72 5.81 10.97 -70.47
CA VAL G 72 5.89 10.20 -69.23
C VAL G 72 7.22 9.48 -69.15
N LYS G 73 7.96 9.72 -68.07
CA LYS G 73 9.28 9.13 -67.86
C LYS G 73 9.52 9.19 -66.35
N LYS G 74 10.79 9.03 -65.94
CA LYS G 74 11.16 9.18 -64.54
C LYS G 74 10.55 10.45 -63.94
N THR G 75 10.02 10.33 -62.73
CA THR G 75 9.34 11.42 -62.06
C THR G 75 10.01 11.69 -60.72
N GLY G 76 10.27 12.96 -60.44
CA GLY G 76 10.88 13.37 -59.18
C GLY G 76 9.82 13.66 -58.14
N TYR G 77 10.06 13.19 -56.92
CA TYR G 77 9.15 13.41 -55.80
C TYR G 77 9.89 14.20 -54.73
N LEU G 78 9.32 15.34 -54.33
CA LEU G 78 9.87 16.15 -53.26
C LEU G 78 8.99 15.99 -52.03
N VAL G 79 9.60 15.63 -50.90
CA VAL G 79 8.88 15.43 -49.65
C VAL G 79 9.57 16.25 -48.56
N ILE G 80 8.78 16.82 -47.67
CA ILE G 80 9.28 17.64 -46.56
C ILE G 80 8.87 16.96 -45.27
N THR G 81 9.86 16.64 -44.44
CA THR G 81 9.64 15.95 -43.18
C THR G 81 10.44 16.64 -42.08
N SER G 82 10.18 16.23 -40.85
CA SER G 82 10.88 16.79 -39.70
C SER G 82 12.16 16.01 -39.41
N ASP G 83 12.96 16.54 -38.49
CA ASP G 83 14.18 15.88 -38.07
C ASP G 83 14.02 15.06 -36.81
N ARG G 84 12.95 15.29 -36.04
CA ARG G 84 12.76 14.63 -34.77
C ARG G 84 11.32 14.13 -34.68
N GLY G 85 11.09 13.14 -33.83
CA GLY G 85 9.76 12.61 -33.62
C GLY G 85 8.94 13.49 -32.69
N LEU G 86 8.04 12.87 -31.93
CA LEU G 86 7.17 13.54 -30.96
C LEU G 86 6.26 14.57 -31.61
N ALA G 87 6.04 14.48 -32.92
CA ALA G 87 5.17 15.40 -33.65
C ALA G 87 3.83 14.76 -34.02
N GLY G 88 3.53 13.58 -33.50
CA GLY G 88 2.28 12.93 -33.85
C GLY G 88 2.35 12.30 -35.22
N ALA G 89 1.23 12.35 -35.95
CA ALA G 89 1.14 11.76 -37.28
C ALA G 89 1.72 12.66 -38.37
N TYR G 90 2.49 13.68 -37.99
CA TYR G 90 3.00 14.65 -38.96
C TYR G 90 3.80 13.99 -40.08
N ASN G 91 4.77 13.15 -39.72
CA ASN G 91 5.56 12.45 -40.74
C ASN G 91 4.78 11.28 -41.32
N SER G 92 4.04 10.57 -40.47
CA SER G 92 3.39 9.34 -40.90
C SER G 92 2.37 9.58 -42.00
N ASN G 93 1.57 10.64 -41.90
CA ASN G 93 0.55 10.91 -42.90
C ASN G 93 1.18 11.18 -44.27
N VAL G 94 2.20 12.05 -44.30
CA VAL G 94 2.84 12.41 -45.56
C VAL G 94 3.51 11.18 -46.18
N LEU G 95 4.23 10.41 -45.36
CA LEU G 95 4.91 9.23 -45.89
C LEU G 95 3.90 8.20 -46.39
N ARG G 96 2.79 8.02 -45.69
CA ARG G 96 1.75 7.09 -46.14
C ARG G 96 1.19 7.53 -47.48
N LEU G 97 0.86 8.81 -47.63
CA LEU G 97 0.31 9.29 -48.89
C LEU G 97 1.30 9.10 -50.03
N VAL G 98 2.57 9.44 -49.79
CA VAL G 98 3.59 9.30 -50.83
C VAL G 98 3.73 7.83 -51.23
N TYR G 99 3.80 6.94 -50.23
CA TYR G 99 3.96 5.52 -50.53
C TYR G 99 2.78 4.98 -51.32
N GLN G 100 1.56 5.33 -50.91
CA GLN G 100 0.38 4.85 -51.63
C GLN G 100 0.37 5.36 -53.07
N THR G 101 0.70 6.63 -53.28
CA THR G 101 0.68 7.17 -54.64
C THR G 101 1.72 6.50 -55.53
N ILE G 102 2.95 6.36 -55.01
CA ILE G 102 4.02 5.79 -55.84
C ILE G 102 3.78 4.31 -56.08
N GLN G 103 3.10 3.62 -55.15
CA GLN G 103 2.78 2.22 -55.39
C GLN G 103 1.64 2.08 -56.40
N LYS G 104 0.64 2.98 -56.33
CA LYS G 104 -0.53 2.83 -57.17
C LYS G 104 -0.23 3.21 -58.62
N ARG G 105 0.54 4.27 -58.85
CA ARG G 105 0.65 4.77 -60.22
C ARG G 105 2.00 4.49 -60.88
N HIS G 106 3.05 4.19 -60.12
CA HIS G 106 4.36 4.02 -60.76
C HIS G 106 4.69 2.55 -61.02
N ALA G 107 4.72 1.73 -59.97
CA ALA G 107 4.92 0.29 -60.05
C ALA G 107 6.26 -0.10 -60.66
N SER G 108 7.27 0.78 -60.61
CA SER G 108 8.60 0.45 -61.11
C SER G 108 9.63 1.36 -60.47
N PRO G 109 10.72 0.81 -59.93
CA PRO G 109 11.73 1.66 -59.28
C PRO G 109 12.47 2.59 -60.22
N ASP G 110 12.43 2.34 -61.52
CA ASP G 110 13.25 3.12 -62.45
C ASP G 110 12.65 4.50 -62.71
N GLU G 111 11.33 4.63 -62.61
CA GLU G 111 10.65 5.84 -63.05
C GLU G 111 10.28 6.81 -61.94
N TYR G 112 10.79 6.64 -60.73
CA TYR G 112 10.54 7.60 -59.67
C TYR G 112 11.79 7.81 -58.83
N ALA G 113 11.97 9.05 -58.37
CA ALA G 113 13.05 9.40 -57.47
C ALA G 113 12.50 10.32 -56.39
N ILE G 114 13.16 10.34 -55.24
CA ILE G 114 12.68 11.05 -54.07
C ILE G 114 13.67 12.14 -53.69
N ILE G 115 13.16 13.36 -53.51
CA ILE G 115 13.89 14.46 -52.90
C ILE G 115 13.30 14.65 -51.51
N VAL G 116 14.12 14.48 -50.47
CA VAL G 116 13.64 14.37 -49.10
C VAL G 116 14.31 15.43 -48.23
N ILE G 117 13.52 16.10 -47.40
CA ILE G 117 14.00 17.05 -46.40
C ILE G 117 13.59 16.52 -45.04
N GLY G 118 14.56 16.36 -44.15
CA GLY G 118 14.31 15.79 -42.85
C GLY G 118 14.76 14.35 -42.75
N ARG G 119 15.41 14.02 -41.64
CA ARG G 119 16.09 12.73 -41.55
C ARG G 119 15.12 11.55 -41.44
N VAL G 120 13.90 11.81 -40.94
CA VAL G 120 12.95 10.70 -40.78
C VAL G 120 12.53 10.16 -42.14
N GLY G 121 12.41 11.04 -43.14
CA GLY G 121 12.15 10.58 -44.50
C GLY G 121 13.29 9.75 -45.04
N LEU G 122 14.53 10.17 -44.78
CA LEU G 122 15.68 9.35 -45.15
C LEU G 122 15.58 7.96 -44.55
N SER G 123 15.29 7.88 -43.24
CA SER G 123 15.18 6.58 -42.59
C SER G 123 14.08 5.74 -43.20
N PHE G 124 12.91 6.34 -43.44
CA PHE G 124 11.79 5.60 -44.01
C PHE G 124 12.15 5.03 -45.37
N PHE G 125 12.67 5.87 -46.27
CA PHE G 125 12.92 5.43 -47.64
C PHE G 125 14.13 4.50 -47.72
N ARG G 126 15.10 4.64 -46.80
CA ARG G 126 16.21 3.71 -46.75
C ARG G 126 15.77 2.34 -46.24
N LYS G 127 14.89 2.33 -45.24
CA LYS G 127 14.35 1.06 -44.76
C LYS G 127 13.54 0.37 -45.86
N ARG G 128 12.74 1.14 -46.60
CA ARG G 128 12.15 0.60 -47.81
C ARG G 128 13.19 0.48 -48.91
N ASN G 129 12.79 -0.17 -50.00
CA ASN G 129 13.65 -0.23 -51.18
C ASN G 129 13.36 0.93 -52.12
N MET G 130 13.94 2.08 -51.82
CA MET G 130 13.56 3.32 -52.49
C MET G 130 14.84 4.03 -52.94
N PRO G 131 14.88 4.48 -54.20
CA PRO G 131 16.03 5.25 -54.67
C PRO G 131 15.89 6.74 -54.37
N VAL G 132 16.81 7.29 -53.58
CA VAL G 132 16.78 8.69 -53.19
C VAL G 132 18.07 9.34 -53.68
N ILE G 133 17.94 10.48 -54.35
CA ILE G 133 19.07 11.08 -55.06
C ILE G 133 19.59 12.34 -54.35
N LEU G 134 18.68 13.15 -53.80
CA LEU G 134 19.07 14.39 -53.14
C LEU G 134 18.61 14.36 -51.69
N ASP G 135 19.49 14.77 -50.78
CA ASP G 135 19.22 14.74 -49.35
C ASP G 135 19.60 16.08 -48.72
N ILE G 136 18.85 16.44 -47.68
CA ILE G 136 19.19 17.55 -46.80
C ILE G 136 18.58 17.26 -45.43
N THR G 137 19.41 17.34 -44.39
CA THR G 137 18.97 16.90 -43.08
C THR G 137 18.86 18.04 -42.08
N ARG G 138 19.95 18.76 -41.86
CA ARG G 138 19.94 19.82 -40.86
C ARG G 138 19.34 21.10 -41.43
N LEU G 139 18.59 21.81 -40.59
CA LEU G 139 17.89 23.02 -41.00
C LEU G 139 17.45 23.75 -39.74
N PRO G 140 17.58 25.07 -39.71
CA PRO G 140 17.18 25.83 -38.52
C PRO G 140 15.68 25.77 -38.28
N ASP G 141 15.31 26.10 -37.04
CA ASP G 141 13.89 26.12 -36.67
C ASP G 141 13.13 27.15 -37.48
N GLN G 142 13.72 28.33 -37.70
CA GLN G 142 13.15 29.34 -38.57
C GLN G 142 13.99 29.40 -39.85
N PRO G 143 13.72 28.53 -40.82
CA PRO G 143 14.60 28.44 -42.00
C PRO G 143 14.52 29.69 -42.87
N SER G 144 15.60 29.92 -43.60
CA SER G 144 15.70 31.04 -44.52
C SER G 144 15.85 30.53 -45.95
N PHE G 145 15.70 31.44 -46.91
CA PHE G 145 15.78 31.08 -48.32
C PHE G 145 17.15 30.53 -48.67
N ALA G 146 18.21 31.21 -48.21
CA ALA G 146 19.57 30.79 -48.55
C ALA G 146 19.98 29.49 -47.85
N ASP G 147 19.20 29.05 -46.85
CA ASP G 147 19.57 27.84 -46.13
C ASP G 147 19.61 26.63 -47.05
N ILE G 148 18.58 26.46 -47.88
CA ILE G 148 18.53 25.34 -48.81
C ILE G 148 18.23 25.80 -50.22
N LYS G 149 18.51 27.08 -50.52
CA LYS G 149 18.54 27.50 -51.91
C LYS G 149 19.50 26.64 -52.71
N GLU G 150 20.58 26.17 -52.07
CA GLU G 150 21.56 25.33 -52.74
C GLU G 150 20.97 24.00 -53.19
N ILE G 151 19.88 23.54 -52.57
CA ILE G 151 19.28 22.27 -52.98
C ILE G 151 18.08 22.56 -53.88
N ALA G 152 17.45 23.72 -53.70
CA ALA G 152 16.39 24.12 -54.62
C ALA G 152 16.95 24.32 -56.03
N ARG G 153 18.13 24.93 -56.13
CA ARG G 153 18.77 25.12 -57.43
C ARG G 153 19.06 23.78 -58.09
N LYS G 154 19.55 22.81 -57.31
CA LYS G 154 19.82 21.49 -57.87
C LYS G 154 18.52 20.79 -58.29
N THR G 155 17.45 20.97 -57.51
CA THR G 155 16.17 20.35 -57.86
C THR G 155 15.63 20.90 -59.17
N VAL G 156 15.71 22.22 -59.37
CA VAL G 156 15.23 22.78 -60.63
C VAL G 156 16.18 22.42 -61.77
N GLY G 157 17.49 22.33 -61.49
CA GLY G 157 18.44 22.02 -62.54
C GLY G 157 18.35 20.56 -62.99
N LEU G 158 17.85 19.69 -62.11
CA LEU G 158 17.63 18.31 -62.53
C LEU G 158 16.52 18.21 -63.57
N PHE G 159 15.41 18.94 -63.36
CA PHE G 159 14.37 18.98 -64.37
C PHE G 159 14.86 19.67 -65.63
N ALA G 160 15.64 20.74 -65.48
CA ALA G 160 16.18 21.41 -66.66
C ALA G 160 17.18 20.53 -67.40
N ASP G 161 17.77 19.55 -66.71
CA ASP G 161 18.77 18.66 -67.29
C ASP G 161 18.16 17.40 -67.91
N GLY G 162 16.86 17.18 -67.74
CA GLY G 162 16.22 16.02 -68.31
C GLY G 162 16.32 14.75 -67.50
N THR G 163 16.84 14.81 -66.27
CA THR G 163 16.93 13.62 -65.44
C THR G 163 15.55 13.03 -65.13
N PHE G 164 14.59 13.89 -64.78
CA PHE G 164 13.20 13.48 -64.65
C PHE G 164 12.30 14.55 -65.25
N ASP G 165 11.11 14.14 -65.67
CA ASP G 165 10.22 14.98 -66.46
C ASP G 165 9.01 15.47 -65.69
N GLU G 166 8.99 15.31 -64.37
CA GLU G 166 7.82 15.69 -63.60
C GLU G 166 8.24 15.97 -62.16
N LEU G 167 7.55 16.92 -61.53
CA LEU G 167 7.83 17.31 -60.15
C LEU G 167 6.54 17.30 -59.34
N TYR G 168 6.59 16.63 -58.20
CA TYR G 168 5.54 16.70 -57.19
C TYR G 168 6.16 16.98 -55.84
N MET G 169 5.46 17.75 -55.01
CA MET G 169 5.92 18.03 -53.66
C MET G 169 4.81 17.75 -52.66
N TYR G 170 5.17 17.09 -51.57
CA TYR G 170 4.22 16.71 -50.53
C TYR G 170 4.66 17.34 -49.21
N TYR G 171 3.73 17.99 -48.53
CA TYR G 171 4.02 18.66 -47.28
C TYR G 171 2.73 18.83 -46.50
N ASN G 172 2.87 19.06 -45.20
CA ASN G 172 1.72 19.34 -44.34
C ASN G 172 1.35 20.82 -44.45
N HIS G 173 0.06 21.08 -44.61
CA HIS G 173 -0.46 22.43 -44.74
C HIS G 173 -1.11 22.85 -43.43
N TYR G 174 -0.78 24.05 -42.97
CA TYR G 174 -1.23 24.51 -41.66
C TYR G 174 -2.59 25.20 -41.80
N VAL G 175 -3.61 24.61 -41.17
CA VAL G 175 -4.94 25.18 -41.14
C VAL G 175 -5.26 25.76 -39.77
N SER G 176 -4.99 25.00 -38.71
CA SER G 176 -5.21 25.45 -37.35
C SER G 176 -4.27 24.67 -36.44
N ALA G 177 -4.32 24.98 -35.14
CA ALA G 177 -3.46 24.29 -34.18
C ALA G 177 -3.84 22.82 -34.04
N ILE G 178 -5.04 22.44 -34.46
CA ILE G 178 -5.51 21.07 -34.32
C ILE G 178 -5.54 20.38 -35.68
N GLN G 179 -5.65 21.17 -36.75
CA GLN G 179 -5.85 20.65 -38.09
C GLN G 179 -4.59 20.84 -38.92
N GLN G 180 -4.05 19.73 -39.42
CA GLN G 180 -2.98 19.74 -40.41
C GLN G 180 -3.40 18.85 -41.57
N GLU G 181 -3.39 19.40 -42.77
CA GLU G 181 -3.83 18.70 -43.97
C GLU G 181 -2.64 18.39 -44.86
N VAL G 182 -2.52 17.13 -45.27
CA VAL G 182 -1.45 16.73 -46.18
C VAL G 182 -1.81 17.21 -47.58
N THR G 183 -0.90 17.93 -48.22
CA THR G 183 -1.19 18.60 -49.48
C THR G 183 -0.23 18.12 -50.55
N GLU G 184 -0.77 17.84 -51.74
CA GLU G 184 0.03 17.54 -52.92
C GLU G 184 -0.12 18.68 -53.93
N ARG G 185 1.01 19.13 -54.46
CA ARG G 185 1.03 20.23 -55.42
C ARG G 185 1.87 19.84 -56.63
N LYS G 186 1.32 20.06 -57.83
CA LYS G 186 2.06 19.82 -59.06
C LYS G 186 3.05 20.96 -59.26
N LEU G 187 4.34 20.67 -59.09
CA LEU G 187 5.37 21.70 -59.11
C LEU G 187 5.83 22.04 -60.52
N LEU G 188 6.36 21.05 -61.24
CA LEU G 188 6.84 21.25 -62.60
C LEU G 188 6.31 20.13 -63.48
N PRO G 189 6.02 20.42 -64.76
CA PRO G 189 6.18 21.73 -65.42
C PRO G 189 5.10 22.72 -65.01
N LEU G 190 5.40 24.02 -65.15
CA LEU G 190 4.46 25.07 -64.80
C LEU G 190 3.18 24.92 -65.62
N THR G 191 2.04 25.08 -64.97
CA THR G 191 0.75 24.82 -65.60
C THR G 191 -0.14 26.05 -65.73
N ASP G 192 -0.40 26.76 -64.64
CA ASP G 192 -1.38 27.85 -64.68
C ASP G 192 -0.98 28.94 -63.71
N LEU G 193 -1.61 30.11 -63.88
CA LEU G 193 -1.32 31.27 -63.01
C LEU G 193 -2.63 32.00 -62.62
N ALA G 194 -2.55 33.29 -62.26
CA ALA G 194 -3.72 34.07 -61.79
C ALA G 194 -4.45 34.81 -62.92
N GLU G 195 -5.40 35.68 -62.56
CA GLU G 195 -6.19 36.44 -63.56
C GLU G 195 -6.60 37.83 -63.07
N ASN G 196 -5.71 38.82 -63.02
CA ASN G 196 -6.17 40.21 -62.69
C ASN G 196 -5.25 41.28 -63.28
N LYS G 197 -5.79 42.45 -63.66
CA LYS G 197 -4.96 43.58 -64.14
C LYS G 197 -3.98 43.06 -65.19
N GLN G 198 -4.48 42.36 -66.21
CA GLN G 198 -3.60 41.65 -67.16
C GLN G 198 -2.64 42.56 -67.95
N ARG G 199 -1.43 42.08 -68.25
CA ARG G 199 -0.45 42.77 -69.15
C ARG G 199 0.32 43.89 -68.46
N THR G 200 -0.12 44.32 -67.28
CA THR G 200 0.54 45.50 -66.66
C THR G 200 2.05 45.31 -66.65
N VAL G 201 2.52 44.09 -66.43
CA VAL G 201 3.97 43.77 -66.26
C VAL G 201 4.85 43.97 -67.50
N TYR G 202 4.37 43.70 -68.73
CA TYR G 202 5.28 43.70 -69.92
C TYR G 202 5.41 45.06 -70.61
N GLU G 203 5.27 46.18 -69.88
CA GLU G 203 5.51 47.52 -70.48
C GLU G 203 6.97 47.61 -70.93
N PHE G 204 7.92 47.33 -70.03
CA PHE G 204 9.35 47.37 -70.40
C PHE G 204 9.61 46.31 -71.47
N GLU G 205 9.15 45.07 -71.25
CA GLU G 205 9.26 44.01 -72.29
C GLU G 205 10.67 43.85 -72.87
N PRO G 206 11.74 43.59 -72.08
CA PRO G 206 13.04 43.34 -72.67
C PRO G 206 12.90 41.97 -73.35
N SER G 207 13.89 41.54 -74.13
CA SER G 207 13.68 40.32 -74.95
C SER G 207 13.13 39.14 -74.12
N GLN G 208 12.03 38.52 -74.57
CA GLN G 208 11.35 37.41 -73.84
C GLN G 208 12.17 36.13 -73.67
N GLU G 209 12.90 35.68 -74.70
CA GLU G 209 13.58 34.36 -74.56
C GLU G 209 14.62 34.44 -73.45
N GLU G 210 15.34 35.54 -73.40
CA GLU G 210 16.45 35.62 -72.41
C GLU G 210 15.83 35.86 -71.03
N ILE G 211 14.68 36.55 -70.97
CA ILE G 211 14.16 36.87 -69.64
C ILE G 211 13.55 35.64 -68.99
N LEU G 212 12.95 34.73 -69.78
CA LEU G 212 12.32 33.54 -69.22
C LEU G 212 13.35 32.50 -68.79
N ASP G 213 14.57 32.56 -69.33
CA ASP G 213 15.61 31.65 -68.89
C ASP G 213 15.99 31.85 -67.42
N VAL G 214 15.72 33.04 -66.87
CA VAL G 214 16.03 33.33 -65.48
C VAL G 214 14.78 33.49 -64.62
N LEU G 215 13.68 34.00 -65.19
CA LEU G 215 12.49 34.23 -64.40
C LEU G 215 11.90 32.92 -63.86
N LEU G 216 11.82 31.90 -64.72
CA LEU G 216 11.15 30.65 -64.31
C LEU G 216 11.87 29.94 -63.18
N PRO G 217 13.19 29.58 -63.23
CA PRO G 217 13.77 28.86 -62.10
C PRO G 217 13.44 29.61 -60.79
N GLN G 218 13.36 30.94 -60.84
CA GLN G 218 13.07 31.76 -59.64
C GLN G 218 11.68 31.44 -59.09
N TYR G 219 10.69 31.30 -59.96
CA TYR G 219 9.30 31.01 -59.50
C TYR G 219 9.28 29.64 -58.82
N ALA G 220 9.98 28.68 -59.40
CA ALA G 220 10.02 27.33 -58.79
C ALA G 220 10.69 27.40 -57.42
N GLU G 221 11.75 28.18 -57.33
CA GLU G 221 12.50 28.24 -56.05
C GLU G 221 11.59 28.88 -55.00
N SER G 222 10.85 29.90 -55.40
CA SER G 222 9.90 30.53 -54.45
C SER G 222 8.85 29.50 -54.01
N LEU G 223 8.41 28.64 -54.92
CA LEU G 223 7.41 27.58 -54.59
C LEU G 223 7.99 26.60 -53.56
N ILE G 224 9.23 26.17 -53.78
CA ILE G 224 9.80 25.29 -52.72
C ILE G 224 9.85 26.08 -51.41
N TYR G 225 10.22 27.37 -51.44
CA TYR G 225 10.36 28.12 -50.16
C TYR G 225 9.03 28.26 -49.44
N GLY G 226 7.97 28.51 -50.18
CA GLY G 226 6.64 28.65 -49.59
C GLY G 226 6.22 27.35 -48.95
N ALA G 227 6.58 26.25 -49.59
CA ALA G 227 6.28 24.93 -48.98
C ALA G 227 7.00 24.68 -47.65
N LEU G 228 8.19 25.26 -47.39
CA LEU G 228 8.93 24.98 -46.16
C LEU G 228 8.38 25.76 -44.98
N LEU G 229 7.95 27.00 -45.20
CA LEU G 229 7.36 27.76 -44.10
C LEU G 229 6.10 27.08 -43.58
N ASP G 230 5.23 26.64 -44.49
CA ASP G 230 4.01 25.95 -44.11
C ASP G 230 4.34 24.65 -43.37
N ALA G 231 5.34 23.91 -43.87
CA ALA G 231 5.73 22.66 -43.22
C ALA G 231 6.23 22.90 -41.81
N LYS G 232 7.07 23.93 -41.62
CA LYS G 232 7.59 24.23 -40.28
C LYS G 232 6.47 24.64 -39.33
N ALA G 233 5.54 25.47 -39.82
CA ALA G 233 4.41 25.86 -38.98
C ALA G 233 3.57 24.65 -38.57
N SER G 234 3.29 23.76 -39.52
CA SER G 234 2.53 22.56 -39.21
C SER G 234 3.27 21.68 -38.22
N GLU G 235 4.59 21.54 -38.38
CA GLU G 235 5.38 20.73 -37.45
C GLU G 235 5.32 21.29 -36.04
N HIS G 236 5.46 22.62 -35.91
CA HIS G 236 5.41 23.22 -34.58
C HIS G 236 4.03 23.05 -33.95
N ALA G 237 2.96 23.24 -34.73
CA ALA G 237 1.62 23.06 -34.18
C ALA G 237 1.38 21.62 -33.75
N ALA G 238 1.84 20.66 -34.56
CA ALA G 238 1.67 19.25 -34.22
C ALA G 238 2.43 18.90 -32.95
N ARG G 239 3.67 19.41 -32.82
CA ARG G 239 4.43 19.16 -31.59
C ARG G 239 3.71 19.73 -30.38
N MET G 240 3.19 20.95 -30.51
CA MET G 240 2.48 21.57 -29.39
C MET G 240 1.28 20.73 -28.97
N THR G 241 0.47 20.29 -29.94
CA THR G 241 -0.72 19.51 -29.62
C THR G 241 -0.34 18.17 -29.00
N ALA G 242 0.67 17.50 -29.55
CA ALA G 242 1.07 16.20 -29.01
C ALA G 242 1.59 16.33 -27.58
N MET G 243 2.38 17.37 -27.31
CA MET G 243 2.88 17.56 -25.96
C MET G 243 1.76 17.89 -24.98
N LYS G 244 0.77 18.68 -25.42
CA LYS G 244 -0.37 18.95 -24.55
C LYS G 244 -1.12 17.67 -24.20
N ASN G 245 -1.35 16.82 -25.21
CA ASN G 245 -2.04 15.55 -24.95
C ASN G 245 -1.25 14.66 -24.01
N ALA G 246 0.07 14.60 -24.22
CA ALA G 246 0.92 13.78 -23.36
C ALA G 246 0.89 14.29 -21.92
N THR G 247 0.92 15.61 -21.74
CA THR G 247 0.86 16.17 -20.39
C THR G 247 -0.45 15.82 -19.70
N ASP G 248 -1.57 15.93 -20.43
CA ASP G 248 -2.86 15.58 -19.83
C ASP G 248 -2.91 14.10 -19.44
N ASN G 249 -2.41 13.22 -20.31
CA ASN G 249 -2.40 11.80 -19.99
C ASN G 249 -1.54 11.51 -18.77
N ALA G 250 -0.37 12.15 -18.69
CA ALA G 250 0.50 11.96 -17.53
C ALA G 250 -0.16 12.44 -16.25
N ASN G 251 -0.87 13.57 -16.29
CA ASN G 251 -1.56 14.05 -15.10
C ASN G 251 -2.63 13.05 -14.64
N GLU G 252 -3.42 12.52 -15.58
CA GLU G 252 -4.43 11.54 -15.21
C GLU G 252 -3.80 10.28 -14.61
N LEU G 253 -2.70 9.82 -15.20
CA LEU G 253 -2.01 8.65 -14.66
C LEU G 253 -1.48 8.93 -13.26
N ILE G 254 -0.96 10.12 -13.03
CA ILE G 254 -0.50 10.50 -11.68
C ILE G 254 -1.65 10.42 -10.69
N ARG G 255 -2.81 10.95 -11.07
CA ARG G 255 -3.97 10.91 -10.16
C ARG G 255 -4.35 9.48 -9.81
N THR G 256 -4.45 8.60 -10.81
CA THR G 256 -4.82 7.22 -10.53
C THR G 256 -3.78 6.52 -9.66
N LEU G 257 -2.49 6.74 -9.94
CA LEU G 257 -1.45 6.11 -9.15
C LEU G 257 -1.47 6.61 -7.71
N THR G 258 -1.76 7.90 -7.52
CA THR G 258 -1.85 8.43 -6.16
C THR G 258 -3.00 7.78 -5.39
N LEU G 259 -4.15 7.60 -6.05
CA LEU G 259 -5.27 6.92 -5.40
C LEU G 259 -4.86 5.51 -4.98
N SER G 260 -4.22 4.76 -5.88
CA SER G 260 -3.80 3.41 -5.55
C SER G 260 -2.78 3.40 -4.41
N TYR G 261 -1.85 4.36 -4.41
CA TYR G 261 -0.84 4.44 -3.35
C TYR G 261 -1.49 4.68 -2.00
N ASN G 262 -2.48 5.58 -1.95
CA ASN G 262 -3.16 5.84 -0.68
C ASN G 262 -3.90 4.62 -0.18
N ARG G 263 -4.58 3.90 -1.08
CA ARG G 263 -5.26 2.68 -0.66
C ARG G 263 -4.26 1.65 -0.11
N ALA G 264 -3.13 1.50 -0.79
CA ALA G 264 -2.12 0.54 -0.33
C ALA G 264 -1.56 0.94 1.04
N ARG G 265 -1.34 2.24 1.25
CA ARG G 265 -0.83 2.71 2.54
C ARG G 265 -1.81 2.40 3.67
N GLN G 266 -3.11 2.67 3.43
CA GLN G 266 -4.11 2.36 4.44
C GLN G 266 -4.16 0.87 4.74
N ALA G 267 -4.08 0.05 3.68
CA ALA G 267 -4.10 -1.39 3.88
C ALA G 267 -2.89 -1.86 4.69
N ALA G 268 -1.72 -1.30 4.43
CA ALA G 268 -0.52 -1.69 5.16
C ALA G 268 -0.65 -1.33 6.63
N ILE G 269 -1.16 -0.13 6.93
CA ILE G 269 -1.34 0.26 8.33
C ILE G 269 -2.33 -0.68 9.02
N THR G 270 -3.42 -1.01 8.34
CA THR G 270 -4.40 -1.94 8.91
C THR G 270 -3.77 -3.28 9.22
N GLN G 271 -2.99 -3.82 8.28
CA GLN G 271 -2.38 -5.13 8.49
C GLN G 271 -1.41 -5.11 9.66
N GLU G 272 -0.57 -4.07 9.74
CA GLU G 272 0.42 -4.03 10.81
C GLU G 272 -0.26 -3.90 12.18
N ILE G 273 -1.29 -3.06 12.28
CA ILE G 273 -1.94 -2.91 13.58
C ILE G 273 -2.71 -4.17 13.96
N THR G 274 -3.32 -4.85 12.98
CA THR G 274 -4.02 -6.09 13.28
C THR G 274 -3.06 -7.16 13.78
N GLU G 275 -1.90 -7.30 13.12
CA GLU G 275 -0.91 -8.27 13.58
C GLU G 275 -0.41 -7.92 14.97
N ILE G 276 -0.16 -6.63 15.22
CA ILE G 276 0.30 -6.19 16.55
C ILE G 276 -0.70 -6.62 17.62
N VAL G 277 -1.98 -6.32 17.40
CA VAL G 277 -2.97 -6.58 18.43
C VAL G 277 -3.18 -8.08 18.61
N ALA G 278 -3.18 -8.84 17.51
CA ALA G 278 -3.33 -10.29 17.62
C ALA G 278 -2.19 -10.90 18.41
N GLY G 279 -0.96 -10.49 18.11
CA GLY G 279 0.17 -11.00 18.88
C GLY G 279 0.12 -10.58 20.34
N ALA G 280 -0.31 -9.34 20.60
CA ALA G 280 -0.38 -8.85 21.97
C ALA G 280 -1.40 -9.62 22.80
N ASN G 281 -2.58 -9.90 22.23
CA ASN G 281 -3.62 -10.59 22.97
C ASN G 281 -3.53 -12.11 22.84
N ALA G 282 -2.56 -12.63 22.07
CA ALA G 282 -2.35 -14.07 22.03
C ALA G 282 -1.67 -14.62 23.27
N LEU G 283 -1.17 -13.74 24.15
CA LEU G 283 -0.52 -14.18 25.38
C LEU G 283 -1.53 -14.66 26.40
PG ATP H . 23.62 10.77 11.28
O1G ATP H . 23.30 11.15 12.69
O2G ATP H . 22.60 9.81 10.65
O3G ATP H . 25.03 10.18 11.12
PB ATP H . 23.36 13.61 10.42
O1B ATP H . 23.31 14.06 11.82
O2B ATP H . 22.12 13.92 9.58
O3B ATP H . 23.61 12.05 10.34
PA ATP H . 26.05 14.77 10.01
O1A ATP H . 26.03 16.25 10.07
O2A ATP H . 26.48 14.08 11.30
O3A ATP H . 24.61 14.19 9.64
O5' ATP H . 26.95 14.27 8.83
C5' ATP H . 26.62 14.54 7.45
C4' ATP H . 27.87 14.43 6.62
O4' ATP H . 27.92 15.51 5.68
C3' ATP H . 29.18 14.51 7.40
O3' ATP H . 30.21 13.79 6.74
C2' ATP H . 29.45 16.02 7.41
O2' ATP H . 30.83 16.30 7.54
C1' ATP H . 28.96 16.41 6.01
N9 ATP H . 28.43 17.77 5.93
C8 ATP H . 27.35 18.28 6.59
N7 ATP H . 27.09 19.54 6.33
C5 ATP H . 28.10 19.89 5.44
C6 ATP H . 28.40 21.10 4.78
N6 ATP H . 27.70 22.22 4.93
N1 ATP H . 29.48 21.11 3.96
C2 ATP H . 30.18 19.99 3.81
N3 ATP H . 29.99 18.80 4.38
C4 ATP H . 28.92 18.81 5.19
MG MG I . 23.81 12.96 13.60
PG ATP J . -25.12 13.07 0.91
O1G ATP J . -23.94 12.18 1.03
O2G ATP J . -26.36 12.56 1.63
O3G ATP J . -24.85 14.52 1.34
PB ATP J . -26.42 12.40 -1.69
O1B ATP J . -25.59 11.54 -2.53
O2B ATP J . -27.54 11.69 -0.92
O3B ATP J . -25.57 13.19 -0.61
PA ATP J . -28.30 14.60 -2.31
O1A ATP J . -29.39 14.34 -3.27
O2A ATP J . -28.71 14.51 -0.84
O3A ATP J . -27.09 13.59 -2.50
O5' ATP J . -27.63 16.00 -2.56
C5' ATP J . -27.03 16.32 -3.84
C4' ATP J . -27.20 17.79 -4.09
O4' ATP J . -27.54 18.01 -5.48
C3' ATP J . -28.31 18.47 -3.29
O3' ATP J . -28.01 19.85 -3.07
C2' ATP J . -29.52 18.30 -4.21
O2' ATP J . -30.50 19.32 -3.98
C1' ATP J . -28.88 18.46 -5.59
N9 ATP J . -29.54 17.69 -6.63
C8 ATP J . -29.75 16.33 -6.65
N7 ATP J . -30.37 15.91 -7.73
C5 ATP J . -30.59 17.06 -8.46
C6 ATP J . -31.20 17.30 -9.71
N6 ATP J . -31.74 16.32 -10.47
N1 ATP J . -31.25 18.56 -10.16
C2 ATP J . -30.71 19.53 -9.42
N3 ATP J . -30.11 19.43 -8.23
C4 ATP J . -30.08 18.17 -7.80
MG MG K . -28.21 11.71 1.53
PG ATP L . 1.92 -25.48 -10.92
O1G ATP L . 2.42 -26.48 -9.93
O2G ATP L . 0.59 -25.87 -11.58
O3G ATP L . 1.81 -24.07 -10.35
PB ATP L . 4.51 -25.36 -12.40
O1B ATP L . 5.13 -24.05 -12.09
O2B ATP L . 5.08 -26.56 -11.64
O3B ATP L . 2.95 -25.35 -12.13
PA ATP L . 4.35 -26.98 -14.86
O1A ATP L . 5.47 -27.94 -14.73
O2A ATP L . 2.98 -27.54 -14.52
O3A ATP L . 4.58 -25.70 -13.94
O5' ATP L . 4.32 -26.38 -16.32
C5' ATP L . 3.23 -25.54 -16.75
C4' ATP L . 2.92 -25.82 -18.19
O4' ATP L . 4.03 -25.39 -19.02
C3' ATP L . 2.68 -27.29 -18.54
O3' ATP L . 1.58 -27.43 -19.43
C2' ATP L . 3.99 -27.73 -19.20
O2' ATP L . 3.79 -28.76 -20.16
C1' ATP L . 4.42 -26.44 -19.88
N9 ATP L . 5.87 -26.34 -20.10
C8 ATP L . 6.85 -26.36 -19.16
N7 ATP L . 8.06 -26.25 -19.65
C5 ATP L . 7.86 -26.16 -21.02
C6 ATP L . 8.74 -26.03 -22.10
N6 ATP L . 10.07 -25.96 -21.97
N1 ATP L . 8.22 -25.96 -23.34
C2 ATP L . 6.89 -26.02 -23.48
N3 ATP L . 5.96 -26.15 -22.53
C4 ATP L . 6.51 -26.21 -21.31
MG MG M . 3.90 -27.94 -10.22
MG MG N . 26.78 -14.29 1.79
PG ATP O . 24.01 -13.93 1.53
O1G ATP O . 25.17 -14.06 2.47
O2G ATP O . 23.63 -15.25 0.83
O3G ATP O . 22.76 -13.33 2.18
PB ATP O . 25.62 -12.15 -0.24
O1B ATP O . 26.74 -12.14 0.71
O2B ATP O . 25.11 -10.78 -0.70
O3B ATP O . 24.37 -12.94 0.34
PA ATP O . 27.22 -13.80 -2.12
O1A ATP O . 27.49 -14.99 -1.29
O2A ATP O . 28.37 -12.82 -2.22
O3A ATP O . 25.97 -12.98 -1.55
O5' ATP O . 26.75 -14.20 -3.57
C5' ATP O . 26.60 -13.20 -4.61
C4' ATP O . 26.91 -13.84 -5.93
O4' ATP O . 27.00 -12.82 -6.95
C3' ATP O . 28.23 -14.61 -6.00
O3' ATP O . 28.04 -15.99 -5.65
C2' ATP O . 28.63 -14.45 -7.46
O2' ATP O . 27.95 -15.37 -8.30
C1' ATP O . 28.17 -13.02 -7.74
N9 ATP O . 29.14 -12.00 -7.38
C8 ATP O . 29.13 -11.19 -6.28
N7 ATP O . 30.14 -10.36 -6.21
C5 ATP O . 30.87 -10.65 -7.34
C6 ATP O . 32.07 -10.11 -7.86
N6 ATP O . 32.77 -9.13 -7.28
N1 ATP O . 32.53 -10.62 -9.03
C2 ATP O . 31.84 -11.59 -9.63
N3 ATP O . 30.70 -12.18 -9.23
C4 ATP O . 30.27 -11.65 -8.08
PG ATP P . -1.80 31.04 11.64
O1G ATP P . -2.05 29.95 10.66
O2G ATP P . -0.33 31.13 12.07
O3G ATP P . -2.70 30.99 12.87
PB ATP P . -3.17 33.15 10.02
O1B ATP P . -3.22 32.50 8.70
O2B ATP P . -4.50 33.21 10.78
O3B ATP P . -2.10 32.47 10.97
PA ATP P . -3.06 36.09 10.42
O1A ATP P . -2.36 36.49 11.65
O2A ATP P . -4.59 36.06 10.55
O3A ATP P . -2.61 34.64 9.92
O5' ATP P . -2.69 37.02 9.21
C5' ATP P . -1.34 37.07 8.69
C4' ATP P . -1.01 38.50 8.34
O4' ATP P . -1.62 38.84 7.08
C3' ATP P . -1.54 39.54 9.32
O3' ATP P . -0.64 39.73 10.40
C2' ATP P . -1.64 40.79 8.44
O2' ATP P . -0.38 41.46 8.32
C1' ATP P . -2.06 40.19 7.09
N9 ATP P . -3.50 40.21 6.86
C8 ATP P . -4.36 39.15 6.98
N7 ATP P . -5.62 39.46 6.70
C5 ATP P . -5.56 40.81 6.39
C6 ATP P . -6.54 41.74 6.01
N6 ATP P . -7.84 41.44 5.88
N1 ATP P . -6.16 43.01 5.76
C2 ATP P . -4.87 43.31 5.89
N3 ATP P . -3.85 42.54 6.24
C4 ATP P . -4.26 41.28 6.48
P PO4 Q . -2.65 24.37 13.27
O1 PO4 Q . -2.72 24.30 14.77
O2 PO4 Q . -1.30 23.89 12.80
O3 PO4 Q . -2.85 25.80 12.82
O4 PO4 Q . -3.74 23.50 12.67
MG MG R . -23.08 -15.33 -9.56
PG ATP S . -22.09 -12.13 -8.74
O1G ATP S . -20.91 -12.10 -7.83
O2G ATP S . -23.04 -10.94 -8.55
O3G ATP S . -22.90 -13.43 -8.64
PB ATP S . -21.27 -13.01 -11.45
O1B ATP S . -19.82 -13.11 -11.66
O2B ATP S . -22.00 -14.33 -11.21
O3B ATP S . -21.63 -12.05 -10.25
PA ATP S . -23.22 -12.60 -13.63
O1A ATP S . -24.50 -12.62 -12.89
O2A ATP S . -22.88 -13.89 -14.38
O3A ATP S . -22.00 -12.29 -12.68
O5' ATP S . -23.18 -11.40 -14.66
C5' ATP S . -23.37 -10.04 -14.22
C4' ATP S . -23.77 -9.19 -15.41
O4' ATP S . -22.72 -9.21 -16.39
C3' ATP S . -25.00 -9.67 -16.15
O3' ATP S . -26.20 -9.22 -15.53
C2' ATP S . -24.80 -9.03 -17.53
O2' ATP S . -25.26 -7.68 -17.55
C1' ATP S . -23.28 -9.07 -17.69
N9 ATP S . -22.81 -10.19 -18.51
C8 ATP S . -22.12 -11.30 -18.09
N7 ATP S . -21.83 -12.13 -19.06
C5 ATP S . -22.36 -11.54 -20.19
C6 ATP S . -22.38 -11.92 -21.54
N6 ATP S . -21.83 -13.05 -22.01
N1 ATP S . -22.99 -11.10 -22.41
C2 ATP S . -23.53 -9.96 -21.96
N3 ATP S . -23.58 -9.49 -20.71
C4 ATP S . -22.97 -10.34 -19.86
#